data_6EVQ
#
_entry.id   6EVQ
#
loop_
_entity.id
_entity.type
_entity.pdbx_description
1 polymer 'Microtubule-associated protein RP/EB family member 1'
2 non-polymer (2~{R})-2-[(1-cyclopentyl-1,2,3,4-tetrazol-5-yl)sulfanyl]-~{N}-(furan-2-ylmethyl)propanamide
#
_entity_poly.entity_id   1
_entity_poly.type   'polypeptide(L)'
_entity_poly.pdbx_seq_one_letter_code
;DEAAELMQQVKVLKLTVEDLEKERDFYFGKLRNIELICQENEGENDPVLQRIVDILYATDEGFVIPDEGG
;
_entity_poly.pdbx_strand_id   A,B
#
# COMPACT_ATOMS: atom_id res chain seq x y z
N ASP A 1 -22.17 -5.83 -31.36
CA ASP A 1 -22.22 -5.34 -29.96
C ASP A 1 -20.83 -4.97 -29.47
N GLU A 2 -20.11 -4.19 -30.27
CA GLU A 2 -18.73 -3.83 -29.97
C GLU A 2 -18.63 -3.08 -28.65
N ALA A 3 -19.32 -1.96 -28.54
CA ALA A 3 -19.24 -1.12 -27.36
C ALA A 3 -19.80 -1.83 -26.14
N ALA A 4 -20.79 -2.69 -26.35
CA ALA A 4 -21.43 -3.40 -25.25
C ALA A 4 -20.43 -4.19 -24.42
N GLU A 5 -19.47 -4.82 -25.09
CA GLU A 5 -18.42 -5.57 -24.41
C GLU A 5 -17.49 -4.62 -23.67
N LEU A 6 -17.25 -3.45 -24.28
CA LEU A 6 -16.42 -2.43 -23.68
C LEU A 6 -17.09 -1.82 -22.45
N MET A 7 -18.42 -1.80 -22.46
CA MET A 7 -19.19 -1.32 -21.32
C MET A 7 -18.88 -2.19 -20.10
N GLN A 8 -18.78 -3.49 -20.34
CA GLN A 8 -18.42 -4.42 -19.30
C GLN A 8 -16.99 -4.17 -18.84
N GLN A 9 -16.12 -3.89 -19.81
CA GLN A 9 -14.72 -3.70 -19.54
C GLN A 9 -14.46 -2.49 -18.65
N VAL A 10 -15.08 -1.35 -18.97
CA VAL A 10 -14.89 -0.16 -18.14
C VAL A 10 -15.42 -0.41 -16.73
N LYS A 11 -16.44 -1.25 -16.63
CA LYS A 11 -17.03 -1.56 -15.34
C LYS A 11 -16.07 -2.40 -14.50
N VAL A 12 -15.60 -3.52 -15.06
CA VAL A 12 -14.69 -4.39 -14.33
C VAL A 12 -13.35 -3.68 -14.08
N LEU A 13 -12.97 -2.80 -15.00
CA LEU A 13 -11.75 -2.03 -14.87
C LEU A 13 -11.87 -0.99 -13.77
N LYS A 14 -12.96 -0.22 -13.80
CA LYS A 14 -13.15 0.85 -12.81
C LYS A 14 -13.30 0.29 -11.41
N LEU A 15 -13.95 -0.88 -11.30
CA LEU A 15 -14.15 -1.51 -10.01
C LEU A 15 -12.81 -1.97 -9.43
N THR A 16 -11.96 -2.51 -10.29
CA THR A 16 -10.61 -2.86 -9.89
C THR A 16 -9.87 -1.60 -9.47
N VAL A 17 -10.09 -0.52 -10.21
CA VAL A 17 -9.54 0.78 -9.86
C VAL A 17 -9.98 1.21 -8.47
N GLU A 18 -11.29 1.20 -8.23
CA GLU A 18 -11.85 1.67 -6.98
C GLU A 18 -11.32 0.86 -5.78
N ASP A 19 -11.23 -0.45 -5.93
CA ASP A 19 -10.72 -1.31 -4.86
C ASP A 19 -9.22 -1.14 -4.67
N LEU A 20 -8.54 -0.76 -5.75
CA LEU A 20 -7.11 -0.51 -5.69
C LEU A 20 -6.82 0.87 -5.13
N GLU A 21 -7.65 1.85 -5.50
CA GLU A 21 -7.52 3.22 -4.99
C GLU A 21 -7.61 3.23 -3.49
N LYS A 22 -8.61 2.54 -2.96
CA LYS A 22 -8.83 2.49 -1.52
C LYS A 22 -7.61 1.89 -0.82
N GLU A 23 -7.08 0.80 -1.38
CA GLU A 23 -5.94 0.11 -0.78
C GLU A 23 -4.67 0.97 -0.84
N ARG A 24 -4.44 1.61 -1.99
CA ARG A 24 -3.24 2.43 -2.17
C ARG A 24 -3.11 3.44 -1.03
N ASP A 25 -4.16 4.22 -0.81
CA ASP A 25 -4.12 5.28 0.19
C ASP A 25 -4.41 4.75 1.60
N PHE A 26 -5.10 3.61 1.68
CA PHE A 26 -5.40 2.97 2.96
C PHE A 26 -4.09 2.64 3.68
N TYR A 27 -3.20 1.97 2.97
CA TYR A 27 -1.93 1.61 3.53
C TYR A 27 -0.96 2.77 3.49
N PHE A 28 -1.18 3.69 2.55
CA PHE A 28 -0.29 4.84 2.38
C PHE A 28 -0.26 5.68 3.65
N GLY A 29 -1.44 5.92 4.22
CA GLY A 29 -1.51 6.63 5.48
C GLY A 29 -0.88 5.83 6.60
N LYS A 30 -0.89 4.50 6.45
CA LYS A 30 -0.29 3.61 7.43
C LYS A 30 1.23 3.81 7.49
N LEU A 31 1.91 3.88 6.34
CA LEU A 31 3.38 4.04 6.34
C LEU A 31 3.77 5.30 7.08
N ARG A 32 2.96 6.34 6.94
CA ARG A 32 3.19 7.58 7.65
C ARG A 32 3.07 7.35 9.15
N ASN A 33 2.12 6.53 9.56
CA ASN A 33 1.93 6.24 10.97
C ASN A 33 3.16 5.49 11.52
N ILE A 34 3.74 4.60 10.72
CA ILE A 34 4.95 3.90 11.12
C ILE A 34 6.14 4.89 11.14
N GLU A 35 6.11 5.85 10.21
CA GLU A 35 7.13 6.89 10.13
C GLU A 35 7.02 7.84 11.33
N LEU A 36 5.81 8.05 11.80
CA LEU A 36 5.57 8.90 12.96
C LEU A 36 6.20 8.28 14.21
N ILE A 37 6.16 6.95 14.31
CA ILE A 37 6.83 6.24 15.40
C ILE A 37 8.34 6.45 15.29
N CYS A 38 8.80 6.54 14.04
CA CYS A 38 10.21 6.78 13.78
C CYS A 38 10.62 8.15 14.27
N GLN A 39 9.85 9.17 13.91
CA GLN A 39 10.12 10.54 14.33
C GLN A 39 10.20 10.64 15.85
N GLU A 40 9.48 9.77 16.53
CA GLU A 40 9.47 9.73 17.98
C GLU A 40 10.74 9.09 18.55
N ASN A 41 11.19 7.99 17.95
CA ASN A 41 12.22 7.17 18.57
C ASN A 41 13.59 7.29 17.92
N GLU A 42 13.63 7.74 16.66
CA GLU A 42 14.89 7.82 15.91
C GLU A 42 15.91 8.69 16.64
N GLY A 43 17.02 8.06 17.04
CA GLY A 43 18.09 8.78 17.71
C GLY A 43 17.79 9.07 19.17
N GLU A 44 16.51 8.99 19.53
CA GLU A 44 16.07 9.32 20.86
C GLU A 44 16.11 8.08 21.75
N ASN A 45 15.48 7.01 21.31
CA ASN A 45 15.43 5.79 22.10
C ASN A 45 15.74 4.55 21.27
N ASP A 46 14.90 4.28 20.28
CA ASP A 46 14.94 3.01 19.56
C ASP A 46 15.43 3.17 18.13
N PRO A 47 16.55 2.52 17.79
CA PRO A 47 17.13 2.56 16.45
C PRO A 47 16.37 1.68 15.44
N VAL A 48 15.52 0.81 15.96
CA VAL A 48 14.71 -0.07 15.12
C VAL A 48 13.92 0.72 14.09
N LEU A 49 13.44 1.90 14.48
CA LEU A 49 12.64 2.73 13.60
C LEU A 49 13.44 3.17 12.38
N GLN A 50 14.74 3.34 12.56
CA GLN A 50 15.63 3.74 11.48
C GLN A 50 15.54 2.76 10.32
N ARG A 51 15.55 1.48 10.62
CA ARG A 51 15.54 0.45 9.57
C ARG A 51 14.13 0.23 9.02
N ILE A 52 13.12 0.78 9.68
CA ILE A 52 11.77 0.70 9.14
C ILE A 52 11.51 1.89 8.21
N VAL A 53 12.22 2.98 8.48
CA VAL A 53 12.26 4.12 7.54
C VAL A 53 12.87 3.65 6.22
N ASP A 54 13.87 2.78 6.34
CA ASP A 54 14.49 2.14 5.20
C ASP A 54 13.44 1.44 4.34
N ILE A 55 12.44 0.85 5.00
CA ILE A 55 11.33 0.22 4.31
C ILE A 55 10.52 1.22 3.51
N LEU A 56 10.12 2.30 4.16
CA LEU A 56 9.27 3.32 3.53
C LEU A 56 9.98 4.02 2.39
N TYR A 57 11.28 3.84 2.30
CA TYR A 57 12.07 4.44 1.23
C TYR A 57 12.83 3.37 0.48
N ALA A 58 12.38 2.13 0.60
CA ALA A 58 12.95 1.04 -0.16
C ALA A 58 12.28 0.97 -1.51
N THR A 59 13.05 1.20 -2.56
CA THR A 59 12.50 1.26 -3.88
C THR A 59 13.06 0.16 -4.77
N ASP A 60 12.36 -0.95 -4.81
CA ASP A 60 12.76 -2.05 -5.67
C ASP A 60 12.35 -1.77 -7.11
N GLU A 61 13.22 -1.06 -7.81
CA GLU A 61 12.99 -0.66 -9.18
C GLU A 61 14.21 -0.98 -10.03
N GLY A 62 14.12 -0.75 -11.33
CA GLY A 62 15.27 -0.91 -12.19
C GLY A 62 16.26 0.22 -11.96
N PHE A 63 15.74 1.43 -11.99
CA PHE A 63 16.55 2.62 -11.74
C PHE A 63 16.69 2.83 -10.23
N VAL A 64 17.86 3.27 -9.81
CA VAL A 64 18.11 3.51 -8.39
C VAL A 64 17.55 4.86 -7.96
N ILE A 65 16.53 4.82 -7.12
CA ILE A 65 15.89 6.04 -6.64
C ILE A 65 16.69 6.65 -5.49
N PRO A 66 17.19 7.88 -5.66
CA PRO A 66 17.95 8.58 -4.61
C PRO A 66 17.07 8.93 -3.41
N ASP A 67 17.50 8.54 -2.22
CA ASP A 67 16.77 8.83 -1.00
C ASP A 67 17.72 9.14 0.14
N GLU A 68 17.20 9.74 1.20
CA GLU A 68 18.00 10.05 2.37
C GLU A 68 17.32 9.50 3.62
N GLY A 69 17.81 8.40 4.14
CA GLY A 69 17.23 7.79 5.31
C GLY A 69 17.88 8.26 6.60
N GLY A 70 18.93 9.07 6.45
CA GLY A 70 19.62 9.59 7.61
C GLY A 70 20.76 8.71 8.04
N ASP B 1 -19.31 7.20 -32.96
CA ASP B 1 -18.03 6.66 -32.46
C ASP B 1 -18.16 6.27 -30.99
N GLU B 2 -19.21 5.50 -30.69
CA GLU B 2 -19.52 5.12 -29.33
C GLU B 2 -18.38 4.33 -28.70
N ALA B 3 -18.02 3.21 -29.33
CA ALA B 3 -17.01 2.33 -28.78
C ALA B 3 -15.64 3.00 -28.76
N ALA B 4 -15.40 3.88 -29.73
CA ALA B 4 -14.12 4.55 -29.85
C ALA B 4 -13.75 5.30 -28.57
N GLU B 5 -14.73 5.95 -27.97
CA GLU B 5 -14.53 6.65 -26.71
C GLU B 5 -14.27 5.65 -25.59
N LEU B 6 -14.95 4.52 -25.65
CA LEU B 6 -14.77 3.46 -24.66
C LEU B 6 -13.39 2.82 -24.79
N MET B 7 -12.86 2.81 -26.01
CA MET B 7 -11.51 2.31 -26.25
C MET B 7 -10.51 3.13 -25.46
N GLN B 8 -10.73 4.44 -25.42
CA GLN B 8 -9.89 5.33 -24.64
C GLN B 8 -10.08 5.04 -23.16
N GLN B 9 -11.33 4.78 -22.77
CA GLN B 9 -11.67 4.57 -21.38
C GLN B 9 -10.99 3.32 -20.82
N VAL B 10 -11.07 2.20 -21.54
CA VAL B 10 -10.42 0.98 -21.06
C VAL B 10 -8.91 1.19 -20.96
N LYS B 11 -8.37 2.03 -21.82
CA LYS B 11 -6.94 2.31 -21.83
C LYS B 11 -6.55 3.10 -20.58
N VAL B 12 -7.22 4.23 -20.36
CA VAL B 12 -6.91 5.07 -19.20
C VAL B 12 -7.25 4.34 -17.89
N LEU B 13 -8.26 3.49 -17.95
CA LEU B 13 -8.68 2.70 -16.80
C LEU B 13 -7.65 1.62 -16.48
N LYS B 14 -7.25 0.86 -17.51
CA LYS B 14 -6.31 -0.24 -17.31
C LYS B 14 -4.94 0.28 -16.86
N LEU B 15 -4.54 1.44 -17.36
CA LEU B 15 -3.27 2.04 -17.01
C LEU B 15 -3.28 2.45 -15.54
N THR B 16 -4.40 3.01 -15.10
CA THR B 16 -4.58 3.33 -13.69
C THR B 16 -4.54 2.04 -12.87
N VAL B 17 -5.15 1.00 -13.41
CA VAL B 17 -5.10 -0.33 -12.81
C VAL B 17 -3.66 -0.80 -12.65
N GLU B 18 -2.90 -0.78 -13.74
CA GLU B 18 -1.53 -1.28 -13.74
C GLU B 18 -0.64 -0.53 -12.76
N ASP B 19 -0.78 0.80 -12.71
CA ASP B 19 0.01 1.61 -11.77
C ASP B 19 -0.45 1.40 -10.33
N LEU B 20 -1.72 1.06 -10.17
CA LEU B 20 -2.25 0.79 -8.84
C LEU B 20 -1.91 -0.62 -8.39
N GLU B 21 -1.94 -1.57 -9.32
CA GLU B 21 -1.56 -2.95 -9.03
C GLU B 21 -0.15 -3.02 -8.48
N LYS B 22 0.76 -2.33 -9.17
CA LYS B 22 2.17 -2.34 -8.78
C LYS B 22 2.31 -1.77 -7.37
N GLU B 23 1.62 -0.68 -7.08
CA GLU B 23 1.71 -0.03 -5.78
C GLU B 23 1.12 -0.90 -4.68
N ARG B 24 -0.04 -1.50 -4.94
CA ARG B 24 -0.72 -2.33 -3.95
C ARG B 24 0.23 -3.37 -3.39
N ASP B 25 0.85 -4.15 -4.28
CA ASP B 25 1.72 -5.25 -3.86
C ASP B 25 3.13 -4.76 -3.53
N PHE B 26 3.52 -3.62 -4.09
CA PHE B 26 4.83 -3.02 -3.82
C PHE B 26 4.95 -2.73 -2.34
N TYR B 27 3.95 -2.05 -1.80
CA TYR B 27 3.95 -1.72 -0.39
C TYR B 27 3.49 -2.90 0.44
N PHE B 28 2.69 -3.78 -0.17
CA PHE B 28 2.15 -4.93 0.55
C PHE B 28 3.27 -5.81 1.07
N GLY B 29 4.27 -6.07 0.23
CA GLY B 29 5.42 -6.82 0.65
C GLY B 29 6.20 -6.06 1.71
N LYS B 30 6.11 -4.74 1.68
CA LYS B 30 6.77 -3.90 2.65
C LYS B 30 6.21 -4.10 4.05
N LEU B 31 4.87 -4.14 4.21
CA LEU B 31 4.26 -4.32 5.53
C LEU B 31 4.74 -5.61 6.16
N ARG B 32 4.92 -6.63 5.33
CA ARG B 32 5.45 -7.90 5.80
C ARG B 32 6.87 -7.73 6.33
N ASN B 33 7.66 -6.90 5.65
CA ASN B 33 9.02 -6.65 6.06
C ASN B 33 9.04 -5.96 7.42
N ILE B 34 8.10 -5.03 7.65
CA ILE B 34 7.98 -4.38 8.95
C ILE B 34 7.49 -5.38 9.99
N GLU B 35 6.63 -6.30 9.56
CA GLU B 35 6.10 -7.35 10.43
C GLU B 35 7.20 -8.34 10.80
N LEU B 36 8.14 -8.56 9.88
CA LEU B 36 9.28 -9.44 10.13
C LEU B 36 10.16 -8.88 11.23
N ILE B 37 10.31 -7.54 11.26
CA ILE B 37 11.05 -6.89 12.34
C ILE B 37 10.32 -7.11 13.66
N CYS B 38 9.00 -7.16 13.58
CA CYS B 38 8.16 -7.41 14.74
C CYS B 38 8.41 -8.80 15.28
N GLN B 39 8.37 -9.80 14.40
CA GLN B 39 8.60 -11.18 14.79
C GLN B 39 9.95 -11.34 15.49
N GLU B 40 10.88 -10.47 15.13
CA GLU B 40 12.22 -10.50 15.73
C GLU B 40 12.23 -9.89 17.13
N ASN B 41 11.53 -8.78 17.31
CA ASN B 41 11.69 -7.99 18.53
C ASN B 41 10.52 -8.12 19.50
N GLU B 42 9.35 -8.51 19.02
CA GLU B 42 8.15 -8.58 19.87
C GLU B 42 8.38 -9.49 21.07
N GLY B 43 8.30 -8.90 22.26
CA GLY B 43 8.45 -9.66 23.49
C GLY B 43 9.89 -9.99 23.80
N GLU B 44 10.75 -9.91 22.79
CA GLU B 44 12.13 -10.27 22.92
C GLU B 44 12.96 -9.07 23.36
N ASN B 45 12.85 -7.97 22.63
CA ASN B 45 13.62 -6.78 22.95
C ASN B 45 12.77 -5.52 22.91
N ASP B 46 12.22 -5.20 21.75
CA ASP B 46 11.59 -3.91 21.53
C ASP B 46 10.08 -4.02 21.38
N PRO B 47 9.33 -3.38 22.28
CA PRO B 47 7.85 -3.38 22.25
C PRO B 47 7.28 -2.45 21.18
N VAL B 48 8.13 -1.59 20.63
CA VAL B 48 7.71 -0.66 19.59
C VAL B 48 7.09 -1.41 18.41
N LEU B 49 7.61 -2.59 18.10
CA LEU B 49 7.11 -3.38 16.98
C LEU B 49 5.66 -3.79 17.20
N GLN B 50 5.28 -3.98 18.46
CA GLN B 50 3.92 -4.36 18.82
C GLN B 50 2.91 -3.34 18.29
N ARG B 51 3.22 -2.06 18.45
CA ARG B 51 2.30 -1.01 18.04
C ARG B 51 2.39 -0.74 16.54
N ILE B 52 3.39 -1.31 15.87
CA ILE B 52 3.46 -1.18 14.41
C ILE B 52 2.69 -2.34 13.77
N VAL B 53 2.60 -3.46 14.50
CA VAL B 53 1.71 -4.55 14.11
C VAL B 53 0.27 -4.05 14.15
N ASP B 54 -0.01 -3.20 15.14
CA ASP B 54 -1.29 -2.53 15.24
C ASP B 54 -1.63 -1.78 13.95
N ILE B 55 -0.61 -1.21 13.33
CA ILE B 55 -0.75 -0.53 12.05
C ILE B 55 -1.18 -1.50 10.95
N LEU B 56 -0.45 -2.60 10.84
CA LEU B 56 -0.69 -3.57 9.77
C LEU B 56 -2.05 -4.24 9.92
N TYR B 57 -2.66 -4.09 11.10
CA TYR B 57 -3.97 -4.66 11.34
C TYR B 57 -4.95 -3.56 11.75
N ALA B 58 -4.61 -2.33 11.42
CA ALA B 58 -5.51 -1.22 11.67
C ALA B 58 -6.47 -1.08 10.50
N THR B 59 -7.73 -1.30 10.77
CA THR B 59 -8.72 -1.31 9.72
C THR B 59 -9.74 -0.18 9.90
N ASP B 60 -9.46 0.94 9.28
CA ASP B 60 -10.37 2.08 9.31
C ASP B 60 -11.53 1.85 8.35
N GLU B 61 -12.53 1.14 8.83
CA GLU B 61 -13.70 0.80 8.05
C GLU B 61 -14.97 1.14 8.82
N GLY B 62 -16.12 0.95 8.19
CA GLY B 62 -17.37 1.12 8.90
C GLY B 62 -17.61 -0.02 9.86
N PHE B 63 -17.45 -1.23 9.35
CA PHE B 63 -17.58 -2.43 10.15
C PHE B 63 -16.28 -2.70 10.89
N VAL B 64 -16.38 -3.17 12.13
CA VAL B 64 -15.20 -3.46 12.93
C VAL B 64 -14.62 -4.82 12.55
N ILE B 65 -13.43 -4.80 11.97
CA ILE B 65 -12.76 -6.02 11.56
C ILE B 65 -12.05 -6.68 12.75
N PRO B 66 -12.45 -7.91 13.10
CA PRO B 66 -11.83 -8.65 14.20
C PRO B 66 -10.38 -9.04 13.88
N ASP B 67 -9.46 -8.70 14.77
CA ASP B 67 -8.05 -9.03 14.59
C ASP B 67 -7.42 -9.39 15.93
N GLU B 68 -6.26 -10.00 15.87
CA GLU B 68 -5.52 -10.37 17.07
C GLU B 68 -4.09 -9.86 16.97
N GLY B 69 -3.79 -8.78 17.68
CA GLY B 69 -2.46 -8.21 17.63
C GLY B 69 -1.57 -8.74 18.74
N GLY B 70 -2.15 -9.55 19.62
CA GLY B 70 -1.40 -10.12 20.71
C GLY B 70 -1.46 -9.26 21.95
N ASP A 1 -22.26 -5.62 -31.18
CA ASP A 1 -22.32 -5.10 -29.80
C ASP A 1 -20.93 -4.72 -29.32
N GLU A 2 -20.22 -3.95 -30.14
CA GLU A 2 -18.82 -3.60 -29.87
C GLU A 2 -18.69 -2.83 -28.56
N ALA A 3 -19.35 -1.69 -28.46
CA ALA A 3 -19.23 -0.85 -27.28
C ALA A 3 -19.82 -1.53 -26.07
N ALA A 4 -20.88 -2.32 -26.29
CA ALA A 4 -21.55 -3.01 -25.20
C ALA A 4 -20.58 -3.91 -24.43
N GLU A 5 -19.70 -4.57 -25.17
CA GLU A 5 -18.67 -5.40 -24.56
C GLU A 5 -17.71 -4.54 -23.73
N LEU A 6 -17.41 -3.35 -24.23
CA LEU A 6 -16.54 -2.42 -23.53
C LEU A 6 -17.24 -1.80 -22.32
N MET A 7 -18.57 -1.72 -22.38
CA MET A 7 -19.35 -1.21 -21.26
C MET A 7 -19.14 -2.11 -20.04
N GLN A 8 -19.13 -3.40 -20.27
CA GLN A 8 -18.86 -4.36 -19.20
C GLN A 8 -17.39 -4.35 -18.84
N GLN A 9 -16.54 -4.07 -19.83
CA GLN A 9 -15.11 -4.04 -19.61
C GLN A 9 -14.72 -2.93 -18.65
N VAL A 10 -15.29 -1.73 -18.84
CA VAL A 10 -14.98 -0.63 -17.92
C VAL A 10 -15.49 -0.94 -16.52
N LYS A 11 -16.50 -1.78 -16.43
CA LYS A 11 -17.04 -2.19 -15.14
C LYS A 11 -15.99 -2.99 -14.38
N VAL A 12 -15.58 -4.12 -14.95
CA VAL A 12 -14.62 -5.00 -14.30
C VAL A 12 -13.27 -4.30 -14.12
N LEU A 13 -12.99 -3.34 -15.01
CA LEU A 13 -11.74 -2.61 -14.98
C LEU A 13 -11.76 -1.56 -13.87
N LYS A 14 -12.90 -0.90 -13.70
CA LYS A 14 -13.04 0.14 -12.68
C LYS A 14 -13.21 -0.48 -11.30
N LEU A 15 -13.68 -1.71 -11.26
CA LEU A 15 -13.88 -2.40 -10.00
C LEU A 15 -12.54 -2.81 -9.39
N THR A 16 -11.53 -2.92 -10.25
CA THR A 16 -10.17 -3.07 -9.78
C THR A 16 -9.66 -1.71 -9.30
N VAL A 17 -10.07 -0.66 -10.01
CA VAL A 17 -9.71 0.71 -9.66
C VAL A 17 -10.26 1.10 -8.28
N GLU A 18 -11.58 0.97 -8.11
CA GLU A 18 -12.23 1.39 -6.87
C GLU A 18 -11.61 0.69 -5.66
N ASP A 19 -11.19 -0.54 -5.86
CA ASP A 19 -10.58 -1.33 -4.80
C ASP A 19 -9.16 -0.86 -4.56
N LEU A 20 -8.35 -0.86 -5.60
CA LEU A 20 -6.95 -0.48 -5.50
C LEU A 20 -6.77 0.96 -5.02
N GLU A 21 -7.70 1.84 -5.41
CA GLU A 21 -7.68 3.23 -4.96
C GLU A 21 -7.82 3.32 -3.46
N LYS A 22 -8.79 2.59 -2.90
CA LYS A 22 -8.99 2.63 -1.46
C LYS A 22 -7.85 1.91 -0.75
N GLU A 23 -7.35 0.84 -1.38
CA GLU A 23 -6.24 0.08 -0.81
C GLU A 23 -4.97 0.92 -0.72
N ARG A 24 -4.65 1.63 -1.82
CA ARG A 24 -3.45 2.44 -1.86
C ARG A 24 -3.43 3.45 -0.72
N ASP A 25 -4.52 4.20 -0.56
CA ASP A 25 -4.61 5.21 0.51
C ASP A 25 -4.72 4.55 1.88
N PHE A 26 -5.42 3.41 1.93
CA PHE A 26 -5.61 2.65 3.16
C PHE A 26 -4.26 2.33 3.81
N TYR A 27 -3.38 1.70 3.04
CA TYR A 27 -2.07 1.36 3.52
C TYR A 27 -1.17 2.59 3.55
N PHE A 28 -1.43 3.55 2.65
CA PHE A 28 -0.59 4.74 2.52
C PHE A 28 -0.53 5.52 3.84
N GLY A 29 -1.69 5.78 4.40
CA GLY A 29 -1.75 6.47 5.67
C GLY A 29 -1.05 5.68 6.77
N LYS A 30 -1.02 4.36 6.60
CA LYS A 30 -0.35 3.49 7.56
C LYS A 30 1.15 3.76 7.62
N LEU A 31 1.82 3.89 6.46
CA LEU A 31 3.27 4.09 6.45
C LEU A 31 3.65 5.37 7.18
N ARG A 32 2.75 6.35 7.16
CA ARG A 32 2.97 7.59 7.88
C ARG A 32 2.92 7.36 9.38
N ASN A 33 2.06 6.46 9.83
CA ASN A 33 1.96 6.17 11.25
C ASN A 33 3.23 5.48 11.75
N ILE A 34 3.74 4.54 10.96
CA ILE A 34 5.02 3.89 11.28
C ILE A 34 6.16 4.91 11.21
N GLU A 35 6.08 5.82 10.23
CA GLU A 35 7.02 6.93 10.10
C GLU A 35 7.02 7.78 11.38
N LEU A 36 5.84 8.07 11.89
CA LEU A 36 5.70 8.87 13.10
C LEU A 36 6.33 8.19 14.30
N ILE A 37 6.28 6.85 14.33
CA ILE A 37 6.94 6.09 15.39
C ILE A 37 8.45 6.19 15.23
N CYS A 38 8.89 6.33 13.99
CA CYS A 38 10.29 6.50 13.71
C CYS A 38 10.75 7.87 14.17
N GLN A 39 10.02 8.91 13.75
CA GLN A 39 10.37 10.28 14.06
C GLN A 39 10.52 10.53 15.56
N GLU A 40 9.75 9.79 16.37
CA GLU A 40 9.80 9.98 17.82
C GLU A 40 10.93 9.18 18.47
N ASN A 41 11.43 8.16 17.80
CA ASN A 41 12.44 7.28 18.40
C ASN A 41 13.81 7.41 17.75
N GLU A 42 13.85 7.93 16.51
CA GLU A 42 15.10 8.04 15.75
C GLU A 42 16.20 8.74 16.55
N GLY A 43 17.29 8.02 16.77
CA GLY A 43 18.46 8.59 17.42
C GLY A 43 18.31 8.71 18.93
N GLU A 44 17.08 8.89 19.39
CA GLU A 44 16.82 9.12 20.80
C GLU A 44 16.87 7.82 21.59
N ASN A 45 16.14 6.81 21.13
CA ASN A 45 16.10 5.55 21.86
C ASN A 45 16.27 4.34 20.95
N ASP A 46 15.35 4.19 20.02
CA ASP A 46 15.23 2.94 19.28
C ASP A 46 15.73 3.05 17.86
N PRO A 47 16.84 2.36 17.54
CA PRO A 47 17.38 2.29 16.18
C PRO A 47 16.54 1.38 15.28
N VAL A 48 15.67 0.59 15.90
CA VAL A 48 14.81 -0.32 15.15
C VAL A 48 13.99 0.42 14.11
N LEU A 49 13.55 1.62 14.43
CA LEU A 49 12.72 2.39 13.52
C LEU A 49 13.51 2.81 12.29
N GLN A 50 14.82 2.89 12.43
CA GLN A 50 15.68 3.31 11.33
C GLN A 50 15.59 2.32 10.16
N ARG A 51 15.65 1.03 10.48
CA ARG A 51 15.57 -0.01 9.45
C ARG A 51 14.14 -0.09 8.87
N ILE A 52 13.16 0.43 9.60
CA ILE A 52 11.79 0.44 9.11
C ILE A 52 11.54 1.67 8.24
N VAL A 53 12.27 2.76 8.52
CA VAL A 53 12.24 3.94 7.66
C VAL A 53 12.76 3.59 6.28
N ASP A 54 13.83 2.80 6.26
CA ASP A 54 14.40 2.30 5.01
C ASP A 54 13.33 1.61 4.17
N ILE A 55 12.41 0.93 4.86
CA ILE A 55 11.26 0.30 4.22
C ILE A 55 10.42 1.30 3.43
N LEU A 56 10.00 2.36 4.11
CA LEU A 56 9.06 3.32 3.54
C LEU A 56 9.66 4.09 2.38
N TYR A 57 10.96 3.97 2.20
CA TYR A 57 11.64 4.67 1.13
C TYR A 57 12.46 3.70 0.30
N ALA A 58 12.16 2.42 0.44
CA ALA A 58 12.87 1.40 -0.33
C ALA A 58 12.20 1.21 -1.67
N THR A 59 12.92 1.54 -2.72
CA THR A 59 12.42 1.35 -4.05
C THR A 59 13.07 0.13 -4.69
N ASP A 60 12.41 -0.99 -4.52
CA ASP A 60 12.95 -2.28 -4.97
C ASP A 60 12.88 -2.42 -6.48
N GLU A 61 13.94 -1.98 -7.14
CA GLU A 61 14.05 -2.09 -8.58
C GLU A 61 15.35 -2.79 -8.94
N GLY A 62 16.43 -2.10 -8.65
CA GLY A 62 17.75 -2.68 -8.82
C GLY A 62 18.07 -3.63 -7.68
N PHE A 63 17.63 -3.24 -6.50
CA PHE A 63 17.74 -4.09 -5.32
C PHE A 63 16.40 -4.77 -5.06
N VAL A 64 16.35 -6.07 -5.28
CA VAL A 64 15.14 -6.83 -5.05
C VAL A 64 15.14 -7.38 -3.64
N ILE A 65 14.05 -7.16 -2.93
CA ILE A 65 13.93 -7.64 -1.56
C ILE A 65 13.66 -9.13 -1.55
N PRO A 66 14.58 -9.91 -0.96
CA PRO A 66 14.50 -11.38 -0.96
C PRO A 66 13.31 -11.91 -0.16
N ASP A 67 12.44 -12.65 -0.85
CA ASP A 67 11.29 -13.26 -0.21
C ASP A 67 11.70 -14.54 0.51
N GLU A 68 12.50 -14.39 1.55
CA GLU A 68 13.02 -15.52 2.30
C GLU A 68 12.00 -15.98 3.33
N GLY A 69 11.35 -17.09 3.04
CA GLY A 69 10.38 -17.65 3.97
C GLY A 69 10.49 -19.15 4.05
N GLY A 70 11.63 -19.68 3.63
CA GLY A 70 11.83 -21.11 3.63
C GLY A 70 13.30 -21.47 3.48
N ASP B 1 -19.13 6.94 -33.00
CA ASP B 1 -17.86 6.38 -32.49
C ASP B 1 -18.00 5.95 -31.04
N GLU B 2 -19.06 5.20 -30.76
CA GLU B 2 -19.40 4.83 -29.39
C GLU B 2 -18.29 4.02 -28.74
N ALA B 3 -17.95 2.88 -29.33
CA ALA B 3 -16.94 2.01 -28.77
C ALA B 3 -15.57 2.66 -28.79
N ALA B 4 -15.32 3.46 -29.81
CA ALA B 4 -14.04 4.13 -29.96
C ALA B 4 -13.71 4.99 -28.74
N GLU B 5 -14.74 5.66 -28.21
CA GLU B 5 -14.58 6.46 -27.00
C GLU B 5 -14.23 5.56 -25.81
N LEU B 6 -14.85 4.38 -25.78
CA LEU B 6 -14.59 3.42 -24.72
C LEU B 6 -13.22 2.77 -24.88
N MET B 7 -12.72 2.71 -26.12
CA MET B 7 -11.39 2.17 -26.39
C MET B 7 -10.34 3.02 -25.67
N GLN B 8 -10.54 4.34 -25.71
CA GLN B 8 -9.66 5.25 -25.01
C GLN B 8 -9.93 5.21 -23.51
N GLN B 9 -11.18 4.94 -23.17
CA GLN B 9 -11.59 4.88 -21.77
C GLN B 9 -10.88 3.74 -21.05
N VAL B 10 -10.85 2.55 -21.67
CA VAL B 10 -10.17 1.42 -21.05
C VAL B 10 -8.68 1.69 -20.93
N LYS B 11 -8.16 2.55 -21.79
CA LYS B 11 -6.75 2.91 -21.73
C LYS B 11 -6.47 3.68 -20.44
N VAL B 12 -7.13 4.81 -20.28
CA VAL B 12 -6.92 5.66 -19.11
C VAL B 12 -7.33 4.93 -17.83
N LEU B 13 -8.27 4.00 -17.96
CA LEU B 13 -8.78 3.25 -16.83
C LEU B 13 -7.78 2.17 -16.42
N LYS B 14 -7.16 1.52 -17.41
CA LYS B 14 -6.21 0.45 -17.15
C LYS B 14 -4.87 1.03 -16.71
N LEU B 15 -4.61 2.26 -17.10
CA LEU B 15 -3.36 2.91 -16.73
C LEU B 15 -3.36 3.28 -15.26
N THR B 16 -4.54 3.41 -14.69
CA THR B 16 -4.68 3.52 -13.26
C THR B 16 -4.49 2.13 -12.62
N VAL B 17 -4.98 1.12 -13.32
CA VAL B 17 -4.84 -0.27 -12.88
C VAL B 17 -3.37 -0.70 -12.83
N GLU B 18 -2.66 -0.55 -13.95
CA GLU B 18 -1.27 -1.00 -14.05
C GLU B 18 -0.42 -0.35 -12.97
N ASP B 19 -0.74 0.89 -12.64
CA ASP B 19 -0.01 1.63 -11.63
C ASP B 19 -0.38 1.13 -10.24
N LEU B 20 -1.67 1.14 -9.94
CA LEU B 20 -2.16 0.74 -8.62
C LEU B 20 -1.83 -0.72 -8.31
N GLU B 21 -1.82 -1.56 -9.34
CA GLU B 21 -1.46 -2.96 -9.18
C GLU B 21 -0.03 -3.11 -8.68
N LYS B 22 0.89 -2.39 -9.31
CA LYS B 22 2.29 -2.46 -8.92
C LYS B 22 2.48 -1.78 -7.56
N GLU B 23 1.72 -0.70 -7.33
CA GLU B 23 1.81 0.02 -6.06
C GLU B 23 1.34 -0.85 -4.90
N ARG B 24 0.20 -1.51 -5.07
CA ARG B 24 -0.36 -2.35 -4.02
C ARG B 24 0.66 -3.39 -3.56
N ASP B 25 1.24 -4.14 -4.51
CA ASP B 25 2.23 -5.18 -4.19
C ASP B 25 3.53 -4.55 -3.70
N PHE B 26 3.88 -3.41 -4.28
CA PHE B 26 5.10 -2.68 -3.93
C PHE B 26 5.14 -2.40 -2.43
N TYR B 27 4.10 -1.77 -1.93
CA TYR B 27 4.02 -1.46 -0.52
C TYR B 27 3.63 -2.71 0.27
N PHE B 28 2.91 -3.63 -0.36
CA PHE B 28 2.41 -4.83 0.32
C PHE B 28 3.56 -5.65 0.89
N GLY B 29 4.56 -5.92 0.06
CA GLY B 29 5.72 -6.64 0.52
C GLY B 29 6.44 -5.91 1.62
N LYS B 30 6.30 -4.58 1.62
CA LYS B 30 6.93 -3.75 2.65
C LYS B 30 6.36 -4.05 4.04
N LEU B 31 5.03 -4.15 4.17
CA LEU B 31 4.41 -4.37 5.48
C LEU B 31 4.89 -5.69 6.08
N ARG B 32 5.22 -6.64 5.23
CA ARG B 32 5.75 -7.91 5.68
C ARG B 32 7.15 -7.73 6.27
N ASN B 33 7.93 -6.82 5.69
CA ASN B 33 9.28 -6.58 6.19
C ASN B 33 9.22 -5.93 7.57
N ILE B 34 8.32 -4.97 7.75
CA ILE B 34 8.10 -4.35 9.06
C ILE B 34 7.54 -5.39 10.04
N GLU B 35 6.67 -6.27 9.53
CA GLU B 35 6.13 -7.38 10.31
C GLU B 35 7.27 -8.28 10.81
N LEU B 36 8.22 -8.56 9.93
CA LEU B 36 9.36 -9.40 10.27
C LEU B 36 10.22 -8.77 11.38
N ILE B 37 10.30 -7.43 11.38
CA ILE B 37 11.00 -6.70 12.44
C ILE B 37 10.23 -6.83 13.75
N CYS B 38 8.92 -6.93 13.64
CA CYS B 38 8.08 -7.12 14.80
C CYS B 38 8.27 -8.52 15.36
N GLN B 39 8.17 -9.52 14.50
CA GLN B 39 8.28 -10.92 14.91
C GLN B 39 9.59 -11.21 15.64
N GLU B 40 10.65 -10.49 15.31
CA GLU B 40 11.95 -10.72 15.93
C GLU B 40 12.09 -9.97 17.26
N ASN B 41 11.29 -8.93 17.46
CA ASN B 41 11.46 -8.09 18.65
C ASN B 41 10.29 -8.23 19.63
N GLU B 42 9.14 -8.70 19.15
CA GLU B 42 7.93 -8.81 19.97
C GLU B 42 8.18 -9.55 21.28
N GLY B 43 7.95 -8.85 22.38
CA GLY B 43 8.06 -9.46 23.70
C GLY B 43 9.49 -9.62 24.18
N GLU B 44 10.40 -9.81 23.24
CA GLU B 44 11.79 -10.08 23.57
C GLU B 44 12.51 -8.80 23.98
N ASN B 45 12.42 -7.76 23.17
CA ASN B 45 13.13 -6.53 23.47
C ASN B 45 12.25 -5.30 23.27
N ASP B 46 11.80 -5.09 22.05
CA ASP B 46 11.20 -3.83 21.67
C ASP B 46 9.69 -3.90 21.55
N PRO B 47 8.97 -3.21 22.44
CA PRO B 47 7.51 -3.12 22.38
C PRO B 47 7.05 -2.15 21.29
N VAL B 48 7.99 -1.37 20.75
CA VAL B 48 7.68 -0.42 19.69
C VAL B 48 7.06 -1.11 18.49
N LEU B 49 7.51 -2.33 18.19
CA LEU B 49 7.00 -3.05 17.03
C LEU B 49 5.54 -3.44 17.24
N GLN B 50 5.13 -3.55 18.50
CA GLN B 50 3.76 -3.94 18.82
C GLN B 50 2.77 -2.91 18.27
N ARG B 51 3.05 -1.64 18.50
CA ARG B 51 2.17 -0.57 18.02
C ARG B 51 2.24 -0.44 16.50
N ILE B 52 3.29 -0.97 15.89
CA ILE B 52 3.40 -0.94 14.43
C ILE B 52 2.68 -2.14 13.82
N VAL B 53 2.62 -3.25 14.56
CA VAL B 53 1.82 -4.41 14.15
C VAL B 53 0.36 -4.01 14.06
N ASP B 54 -0.08 -3.24 15.05
CA ASP B 54 -1.44 -2.71 15.07
C ASP B 54 -1.75 -1.97 13.77
N ILE B 55 -0.73 -1.31 13.23
CA ILE B 55 -0.84 -0.64 11.95
C ILE B 55 -1.23 -1.61 10.83
N LEU B 56 -0.46 -2.67 10.69
CA LEU B 56 -0.60 -3.60 9.58
C LEU B 56 -1.93 -4.35 9.61
N TYR B 57 -2.63 -4.24 10.74
CA TYR B 57 -3.91 -4.92 10.89
C TYR B 57 -4.97 -3.93 11.34
N ALA B 58 -4.70 -2.64 11.14
CA ALA B 58 -5.65 -1.61 11.50
C ALA B 58 -6.60 -1.37 10.35
N THR B 59 -7.86 -1.68 10.56
CA THR B 59 -8.87 -1.45 9.56
C THR B 59 -9.68 -0.22 9.93
N ASP B 60 -9.24 0.92 9.43
CA ASP B 60 -9.83 2.20 9.77
C ASP B 60 -11.18 2.39 9.08
N GLU B 61 -12.22 1.96 9.77
CA GLU B 61 -13.58 2.12 9.28
C GLU B 61 -14.42 2.79 10.34
N GLY B 62 -14.63 2.09 11.44
CA GLY B 62 -15.31 2.66 12.58
C GLY B 62 -14.38 3.56 13.35
N PHE B 63 -13.12 3.15 13.43
CA PHE B 63 -12.08 3.95 14.04
C PHE B 63 -11.28 4.65 12.95
N VAL B 64 -11.44 5.95 12.85
CA VAL B 64 -10.72 6.73 11.86
C VAL B 64 -9.40 7.23 12.45
N ILE B 65 -8.31 7.00 11.75
CA ILE B 65 -7.01 7.44 12.22
C ILE B 65 -6.85 8.93 12.01
N PRO B 66 -6.67 9.68 13.12
CA PRO B 66 -6.61 11.15 13.09
C PRO B 66 -5.38 11.68 12.34
N ASP B 67 -5.63 12.45 11.29
CA ASP B 67 -4.56 13.06 10.52
C ASP B 67 -4.05 14.30 11.22
N GLU B 68 -3.44 14.10 12.38
CA GLU B 68 -2.95 15.20 13.19
C GLU B 68 -1.58 15.65 12.70
N GLY B 69 -1.54 16.78 12.02
CA GLY B 69 -0.28 17.33 11.54
C GLY B 69 -0.22 18.82 11.71
N GLY B 70 -1.06 19.34 12.59
CA GLY B 70 -1.12 20.77 12.81
C GLY B 70 -1.85 21.10 14.09
N ASP A 1 -23.73 -2.68 -29.99
CA ASP A 1 -23.12 -4.03 -30.13
C ASP A 1 -21.66 -4.02 -29.71
N GLU A 2 -20.80 -3.45 -30.55
CA GLU A 2 -19.37 -3.39 -30.28
C GLU A 2 -19.08 -2.68 -28.95
N ALA A 3 -19.70 -1.52 -28.76
CA ALA A 3 -19.47 -0.74 -27.55
C ALA A 3 -20.06 -1.41 -26.32
N ALA A 4 -21.13 -2.17 -26.51
CA ALA A 4 -21.82 -2.83 -25.41
C ALA A 4 -20.87 -3.75 -24.64
N GLU A 5 -19.98 -4.40 -25.38
CA GLU A 5 -18.97 -5.25 -24.77
C GLU A 5 -18.00 -4.42 -23.93
N LEU A 6 -17.64 -3.26 -24.45
CA LEU A 6 -16.73 -2.36 -23.75
C LEU A 6 -17.41 -1.71 -22.55
N MET A 7 -18.74 -1.62 -22.58
CA MET A 7 -19.50 -1.09 -21.45
C MET A 7 -19.28 -1.98 -20.24
N GLN A 8 -19.24 -3.28 -20.49
CA GLN A 8 -18.95 -4.25 -19.45
C GLN A 8 -17.46 -4.22 -19.11
N GLN A 9 -16.64 -3.96 -20.13
CA GLN A 9 -15.20 -3.95 -19.97
C GLN A 9 -14.77 -2.83 -19.02
N VAL A 10 -15.32 -1.63 -19.18
CA VAL A 10 -14.99 -0.54 -18.27
C VAL A 10 -15.48 -0.85 -16.86
N LYS A 11 -16.58 -1.58 -16.77
CA LYS A 11 -17.16 -1.92 -15.48
C LYS A 11 -16.24 -2.84 -14.70
N VAL A 12 -15.88 -3.96 -15.30
CA VAL A 12 -15.00 -4.93 -14.64
C VAL A 12 -13.63 -4.32 -14.38
N LEU A 13 -13.24 -3.38 -15.24
CA LEU A 13 -11.94 -2.74 -15.15
C LEU A 13 -11.93 -1.68 -14.05
N LYS A 14 -13.04 -0.95 -13.93
CA LYS A 14 -13.15 0.11 -12.93
C LYS A 14 -13.31 -0.47 -11.54
N LEU A 15 -13.84 -1.69 -11.45
CA LEU A 15 -14.02 -2.35 -10.17
C LEU A 15 -12.66 -2.68 -9.56
N THR A 16 -11.69 -2.96 -10.42
CA THR A 16 -10.32 -3.12 -9.99
C THR A 16 -9.77 -1.77 -9.53
N VAL A 17 -10.10 -0.72 -10.27
CA VAL A 17 -9.75 0.64 -9.91
C VAL A 17 -10.29 0.98 -8.53
N GLU A 18 -11.59 0.81 -8.34
CA GLU A 18 -12.25 1.10 -7.07
C GLU A 18 -11.57 0.37 -5.91
N ASP A 19 -11.26 -0.90 -6.14
CA ASP A 19 -10.65 -1.75 -5.12
C ASP A 19 -9.25 -1.28 -4.79
N LEU A 20 -8.48 -0.97 -5.82
CA LEU A 20 -7.09 -0.57 -5.66
C LEU A 20 -6.97 0.86 -5.14
N GLU A 21 -7.86 1.73 -5.61
CA GLU A 21 -7.87 3.14 -5.17
C GLU A 21 -7.96 3.24 -3.65
N LYS A 22 -8.92 2.53 -3.07
CA LYS A 22 -9.10 2.59 -1.63
C LYS A 22 -7.91 1.98 -0.89
N GLU A 23 -7.33 0.92 -1.45
CA GLU A 23 -6.24 0.22 -0.76
C GLU A 23 -4.92 0.98 -0.89
N ARG A 24 -4.73 1.66 -2.02
CA ARG A 24 -3.53 2.45 -2.24
C ARG A 24 -3.42 3.51 -1.15
N ASP A 25 -4.55 4.12 -0.80
CA ASP A 25 -4.59 5.15 0.25
C ASP A 25 -4.69 4.52 1.64
N PHE A 26 -5.43 3.42 1.71
CA PHE A 26 -5.64 2.67 2.96
C PHE A 26 -4.29 2.37 3.62
N TYR A 27 -3.45 1.63 2.91
CA TYR A 27 -2.16 1.26 3.43
C TYR A 27 -1.21 2.46 3.43
N PHE A 28 -1.47 3.43 2.55
CA PHE A 28 -0.57 4.58 2.39
C PHE A 28 -0.45 5.37 3.68
N GLY A 29 -1.60 5.73 4.25
CA GLY A 29 -1.60 6.44 5.51
C GLY A 29 -0.91 5.65 6.60
N LYS A 30 -0.91 4.33 6.45
CA LYS A 30 -0.28 3.46 7.42
C LYS A 30 1.23 3.67 7.46
N LEU A 31 1.89 3.82 6.31
CA LEU A 31 3.36 4.01 6.29
C LEU A 31 3.72 5.28 7.04
N ARG A 32 2.84 6.26 6.99
CA ARG A 32 3.04 7.49 7.74
C ARG A 32 2.98 7.22 9.23
N ASN A 33 2.08 6.32 9.64
CA ASN A 33 1.92 5.99 11.04
C ASN A 33 3.18 5.30 11.56
N ILE A 34 3.76 4.41 10.75
CA ILE A 34 5.00 3.74 11.13
C ILE A 34 6.15 4.75 11.16
N GLU A 35 6.14 5.68 10.21
CA GLU A 35 7.14 6.74 10.15
C GLU A 35 7.01 7.66 11.37
N LEU A 36 5.78 7.88 11.82
CA LEU A 36 5.52 8.69 13.00
C LEU A 36 6.21 8.09 14.23
N ILE A 37 6.14 6.76 14.37
CA ILE A 37 6.81 6.07 15.48
C ILE A 37 8.32 6.22 15.34
N CYS A 38 8.78 6.28 14.10
CA CYS A 38 10.18 6.51 13.82
C CYS A 38 10.60 7.89 14.31
N GLN A 39 9.80 8.89 14.00
CA GLN A 39 10.09 10.26 14.41
C GLN A 39 10.03 10.41 15.93
N GLU A 40 9.40 9.44 16.60
CA GLU A 40 9.33 9.45 18.06
C GLU A 40 10.64 8.96 18.66
N ASN A 41 11.17 7.87 18.12
CA ASN A 41 12.27 7.17 18.77
C ASN A 41 13.61 7.40 18.07
N GLU A 42 13.59 7.65 16.76
CA GLU A 42 14.81 7.86 16.00
C GLU A 42 15.56 9.08 16.49
N GLY A 43 16.83 8.89 16.80
CA GLY A 43 17.66 9.98 17.27
C GLY A 43 17.56 10.16 18.77
N GLU A 44 16.60 9.47 19.39
CA GLU A 44 16.39 9.62 20.82
C GLU A 44 16.78 8.34 21.57
N ASN A 45 16.16 7.22 21.21
CA ASN A 45 16.41 5.98 21.93
C ASN A 45 16.61 4.78 21.00
N ASP A 46 15.56 4.45 20.25
CA ASP A 46 15.51 3.19 19.53
C ASP A 46 15.97 3.35 18.09
N PRO A 47 16.89 2.49 17.64
CA PRO A 47 17.37 2.45 16.26
C PRO A 47 16.52 1.54 15.36
N VAL A 48 15.65 0.74 15.98
CA VAL A 48 14.82 -0.21 15.24
C VAL A 48 13.95 0.48 14.20
N LEU A 49 13.52 1.70 14.49
CA LEU A 49 12.63 2.40 13.57
C LEU A 49 13.37 2.77 12.28
N GLN A 50 14.67 3.03 12.41
CA GLN A 50 15.51 3.37 11.25
C GLN A 50 15.40 2.29 10.17
N ARG A 51 15.55 1.04 10.57
CA ARG A 51 15.49 -0.07 9.60
C ARG A 51 14.08 -0.24 9.05
N ILE A 52 13.08 0.34 9.71
CA ILE A 52 11.72 0.33 9.21
C ILE A 52 11.48 1.56 8.31
N VAL A 53 12.23 2.63 8.57
CA VAL A 53 12.24 3.80 7.69
C VAL A 53 12.84 3.41 6.35
N ASP A 54 13.89 2.59 6.42
CA ASP A 54 14.54 2.04 5.24
C ASP A 54 13.52 1.33 4.36
N ILE A 55 12.54 0.71 5.01
CA ILE A 55 11.41 0.09 4.32
C ILE A 55 10.63 1.10 3.48
N LEU A 56 10.18 2.16 4.13
CA LEU A 56 9.33 3.16 3.49
C LEU A 56 10.07 3.89 2.36
N TYR A 57 11.38 3.73 2.31
CA TYR A 57 12.17 4.38 1.28
C TYR A 57 12.87 3.34 0.41
N ALA A 58 12.50 2.09 0.60
CA ALA A 58 13.01 1.03 -0.25
C ALA A 58 12.21 0.99 -1.53
N THR A 59 12.88 1.25 -2.64
CA THR A 59 12.19 1.40 -3.91
C THR A 59 12.64 0.36 -4.91
N ASP A 60 11.82 -0.67 -5.09
CA ASP A 60 12.10 -1.71 -6.07
C ASP A 60 12.19 -1.12 -7.47
N GLU A 61 13.39 -1.20 -8.05
CA GLU A 61 13.69 -0.64 -9.36
C GLU A 61 13.55 0.89 -9.34
N GLY A 62 13.70 1.48 -8.16
CA GLY A 62 13.69 2.92 -8.03
C GLY A 62 15.05 3.45 -7.68
N PHE A 63 15.55 3.03 -6.53
CA PHE A 63 16.91 3.35 -6.12
C PHE A 63 17.89 2.52 -6.90
N VAL A 64 18.86 3.17 -7.53
CA VAL A 64 19.87 2.47 -8.31
C VAL A 64 20.88 1.81 -7.37
N ILE A 65 20.72 0.51 -7.19
CA ILE A 65 21.62 -0.26 -6.35
C ILE A 65 22.84 -0.69 -7.15
N PRO A 66 24.02 -0.13 -6.83
CA PRO A 66 25.26 -0.48 -7.53
C PRO A 66 25.66 -1.92 -7.23
N ASP A 67 25.94 -2.69 -8.28
CA ASP A 67 26.33 -4.08 -8.11
C ASP A 67 27.65 -4.17 -7.37
N GLU A 68 27.64 -4.93 -6.28
CA GLU A 68 28.82 -5.08 -5.45
C GLU A 68 29.31 -6.52 -5.47
N GLY A 69 30.62 -6.69 -5.51
CA GLY A 69 31.20 -8.02 -5.46
C GLY A 69 32.06 -8.19 -4.23
N GLY A 70 32.68 -7.10 -3.81
CA GLY A 70 33.52 -7.10 -2.63
C GLY A 70 33.96 -5.71 -2.27
N ASP B 1 -17.52 4.03 -33.90
CA ASP B 1 -17.87 5.37 -33.37
C ASP B 1 -18.08 5.32 -31.85
N GLU B 2 -19.21 4.77 -31.43
CA GLU B 2 -19.56 4.67 -30.02
C GLU B 2 -18.50 3.92 -29.23
N ALA B 3 -18.08 2.77 -29.75
CA ALA B 3 -17.10 1.94 -29.07
C ALA B 3 -15.72 2.57 -29.08
N ALA B 4 -15.43 3.35 -30.11
CA ALA B 4 -14.13 3.99 -30.27
C ALA B 4 -13.81 4.87 -29.06
N GLU B 5 -14.83 5.54 -28.53
CA GLU B 5 -14.66 6.35 -27.34
C GLU B 5 -14.32 5.47 -26.14
N LEU B 6 -14.97 4.33 -26.05
CA LEU B 6 -14.72 3.39 -24.97
C LEU B 6 -13.36 2.71 -25.11
N MET B 7 -12.86 2.64 -26.33
CA MET B 7 -11.52 2.08 -26.58
C MET B 7 -10.49 2.94 -25.85
N GLN B 8 -10.70 4.25 -25.88
CA GLN B 8 -9.84 5.17 -25.16
C GLN B 8 -10.15 5.11 -23.67
N GLN B 9 -11.42 4.87 -23.35
CA GLN B 9 -11.87 4.82 -21.97
C GLN B 9 -11.21 3.67 -21.21
N VAL B 10 -11.15 2.48 -21.82
CA VAL B 10 -10.49 1.36 -21.17
C VAL B 10 -9.00 1.63 -21.03
N LYS B 11 -8.44 2.37 -21.98
CA LYS B 11 -7.02 2.68 -21.97
C LYS B 11 -6.67 3.57 -20.78
N VAL B 12 -7.35 4.71 -20.66
CA VAL B 12 -7.07 5.63 -19.57
C VAL B 12 -7.42 4.99 -18.22
N LEU B 13 -8.38 4.07 -18.25
CA LEU B 13 -8.86 3.41 -17.05
C LEU B 13 -7.87 2.31 -16.63
N LYS B 14 -7.32 1.60 -17.60
CA LYS B 14 -6.39 0.51 -17.33
C LYS B 14 -5.05 1.06 -16.87
N LEU B 15 -4.72 2.26 -17.30
CA LEU B 15 -3.47 2.89 -16.91
C LEU B 15 -3.46 3.18 -15.42
N THR B 16 -4.63 3.48 -14.88
CA THR B 16 -4.79 3.59 -13.44
C THR B 16 -4.64 2.22 -12.79
N VAL B 17 -5.21 1.20 -13.43
CA VAL B 17 -5.05 -0.18 -12.99
C VAL B 17 -3.58 -0.56 -12.92
N GLU B 18 -2.87 -0.37 -14.04
CA GLU B 18 -1.45 -0.69 -14.12
C GLU B 18 -0.66 0.00 -13.01
N ASP B 19 -0.96 1.27 -12.78
CA ASP B 19 -0.26 2.06 -11.79
C ASP B 19 -0.55 1.57 -10.38
N LEU B 20 -1.81 1.29 -10.12
CA LEU B 20 -2.26 0.85 -8.80
C LEU B 20 -1.85 -0.59 -8.52
N GLU B 21 -1.94 -1.44 -9.53
CA GLU B 21 -1.57 -2.86 -9.41
C GLU B 21 -0.16 -3.01 -8.87
N LYS B 22 0.79 -2.30 -9.47
CA LYS B 22 2.18 -2.40 -9.06
C LYS B 22 2.38 -1.83 -7.66
N GLU B 23 1.66 -0.77 -7.32
CA GLU B 23 1.85 -0.11 -6.03
C GLU B 23 1.17 -0.89 -4.91
N ARG B 24 0.05 -1.53 -5.21
CA ARG B 24 -0.67 -2.33 -4.22
C ARG B 24 0.26 -3.44 -3.71
N ASP B 25 1.03 -4.04 -4.61
CA ASP B 25 1.98 -5.10 -4.25
C ASP B 25 3.29 -4.51 -3.75
N PHE B 26 3.70 -3.40 -4.37
CA PHE B 26 4.93 -2.69 -4.02
C PHE B 26 4.99 -2.43 -2.52
N TYR B 27 4.01 -1.69 -2.03
CA TYR B 27 3.96 -1.36 -0.62
C TYR B 27 3.55 -2.57 0.21
N PHE B 28 2.82 -3.51 -0.41
CA PHE B 28 2.29 -4.65 0.31
C PHE B 28 3.40 -5.49 0.92
N GLY B 29 4.38 -5.84 0.10
CA GLY B 29 5.51 -6.60 0.59
C GLY B 29 6.24 -5.86 1.69
N LYS B 30 6.13 -4.53 1.68
CA LYS B 30 6.77 -3.72 2.67
C LYS B 30 6.19 -3.95 4.07
N LEU B 31 4.86 -4.07 4.18
CA LEU B 31 4.23 -4.28 5.50
C LEU B 31 4.73 -5.58 6.11
N ARG B 32 5.02 -6.55 5.26
CA ARG B 32 5.60 -7.80 5.71
C ARG B 32 6.99 -7.57 6.27
N ASN B 33 7.75 -6.69 5.65
CA ASN B 33 9.11 -6.39 6.09
C ASN B 33 9.09 -5.73 7.47
N ILE B 34 8.12 -4.84 7.69
CA ILE B 34 7.98 -4.19 9.01
C ILE B 34 7.51 -5.22 10.03
N GLU B 35 6.62 -6.11 9.61
CA GLU B 35 6.13 -7.20 10.46
C GLU B 35 7.27 -8.15 10.82
N LEU B 36 8.18 -8.37 9.88
CA LEU B 36 9.35 -9.21 10.10
C LEU B 36 10.21 -8.67 11.25
N ILE B 37 10.39 -7.34 11.28
CA ILE B 37 11.13 -6.70 12.37
C ILE B 37 10.39 -6.87 13.68
N CYS B 38 9.07 -6.90 13.60
CA CYS B 38 8.23 -7.14 14.75
C CYS B 38 8.48 -8.54 15.30
N GLN B 39 8.49 -9.52 14.40
CA GLN B 39 8.72 -10.91 14.79
C GLN B 39 10.13 -11.09 15.37
N GLU B 40 11.01 -10.14 15.09
CA GLU B 40 12.37 -10.20 15.62
C GLU B 40 12.40 -9.76 17.09
N ASN B 41 11.71 -8.66 17.38
CA ASN B 41 11.86 -7.99 18.67
C ASN B 41 10.68 -8.22 19.59
N GLU B 42 9.48 -8.43 19.03
CA GLU B 42 8.29 -8.62 19.83
C GLU B 42 8.39 -9.88 20.68
N GLY B 43 8.15 -9.73 21.97
CA GLY B 43 8.22 -10.85 22.88
C GLY B 43 9.62 -11.06 23.41
N GLU B 44 10.60 -10.39 22.81
CA GLU B 44 11.99 -10.57 23.18
C GLU B 44 12.53 -9.33 23.89
N ASN B 45 12.47 -8.19 23.22
CA ASN B 45 13.07 -6.97 23.78
C ASN B 45 12.17 -5.76 23.60
N ASP B 46 11.93 -5.38 22.34
CA ASP B 46 11.32 -4.09 22.04
C ASP B 46 9.81 -4.20 21.87
N PRO B 47 9.04 -3.35 22.55
CA PRO B 47 7.59 -3.28 22.41
C PRO B 47 7.14 -2.31 21.31
N VAL B 48 8.08 -1.53 20.78
CA VAL B 48 7.77 -0.54 19.75
C VAL B 48 7.16 -1.18 18.52
N LEU B 49 7.58 -2.40 18.19
CA LEU B 49 7.09 -3.06 17.00
C LEU B 49 5.62 -3.40 17.13
N GLN B 50 5.17 -3.68 18.36
CA GLN B 50 3.77 -4.00 18.63
C GLN B 50 2.86 -2.89 18.12
N ARG B 51 3.18 -1.64 18.46
CA ARG B 51 2.36 -0.50 18.03
C ARG B 51 2.43 -0.30 16.52
N ILE B 52 3.43 -0.89 15.88
CA ILE B 52 3.53 -0.84 14.43
C ILE B 52 2.79 -2.03 13.81
N VAL B 53 2.70 -3.12 14.57
CA VAL B 53 1.86 -4.26 14.19
C VAL B 53 0.40 -3.84 14.19
N ASP B 54 0.06 -3.04 15.20
CA ASP B 54 -1.28 -2.46 15.32
C ASP B 54 -1.64 -1.70 14.04
N ILE B 55 -0.64 -1.09 13.44
CA ILE B 55 -0.78 -0.42 12.14
C ILE B 55 -1.25 -1.40 11.07
N LEU B 56 -0.50 -2.48 10.89
CA LEU B 56 -0.75 -3.44 9.83
C LEU B 56 -2.10 -4.15 10.01
N TYR B 57 -2.68 -4.01 11.20
CA TYR B 57 -3.97 -4.64 11.47
C TYR B 57 -5.01 -3.58 11.78
N ALA B 58 -4.68 -2.32 11.55
CA ALA B 58 -5.63 -1.24 11.71
C ALA B 58 -6.47 -1.14 10.45
N THR B 59 -7.75 -1.39 10.59
CA THR B 59 -8.62 -1.48 9.44
C THR B 59 -9.71 -0.42 9.47
N ASP B 60 -9.51 0.62 8.67
CA ASP B 60 -10.49 1.70 8.55
C ASP B 60 -11.81 1.16 8.04
N GLU B 61 -12.83 1.23 8.91
CA GLU B 61 -14.16 0.70 8.62
C GLU B 61 -14.13 -0.82 8.47
N GLY B 62 -13.13 -1.44 9.07
CA GLY B 62 -13.03 -2.89 9.07
C GLY B 62 -13.29 -3.45 10.45
N PHE B 63 -12.44 -3.07 11.38
CA PHE B 63 -12.63 -3.45 12.77
C PHE B 63 -13.74 -2.59 13.38
N VAL B 64 -14.72 -3.24 13.97
CA VAL B 64 -15.82 -2.55 14.60
C VAL B 64 -15.37 -1.92 15.92
N ILE B 65 -15.12 -0.63 15.89
CA ILE B 65 -14.70 0.10 17.07
C ILE B 65 -15.92 0.53 17.87
N PRO B 66 -16.13 -0.05 19.06
CA PRO B 66 -17.27 0.30 19.92
C PRO B 66 -17.13 1.73 20.44
N ASP B 67 -18.18 2.52 20.28
CA ASP B 67 -18.15 3.90 20.75
C ASP B 67 -18.01 3.96 22.26
N GLU B 68 -17.00 4.67 22.72
CA GLU B 68 -16.73 4.77 24.14
C GLU B 68 -16.92 6.20 24.62
N GLY B 69 -17.48 6.35 25.80
CA GLY B 69 -17.64 7.67 26.39
C GLY B 69 -16.88 7.78 27.68
N GLY B 70 -16.78 6.66 28.40
CA GLY B 70 -16.04 6.63 29.63
C GLY B 70 -15.93 5.21 30.14
N ASP A 1 -23.93 -2.07 -30.36
CA ASP A 1 -23.74 -3.34 -29.63
C ASP A 1 -22.29 -3.50 -29.19
N GLU A 2 -21.36 -3.14 -30.07
CA GLU A 2 -19.93 -3.29 -29.81
C GLU A 2 -19.52 -2.56 -28.54
N ALA A 3 -19.96 -1.31 -28.40
CA ALA A 3 -19.59 -0.50 -27.26
C ALA A 3 -20.26 -0.99 -25.98
N ALA A 4 -21.43 -1.61 -26.13
CA ALA A 4 -22.16 -2.09 -24.97
C ALA A 4 -21.33 -3.08 -24.17
N GLU A 5 -20.58 -3.92 -24.88
CA GLU A 5 -19.68 -4.87 -24.23
C GLU A 5 -18.57 -4.14 -23.48
N LEU A 6 -18.12 -3.03 -24.06
CA LEU A 6 -17.08 -2.22 -23.43
C LEU A 6 -17.63 -1.42 -22.26
N MET A 7 -18.94 -1.15 -22.27
CA MET A 7 -19.58 -0.47 -21.16
C MET A 7 -19.46 -1.32 -19.90
N GLN A 8 -19.54 -2.63 -20.08
CA GLN A 8 -19.33 -3.56 -18.99
C GLN A 8 -17.84 -3.75 -18.75
N GLN A 9 -17.05 -3.60 -19.80
CA GLN A 9 -15.61 -3.75 -19.71
C GLN A 9 -15.02 -2.66 -18.81
N VAL A 10 -15.47 -1.42 -18.98
CA VAL A 10 -15.04 -0.34 -18.09
C VAL A 10 -15.58 -0.57 -16.70
N LYS A 11 -16.69 -1.28 -16.60
CA LYS A 11 -17.31 -1.57 -15.32
C LYS A 11 -16.39 -2.42 -14.48
N VAL A 12 -16.09 -3.62 -14.97
CA VAL A 12 -15.23 -4.55 -14.27
C VAL A 12 -13.83 -3.97 -14.07
N LEU A 13 -13.43 -3.10 -14.99
CA LEU A 13 -12.12 -2.49 -14.95
C LEU A 13 -12.06 -1.38 -13.89
N LYS A 14 -13.11 -0.57 -13.83
CA LYS A 14 -13.17 0.54 -12.88
C LYS A 14 -13.38 0.01 -11.47
N LEU A 15 -14.01 -1.15 -11.36
CA LEU A 15 -14.25 -1.78 -10.06
C LEU A 15 -12.94 -2.26 -9.46
N THR A 16 -11.96 -2.52 -10.32
CA THR A 16 -10.62 -2.81 -9.85
C THR A 16 -9.92 -1.50 -9.47
N VAL A 17 -10.18 -0.46 -10.25
CA VAL A 17 -9.68 0.88 -9.96
C VAL A 17 -10.16 1.35 -8.58
N GLU A 18 -11.47 1.38 -8.39
CA GLU A 18 -12.07 1.83 -7.14
C GLU A 18 -11.52 1.05 -5.95
N ASP A 19 -11.33 -0.25 -6.15
CA ASP A 19 -10.81 -1.12 -5.10
C ASP A 19 -9.36 -0.77 -4.79
N LEU A 20 -8.55 -0.69 -5.84
CA LEU A 20 -7.12 -0.42 -5.71
C LEU A 20 -6.86 1.01 -5.20
N GLU A 21 -7.73 1.95 -5.58
CA GLU A 21 -7.59 3.34 -5.12
C GLU A 21 -7.63 3.41 -3.60
N LYS A 22 -8.65 2.80 -3.02
CA LYS A 22 -8.80 2.82 -1.57
C LYS A 22 -7.68 2.03 -0.91
N GLU A 23 -7.21 0.99 -1.58
CA GLU A 23 -6.11 0.18 -1.09
C GLU A 23 -4.85 1.02 -0.91
N ARG A 24 -4.42 1.67 -1.98
CA ARG A 24 -3.16 2.43 -1.96
C ARG A 24 -3.19 3.50 -0.87
N ASP A 25 -4.25 4.30 -0.83
CA ASP A 25 -4.36 5.39 0.15
C ASP A 25 -4.53 4.87 1.57
N PHE A 26 -5.22 3.74 1.70
CA PHE A 26 -5.44 3.14 3.02
C PHE A 26 -4.11 2.84 3.67
N TYR A 27 -3.29 2.05 2.99
CA TYR A 27 -1.99 1.68 3.51
C TYR A 27 -1.05 2.87 3.51
N PHE A 28 -1.21 3.77 2.55
CA PHE A 28 -0.32 4.92 2.40
C PHE A 28 -0.30 5.76 3.68
N GLY A 29 -1.48 6.02 4.23
CA GLY A 29 -1.57 6.73 5.47
C GLY A 29 -0.98 5.94 6.62
N LYS A 30 -0.93 4.62 6.46
CA LYS A 30 -0.38 3.76 7.49
C LYS A 30 1.14 3.86 7.55
N LEU A 31 1.82 3.90 6.39
CA LEU A 31 3.29 4.01 6.39
C LEU A 31 3.72 5.27 7.12
N ARG A 32 2.91 6.30 6.99
CA ARG A 32 3.17 7.56 7.68
C ARG A 32 3.11 7.37 9.19
N ASN A 33 2.20 6.52 9.66
CA ASN A 33 2.07 6.28 11.09
C ASN A 33 3.27 5.49 11.60
N ILE A 34 3.78 4.55 10.80
CA ILE A 34 4.99 3.82 11.16
C ILE A 34 6.18 4.79 11.18
N GLU A 35 6.14 5.77 10.27
CA GLU A 35 7.13 6.83 10.22
C GLU A 35 7.01 7.74 11.45
N LEU A 36 5.78 7.96 11.89
CA LEU A 36 5.51 8.76 13.08
C LEU A 36 6.14 8.12 14.32
N ILE A 37 6.18 6.79 14.34
CA ILE A 37 6.86 6.07 15.42
C ILE A 37 8.37 6.26 15.30
N CYS A 38 8.82 6.42 14.06
CA CYS A 38 10.22 6.68 13.79
C CYS A 38 10.61 8.05 14.31
N GLN A 39 9.81 9.05 13.98
CA GLN A 39 10.08 10.43 14.38
C GLN A 39 10.29 10.56 15.88
N GLU A 40 9.47 9.88 16.67
CA GLU A 40 9.51 10.02 18.12
C GLU A 40 10.65 9.23 18.75
N ASN A 41 11.11 8.16 18.10
CA ASN A 41 12.13 7.30 18.69
C ASN A 41 13.51 7.50 18.05
N GLU A 42 13.54 7.86 16.78
CA GLU A 42 14.80 8.01 16.06
C GLU A 42 15.66 9.10 16.69
N GLY A 43 16.87 8.70 17.09
CA GLY A 43 17.81 9.62 17.68
C GLY A 43 17.57 9.81 19.16
N GLU A 44 16.54 9.17 19.69
CA GLU A 44 16.19 9.33 21.08
C GLU A 44 16.21 7.99 21.82
N ASN A 45 15.49 7.00 21.30
CA ASN A 45 15.29 5.76 22.05
C ASN A 45 15.69 4.53 21.25
N ASP A 46 14.94 4.26 20.19
CA ASP A 46 15.04 2.98 19.50
C ASP A 46 15.57 3.14 18.09
N PRO A 47 16.67 2.43 17.76
CA PRO A 47 17.25 2.43 16.40
C PRO A 47 16.45 1.56 15.43
N VAL A 48 15.56 0.73 15.98
CA VAL A 48 14.74 -0.16 15.18
C VAL A 48 13.93 0.61 14.15
N LEU A 49 13.55 1.83 14.48
CA LEU A 49 12.71 2.62 13.59
C LEU A 49 13.47 3.00 12.32
N GLN A 50 14.77 3.21 12.44
CA GLN A 50 15.60 3.57 11.31
C GLN A 50 15.51 2.54 10.19
N ARG A 51 15.60 1.26 10.54
CA ARG A 51 15.54 0.19 9.54
C ARG A 51 14.13 0.05 8.96
N ILE A 52 13.13 0.58 9.65
CA ILE A 52 11.76 0.56 9.12
C ILE A 52 11.55 1.76 8.20
N VAL A 53 12.32 2.82 8.44
CA VAL A 53 12.32 3.97 7.54
C VAL A 53 12.88 3.57 6.18
N ASP A 54 13.89 2.71 6.21
CA ASP A 54 14.44 2.12 4.98
C ASP A 54 13.34 1.45 4.18
N ILE A 55 12.38 0.86 4.86
CA ILE A 55 11.23 0.24 4.23
C ILE A 55 10.41 1.27 3.44
N LEU A 56 10.05 2.36 4.10
CA LEU A 56 9.19 3.37 3.51
C LEU A 56 9.89 4.13 2.38
N TYR A 57 11.18 3.91 2.23
CA TYR A 57 11.94 4.59 1.18
C TYR A 57 12.72 3.57 0.36
N ALA A 58 12.32 2.31 0.44
CA ALA A 58 12.97 1.26 -0.30
C ALA A 58 12.45 1.21 -1.72
N THR A 59 13.31 1.48 -2.67
CA THR A 59 12.96 1.41 -4.09
C THR A 59 14.10 0.81 -4.87
N ASP A 60 13.89 -0.37 -5.41
CA ASP A 60 14.93 -1.01 -6.22
C ASP A 60 14.93 -0.42 -7.62
N GLU A 61 15.66 0.67 -7.76
CA GLU A 61 15.72 1.39 -9.02
C GLU A 61 17.10 2.01 -9.20
N GLY A 62 17.57 2.61 -8.13
CA GLY A 62 18.90 3.20 -8.13
C GLY A 62 19.98 2.16 -7.91
N PHE A 63 19.56 0.95 -7.58
CA PHE A 63 20.47 -0.17 -7.38
C PHE A 63 21.02 -0.63 -8.73
N VAL A 64 22.31 -0.36 -8.95
CA VAL A 64 22.95 -0.70 -10.21
C VAL A 64 24.18 -1.57 -9.95
N ILE A 65 24.23 -2.73 -10.58
CA ILE A 65 25.37 -3.63 -10.45
C ILE A 65 26.40 -3.36 -11.55
N PRO A 66 27.64 -3.03 -11.17
CA PRO A 66 28.73 -2.81 -12.13
C PRO A 66 29.13 -4.10 -12.84
N ASP A 67 29.75 -3.97 -14.01
CA ASP A 67 30.17 -5.10 -14.82
C ASP A 67 28.99 -5.99 -15.18
N GLU A 68 27.95 -5.36 -15.73
CA GLU A 68 26.75 -6.08 -16.13
C GLU A 68 27.04 -6.96 -17.34
N GLY A 69 27.25 -8.24 -17.09
CA GLY A 69 27.61 -9.15 -18.16
C GLY A 69 29.10 -9.26 -18.34
N GLY A 70 29.85 -8.72 -17.38
CA GLY A 70 31.28 -8.77 -17.44
C GLY A 70 31.87 -7.52 -18.06
N ASP B 1 -17.78 3.42 -34.26
CA ASP B 1 -17.16 4.66 -33.75
C ASP B 1 -17.36 4.79 -32.24
N GLU B 2 -18.56 4.43 -31.77
CA GLU B 2 -18.90 4.56 -30.36
C GLU B 2 -17.93 3.78 -29.49
N ALA B 3 -17.65 2.55 -29.86
CA ALA B 3 -16.79 1.68 -29.07
C ALA B 3 -15.34 2.14 -29.15
N ALA B 4 -14.96 2.78 -30.24
CA ALA B 4 -13.60 3.25 -30.44
C ALA B 4 -13.18 4.19 -29.32
N GLU B 5 -14.12 5.03 -28.90
CA GLU B 5 -13.88 5.95 -27.80
C GLU B 5 -13.67 5.18 -26.50
N LEU B 6 -14.42 4.08 -26.34
CA LEU B 6 -14.28 3.24 -25.17
C LEU B 6 -13.01 2.41 -25.21
N MET B 7 -12.49 2.16 -26.41
CA MET B 7 -11.22 1.44 -26.56
C MET B 7 -10.10 2.25 -25.92
N GLN B 8 -10.21 3.57 -26.02
CA GLN B 8 -9.28 4.47 -25.35
C GLN B 8 -9.68 4.63 -23.88
N GLN B 9 -10.96 4.49 -23.61
CA GLN B 9 -11.46 4.62 -22.25
C GLN B 9 -10.91 3.49 -21.38
N VAL B 10 -10.91 2.26 -21.90
CA VAL B 10 -10.31 1.15 -21.16
C VAL B 10 -8.81 1.34 -21.07
N LYS B 11 -8.24 2.07 -22.03
CA LYS B 11 -6.81 2.33 -22.06
C LYS B 11 -6.41 3.13 -20.85
N VAL B 12 -6.96 4.33 -20.75
CA VAL B 12 -6.65 5.25 -19.65
C VAL B 12 -7.05 4.63 -18.31
N LEU B 13 -8.07 3.78 -18.35
CA LEU B 13 -8.60 3.14 -17.15
C LEU B 13 -7.67 2.01 -16.70
N LYS B 14 -7.22 1.20 -17.65
CA LYS B 14 -6.34 0.07 -17.34
C LYS B 14 -4.96 0.57 -16.94
N LEU B 15 -4.57 1.73 -17.44
CA LEU B 15 -3.29 2.31 -17.10
C LEU B 15 -3.26 2.75 -15.65
N THR B 16 -4.45 3.03 -15.10
CA THR B 16 -4.56 3.28 -13.67
C THR B 16 -4.53 1.94 -12.93
N VAL B 17 -5.16 0.93 -13.51
CA VAL B 17 -5.12 -0.42 -12.98
C VAL B 17 -3.69 -0.92 -12.86
N GLU B 18 -2.98 -0.93 -13.98
CA GLU B 18 -1.60 -1.42 -14.02
C GLU B 18 -0.72 -0.68 -13.00
N ASP B 19 -0.95 0.62 -12.88
CA ASP B 19 -0.19 1.44 -11.95
C ASP B 19 -0.52 1.06 -10.51
N LEU B 20 -1.81 1.01 -10.21
CA LEU B 20 -2.27 0.69 -8.86
C LEU B 20 -1.96 -0.75 -8.45
N GLU B 21 -1.97 -1.67 -9.42
CA GLU B 21 -1.64 -3.06 -9.15
C GLU B 21 -0.25 -3.19 -8.56
N LYS B 22 0.73 -2.58 -9.23
CA LYS B 22 2.11 -2.65 -8.78
C LYS B 22 2.27 -1.89 -7.47
N GLU B 23 1.48 -0.84 -7.28
CA GLU B 23 1.50 -0.06 -6.05
C GLU B 23 1.12 -0.92 -4.85
N ARG B 24 -0.05 -1.55 -4.91
CA ARG B 24 -0.56 -2.33 -3.79
C ARG B 24 0.42 -3.44 -3.39
N ASP B 25 0.87 -4.21 -4.37
CA ASP B 25 1.78 -5.33 -4.10
C ASP B 25 3.16 -4.85 -3.66
N PHE B 26 3.60 -3.73 -4.19
CA PHE B 26 4.90 -3.17 -3.84
C PHE B 26 4.95 -2.91 -2.34
N TYR B 27 4.02 -2.11 -1.86
CA TYR B 27 3.96 -1.78 -0.45
C TYR B 27 3.54 -2.98 0.38
N PHE B 28 2.71 -3.85 -0.20
CA PHE B 28 2.19 -5.01 0.53
C PHE B 28 3.32 -5.88 1.04
N GLY B 29 4.30 -6.14 0.18
CA GLY B 29 5.46 -6.90 0.60
C GLY B 29 6.28 -6.15 1.64
N LYS B 30 6.14 -4.83 1.65
CA LYS B 30 6.88 -4.01 2.60
C LYS B 30 6.30 -4.13 4.01
N LEU B 31 4.97 -4.15 4.15
CA LEU B 31 4.35 -4.28 5.48
C LEU B 31 4.81 -5.57 6.13
N ARG B 32 5.01 -6.60 5.31
CA ARG B 32 5.50 -7.87 5.80
C ARG B 32 6.90 -7.72 6.37
N ASN B 33 7.72 -6.88 5.75
CA ASN B 33 9.08 -6.69 6.24
C ASN B 33 9.08 -5.94 7.57
N ILE B 34 8.16 -4.98 7.72
CA ILE B 34 8.01 -4.28 8.99
C ILE B 34 7.51 -5.27 10.05
N GLU B 35 6.69 -6.22 9.61
CA GLU B 35 6.19 -7.30 10.47
C GLU B 35 7.35 -8.23 10.84
N LEU B 36 8.25 -8.45 9.89
CA LEU B 36 9.43 -9.29 10.12
C LEU B 36 10.32 -8.70 11.22
N ILE B 37 10.35 -7.37 11.31
CA ILE B 37 11.07 -6.70 12.38
C ILE B 37 10.33 -6.91 13.71
N CYS B 38 9.02 -7.03 13.61
CA CYS B 38 8.18 -7.31 14.76
C CYS B 38 8.47 -8.70 15.29
N GLN B 39 8.47 -9.68 14.40
CA GLN B 39 8.69 -11.07 14.77
C GLN B 39 9.97 -11.26 15.59
N GLU B 40 11.04 -10.58 15.16
CA GLU B 40 12.35 -10.77 15.80
C GLU B 40 12.47 -10.02 17.12
N ASN B 41 11.71 -8.94 17.30
CA ASN B 41 11.85 -8.12 18.51
C ASN B 41 10.70 -8.32 19.49
N GLU B 42 9.52 -8.63 18.98
CA GLU B 42 8.34 -8.79 19.84
C GLU B 42 8.53 -9.90 20.85
N GLY B 43 8.41 -9.54 22.12
CA GLY B 43 8.53 -10.50 23.19
C GLY B 43 9.97 -10.74 23.58
N GLU B 44 10.89 -10.08 22.88
CA GLU B 44 12.30 -10.28 23.13
C GLU B 44 13.00 -8.97 23.49
N ASN B 45 12.85 -7.96 22.64
CA ASN B 45 13.64 -6.74 22.80
C ASN B 45 12.77 -5.49 22.87
N ASP B 46 12.13 -5.17 21.76
CA ASP B 46 11.49 -3.87 21.62
C ASP B 46 9.97 -3.99 21.51
N PRO B 47 9.23 -3.29 22.38
CA PRO B 47 7.77 -3.26 22.35
C PRO B 47 7.24 -2.34 21.26
N VAL B 48 8.12 -1.52 20.70
CA VAL B 48 7.74 -0.59 19.64
C VAL B 48 7.12 -1.31 18.46
N LEU B 49 7.55 -2.53 18.21
CA LEU B 49 7.07 -3.29 17.06
C LEU B 49 5.59 -3.64 17.22
N GLN B 50 5.17 -3.87 18.45
CA GLN B 50 3.77 -4.21 18.73
C GLN B 50 2.81 -3.14 18.21
N ARG B 51 3.14 -1.86 18.48
CA ARG B 51 2.26 -0.77 18.04
C ARG B 51 2.32 -0.58 16.53
N ILE B 52 3.35 -1.13 15.88
CA ILE B 52 3.44 -1.05 14.42
C ILE B 52 2.65 -2.23 13.82
N VAL B 53 2.52 -3.30 14.58
CA VAL B 53 1.68 -4.44 14.18
C VAL B 53 0.23 -3.99 14.14
N ASP B 54 -0.14 -3.15 15.09
CA ASP B 54 -1.47 -2.54 15.12
C ASP B 54 -1.74 -1.83 13.80
N ILE B 55 -0.70 -1.23 13.23
CA ILE B 55 -0.80 -0.58 11.92
C ILE B 55 -1.20 -1.56 10.83
N LEU B 56 -0.49 -2.67 10.75
CA LEU B 56 -0.69 -3.66 9.69
C LEU B 56 -2.02 -4.38 9.83
N TYR B 57 -2.69 -4.18 10.96
CA TYR B 57 -3.96 -4.83 11.20
C TYR B 57 -5.02 -3.81 11.61
N ALA B 58 -4.75 -2.55 11.30
CA ALA B 58 -5.68 -1.49 11.63
C ALA B 58 -6.74 -1.36 10.57
N THR B 59 -7.98 -1.64 10.95
CA THR B 59 -9.11 -1.52 10.06
C THR B 59 -10.29 -0.90 10.80
N ASP B 60 -10.68 0.30 10.41
CA ASP B 60 -11.81 0.96 11.04
C ASP B 60 -13.10 0.41 10.46
N GLU B 61 -13.55 -0.69 11.02
CA GLU B 61 -14.74 -1.37 10.54
C GLU B 61 -15.48 -2.01 11.70
N GLY B 62 -14.72 -2.66 12.57
CA GLY B 62 -15.28 -3.26 13.76
C GLY B 62 -15.50 -2.24 14.86
N PHE B 63 -14.99 -1.04 14.64
CA PHE B 63 -15.16 0.05 15.59
C PHE B 63 -16.62 0.55 15.55
N VAL B 64 -17.36 0.26 16.61
CA VAL B 64 -18.75 0.64 16.71
C VAL B 64 -19.01 1.47 17.96
N ILE B 65 -19.58 2.65 17.78
CA ILE B 65 -19.90 3.53 18.89
C ILE B 65 -21.34 3.28 19.36
N PRO B 66 -21.52 2.92 20.64
CA PRO B 66 -22.84 2.72 21.23
C PRO B 66 -23.62 4.03 21.34
N ASP B 67 -24.94 3.91 21.42
CA ASP B 67 -25.83 5.07 21.51
C ASP B 67 -25.65 5.98 20.31
N GLU B 68 -25.74 5.40 19.12
CA GLU B 68 -25.59 6.14 17.88
C GLU B 68 -26.79 7.06 17.67
N GLY B 69 -26.62 8.33 18.01
CA GLY B 69 -27.72 9.26 17.91
C GLY B 69 -28.51 9.36 19.21
N GLY B 70 -27.95 8.78 20.26
CA GLY B 70 -28.59 8.80 21.56
C GLY B 70 -29.42 7.55 21.79
N ASP A 1 -23.78 -2.85 -29.82
CA ASP A 1 -23.18 -4.21 -29.77
C ASP A 1 -21.74 -4.15 -29.28
N GLU A 2 -20.86 -3.64 -30.14
CA GLU A 2 -19.43 -3.59 -29.84
C GLU A 2 -19.15 -2.83 -28.55
N ALA A 3 -19.71 -1.62 -28.46
CA ALA A 3 -19.44 -0.76 -27.32
C ALA A 3 -20.06 -1.32 -26.04
N ALA A 4 -21.16 -2.05 -26.18
CA ALA A 4 -21.87 -2.60 -25.04
C ALA A 4 -20.95 -3.45 -24.17
N GLU A 5 -20.11 -4.25 -24.81
CA GLU A 5 -19.15 -5.08 -24.11
C GLU A 5 -18.13 -4.22 -23.39
N LEU A 6 -17.77 -3.10 -24.00
CA LEU A 6 -16.82 -2.17 -23.40
C LEU A 6 -17.46 -1.38 -22.26
N MET A 7 -18.77 -1.15 -22.36
CA MET A 7 -19.51 -0.47 -21.29
C MET A 7 -19.38 -1.26 -20.00
N GLN A 8 -19.51 -2.57 -20.12
CA GLN A 8 -19.33 -3.46 -18.99
C GLN A 8 -17.86 -3.50 -18.57
N GLN A 9 -16.98 -3.47 -19.56
CA GLN A 9 -15.55 -3.57 -19.34
C GLN A 9 -15.04 -2.41 -18.47
N VAL A 10 -15.47 -1.19 -18.77
CA VAL A 10 -15.02 -0.04 -17.97
C VAL A 10 -15.51 -0.13 -16.54
N LYS A 11 -16.70 -0.71 -16.35
CA LYS A 11 -17.27 -0.83 -15.02
C LYS A 11 -16.48 -1.81 -14.17
N VAL A 12 -16.25 -3.00 -14.68
CA VAL A 12 -15.49 -4.00 -13.94
C VAL A 12 -14.04 -3.55 -13.75
N LEU A 13 -13.58 -2.71 -14.66
CA LEU A 13 -12.21 -2.22 -14.64
C LEU A 13 -12.06 -1.08 -13.63
N LYS A 14 -13.04 -0.17 -13.61
CA LYS A 14 -13.03 0.96 -12.70
C LYS A 14 -13.26 0.51 -11.27
N LEU A 15 -13.96 -0.61 -11.12
CA LEU A 15 -14.24 -1.14 -9.80
C LEU A 15 -13.00 -1.78 -9.20
N THR A 16 -12.07 -2.16 -10.06
CA THR A 16 -10.75 -2.55 -9.62
C THR A 16 -9.97 -1.31 -9.21
N VAL A 17 -10.16 -0.23 -9.97
CA VAL A 17 -9.54 1.05 -9.68
C VAL A 17 -9.96 1.59 -8.31
N GLU A 18 -11.27 1.66 -8.07
CA GLU A 18 -11.77 2.24 -6.81
C GLU A 18 -11.24 1.44 -5.61
N ASP A 19 -11.13 0.13 -5.77
CA ASP A 19 -10.62 -0.72 -4.71
C ASP A 19 -9.14 -0.47 -4.51
N LEU A 20 -8.39 -0.53 -5.61
CA LEU A 20 -6.96 -0.30 -5.57
C LEU A 20 -6.60 1.09 -5.08
N GLU A 21 -7.42 2.07 -5.43
CA GLU A 21 -7.24 3.44 -4.97
C GLU A 21 -7.37 3.52 -3.46
N LYS A 22 -8.42 2.90 -2.92
CA LYS A 22 -8.62 2.92 -1.48
C LYS A 22 -7.58 2.06 -0.79
N GLU A 23 -7.14 0.99 -1.47
CA GLU A 23 -6.06 0.14 -0.96
C GLU A 23 -4.77 0.94 -0.81
N ARG A 24 -4.36 1.57 -1.91
CA ARG A 24 -3.13 2.37 -1.91
C ARG A 24 -3.17 3.42 -0.81
N ASP A 25 -4.29 4.13 -0.70
CA ASP A 25 -4.45 5.18 0.30
C ASP A 25 -4.52 4.59 1.72
N PHE A 26 -5.27 3.50 1.86
CA PHE A 26 -5.46 2.84 3.15
C PHE A 26 -4.12 2.51 3.79
N TYR A 27 -3.25 1.89 3.01
CA TYR A 27 -1.94 1.53 3.52
C TYR A 27 -0.98 2.70 3.46
N PHE A 28 -1.23 3.66 2.58
CA PHE A 28 -0.36 4.82 2.44
C PHE A 28 -0.30 5.61 3.74
N GLY A 29 -1.46 5.85 4.32
CA GLY A 29 -1.51 6.51 5.61
C GLY A 29 -0.85 5.67 6.68
N LYS A 30 -0.85 4.36 6.48
CA LYS A 30 -0.21 3.45 7.41
C LYS A 30 1.30 3.67 7.48
N LEU A 31 1.96 3.81 6.32
CA LEU A 31 3.42 4.02 6.32
C LEU A 31 3.77 5.30 7.04
N ARG A 32 2.87 6.28 6.97
CA ARG A 32 3.06 7.52 7.69
C ARG A 32 2.97 7.28 9.19
N ASN A 33 2.08 6.39 9.60
CA ASN A 33 1.91 6.06 11.02
C ASN A 33 3.20 5.43 11.55
N ILE A 34 3.79 4.51 10.78
CA ILE A 34 5.06 3.89 11.17
C ILE A 34 6.19 4.93 11.14
N GLU A 35 6.12 5.85 10.18
CA GLU A 35 7.04 6.99 10.09
C GLU A 35 6.95 7.85 11.36
N LEU A 36 5.72 8.07 11.83
CA LEU A 36 5.49 8.86 13.03
C LEU A 36 6.12 8.22 14.26
N ILE A 37 6.17 6.88 14.29
CA ILE A 37 6.83 6.17 15.38
C ILE A 37 8.35 6.35 15.27
N CYS A 38 8.80 6.55 14.04
CA CYS A 38 10.21 6.82 13.79
C CYS A 38 10.56 8.22 14.29
N GLN A 39 9.74 9.19 13.91
CA GLN A 39 9.98 10.59 14.27
C GLN A 39 10.08 10.81 15.78
N GLU A 40 9.44 9.95 16.55
CA GLU A 40 9.44 10.10 18.00
C GLU A 40 10.61 9.33 18.65
N ASN A 41 11.17 8.35 17.96
CA ASN A 41 12.20 7.51 18.56
C ASN A 41 13.58 7.71 17.93
N GLU A 42 13.61 8.19 16.68
CA GLU A 42 14.85 8.34 15.94
C GLU A 42 15.86 9.23 16.66
N GLY A 43 17.00 8.62 17.00
CA GLY A 43 18.08 9.35 17.64
C GLY A 43 17.80 9.64 19.10
N GLU A 44 16.78 9.00 19.65
CA GLU A 44 16.42 9.22 21.04
C GLU A 44 16.48 7.94 21.86
N ASN A 45 15.76 6.91 21.41
CA ASN A 45 15.67 5.68 22.18
C ASN A 45 15.83 4.44 21.30
N ASP A 46 15.02 4.34 20.25
CA ASP A 46 14.93 3.12 19.48
C ASP A 46 15.53 3.27 18.09
N PRO A 47 16.56 2.47 17.77
CA PRO A 47 17.18 2.45 16.44
C PRO A 47 16.41 1.59 15.45
N VAL A 48 15.51 0.76 15.97
CA VAL A 48 14.71 -0.13 15.14
C VAL A 48 13.91 0.65 14.10
N LEU A 49 13.49 1.85 14.45
CA LEU A 49 12.66 2.65 13.57
C LEU A 49 13.41 3.00 12.28
N GLN A 50 14.72 3.25 12.40
CA GLN A 50 15.54 3.60 11.26
C GLN A 50 15.51 2.49 10.19
N ARG A 51 15.60 1.24 10.60
CA ARG A 51 15.59 0.14 9.63
C ARG A 51 14.19 -0.06 9.02
N ILE A 52 13.17 0.48 9.69
CA ILE A 52 11.82 0.42 9.13
C ILE A 52 11.61 1.62 8.22
N VAL A 53 12.39 2.68 8.44
CA VAL A 53 12.40 3.83 7.55
C VAL A 53 12.98 3.43 6.20
N ASP A 54 13.96 2.54 6.23
CA ASP A 54 14.53 1.98 5.00
C ASP A 54 13.43 1.35 4.18
N ILE A 55 12.48 0.74 4.86
CA ILE A 55 11.30 0.17 4.22
C ILE A 55 10.52 1.22 3.44
N LEU A 56 10.12 2.29 4.12
CA LEU A 56 9.23 3.30 3.56
C LEU A 56 9.87 4.05 2.40
N TYR A 57 11.17 3.87 2.21
CA TYR A 57 11.86 4.55 1.13
C TYR A 57 12.66 3.54 0.32
N ALA A 58 12.32 2.27 0.45
CA ALA A 58 12.92 1.24 -0.37
C ALA A 58 12.20 1.21 -1.71
N THR A 59 12.91 1.54 -2.76
CA THR A 59 12.29 1.68 -4.06
C THR A 59 13.00 0.88 -5.13
N ASP A 60 12.58 -0.36 -5.29
CA ASP A 60 13.09 -1.21 -6.35
C ASP A 60 12.14 -1.14 -7.54
N GLU A 61 12.70 -0.76 -8.69
CA GLU A 61 11.92 -0.60 -9.91
C GLU A 61 10.87 0.51 -9.74
N GLY A 62 11.17 1.45 -8.83
CA GLY A 62 10.27 2.56 -8.62
C GLY A 62 10.36 3.54 -9.77
N PHE A 63 11.58 3.78 -10.22
CA PHE A 63 11.82 4.59 -11.40
C PHE A 63 12.34 3.69 -12.52
N VAL A 64 11.66 3.71 -13.65
CA VAL A 64 12.04 2.87 -14.77
C VAL A 64 13.30 3.41 -15.44
N ILE A 65 14.32 2.58 -15.54
CA ILE A 65 15.58 2.97 -16.15
C ILE A 65 15.61 2.54 -17.61
N PRO A 66 15.61 3.50 -18.54
CA PRO A 66 15.68 3.22 -19.97
C PRO A 66 16.99 2.51 -20.34
N ASP A 67 16.88 1.32 -20.90
CA ASP A 67 18.04 0.53 -21.27
C ASP A 67 18.13 0.38 -22.78
N GLU A 68 19.35 0.24 -23.28
CA GLU A 68 19.58 0.06 -24.69
C GLU A 68 20.08 -1.36 -24.96
N GLY A 69 19.32 -2.10 -25.76
CA GLY A 69 19.70 -3.45 -26.07
C GLY A 69 18.49 -4.35 -26.25
N GLY A 70 18.73 -5.64 -26.33
CA GLY A 70 17.65 -6.58 -26.52
C GLY A 70 17.52 -7.01 -27.96
N ASP B 1 -17.32 4.18 -33.89
CA ASP B 1 -17.48 5.53 -33.29
C ASP B 1 -17.64 5.44 -31.78
N GLU B 2 -18.79 4.95 -31.34
CA GLU B 2 -19.12 4.86 -29.92
C GLU B 2 -18.07 4.06 -29.16
N ALA B 3 -17.80 2.86 -29.66
CA ALA B 3 -16.89 1.95 -28.97
C ALA B 3 -15.45 2.47 -29.00
N ALA B 4 -15.11 3.22 -30.03
CA ALA B 4 -13.75 3.74 -30.19
C ALA B 4 -13.32 4.55 -28.98
N GLU B 5 -14.24 5.36 -28.46
CA GLU B 5 -13.96 6.16 -27.27
C GLU B 5 -13.75 5.25 -26.06
N LEU B 6 -14.49 4.15 -26.02
CA LEU B 6 -14.35 3.19 -24.93
C LEU B 6 -13.07 2.36 -25.07
N MET B 7 -12.63 2.16 -26.31
CA MET B 7 -11.37 1.46 -26.57
C MET B 7 -10.23 2.19 -25.89
N GLN B 8 -10.25 3.51 -26.02
CA GLN B 8 -9.28 4.36 -25.37
C GLN B 8 -9.50 4.36 -23.86
N GLN B 9 -10.76 4.36 -23.47
CA GLN B 9 -11.14 4.42 -22.06
C GLN B 9 -10.59 3.23 -21.28
N VAL B 10 -10.72 2.02 -21.83
CA VAL B 10 -10.21 0.84 -21.11
C VAL B 10 -8.70 0.90 -20.98
N LYS B 11 -8.02 1.48 -21.97
CA LYS B 11 -6.57 1.56 -21.94
C LYS B 11 -6.09 2.50 -20.84
N VAL B 12 -6.62 3.71 -20.81
CA VAL B 12 -6.23 4.68 -19.79
C VAL B 12 -6.66 4.20 -18.40
N LEU B 13 -7.71 3.38 -18.37
CA LEU B 13 -8.27 2.87 -17.13
C LEU B 13 -7.44 1.69 -16.61
N LYS B 14 -7.04 0.80 -17.52
CA LYS B 14 -6.25 -0.37 -17.16
C LYS B 14 -4.83 0.04 -16.77
N LEU B 15 -4.38 1.17 -17.32
CA LEU B 15 -3.05 1.66 -17.02
C LEU B 15 -3.00 2.25 -15.62
N THR B 16 -4.16 2.64 -15.12
CA THR B 16 -4.28 3.02 -13.73
C THR B 16 -4.26 1.75 -12.88
N VAL B 17 -4.91 0.70 -13.39
CA VAL B 17 -4.93 -0.61 -12.75
C VAL B 17 -3.53 -1.18 -12.58
N GLU B 18 -2.77 -1.25 -13.68
CA GLU B 18 -1.43 -1.85 -13.63
C GLU B 18 -0.54 -1.12 -12.63
N ASP B 19 -0.70 0.21 -12.57
CA ASP B 19 0.08 1.02 -11.64
C ASP B 19 -0.36 0.73 -10.21
N LEU B 20 -1.65 0.81 -9.98
CA LEU B 20 -2.23 0.57 -8.66
C LEU B 20 -1.94 -0.85 -8.18
N GLU B 21 -1.96 -1.80 -9.10
CA GLU B 21 -1.65 -3.19 -8.77
C GLU B 21 -0.22 -3.32 -8.27
N LYS B 22 0.72 -2.70 -9.00
CA LYS B 22 2.11 -2.77 -8.59
C LYS B 22 2.33 -1.94 -7.33
N GLU B 23 1.56 -0.86 -7.18
CA GLU B 23 1.60 -0.04 -5.97
C GLU B 23 1.19 -0.86 -4.76
N ARG B 24 0.00 -1.47 -4.84
CA ARG B 24 -0.53 -2.27 -3.74
C ARG B 24 0.46 -3.37 -3.36
N ASP B 25 1.00 -4.06 -4.36
CA ASP B 25 1.96 -5.13 -4.11
C ASP B 25 3.29 -4.60 -3.58
N PHE B 26 3.75 -3.51 -4.17
CA PHE B 26 5.03 -2.88 -3.80
C PHE B 26 5.07 -2.59 -2.31
N TYR B 27 4.02 -1.97 -1.81
CA TYR B 27 3.95 -1.64 -0.41
C TYR B 27 3.48 -2.83 0.41
N PHE B 28 2.75 -3.75 -0.21
CA PHE B 28 2.24 -4.92 0.50
C PHE B 28 3.37 -5.75 1.07
N GLY B 29 4.37 -6.00 0.25
CA GLY B 29 5.54 -6.70 0.71
C GLY B 29 6.28 -5.90 1.77
N LYS B 30 6.11 -4.59 1.73
CA LYS B 30 6.74 -3.73 2.71
C LYS B 30 6.18 -3.96 4.11
N LEU B 31 4.84 -4.07 4.24
CA LEU B 31 4.23 -4.29 5.56
C LEU B 31 4.72 -5.61 6.14
N ARG B 32 4.99 -6.57 5.27
CA ARG B 32 5.54 -7.84 5.70
C ARG B 32 6.95 -7.65 6.24
N ASN B 33 7.71 -6.77 5.61
CA ASN B 33 9.08 -6.48 6.06
C ASN B 33 9.06 -5.89 7.47
N ILE B 34 8.14 -4.95 7.72
CA ILE B 34 7.99 -4.36 9.05
C ILE B 34 7.47 -5.42 10.04
N GLU B 35 6.59 -6.30 9.54
CA GLU B 35 6.11 -7.45 10.33
C GLU B 35 7.28 -8.35 10.75
N LEU B 36 8.20 -8.56 9.82
CA LEU B 36 9.36 -9.39 10.07
C LEU B 36 10.25 -8.80 11.18
N ILE B 37 10.29 -7.48 11.26
CA ILE B 37 11.02 -6.80 12.34
C ILE B 37 10.29 -7.01 13.66
N CYS B 38 8.98 -7.17 13.57
CA CYS B 38 8.18 -7.45 14.74
C CYS B 38 8.44 -8.87 15.23
N GLN B 39 8.41 -9.81 14.30
CA GLN B 39 8.60 -11.23 14.64
C GLN B 39 9.94 -11.50 15.33
N GLU B 40 10.92 -10.66 15.09
CA GLU B 40 12.23 -10.86 15.69
C GLU B 40 12.38 -10.13 17.03
N ASN B 41 11.53 -9.13 17.29
CA ASN B 41 11.68 -8.32 18.51
C ASN B 41 10.52 -8.52 19.49
N GLU B 42 9.38 -8.96 18.99
CA GLU B 42 8.17 -9.11 19.82
C GLU B 42 8.40 -10.02 21.02
N GLY B 43 8.26 -9.45 22.20
CA GLY B 43 8.38 -10.22 23.43
C GLY B 43 9.81 -10.55 23.77
N GLU B 44 10.75 -9.91 23.09
CA GLU B 44 12.16 -10.18 23.31
C GLU B 44 12.91 -8.93 23.74
N ASN B 45 12.81 -7.87 22.94
CA ASN B 45 13.60 -6.67 23.21
C ASN B 45 12.77 -5.40 23.01
N ASP B 46 12.15 -5.27 21.85
CA ASP B 46 11.50 -4.01 21.48
C ASP B 46 9.99 -4.13 21.44
N PRO B 47 9.29 -3.33 22.28
CA PRO B 47 7.83 -3.27 22.30
C PRO B 47 7.27 -2.36 21.22
N VAL B 48 8.14 -1.54 20.63
CA VAL B 48 7.73 -0.61 19.59
C VAL B 48 7.10 -1.34 18.41
N LEU B 49 7.55 -2.55 18.14
CA LEU B 49 7.06 -3.30 16.99
C LEU B 49 5.58 -3.63 17.15
N GLN B 50 5.14 -3.90 18.37
CA GLN B 50 3.76 -4.21 18.65
C GLN B 50 2.83 -3.08 18.21
N ARG B 51 3.19 -1.83 18.49
CA ARG B 51 2.34 -0.70 18.11
C ARG B 51 2.38 -0.47 16.60
N ILE B 52 3.38 -1.00 15.93
CA ILE B 52 3.44 -0.92 14.46
C ILE B 52 2.65 -2.09 13.87
N VAL B 53 2.51 -3.16 14.64
CA VAL B 53 1.66 -4.28 14.26
C VAL B 53 0.20 -3.84 14.23
N ASP B 54 -0.16 -2.96 15.17
CA ASP B 54 -1.48 -2.36 15.20
C ASP B 54 -1.78 -1.69 13.87
N ILE B 55 -0.74 -1.09 13.30
CA ILE B 55 -0.82 -0.48 11.97
C ILE B 55 -1.24 -1.49 10.91
N LEU B 56 -0.48 -2.58 10.82
CA LEU B 56 -0.66 -3.55 9.74
C LEU B 56 -2.00 -4.27 9.83
N TYR B 57 -2.69 -4.11 10.94
CA TYR B 57 -3.99 -4.76 11.11
C TYR B 57 -5.03 -3.74 11.54
N ALA B 58 -4.73 -2.47 11.31
CA ALA B 58 -5.70 -1.42 11.54
C ALA B 58 -6.62 -1.32 10.34
N THR B 59 -7.88 -1.64 10.54
CA THR B 59 -8.80 -1.73 9.43
C THR B 59 -10.06 -0.89 9.67
N ASP B 60 -9.99 0.36 9.25
CA ASP B 60 -11.15 1.24 9.31
C ASP B 60 -11.86 1.21 7.95
N GLU B 61 -13.14 0.87 7.97
CA GLU B 61 -13.94 0.76 6.76
C GLU B 61 -13.37 -0.34 5.85
N GLY B 62 -12.70 -1.31 6.47
CA GLY B 62 -12.16 -2.42 5.72
C GLY B 62 -13.27 -3.36 5.28
N PHE B 63 -14.19 -3.59 6.21
CA PHE B 63 -15.39 -4.37 5.92
C PHE B 63 -16.60 -3.44 5.96
N VAL B 64 -17.35 -3.41 4.87
CA VAL B 64 -18.51 -2.54 4.78
C VAL B 64 -19.65 -3.08 5.64
N ILE B 65 -20.12 -2.26 6.56
CA ILE B 65 -21.21 -2.64 7.44
C ILE B 65 -22.54 -2.16 6.88
N PRO B 66 -23.42 -3.09 6.47
CA PRO B 66 -24.75 -2.76 5.96
C PRO B 66 -25.61 -2.06 7.00
N ASP B 67 -26.04 -0.85 6.70
CA ASP B 67 -26.82 -0.06 7.65
C ASP B 67 -28.23 0.15 7.11
N GLU B 68 -29.18 0.28 8.02
CA GLU B 68 -30.57 0.52 7.65
C GLU B 68 -30.98 1.93 8.03
N GLY B 69 -31.38 2.71 7.04
CA GLY B 69 -31.78 4.07 7.28
C GLY B 69 -31.43 4.99 6.14
N GLY B 70 -31.56 6.28 6.35
CA GLY B 70 -31.26 7.23 5.31
C GLY B 70 -32.52 7.72 4.62
N ASP A 1 -23.46 -3.18 -30.76
CA ASP A 1 -23.03 -4.43 -30.09
C ASP A 1 -21.59 -4.32 -29.60
N GLU A 2 -20.73 -3.73 -30.43
CA GLU A 2 -19.31 -3.63 -30.11
C GLU A 2 -19.09 -2.88 -28.80
N ALA A 3 -19.67 -1.70 -28.70
CA ALA A 3 -19.48 -0.87 -27.51
C ALA A 3 -20.11 -1.52 -26.29
N ALA A 4 -21.13 -2.33 -26.50
CA ALA A 4 -21.86 -2.95 -25.41
C ALA A 4 -20.95 -3.77 -24.51
N GLU A 5 -20.04 -4.53 -25.11
CA GLU A 5 -19.13 -5.35 -24.34
C GLU A 5 -18.07 -4.49 -23.66
N LEU A 6 -17.76 -3.35 -24.27
CA LEU A 6 -16.84 -2.39 -23.67
C LEU A 6 -17.49 -1.70 -22.47
N MET A 7 -18.82 -1.56 -22.52
CA MET A 7 -19.57 -0.96 -21.41
C MET A 7 -19.37 -1.79 -20.15
N GLN A 8 -19.37 -3.10 -20.32
CA GLN A 8 -19.16 -4.02 -19.21
C GLN A 8 -17.70 -3.99 -18.80
N GLN A 9 -16.82 -3.90 -19.80
CA GLN A 9 -15.39 -3.91 -19.58
C GLN A 9 -14.94 -2.74 -18.69
N VAL A 10 -15.47 -1.55 -18.94
CA VAL A 10 -15.08 -0.40 -18.12
C VAL A 10 -15.51 -0.58 -16.68
N LYS A 11 -16.64 -1.25 -16.47
CA LYS A 11 -17.14 -1.47 -15.11
C LYS A 11 -16.20 -2.37 -14.32
N VAL A 12 -15.91 -3.56 -14.86
CA VAL A 12 -15.03 -4.50 -14.18
C VAL A 12 -13.62 -3.90 -14.04
N LEU A 13 -13.29 -3.00 -14.93
CA LEU A 13 -11.99 -2.35 -14.96
C LEU A 13 -11.93 -1.24 -13.90
N LYS A 14 -12.95 -0.41 -13.85
CA LYS A 14 -12.98 0.73 -12.93
C LYS A 14 -13.24 0.29 -11.50
N LEU A 15 -14.03 -0.76 -11.33
CA LEU A 15 -14.32 -1.27 -10.00
C LEU A 15 -13.05 -1.81 -9.36
N THR A 16 -12.16 -2.34 -10.19
CA THR A 16 -10.83 -2.74 -9.74
C THR A 16 -10.03 -1.49 -9.36
N VAL A 17 -10.16 -0.44 -10.19
CA VAL A 17 -9.54 0.84 -9.90
C VAL A 17 -9.98 1.35 -8.53
N GLU A 18 -11.29 1.42 -8.32
CA GLU A 18 -11.85 1.96 -7.09
C GLU A 18 -11.35 1.21 -5.85
N ASP A 19 -11.27 -0.12 -5.96
CA ASP A 19 -10.73 -0.93 -4.87
C ASP A 19 -9.26 -0.62 -4.67
N LEU A 20 -8.51 -0.61 -5.76
CA LEU A 20 -7.07 -0.36 -5.71
C LEU A 20 -6.76 1.05 -5.21
N GLU A 21 -7.59 2.03 -5.59
CA GLU A 21 -7.44 3.40 -5.12
C GLU A 21 -7.50 3.45 -3.61
N LYS A 22 -8.56 2.90 -3.05
CA LYS A 22 -8.75 2.95 -1.61
C LYS A 22 -7.68 2.12 -0.90
N GLU A 23 -7.29 1.00 -1.52
CA GLU A 23 -6.26 0.14 -0.93
C GLU A 23 -4.92 0.86 -0.85
N ARG A 24 -4.46 1.40 -1.98
CA ARG A 24 -3.17 2.09 -2.02
C ARG A 24 -3.08 3.15 -0.92
N ASP A 25 -4.08 4.02 -0.88
CA ASP A 25 -4.06 5.14 0.06
C ASP A 25 -4.39 4.70 1.48
N PHE A 26 -5.11 3.59 1.63
CA PHE A 26 -5.41 3.02 2.94
C PHE A 26 -4.11 2.64 3.63
N TYR A 27 -3.28 1.90 2.92
CA TYR A 27 -1.99 1.50 3.46
C TYR A 27 -1.02 2.67 3.43
N PHE A 28 -1.24 3.60 2.50
CA PHE A 28 -0.34 4.74 2.35
C PHE A 28 -0.30 5.57 3.61
N GLY A 29 -1.48 5.83 4.18
CA GLY A 29 -1.55 6.54 5.44
C GLY A 29 -0.87 5.77 6.55
N LYS A 30 -0.85 4.45 6.40
CA LYS A 30 -0.22 3.57 7.38
C LYS A 30 1.29 3.79 7.44
N LEU A 31 1.98 3.86 6.28
CA LEU A 31 3.44 4.03 6.27
C LEU A 31 3.84 5.29 7.01
N ARG A 32 3.02 6.32 6.90
CA ARG A 32 3.26 7.56 7.61
C ARG A 32 3.12 7.35 9.11
N ASN A 33 2.17 6.51 9.50
CA ASN A 33 1.97 6.20 10.91
C ASN A 33 3.18 5.45 11.47
N ILE A 34 3.77 4.56 10.65
CA ILE A 34 4.98 3.84 11.07
C ILE A 34 6.16 4.81 11.12
N GLU A 35 6.15 5.79 10.22
CA GLU A 35 7.19 6.81 10.18
C GLU A 35 7.07 7.74 11.38
N LEU A 36 5.85 7.96 11.82
CA LEU A 36 5.59 8.80 12.98
C LEU A 36 6.14 8.18 14.26
N ILE A 37 6.16 6.84 14.31
CA ILE A 37 6.80 6.14 15.42
C ILE A 37 8.32 6.36 15.35
N CYS A 38 8.81 6.47 14.12
CA CYS A 38 10.21 6.76 13.88
C CYS A 38 10.55 8.15 14.40
N GLN A 39 9.69 9.11 14.10
CA GLN A 39 9.88 10.49 14.55
C GLN A 39 9.78 10.59 16.07
N GLU A 40 9.34 9.52 16.71
CA GLU A 40 9.26 9.47 18.17
C GLU A 40 10.55 8.96 18.79
N ASN A 41 11.14 7.93 18.18
CA ASN A 41 12.22 7.19 18.84
C ASN A 41 13.59 7.37 18.19
N GLU A 42 13.62 7.73 16.91
CA GLU A 42 14.88 7.81 16.16
C GLU A 42 15.84 8.81 16.79
N GLY A 43 17.03 8.34 17.11
CA GLY A 43 18.07 9.21 17.63
C GLY A 43 17.93 9.46 19.12
N GLU A 44 16.86 8.93 19.71
CA GLU A 44 16.61 9.15 21.12
C GLU A 44 16.68 7.86 21.92
N ASN A 45 15.94 6.85 21.49
CA ASN A 45 15.87 5.60 22.24
C ASN A 45 16.06 4.38 21.36
N ASP A 46 15.15 4.19 20.41
CA ASP A 46 15.07 2.94 19.66
C ASP A 46 15.52 3.12 18.22
N PRO A 47 16.61 2.46 17.83
CA PRO A 47 17.15 2.52 16.46
C PRO A 47 16.38 1.65 15.49
N VAL A 48 15.54 0.76 16.03
CA VAL A 48 14.73 -0.12 15.21
C VAL A 48 13.92 0.65 14.18
N LEU A 49 13.45 1.84 14.56
CA LEU A 49 12.64 2.64 13.68
C LEU A 49 13.42 3.05 12.44
N GLN A 50 14.72 3.24 12.61
CA GLN A 50 15.59 3.64 11.50
C GLN A 50 15.56 2.62 10.36
N ARG A 51 15.58 1.33 10.70
CA ARG A 51 15.58 0.29 9.67
C ARG A 51 14.19 0.11 9.06
N ILE A 52 13.15 0.57 9.75
CA ILE A 52 11.81 0.51 9.20
C ILE A 52 11.61 1.69 8.25
N VAL A 53 12.38 2.75 8.46
CA VAL A 53 12.37 3.90 7.57
C VAL A 53 12.93 3.50 6.20
N ASP A 54 13.90 2.58 6.21
CA ASP A 54 14.46 2.04 4.98
C ASP A 54 13.36 1.45 4.13
N ILE A 55 12.43 0.77 4.81
CA ILE A 55 11.27 0.18 4.15
C ILE A 55 10.48 1.21 3.34
N LEU A 56 10.13 2.31 4.00
CA LEU A 56 9.28 3.33 3.41
C LEU A 56 9.99 4.05 2.25
N TYR A 57 11.28 3.80 2.10
CA TYR A 57 12.06 4.45 1.06
C TYR A 57 12.84 3.40 0.27
N ALA A 58 12.37 2.16 0.33
CA ALA A 58 13.00 1.08 -0.41
C ALA A 58 12.38 0.95 -1.78
N THR A 59 13.20 1.14 -2.80
CA THR A 59 12.73 1.05 -4.18
C THR A 59 13.63 0.15 -5.00
N ASP A 60 13.03 -0.88 -5.61
CA ASP A 60 13.78 -1.79 -6.47
C ASP A 60 14.36 -1.02 -7.65
N GLU A 61 15.66 -1.11 -7.81
CA GLU A 61 16.37 -0.36 -8.83
C GLU A 61 17.70 -1.03 -9.15
N GLY A 62 18.28 -0.67 -10.29
CA GLY A 62 19.56 -1.21 -10.69
C GLY A 62 20.72 -0.49 -10.00
N PHE A 63 20.38 0.50 -9.21
CA PHE A 63 21.37 1.25 -8.44
C PHE A 63 21.70 0.50 -7.16
N VAL A 64 22.98 0.27 -6.95
CA VAL A 64 23.44 -0.42 -5.74
C VAL A 64 23.66 0.60 -4.64
N ILE A 65 22.99 0.41 -3.52
CA ILE A 65 23.12 1.32 -2.39
C ILE A 65 24.42 1.05 -1.65
N PRO A 66 25.34 2.02 -1.65
CA PRO A 66 26.63 1.89 -0.98
C PRO A 66 26.48 1.89 0.54
N ASP A 67 27.39 1.20 1.22
CA ASP A 67 27.36 1.12 2.67
C ASP A 67 27.93 2.38 3.30
N GLU A 68 27.24 3.49 3.09
CA GLU A 68 27.66 4.77 3.64
C GLU A 68 27.27 4.87 5.10
N GLY A 69 28.23 4.63 5.98
CA GLY A 69 27.97 4.69 7.39
C GLY A 69 28.44 6.00 7.99
N GLY A 70 29.61 5.97 8.60
CA GLY A 70 30.17 7.16 9.21
C GLY A 70 31.56 6.91 9.74
N ASP B 1 -18.33 4.51 -33.99
CA ASP B 1 -17.87 5.72 -33.28
C ASP B 1 -18.02 5.58 -31.76
N GLU B 2 -19.14 5.01 -31.34
CA GLU B 2 -19.44 4.87 -29.91
C GLU B 2 -18.36 4.08 -29.19
N ALA B 3 -18.05 2.91 -29.72
CA ALA B 3 -17.07 2.04 -29.08
C ALA B 3 -15.68 2.64 -29.12
N ALA B 4 -15.43 3.48 -30.13
CA ALA B 4 -14.11 4.07 -30.33
C ALA B 4 -13.65 4.85 -29.10
N GLU B 5 -14.56 5.62 -28.50
CA GLU B 5 -14.21 6.41 -27.33
C GLU B 5 -14.05 5.50 -26.11
N LEU B 6 -14.76 4.38 -26.11
CA LEU B 6 -14.62 3.38 -25.05
C LEU B 6 -13.27 2.66 -25.17
N MET B 7 -12.77 2.55 -26.40
CA MET B 7 -11.47 1.92 -26.65
C MET B 7 -10.38 2.71 -25.94
N GLN B 8 -10.50 4.03 -25.97
CA GLN B 8 -9.56 4.90 -25.29
C GLN B 8 -9.79 4.83 -23.78
N GLN B 9 -11.06 4.76 -23.40
CA GLN B 9 -11.45 4.75 -22.00
C GLN B 9 -10.85 3.55 -21.28
N VAL B 10 -10.89 2.37 -21.89
CA VAL B 10 -10.33 1.18 -21.23
C VAL B 10 -8.83 1.34 -21.01
N LYS B 11 -8.16 2.01 -21.94
CA LYS B 11 -6.72 2.19 -21.83
C LYS B 11 -6.36 3.06 -20.63
N VAL B 12 -6.94 4.25 -20.56
CA VAL B 12 -6.66 5.16 -19.44
C VAL B 12 -7.12 4.54 -18.12
N LEU B 13 -8.10 3.66 -18.21
CA LEU B 13 -8.67 2.99 -17.05
C LEU B 13 -7.76 1.85 -16.59
N LYS B 14 -7.31 1.03 -17.54
CA LYS B 14 -6.49 -0.14 -17.21
C LYS B 14 -5.07 0.25 -16.85
N LEU B 15 -4.56 1.31 -17.46
CA LEU B 15 -3.23 1.79 -17.17
C LEU B 15 -3.15 2.28 -15.73
N THR B 16 -4.27 2.83 -15.24
CA THR B 16 -4.39 3.18 -13.84
C THR B 16 -4.41 1.92 -12.99
N VAL B 17 -5.12 0.90 -13.47
CA VAL B 17 -5.14 -0.40 -12.82
C VAL B 17 -3.73 -0.95 -12.68
N GLU B 18 -3.00 -1.01 -13.80
CA GLU B 18 -1.66 -1.58 -13.81
C GLU B 18 -0.73 -0.88 -12.83
N ASP B 19 -0.82 0.45 -12.76
CA ASP B 19 -0.04 1.22 -11.80
C ASP B 19 -0.46 0.89 -10.38
N LEU B 20 -1.76 0.90 -10.14
CA LEU B 20 -2.32 0.63 -8.83
C LEU B 20 -2.01 -0.81 -8.38
N GLU B 21 -2.05 -1.75 -9.32
CA GLU B 21 -1.72 -3.15 -9.02
C GLU B 21 -0.31 -3.25 -8.45
N LYS B 22 0.65 -2.70 -9.18
CA LYS B 22 2.04 -2.79 -8.76
C LYS B 22 2.26 -1.99 -7.48
N GLU B 23 1.57 -0.86 -7.34
CA GLU B 23 1.69 -0.04 -6.14
C GLU B 23 1.20 -0.78 -4.91
N ARG B 24 -0.04 -1.29 -4.95
CA ARG B 24 -0.62 -2.01 -3.82
C ARG B 24 0.32 -3.08 -3.31
N ASP B 25 0.76 -3.95 -4.22
CA ASP B 25 1.58 -5.10 -3.86
C ASP B 25 3.02 -4.71 -3.57
N PHE B 26 3.47 -3.59 -4.13
CA PHE B 26 4.80 -3.05 -3.85
C PHE B 26 4.92 -2.72 -2.37
N TYR B 27 3.94 -1.97 -1.88
CA TYR B 27 3.91 -1.61 -0.48
C TYR B 27 3.45 -2.79 0.35
N PHE B 28 2.68 -3.68 -0.25
CA PHE B 28 2.14 -4.83 0.48
C PHE B 28 3.26 -5.72 1.01
N GLY B 29 4.25 -5.96 0.17
CA GLY B 29 5.41 -6.71 0.61
C GLY B 29 6.15 -5.99 1.70
N LYS B 30 6.04 -4.67 1.69
CA LYS B 30 6.69 -3.84 2.69
C LYS B 30 6.13 -4.07 4.09
N LEU B 31 4.79 -4.12 4.22
CA LEU B 31 4.17 -4.30 5.55
C LEU B 31 4.65 -5.59 6.19
N ARG B 32 4.85 -6.61 5.37
CA ARG B 32 5.38 -7.87 5.84
C ARG B 32 6.81 -7.71 6.34
N ASN B 33 7.58 -6.87 5.66
CA ASN B 33 8.95 -6.61 6.06
C ASN B 33 8.98 -5.89 7.42
N ILE B 34 8.02 -4.99 7.64
CA ILE B 34 7.91 -4.30 8.93
C ILE B 34 7.46 -5.29 10.00
N GLU B 35 6.61 -6.24 9.60
CA GLU B 35 6.13 -7.27 10.51
C GLU B 35 7.25 -8.24 10.87
N LEU B 36 8.15 -8.45 9.92
CA LEU B 36 9.29 -9.34 10.13
C LEU B 36 10.23 -8.75 11.19
N ILE B 37 10.32 -7.42 11.26
CA ILE B 37 11.07 -6.77 12.32
C ILE B 37 10.38 -7.00 13.66
N CYS B 38 9.06 -7.09 13.60
CA CYS B 38 8.26 -7.38 14.78
C CYS B 38 8.55 -8.80 15.26
N GLN B 39 8.61 -9.74 14.33
CA GLN B 39 8.91 -11.13 14.64
C GLN B 39 10.34 -11.27 15.19
N GLU B 40 11.14 -10.21 15.08
CA GLU B 40 12.49 -10.22 15.59
C GLU B 40 12.54 -9.74 17.05
N ASN B 41 11.76 -8.71 17.37
CA ASN B 41 11.94 -8.01 18.63
C ASN B 41 10.78 -8.18 19.61
N GLU B 42 9.59 -8.50 19.10
CA GLU B 42 8.40 -8.58 19.95
C GLU B 42 8.54 -9.62 21.05
N GLY B 43 8.35 -9.17 22.28
CA GLY B 43 8.38 -10.07 23.42
C GLY B 43 9.79 -10.37 23.89
N GLU B 44 10.78 -9.84 23.19
CA GLU B 44 12.16 -10.10 23.52
C GLU B 44 12.88 -8.84 23.95
N ASN B 45 12.83 -7.80 23.12
CA ASN B 45 13.57 -6.58 23.41
C ASN B 45 12.72 -5.33 23.24
N ASP B 46 12.23 -5.11 22.03
CA ASP B 46 11.61 -3.83 21.69
C ASP B 46 10.10 -3.97 21.49
N PRO B 47 9.32 -3.30 22.36
CA PRO B 47 7.85 -3.34 22.29
C PRO B 47 7.31 -2.42 21.19
N VAL B 48 8.16 -1.54 20.69
CA VAL B 48 7.76 -0.61 19.62
C VAL B 48 7.15 -1.34 18.44
N LEU B 49 7.66 -2.53 18.14
CA LEU B 49 7.17 -3.31 17.01
C LEU B 49 5.71 -3.67 17.21
N GLN B 50 5.32 -3.90 18.46
CA GLN B 50 3.95 -4.27 18.79
C GLN B 50 2.94 -3.21 18.32
N ARG B 51 3.27 -1.93 18.51
CA ARG B 51 2.37 -0.87 18.12
C ARG B 51 2.38 -0.63 16.61
N ILE B 52 3.43 -1.11 15.93
CA ILE B 52 3.48 -1.00 14.48
C ILE B 52 2.67 -2.15 13.87
N VAL B 53 2.53 -3.23 14.63
CA VAL B 53 1.68 -4.36 14.23
C VAL B 53 0.23 -3.91 14.19
N ASP B 54 -0.14 -3.02 15.11
CA ASP B 54 -1.49 -2.44 15.12
C ASP B 54 -1.80 -1.80 13.79
N ILE B 55 -0.78 -1.14 13.23
CA ILE B 55 -0.89 -0.51 11.92
C ILE B 55 -1.32 -1.49 10.85
N LEU B 56 -0.61 -2.61 10.77
CA LEU B 56 -0.83 -3.60 9.72
C LEU B 56 -2.18 -4.30 9.87
N TYR B 57 -2.84 -4.06 11.00
CA TYR B 57 -4.13 -4.69 11.27
C TYR B 57 -5.15 -3.62 11.68
N ALA B 58 -4.87 -2.38 11.31
CA ALA B 58 -5.78 -1.28 11.61
C ALA B 58 -6.77 -1.10 10.48
N THR B 59 -8.05 -1.27 10.80
CA THR B 59 -9.09 -1.13 9.82
C THR B 59 -10.20 -0.21 10.33
N ASP B 60 -10.48 0.84 9.55
CA ASP B 60 -11.55 1.77 9.90
C ASP B 60 -12.90 1.03 9.92
N GLU B 61 -13.57 1.10 11.05
CA GLU B 61 -14.81 0.37 11.25
C GLU B 61 -15.63 1.03 12.36
N GLY B 62 -16.91 0.70 12.40
CA GLY B 62 -17.78 1.24 13.43
C GLY B 62 -17.66 0.49 14.73
N PHE B 63 -16.81 -0.53 14.74
CA PHE B 63 -16.54 -1.32 15.93
C PHE B 63 -15.50 -0.62 16.78
N VAL B 64 -15.82 -0.41 18.03
CA VAL B 64 -14.90 0.23 18.96
C VAL B 64 -14.00 -0.82 19.60
N ILE B 65 -12.69 -0.66 19.45
CA ILE B 65 -11.75 -1.61 20.00
C ILE B 65 -11.60 -1.38 21.51
N PRO B 66 -12.00 -2.38 22.31
CA PRO B 66 -11.92 -2.28 23.77
C PRO B 66 -10.48 -2.32 24.25
N ASP B 67 -10.21 -1.68 25.38
CA ASP B 67 -8.88 -1.64 25.96
C ASP B 67 -8.57 -2.93 26.70
N GLU B 68 -8.49 -4.02 25.95
CA GLU B 68 -8.21 -5.33 26.52
C GLU B 68 -6.72 -5.47 26.77
N GLY B 69 -6.31 -5.26 28.01
CA GLY B 69 -4.91 -5.38 28.36
C GLY B 69 -4.58 -6.70 28.99
N GLY B 70 -4.52 -6.71 30.32
CA GLY B 70 -4.23 -7.93 31.04
C GLY B 70 -4.31 -7.72 32.53
N ASP A 1 -24.67 -1.33 -30.22
CA ASP A 1 -24.53 -2.20 -29.03
C ASP A 1 -23.08 -2.64 -28.85
N GLU A 2 -22.24 -2.36 -29.84
CA GLU A 2 -20.84 -2.73 -29.80
C GLU A 2 -20.14 -2.03 -28.63
N ALA A 3 -20.41 -0.74 -28.49
CA ALA A 3 -19.83 0.04 -27.41
C ALA A 3 -20.47 -0.31 -26.09
N ALA A 4 -21.73 -0.74 -26.13
CA ALA A 4 -22.46 -1.13 -24.94
C ALA A 4 -21.72 -2.24 -24.19
N GLU A 5 -21.14 -3.16 -24.95
CA GLU A 5 -20.33 -4.23 -24.37
C GLU A 5 -19.16 -3.65 -23.58
N LEU A 6 -18.57 -2.58 -24.11
CA LEU A 6 -17.46 -1.91 -23.44
C LEU A 6 -17.94 -0.99 -22.32
N MET A 7 -19.19 -0.55 -22.39
CA MET A 7 -19.76 0.27 -21.31
C MET A 7 -19.72 -0.50 -20.01
N GLN A 8 -19.96 -1.81 -20.10
CA GLN A 8 -19.85 -2.68 -18.95
C GLN A 8 -18.39 -3.02 -18.67
N GLN A 9 -17.58 -3.00 -19.72
CA GLN A 9 -16.17 -3.32 -19.60
C GLN A 9 -15.45 -2.27 -18.76
N VAL A 10 -15.76 -1.00 -19.00
CA VAL A 10 -15.19 0.06 -18.17
C VAL A 10 -15.71 -0.03 -16.75
N LYS A 11 -16.92 -0.58 -16.61
CA LYS A 11 -17.55 -0.74 -15.30
C LYS A 11 -16.73 -1.70 -14.45
N VAL A 12 -16.54 -2.90 -14.95
CA VAL A 12 -15.79 -3.92 -14.20
C VAL A 12 -14.32 -3.53 -14.04
N LEU A 13 -13.83 -2.72 -14.98
CA LEU A 13 -12.44 -2.29 -14.97
C LEU A 13 -12.23 -1.17 -13.96
N LYS A 14 -13.20 -0.25 -13.88
CA LYS A 14 -13.13 0.85 -12.93
C LYS A 14 -13.33 0.36 -11.51
N LEU A 15 -14.00 -0.78 -11.37
CA LEU A 15 -14.28 -1.33 -10.05
C LEU A 15 -13.03 -1.94 -9.45
N THR A 16 -12.07 -2.31 -10.29
CA THR A 16 -10.75 -2.66 -9.81
C THR A 16 -10.02 -1.39 -9.40
N VAL A 17 -10.23 -0.32 -10.18
CA VAL A 17 -9.67 0.98 -9.88
C VAL A 17 -10.16 1.52 -8.54
N GLU A 18 -11.48 1.60 -8.37
CA GLU A 18 -12.08 2.19 -7.17
C GLU A 18 -11.60 1.46 -5.91
N ASP A 19 -11.34 0.18 -6.04
CA ASP A 19 -10.83 -0.61 -4.93
C ASP A 19 -9.35 -0.32 -4.73
N LEU A 20 -8.58 -0.42 -5.80
CA LEU A 20 -7.13 -0.23 -5.73
C LEU A 20 -6.76 1.19 -5.31
N GLU A 21 -7.58 2.17 -5.67
CA GLU A 21 -7.35 3.55 -5.26
C GLU A 21 -7.37 3.66 -3.74
N LYS A 22 -8.39 3.06 -3.12
CA LYS A 22 -8.50 3.10 -1.67
C LYS A 22 -7.45 2.20 -1.04
N GLU A 23 -7.08 1.11 -1.72
CA GLU A 23 -6.06 0.20 -1.22
C GLU A 23 -4.73 0.92 -1.04
N ARG A 24 -4.27 1.59 -2.11
CA ARG A 24 -3.00 2.30 -2.08
C ARG A 24 -2.98 3.32 -0.93
N ASP A 25 -4.07 4.07 -0.79
CA ASP A 25 -4.14 5.14 0.19
C ASP A 25 -4.35 4.61 1.61
N PHE A 26 -5.17 3.57 1.73
CA PHE A 26 -5.47 2.95 3.02
C PHE A 26 -4.18 2.55 3.71
N TYR A 27 -3.30 1.92 2.95
CA TYR A 27 -2.01 1.53 3.47
C TYR A 27 -1.05 2.71 3.47
N PHE A 28 -1.23 3.63 2.52
CA PHE A 28 -0.35 4.79 2.41
C PHE A 28 -0.38 5.61 3.69
N GLY A 29 -1.58 5.84 4.21
CA GLY A 29 -1.70 6.54 5.48
C GLY A 29 -1.07 5.75 6.60
N LYS A 30 -1.01 4.43 6.44
CA LYS A 30 -0.40 3.57 7.43
C LYS A 30 1.12 3.78 7.54
N LEU A 31 1.82 3.85 6.39
CA LEU A 31 3.29 4.00 6.43
C LEU A 31 3.68 5.26 7.16
N ARG A 32 2.84 6.27 7.06
CA ARG A 32 3.07 7.52 7.77
C ARG A 32 3.06 7.29 9.26
N ASN A 33 2.16 6.44 9.75
CA ASN A 33 2.09 6.17 11.18
C ASN A 33 3.33 5.43 11.63
N ILE A 34 3.80 4.47 10.81
CA ILE A 34 5.03 3.76 11.11
C ILE A 34 6.22 4.73 11.08
N GLU A 35 6.13 5.73 10.21
CA GLU A 35 7.14 6.79 10.12
C GLU A 35 7.03 7.71 11.34
N LEU A 36 5.81 7.95 11.80
CA LEU A 36 5.58 8.77 12.98
C LEU A 36 6.25 8.15 14.20
N ILE A 37 6.21 6.82 14.29
CA ILE A 37 6.86 6.10 15.38
C ILE A 37 8.38 6.29 15.26
N CYS A 38 8.84 6.44 14.03
CA CYS A 38 10.23 6.74 13.77
C CYS A 38 10.56 8.14 14.29
N GLN A 39 9.72 9.11 13.93
CA GLN A 39 9.91 10.49 14.37
C GLN A 39 9.89 10.60 15.91
N GLU A 40 9.39 9.57 16.56
CA GLU A 40 9.36 9.52 18.00
C GLU A 40 10.69 9.01 18.57
N ASN A 41 11.27 8.01 17.92
CA ASN A 41 12.40 7.28 18.49
C ASN A 41 13.72 7.49 17.74
N GLU A 42 13.65 8.08 16.55
CA GLU A 42 14.84 8.25 15.69
C GLU A 42 15.97 8.99 16.41
N GLY A 43 17.05 8.26 16.68
CA GLY A 43 18.23 8.85 17.29
C GLY A 43 17.99 9.29 18.72
N GLU A 44 16.93 8.75 19.32
CA GLU A 44 16.59 9.11 20.69
C GLU A 44 16.59 7.88 21.59
N ASN A 45 15.87 6.85 21.17
CA ASN A 45 15.76 5.64 21.99
C ASN A 45 16.00 4.38 21.19
N ASP A 46 15.16 4.14 20.20
CA ASP A 46 15.14 2.86 19.50
C ASP A 46 15.66 2.98 18.08
N PRO A 47 16.72 2.23 17.76
CA PRO A 47 17.32 2.21 16.41
C PRO A 47 16.49 1.39 15.42
N VAL A 48 15.56 0.59 15.96
CA VAL A 48 14.71 -0.25 15.16
C VAL A 48 13.91 0.56 14.15
N LEU A 49 13.55 1.79 14.51
CA LEU A 49 12.74 2.62 13.62
C LEU A 49 13.53 2.99 12.37
N GLN A 50 14.85 3.12 12.51
CA GLN A 50 15.71 3.48 11.40
C GLN A 50 15.59 2.48 10.26
N ARG A 51 15.61 1.19 10.60
CA ARG A 51 15.53 0.14 9.58
C ARG A 51 14.13 0.06 8.97
N ILE A 52 13.13 0.59 9.67
CA ILE A 52 11.77 0.59 9.13
C ILE A 52 11.57 1.80 8.21
N VAL A 53 12.34 2.85 8.46
CA VAL A 53 12.36 4.02 7.57
C VAL A 53 12.91 3.61 6.21
N ASP A 54 13.91 2.73 6.23
CA ASP A 54 14.50 2.20 5.01
C ASP A 54 13.45 1.54 4.15
N ILE A 55 12.47 0.92 4.81
CA ILE A 55 11.33 0.33 4.13
C ILE A 55 10.53 1.37 3.35
N LEU A 56 10.13 2.42 4.05
CA LEU A 56 9.26 3.45 3.48
C LEU A 56 9.94 4.24 2.38
N TYR A 57 11.24 4.04 2.25
CA TYR A 57 12.00 4.72 1.21
C TYR A 57 12.77 3.71 0.38
N ALA A 58 12.33 2.46 0.44
CA ALA A 58 12.91 1.43 -0.40
C ALA A 58 12.28 1.48 -1.78
N THR A 59 13.09 1.77 -2.78
CA THR A 59 12.61 1.86 -4.13
C THR A 59 13.44 0.98 -5.04
N ASP A 60 12.83 -0.08 -5.55
CA ASP A 60 13.52 -0.98 -6.46
C ASP A 60 12.64 -1.31 -7.65
N GLU A 61 13.27 -1.45 -8.81
CA GLU A 61 12.58 -1.89 -10.01
C GLU A 61 13.25 -3.15 -10.52
N GLY A 62 13.91 -3.86 -9.61
CA GLY A 62 14.56 -5.10 -9.95
C GLY A 62 13.63 -6.27 -9.78
N PHE A 63 12.87 -6.25 -8.70
CA PHE A 63 11.89 -7.30 -8.44
C PHE A 63 10.64 -7.05 -9.28
N VAL A 64 10.41 -7.92 -10.25
CA VAL A 64 9.21 -7.83 -11.07
C VAL A 64 8.01 -8.35 -10.29
N ILE A 65 7.13 -7.45 -9.93
CA ILE A 65 5.96 -7.79 -9.14
C ILE A 65 5.04 -8.73 -9.90
N PRO A 66 4.82 -9.94 -9.37
CA PRO A 66 3.95 -10.93 -9.99
C PRO A 66 2.47 -10.57 -9.83
N ASP A 67 1.69 -10.87 -10.85
CA ASP A 67 0.26 -10.56 -10.82
C ASP A 67 -0.49 -11.61 -10.01
N GLU A 68 -0.49 -11.44 -8.71
CA GLU A 68 -1.20 -12.35 -7.82
C GLU A 68 -2.68 -12.00 -7.79
N GLY A 69 -3.47 -12.74 -8.56
CA GLY A 69 -4.87 -12.48 -8.65
C GLY A 69 -5.46 -13.08 -9.91
N GLY A 70 -6.65 -12.63 -10.28
CA GLY A 70 -7.31 -13.15 -11.45
C GLY A 70 -8.41 -14.12 -11.08
N ASP B 1 -17.35 2.69 -34.89
CA ASP B 1 -16.32 3.53 -34.26
C ASP B 1 -16.74 3.94 -32.84
N GLU B 2 -17.99 3.69 -32.51
CA GLU B 2 -18.52 4.03 -31.19
C GLU B 2 -17.75 3.28 -30.10
N ALA B 3 -17.55 1.99 -30.32
CA ALA B 3 -16.84 1.16 -29.38
C ALA B 3 -15.35 1.47 -29.40
N ALA B 4 -14.87 1.93 -30.56
CA ALA B 4 -13.46 2.29 -30.71
C ALA B 4 -13.06 3.36 -29.71
N GLU B 5 -13.96 4.29 -29.46
CA GLU B 5 -13.75 5.33 -28.46
C GLU B 5 -13.52 4.70 -27.09
N LEU B 6 -14.27 3.64 -26.79
CA LEU B 6 -14.13 2.95 -25.52
C LEU B 6 -12.94 1.99 -25.52
N MET B 7 -12.49 1.57 -26.70
CA MET B 7 -11.30 0.72 -26.81
C MET B 7 -10.10 1.45 -26.21
N GLN B 8 -10.06 2.77 -26.43
CA GLN B 8 -9.03 3.60 -25.83
C GLN B 8 -9.38 3.91 -24.38
N GLN B 9 -10.67 3.90 -24.08
CA GLN B 9 -11.13 4.20 -22.74
C GLN B 9 -10.69 3.11 -21.77
N VAL B 10 -10.81 1.85 -22.18
CA VAL B 10 -10.32 0.75 -21.34
C VAL B 10 -8.81 0.81 -21.24
N LYS B 11 -8.16 1.37 -22.26
CA LYS B 11 -6.72 1.49 -22.29
C LYS B 11 -6.25 2.41 -21.16
N VAL B 12 -6.76 3.63 -21.16
CA VAL B 12 -6.36 4.62 -20.15
C VAL B 12 -6.83 4.19 -18.76
N LEU B 13 -7.90 3.41 -18.71
CA LEU B 13 -8.47 2.96 -17.46
C LEU B 13 -7.66 1.80 -16.89
N LYS B 14 -7.21 0.90 -17.76
CA LYS B 14 -6.40 -0.24 -17.33
C LYS B 14 -5.01 0.21 -16.92
N LEU B 15 -4.59 1.35 -17.44
CA LEU B 15 -3.26 1.86 -17.14
C LEU B 15 -3.20 2.43 -15.74
N THR B 16 -4.36 2.81 -15.21
CA THR B 16 -4.46 3.13 -13.80
C THR B 16 -4.42 1.83 -12.99
N VAL B 17 -5.06 0.81 -13.53
CA VAL B 17 -5.06 -0.53 -12.92
C VAL B 17 -3.65 -1.10 -12.84
N GLU B 18 -2.96 -1.16 -13.98
CA GLU B 18 -1.64 -1.78 -14.05
C GLU B 18 -0.67 -1.11 -13.08
N ASP B 19 -0.85 0.18 -12.86
CA ASP B 19 -0.04 0.92 -11.91
C ASP B 19 -0.47 0.60 -10.49
N LEU B 20 -1.75 0.72 -10.22
CA LEU B 20 -2.29 0.51 -8.88
C LEU B 20 -2.10 -0.93 -8.40
N GLU B 21 -2.11 -1.88 -9.34
CA GLU B 21 -1.86 -3.29 -8.99
C GLU B 21 -0.48 -3.44 -8.39
N LYS B 22 0.52 -2.85 -9.05
CA LYS B 22 1.88 -2.94 -8.55
C LYS B 22 2.05 -2.08 -7.31
N GLU B 23 1.30 -0.97 -7.23
CA GLU B 23 1.37 -0.09 -6.07
C GLU B 23 0.96 -0.84 -4.80
N ARG B 24 -0.21 -1.48 -4.84
CA ARG B 24 -0.73 -2.20 -3.69
C ARG B 24 0.28 -3.26 -3.23
N ASP B 25 0.84 -3.99 -4.18
CA ASP B 25 1.74 -5.11 -3.87
C ASP B 25 3.13 -4.62 -3.47
N PHE B 26 3.61 -3.57 -4.14
CA PHE B 26 4.92 -2.99 -3.86
C PHE B 26 5.02 -2.63 -2.39
N TYR B 27 3.99 -1.99 -1.88
CA TYR B 27 3.94 -1.64 -0.48
C TYR B 27 3.51 -2.83 0.36
N PHE B 28 2.70 -3.72 -0.22
CA PHE B 28 2.21 -4.88 0.50
C PHE B 28 3.36 -5.74 0.99
N GLY B 29 4.33 -5.98 0.11
CA GLY B 29 5.52 -6.71 0.49
C GLY B 29 6.30 -5.98 1.56
N LYS B 30 6.15 -4.65 1.58
CA LYS B 30 6.84 -3.83 2.56
C LYS B 30 6.31 -4.06 3.98
N LEU B 31 4.97 -4.10 4.15
CA LEU B 31 4.39 -4.27 5.49
C LEU B 31 4.86 -5.57 6.12
N ARG B 32 5.09 -6.57 5.29
CA ARG B 32 5.61 -7.84 5.75
C ARG B 32 6.99 -7.66 6.36
N ASN B 33 7.81 -6.82 5.76
CA ASN B 33 9.16 -6.59 6.30
C ASN B 33 9.08 -5.89 7.64
N ILE B 34 8.16 -4.91 7.75
CA ILE B 34 7.94 -4.23 9.02
C ILE B 34 7.41 -5.21 10.06
N GLU B 35 6.61 -6.18 9.59
CA GLU B 35 6.11 -7.25 10.44
C GLU B 35 7.23 -8.21 10.82
N LEU B 36 8.14 -8.45 9.89
CA LEU B 36 9.29 -9.30 10.14
C LEU B 36 10.15 -8.73 11.28
N ILE B 37 10.29 -7.41 11.30
CA ILE B 37 11.02 -6.74 12.38
C ILE B 37 10.29 -6.95 13.70
N CYS B 38 8.96 -7.06 13.61
CA CYS B 38 8.16 -7.37 14.77
C CYS B 38 8.46 -8.79 15.24
N GLN B 39 8.46 -9.73 14.30
CA GLN B 39 8.74 -11.13 14.62
C GLN B 39 10.13 -11.30 15.22
N GLU B 40 10.97 -10.28 15.06
CA GLU B 40 12.30 -10.28 15.63
C GLU B 40 12.28 -9.81 17.09
N ASN B 41 11.47 -8.81 17.39
CA ASN B 41 11.55 -8.11 18.67
C ASN B 41 10.32 -8.31 19.55
N GLU B 42 9.24 -8.85 18.99
CA GLU B 42 7.97 -9.01 19.72
C GLU B 42 8.14 -9.79 21.01
N GLY B 43 7.96 -9.10 22.13
CA GLY B 43 8.02 -9.72 23.43
C GLY B 43 9.41 -10.20 23.80
N GLU B 44 10.40 -9.67 23.10
CA GLU B 44 11.78 -10.07 23.33
C GLU B 44 12.63 -8.87 23.73
N ASN B 45 12.57 -7.81 22.94
CA ASN B 45 13.39 -6.64 23.22
C ASN B 45 12.59 -5.34 23.13
N ASP B 46 12.05 -5.07 21.97
CA ASP B 46 11.46 -3.75 21.70
C ASP B 46 9.93 -3.83 21.58
N PRO B 47 9.22 -3.09 22.44
CA PRO B 47 7.76 -3.04 22.42
C PRO B 47 7.22 -2.17 21.30
N VAL B 48 8.11 -1.38 20.69
CA VAL B 48 7.74 -0.49 19.61
C VAL B 48 7.14 -1.26 18.44
N LEU B 49 7.58 -2.49 18.23
CA LEU B 49 7.09 -3.28 17.10
C LEU B 49 5.62 -3.63 17.29
N GLN B 50 5.20 -3.76 18.55
CA GLN B 50 3.82 -4.12 18.87
C GLN B 50 2.85 -3.07 18.32
N ARG B 51 3.19 -1.80 18.51
CA ARG B 51 2.32 -0.71 18.05
C ARG B 51 2.34 -0.58 16.52
N ILE B 52 3.38 -1.12 15.88
CA ILE B 52 3.45 -1.09 14.42
C ILE B 52 2.66 -2.26 13.84
N VAL B 53 2.54 -3.33 14.61
CA VAL B 53 1.70 -4.46 14.23
C VAL B 53 0.24 -4.03 14.18
N ASP B 54 -0.12 -3.16 15.13
CA ASP B 54 -1.47 -2.59 15.19
C ASP B 54 -1.80 -1.89 13.88
N ILE B 55 -0.78 -1.28 13.28
CA ILE B 55 -0.92 -0.65 11.97
C ILE B 55 -1.33 -1.65 10.90
N LEU B 56 -0.55 -2.73 10.79
CA LEU B 56 -0.73 -3.71 9.74
C LEU B 56 -2.04 -4.47 9.89
N TYR B 57 -2.70 -4.30 11.02
CA TYR B 57 -3.96 -4.95 11.27
C TYR B 57 -5.02 -3.92 11.66
N ALA B 58 -4.76 -2.67 11.32
CA ALA B 58 -5.73 -1.62 11.53
C ALA B 58 -6.72 -1.61 10.39
N THR B 59 -7.97 -1.89 10.70
CA THR B 59 -9.02 -1.93 9.71
C THR B 59 -10.17 -1.02 10.11
N ASP B 60 -10.35 0.06 9.38
CA ASP B 60 -11.44 0.98 9.66
C ASP B 60 -12.15 1.37 8.38
N GLU B 61 -13.46 1.53 8.48
CA GLU B 61 -14.26 2.02 7.37
C GLU B 61 -14.96 3.30 7.80
N GLY B 62 -14.39 3.97 8.79
CA GLY B 62 -14.95 5.21 9.28
C GLY B 62 -14.37 6.39 8.54
N PHE B 63 -13.07 6.34 8.28
CA PHE B 63 -12.41 7.38 7.53
C PHE B 63 -12.67 7.19 6.04
N VAL B 64 -13.43 8.09 5.45
CA VAL B 64 -13.69 8.05 4.03
C VAL B 64 -12.47 8.56 3.27
N ILE B 65 -11.80 7.66 2.59
CA ILE B 65 -10.59 7.98 1.84
C ILE B 65 -10.89 8.97 0.72
N PRO B 66 -10.29 10.17 0.78
CA PRO B 66 -10.46 11.18 -0.24
C PRO B 66 -9.72 10.84 -1.53
N ASP B 67 -10.32 11.19 -2.66
CA ASP B 67 -9.72 10.90 -3.96
C ASP B 67 -8.65 11.93 -4.29
N GLU B 68 -7.45 11.72 -3.75
CA GLU B 68 -6.34 12.61 -4.01
C GLU B 68 -5.71 12.28 -5.35
N GLY B 69 -6.07 13.05 -6.36
CA GLY B 69 -5.58 12.82 -7.69
C GLY B 69 -6.46 13.47 -8.73
N GLY B 70 -6.33 13.05 -9.98
CA GLY B 70 -7.10 13.63 -11.05
C GLY B 70 -6.29 14.59 -11.88
N ASP A 1 -23.69 -4.61 -30.84
CA ASP A 1 -23.64 -4.26 -29.40
C ASP A 1 -22.20 -4.23 -28.91
N GLU A 2 -21.29 -3.80 -29.79
CA GLU A 2 -19.88 -3.75 -29.48
C GLU A 2 -19.61 -2.84 -28.29
N ALA A 3 -20.00 -1.57 -28.41
CA ALA A 3 -19.75 -0.59 -27.37
C ALA A 3 -20.51 -0.94 -26.10
N ALA A 4 -21.69 -1.53 -26.24
CA ALA A 4 -22.52 -1.89 -25.11
C ALA A 4 -21.76 -2.77 -24.12
N GLU A 5 -20.96 -3.68 -24.64
CA GLU A 5 -20.14 -4.54 -23.80
C GLU A 5 -18.98 -3.77 -23.20
N LEU A 6 -18.44 -2.83 -23.97
CA LEU A 6 -17.36 -1.99 -23.50
C LEU A 6 -17.84 -1.04 -22.39
N MET A 7 -19.12 -0.69 -22.42
CA MET A 7 -19.73 0.13 -21.37
C MET A 7 -19.64 -0.62 -20.04
N GLN A 8 -19.84 -1.92 -20.09
CA GLN A 8 -19.73 -2.76 -18.92
C GLN A 8 -18.26 -2.99 -18.59
N GLN A 9 -17.44 -3.06 -19.64
CA GLN A 9 -16.02 -3.29 -19.49
C GLN A 9 -15.36 -2.18 -18.68
N VAL A 10 -15.70 -0.92 -18.97
CA VAL A 10 -15.15 0.19 -18.21
C VAL A 10 -15.65 0.15 -16.77
N LYS A 11 -16.87 -0.37 -16.60
CA LYS A 11 -17.49 -0.45 -15.28
C LYS A 11 -16.75 -1.45 -14.41
N VAL A 12 -16.58 -2.67 -14.90
CA VAL A 12 -15.89 -3.70 -14.14
C VAL A 12 -14.41 -3.36 -13.96
N LEU A 13 -13.87 -2.61 -14.91
CA LEU A 13 -12.46 -2.23 -14.90
C LEU A 13 -12.23 -1.10 -13.90
N LYS A 14 -13.17 -0.16 -13.83
CA LYS A 14 -13.07 0.97 -12.92
C LYS A 14 -13.32 0.50 -11.49
N LEU A 15 -14.01 -0.62 -11.35
CA LEU A 15 -14.28 -1.17 -10.03
C LEU A 15 -13.03 -1.81 -9.46
N THR A 16 -12.11 -2.18 -10.34
CA THR A 16 -10.78 -2.58 -9.91
C THR A 16 -10.00 -1.34 -9.51
N VAL A 17 -10.24 -0.26 -10.24
CA VAL A 17 -9.63 1.03 -9.93
C VAL A 17 -10.01 1.51 -8.54
N GLU A 18 -11.31 1.55 -8.24
CA GLU A 18 -11.78 2.03 -6.94
C GLU A 18 -11.27 1.13 -5.82
N ASP A 19 -11.19 -0.16 -6.11
CA ASP A 19 -10.76 -1.16 -5.13
C ASP A 19 -9.27 -1.00 -4.85
N LEU A 20 -8.53 -0.64 -5.88
CA LEU A 20 -7.10 -0.43 -5.77
C LEU A 20 -6.79 0.95 -5.19
N GLU A 21 -7.55 1.95 -5.61
CA GLU A 21 -7.40 3.31 -5.08
C GLU A 21 -7.50 3.32 -3.57
N LYS A 22 -8.55 2.68 -3.05
CA LYS A 22 -8.79 2.66 -1.61
C LYS A 22 -7.67 1.92 -0.88
N GLU A 23 -7.09 0.91 -1.54
CA GLU A 23 -5.99 0.17 -0.95
C GLU A 23 -4.72 1.00 -0.94
N ARG A 24 -4.48 1.72 -2.04
CA ARG A 24 -3.27 2.51 -2.19
C ARG A 24 -3.21 3.59 -1.12
N ASP A 25 -4.35 4.21 -0.79
CA ASP A 25 -4.37 5.26 0.21
C ASP A 25 -4.54 4.69 1.62
N PHE A 26 -5.20 3.54 1.73
CA PHE A 26 -5.44 2.90 3.03
C PHE A 26 -4.11 2.62 3.73
N TYR A 27 -3.26 1.85 3.07
CA TYR A 27 -1.97 1.52 3.64
C TYR A 27 -1.06 2.73 3.63
N PHE A 28 -1.30 3.66 2.70
CA PHE A 28 -0.46 4.84 2.56
C PHE A 28 -0.48 5.67 3.84
N GLY A 29 -1.68 5.85 4.40
CA GLY A 29 -1.80 6.56 5.66
C GLY A 29 -1.14 5.79 6.78
N LYS A 30 -1.01 4.48 6.59
CA LYS A 30 -0.38 3.61 7.58
C LYS A 30 1.13 3.80 7.62
N LEU A 31 1.80 3.89 6.47
CA LEU A 31 3.26 4.06 6.46
C LEU A 31 3.65 5.34 7.18
N ARG A 32 2.79 6.34 7.07
CA ARG A 32 2.99 7.59 7.77
C ARG A 32 2.97 7.38 9.27
N ASN A 33 2.09 6.51 9.75
CA ASN A 33 2.00 6.24 11.18
C ASN A 33 3.27 5.55 11.69
N ILE A 34 3.80 4.60 10.91
CA ILE A 34 5.05 3.93 11.26
C ILE A 34 6.21 4.94 11.20
N GLU A 35 6.16 5.83 10.21
CA GLU A 35 7.15 6.89 10.08
C GLU A 35 7.06 7.85 11.27
N LEU A 36 5.84 8.10 11.71
CA LEU A 36 5.60 8.95 12.87
C LEU A 36 6.21 8.36 14.14
N ILE A 37 6.22 7.03 14.24
CA ILE A 37 6.87 6.34 15.36
C ILE A 37 8.38 6.55 15.26
N CYS A 38 8.88 6.56 14.03
CA CYS A 38 10.28 6.80 13.77
C CYS A 38 10.66 8.20 14.23
N GLN A 39 9.87 9.18 13.86
CA GLN A 39 10.13 10.58 14.21
C GLN A 39 10.05 10.79 15.73
N GLU A 40 9.51 9.81 16.44
CA GLU A 40 9.42 9.87 17.89
C GLU A 40 10.64 9.25 18.57
N ASN A 41 11.18 8.19 17.99
CA ASN A 41 12.22 7.41 18.66
C ASN A 41 13.60 7.57 18.03
N GLU A 42 13.63 8.08 16.80
CA GLU A 42 14.89 8.20 16.06
C GLU A 42 15.88 9.11 16.76
N GLY A 43 17.03 8.54 17.11
CA GLY A 43 18.09 9.31 17.74
C GLY A 43 17.87 9.51 19.23
N GLU A 44 16.79 8.93 19.75
CA GLU A 44 16.47 9.12 21.16
C GLU A 44 16.47 7.80 21.92
N ASN A 45 15.74 6.81 21.44
CA ASN A 45 15.62 5.55 22.19
C ASN A 45 15.80 4.32 21.31
N ASP A 46 14.93 4.17 20.32
CA ASP A 46 14.88 2.93 19.54
C ASP A 46 15.49 3.11 18.15
N PRO A 47 16.53 2.31 17.83
CA PRO A 47 17.18 2.34 16.51
C PRO A 47 16.41 1.52 15.47
N VAL A 48 15.49 0.70 15.95
CA VAL A 48 14.69 -0.16 15.09
C VAL A 48 13.93 0.66 14.06
N LEU A 49 13.50 1.85 14.44
CA LEU A 49 12.68 2.68 13.57
C LEU A 49 13.42 3.07 12.30
N GLN A 50 14.74 3.26 12.42
CA GLN A 50 15.56 3.63 11.27
C GLN A 50 15.43 2.58 10.17
N ARG A 51 15.57 1.31 10.55
CA ARG A 51 15.52 0.24 9.55
C ARG A 51 14.11 0.04 9.01
N ILE A 52 13.11 0.61 9.67
CA ILE A 52 11.75 0.56 9.13
C ILE A 52 11.50 1.78 8.24
N VAL A 53 12.22 2.87 8.51
CA VAL A 53 12.26 4.01 7.60
C VAL A 53 12.81 3.58 6.27
N ASP A 54 13.84 2.73 6.33
CA ASP A 54 14.42 2.11 5.16
C ASP A 54 13.35 1.42 4.32
N ILE A 55 12.39 0.80 5.02
CA ILE A 55 11.26 0.16 4.37
C ILE A 55 10.43 1.15 3.56
N LEU A 56 10.02 2.24 4.21
CA LEU A 56 9.12 3.22 3.60
C LEU A 56 9.79 3.95 2.45
N TYR A 57 11.10 3.75 2.30
CA TYR A 57 11.84 4.39 1.22
C TYR A 57 12.63 3.34 0.45
N ALA A 58 12.23 2.08 0.60
CA ALA A 58 12.89 1.00 -0.11
C ALA A 58 12.35 0.91 -1.53
N THR A 59 13.23 1.13 -2.49
CA THR A 59 12.83 1.12 -3.88
C THR A 59 13.56 0.01 -4.64
N ASP A 60 12.91 -1.13 -4.77
CA ASP A 60 13.48 -2.26 -5.49
C ASP A 60 13.48 -2.00 -6.99
N GLU A 61 14.64 -1.61 -7.50
CA GLU A 61 14.80 -1.29 -8.90
C GLU A 61 14.88 -2.58 -9.72
N GLY A 62 14.82 -2.46 -11.04
CA GLY A 62 14.99 -3.61 -11.91
C GLY A 62 16.26 -4.37 -11.59
N PHE A 63 17.35 -3.63 -11.45
CA PHE A 63 18.62 -4.22 -11.03
C PHE A 63 18.76 -4.13 -9.52
N VAL A 64 19.07 -5.26 -8.90
CA VAL A 64 19.24 -5.32 -7.46
C VAL A 64 20.72 -5.55 -7.14
N ILE A 65 21.23 -4.78 -6.20
CA ILE A 65 22.62 -4.93 -5.76
C ILE A 65 22.78 -6.23 -5.00
N PRO A 66 23.65 -7.13 -5.48
CA PRO A 66 23.85 -8.43 -4.85
C PRO A 66 24.61 -8.34 -3.54
N ASP A 67 23.98 -8.80 -2.46
CA ASP A 67 24.62 -8.84 -1.15
C ASP A 67 24.89 -10.28 -0.77
N GLU A 68 25.45 -11.03 -1.71
CA GLU A 68 25.69 -12.45 -1.52
C GLU A 68 27.11 -12.82 -1.94
N GLY A 69 27.42 -14.10 -1.90
CA GLY A 69 28.72 -14.57 -2.31
C GLY A 69 29.66 -14.79 -1.14
N GLY A 70 30.90 -15.10 -1.44
CA GLY A 70 31.87 -15.36 -0.41
C GLY A 70 33.13 -15.97 -0.97
N ASP B 1 -18.21 6.02 -34.19
CA ASP B 1 -16.93 5.62 -33.56
C ASP B 1 -17.08 5.55 -32.04
N GLU B 2 -18.27 5.15 -31.59
CA GLU B 2 -18.57 5.06 -30.17
C GLU B 2 -17.62 4.10 -29.47
N ALA B 3 -17.60 2.85 -29.91
CA ALA B 3 -16.79 1.83 -29.27
C ALA B 3 -15.30 2.14 -29.43
N ALA B 4 -14.94 2.75 -30.56
CA ALA B 4 -13.54 3.07 -30.84
C ALA B 4 -12.93 3.90 -29.71
N GLU B 5 -13.72 4.83 -29.17
CA GLU B 5 -13.27 5.65 -28.07
C GLU B 5 -13.21 4.84 -26.77
N LEU B 6 -14.17 3.93 -26.63
CA LEU B 6 -14.20 3.05 -25.46
C LEU B 6 -13.03 2.06 -25.47
N MET B 7 -12.54 1.74 -26.67
CA MET B 7 -11.35 0.89 -26.80
C MET B 7 -10.15 1.57 -26.16
N GLN B 8 -10.09 2.89 -26.33
CA GLN B 8 -9.03 3.68 -25.72
C GLN B 8 -9.33 3.88 -24.25
N GLN B 9 -10.62 3.98 -23.93
CA GLN B 9 -11.07 4.19 -22.56
C GLN B 9 -10.64 3.04 -21.66
N VAL B 10 -10.80 1.79 -22.12
CA VAL B 10 -10.36 0.65 -21.33
C VAL B 10 -8.84 0.66 -21.21
N LYS B 11 -8.17 1.17 -22.23
CA LYS B 11 -6.72 1.20 -22.25
C LYS B 11 -6.18 2.17 -21.19
N VAL B 12 -6.67 3.40 -21.21
CA VAL B 12 -6.23 4.39 -20.24
C VAL B 12 -6.70 4.04 -18.83
N LEU B 13 -7.80 3.31 -18.74
CA LEU B 13 -8.38 2.92 -17.47
C LEU B 13 -7.59 1.75 -16.87
N LYS B 14 -7.17 0.81 -17.73
CA LYS B 14 -6.41 -0.34 -17.29
C LYS B 14 -5.00 0.07 -16.91
N LEU B 15 -4.55 1.19 -17.46
CA LEU B 15 -3.23 1.70 -17.15
C LEU B 15 -3.21 2.31 -15.76
N THR B 16 -4.37 2.69 -15.27
CA THR B 16 -4.52 3.07 -13.88
C THR B 16 -4.50 1.80 -13.03
N VAL B 17 -5.10 0.75 -13.58
CA VAL B 17 -5.12 -0.56 -12.92
C VAL B 17 -3.71 -1.08 -12.72
N GLU B 18 -2.90 -1.11 -13.78
CA GLU B 18 -1.54 -1.64 -13.68
C GLU B 18 -0.70 -0.79 -12.74
N ASP B 19 -0.95 0.52 -12.76
CA ASP B 19 -0.22 1.46 -11.93
C ASP B 19 -0.57 1.29 -10.46
N LEU B 20 -1.83 0.95 -10.22
CA LEU B 20 -2.32 0.71 -8.87
C LEU B 20 -1.95 -0.68 -8.38
N GLU B 21 -2.06 -1.67 -9.27
CA GLU B 21 -1.69 -3.04 -8.96
C GLU B 21 -0.25 -3.10 -8.44
N LYS B 22 0.66 -2.47 -9.16
CA LYS B 22 2.07 -2.49 -8.79
C LYS B 22 2.30 -1.80 -7.45
N GLU B 23 1.49 -0.78 -7.16
CA GLU B 23 1.59 -0.06 -5.89
C GLU B 23 1.05 -0.91 -4.75
N ARG B 24 -0.06 -1.59 -5.01
CA ARG B 24 -0.72 -2.40 -3.99
C ARG B 24 0.21 -3.52 -3.52
N ASP B 25 0.94 -4.13 -4.44
CA ASP B 25 1.84 -5.23 -4.08
C ASP B 25 3.22 -4.70 -3.63
N PHE B 26 3.61 -3.55 -4.16
CA PHE B 26 4.90 -2.95 -3.83
C PHE B 26 5.00 -2.71 -2.34
N TYR B 27 4.08 -1.93 -1.80
CA TYR B 27 4.09 -1.64 -0.39
C TYR B 27 3.66 -2.86 0.41
N PHE B 28 2.88 -3.74 -0.21
CA PHE B 28 2.39 -4.94 0.46
C PHE B 28 3.53 -5.81 0.94
N GLY B 29 4.53 -6.00 0.09
CA GLY B 29 5.71 -6.74 0.47
C GLY B 29 6.48 -6.03 1.56
N LYS B 30 6.29 -4.72 1.63
CA LYS B 30 6.96 -3.90 2.62
C LYS B 30 6.38 -4.09 4.03
N LEU B 31 5.04 -4.16 4.15
CA LEU B 31 4.42 -4.34 5.48
C LEU B 31 4.88 -5.65 6.09
N ARG B 32 5.11 -6.63 5.24
CA ARG B 32 5.62 -7.91 5.67
C ARG B 32 7.02 -7.77 6.27
N ASN B 33 7.83 -6.89 5.70
CA ASN B 33 9.18 -6.68 6.21
C ASN B 33 9.14 -6.03 7.59
N ILE B 34 8.24 -5.05 7.77
CA ILE B 34 8.07 -4.41 9.08
C ILE B 34 7.51 -5.42 10.09
N GLU B 35 6.60 -6.28 9.62
CA GLU B 35 6.04 -7.35 10.44
C GLU B 35 7.13 -8.35 10.81
N LEU B 36 8.04 -8.60 9.88
CA LEU B 36 9.16 -9.50 10.11
C LEU B 36 10.08 -8.95 11.21
N ILE B 37 10.21 -7.63 11.29
CA ILE B 37 10.98 -7.00 12.36
C ILE B 37 10.27 -7.22 13.69
N CYS B 38 8.94 -7.18 13.64
CA CYS B 38 8.12 -7.44 14.80
C CYS B 38 8.35 -8.85 15.31
N GLN B 39 8.30 -9.82 14.40
CA GLN B 39 8.48 -11.22 14.75
C GLN B 39 9.88 -11.49 15.30
N GLU B 40 10.78 -10.52 15.13
CA GLU B 40 12.14 -10.64 15.64
C GLU B 40 12.27 -10.06 17.04
N ASN B 41 11.55 -8.99 17.32
CA ASN B 41 11.77 -8.24 18.57
C ASN B 41 10.61 -8.41 19.55
N GLU B 42 9.47 -8.86 19.07
CA GLU B 42 8.27 -8.97 19.91
C GLU B 42 8.48 -9.92 21.08
N GLY B 43 8.33 -9.39 22.29
CA GLY B 43 8.46 -10.17 23.49
C GLY B 43 9.89 -10.42 23.89
N GLU B 44 10.83 -9.86 23.14
CA GLU B 44 12.23 -10.09 23.42
C GLU B 44 12.97 -8.80 23.78
N ASN B 45 12.86 -7.78 22.93
CA ASN B 45 13.63 -6.56 23.16
C ASN B 45 12.78 -5.31 22.99
N ASP B 46 12.25 -5.10 21.80
CA ASP B 46 11.60 -3.83 21.47
C ASP B 46 10.08 -3.96 21.45
N PRO B 47 9.38 -3.17 22.29
CA PRO B 47 7.91 -3.16 22.34
C PRO B 47 7.30 -2.29 21.24
N VAL B 48 8.14 -1.47 20.61
CA VAL B 48 7.70 -0.58 19.55
C VAL B 48 7.05 -1.35 18.40
N LEU B 49 7.55 -2.55 18.14
CA LEU B 49 7.08 -3.34 17.01
C LEU B 49 5.60 -3.69 17.16
N GLN B 50 5.16 -3.90 18.40
CA GLN B 50 3.76 -4.23 18.67
C GLN B 50 2.84 -3.14 18.14
N ARG B 51 3.16 -1.89 18.44
CA ARG B 51 2.30 -0.78 18.02
C ARG B 51 2.40 -0.53 16.51
N ILE B 52 3.40 -1.13 15.86
CA ILE B 52 3.48 -1.05 14.40
C ILE B 52 2.72 -2.23 13.77
N VAL B 53 2.64 -3.33 14.52
CA VAL B 53 1.78 -4.44 14.14
C VAL B 53 0.33 -3.96 14.11
N ASP B 54 0.00 -3.13 15.10
CA ASP B 54 -1.30 -2.47 15.18
C ASP B 54 -1.59 -1.74 13.87
N ILE B 55 -0.55 -1.14 13.29
CA ILE B 55 -0.66 -0.45 12.01
C ILE B 55 -1.08 -1.42 10.89
N LEU B 56 -0.35 -2.51 10.76
CA LEU B 56 -0.56 -3.46 9.67
C LEU B 56 -1.91 -4.15 9.78
N TYR B 57 -2.57 -3.98 10.91
CA TYR B 57 -3.87 -4.57 11.13
C TYR B 57 -4.88 -3.51 11.56
N ALA B 58 -4.55 -2.25 11.30
CA ALA B 58 -5.43 -1.15 11.64
C ALA B 58 -6.50 -0.99 10.57
N THR B 59 -7.74 -1.19 10.96
CA THR B 59 -8.84 -1.12 10.03
C THR B 59 -9.80 0.00 10.41
N ASP B 60 -9.62 1.15 9.79
CA ASP B 60 -10.47 2.30 10.04
C ASP B 60 -11.84 2.09 9.42
N GLU B 61 -12.80 1.72 10.26
CA GLU B 61 -14.15 1.45 9.82
C GLU B 61 -14.90 2.75 9.59
N GLY B 62 -16.09 2.69 8.98
CA GLY B 62 -16.91 3.88 8.82
C GLY B 62 -17.12 4.60 10.12
N PHE B 63 -17.46 3.85 11.16
CA PHE B 63 -17.58 4.41 12.49
C PHE B 63 -16.27 4.26 13.24
N VAL B 64 -15.79 5.36 13.81
CA VAL B 64 -14.56 5.37 14.56
C VAL B 64 -14.86 5.56 16.04
N ILE B 65 -14.24 4.75 16.89
CA ILE B 65 -14.40 4.87 18.33
C ILE B 65 -13.74 6.14 18.82
N PRO B 66 -14.50 7.05 19.44
CA PRO B 66 -13.98 8.32 19.92
C PRO B 66 -13.10 8.18 21.16
N ASP B 67 -11.85 8.59 21.03
CA ASP B 67 -10.93 8.58 22.15
C ASP B 67 -10.65 10.01 22.59
N GLU B 68 -11.70 10.79 22.72
CA GLU B 68 -11.59 12.20 23.07
C GLU B 68 -12.55 12.56 24.20
N GLY B 69 -12.59 13.84 24.53
CA GLY B 69 -13.50 14.30 25.56
C GLY B 69 -12.81 14.47 26.90
N GLY B 70 -13.58 14.78 27.92
CA GLY B 70 -13.03 14.98 29.23
C GLY B 70 -14.05 15.60 30.16
N ASP A 1 -24.20 -3.71 -29.44
CA ASP A 1 -23.57 -4.65 -28.48
C ASP A 1 -22.05 -4.48 -28.47
N GLU A 2 -21.51 -3.89 -29.53
CA GLU A 2 -20.06 -3.70 -29.64
C GLU A 2 -19.52 -2.85 -28.49
N ALA A 3 -20.04 -1.63 -28.36
CA ALA A 3 -19.62 -0.76 -27.27
C ALA A 3 -20.10 -1.31 -25.94
N ALA A 4 -21.21 -2.05 -25.97
CA ALA A 4 -21.79 -2.64 -24.77
C ALA A 4 -20.79 -3.57 -24.08
N GLU A 5 -20.02 -4.30 -24.88
CA GLU A 5 -18.97 -5.15 -24.34
C GLU A 5 -17.96 -4.31 -23.56
N LEU A 6 -17.64 -3.15 -24.11
CA LEU A 6 -16.69 -2.25 -23.48
C LEU A 6 -17.30 -1.52 -22.28
N MET A 7 -18.63 -1.37 -22.29
CA MET A 7 -19.33 -0.77 -21.15
C MET A 7 -19.09 -1.61 -19.90
N GLN A 8 -19.10 -2.92 -20.11
CA GLN A 8 -18.80 -3.87 -19.05
C GLN A 8 -17.34 -3.76 -18.64
N GLN A 9 -16.48 -3.58 -19.63
CA GLN A 9 -15.04 -3.49 -19.41
C GLN A 9 -14.68 -2.30 -18.53
N VAL A 10 -15.20 -1.12 -18.85
CA VAL A 10 -14.88 0.07 -18.06
C VAL A 10 -15.38 -0.08 -16.63
N LYS A 11 -16.47 -0.81 -16.43
CA LYS A 11 -17.00 -1.01 -15.09
C LYS A 11 -16.06 -1.88 -14.26
N VAL A 12 -15.74 -3.08 -14.76
CA VAL A 12 -14.87 -3.99 -14.03
C VAL A 12 -13.48 -3.37 -13.83
N LEU A 13 -13.10 -2.51 -14.75
CA LEU A 13 -11.83 -1.80 -14.67
C LEU A 13 -11.89 -0.69 -13.62
N LYS A 14 -12.90 0.16 -13.72
CA LYS A 14 -13.04 1.29 -12.81
C LYS A 14 -13.25 0.82 -11.37
N LEU A 15 -13.95 -0.29 -11.22
CA LEU A 15 -14.24 -0.83 -9.89
C LEU A 15 -12.96 -1.35 -9.24
N THR A 16 -12.09 -1.93 -10.05
CA THR A 16 -10.79 -2.35 -9.57
C THR A 16 -9.96 -1.13 -9.20
N VAL A 17 -10.14 -0.06 -9.98
CA VAL A 17 -9.53 1.23 -9.67
C VAL A 17 -10.04 1.75 -8.33
N GLU A 18 -11.37 1.73 -8.16
CA GLU A 18 -12.01 2.15 -6.91
C GLU A 18 -11.37 1.45 -5.72
N ASP A 19 -11.32 0.12 -5.77
CA ASP A 19 -10.74 -0.67 -4.70
C ASP A 19 -9.26 -0.34 -4.52
N LEU A 20 -8.51 -0.39 -5.60
CA LEU A 20 -7.06 -0.19 -5.54
C LEU A 20 -6.70 1.22 -5.09
N GLU A 21 -7.52 2.21 -5.43
CA GLU A 21 -7.29 3.57 -4.96
C GLU A 21 -7.41 3.64 -3.44
N LYS A 22 -8.51 3.13 -2.90
CA LYS A 22 -8.73 3.18 -1.45
C LYS A 22 -7.75 2.26 -0.74
N GLU A 23 -7.34 1.19 -1.40
CA GLU A 23 -6.36 0.26 -0.83
C GLU A 23 -4.97 0.89 -0.79
N ARG A 24 -4.60 1.63 -1.84
CA ARG A 24 -3.32 2.32 -1.85
C ARG A 24 -3.27 3.31 -0.68
N ASP A 25 -4.30 4.14 -0.55
CA ASP A 25 -4.38 5.11 0.54
C ASP A 25 -4.56 4.44 1.89
N PHE A 26 -5.24 3.30 1.88
CA PHE A 26 -5.48 2.51 3.09
C PHE A 26 -4.16 2.26 3.81
N TYR A 27 -3.22 1.68 3.09
CA TYR A 27 -1.92 1.38 3.65
C TYR A 27 -1.03 2.62 3.62
N PHE A 28 -1.30 3.52 2.68
CA PHE A 28 -0.49 4.73 2.53
C PHE A 28 -0.48 5.54 3.81
N GLY A 29 -1.67 5.80 4.33
CA GLY A 29 -1.78 6.51 5.60
C GLY A 29 -1.09 5.75 6.71
N LYS A 30 -1.09 4.42 6.59
CA LYS A 30 -0.44 3.55 7.57
C LYS A 30 1.06 3.83 7.66
N LEU A 31 1.75 3.93 6.51
CA LEU A 31 3.21 4.11 6.50
C LEU A 31 3.61 5.38 7.24
N ARG A 32 2.75 6.37 7.20
CA ARG A 32 3.01 7.63 7.90
C ARG A 32 3.05 7.41 9.41
N ASN A 33 2.20 6.55 9.93
CA ASN A 33 2.19 6.29 11.38
C ASN A 33 3.46 5.57 11.79
N ILE A 34 3.89 4.59 10.99
CA ILE A 34 5.14 3.88 11.28
C ILE A 34 6.32 4.86 11.20
N GLU A 35 6.27 5.77 10.23
CA GLU A 35 7.29 6.82 10.10
C GLU A 35 7.24 7.78 11.29
N LEU A 36 6.03 8.10 11.74
CA LEU A 36 5.86 8.95 12.91
C LEU A 36 6.49 8.31 14.15
N ILE A 37 6.30 7.00 14.30
CA ILE A 37 6.94 6.24 15.37
C ILE A 37 8.45 6.36 15.26
N CYS A 38 8.93 6.37 14.03
CA CYS A 38 10.35 6.55 13.75
C CYS A 38 10.81 7.93 14.22
N GLN A 39 10.08 8.95 13.82
CA GLN A 39 10.43 10.33 14.15
C GLN A 39 10.58 10.52 15.66
N GLU A 40 9.76 9.81 16.43
CA GLU A 40 9.75 9.95 17.87
C GLU A 40 10.90 9.19 18.52
N ASN A 41 11.24 8.03 17.98
CA ASN A 41 12.23 7.16 18.61
C ASN A 41 13.63 7.35 18.02
N GLU A 42 13.69 7.67 16.74
CA GLU A 42 14.97 7.82 16.05
C GLU A 42 15.82 8.93 16.65
N GLY A 43 17.03 8.57 17.03
CA GLY A 43 17.95 9.52 17.61
C GLY A 43 17.72 9.71 19.09
N GLU A 44 16.59 9.21 19.57
CA GLU A 44 16.21 9.42 20.96
C GLU A 44 16.30 8.13 21.77
N ASN A 45 15.67 7.07 21.29
CA ASN A 45 15.61 5.84 22.07
C ASN A 45 15.93 4.60 21.23
N ASP A 46 15.11 4.31 20.23
CA ASP A 46 15.23 3.07 19.47
C ASP A 46 15.66 3.31 18.03
N PRO A 47 16.69 2.56 17.57
CA PRO A 47 17.15 2.60 16.18
C PRO A 47 16.39 1.64 15.26
N VAL A 48 15.59 0.76 15.86
CA VAL A 48 14.81 -0.21 15.08
C VAL A 48 13.96 0.49 14.02
N LEU A 49 13.47 1.69 14.34
CA LEU A 49 12.61 2.41 13.43
C LEU A 49 13.36 2.83 12.18
N GLN A 50 14.64 3.14 12.33
CA GLN A 50 15.48 3.54 11.20
C GLN A 50 15.42 2.52 10.07
N ARG A 51 15.59 1.24 10.39
CA ARG A 51 15.57 0.21 9.37
C ARG A 51 14.15 0.00 8.81
N ILE A 52 13.15 0.47 9.54
CA ILE A 52 11.78 0.42 9.04
C ILE A 52 11.50 1.64 8.17
N VAL A 53 12.26 2.71 8.39
CA VAL A 53 12.19 3.90 7.53
C VAL A 53 12.72 3.55 6.14
N ASP A 54 13.78 2.74 6.11
CA ASP A 54 14.34 2.23 4.87
C ASP A 54 13.25 1.54 4.06
N ILE A 55 12.34 0.89 4.75
CA ILE A 55 11.18 0.26 4.11
C ILE A 55 10.36 1.28 3.32
N LEU A 56 9.92 2.33 4.02
CA LEU A 56 9.00 3.31 3.44
C LEU A 56 9.66 4.12 2.32
N TYR A 57 10.96 3.98 2.20
CA TYR A 57 11.71 4.75 1.21
C TYR A 57 12.58 3.83 0.38
N ALA A 58 12.24 2.55 0.38
CA ALA A 58 12.93 1.59 -0.47
C ALA A 58 12.25 1.57 -1.82
N THR A 59 12.95 2.00 -2.84
CA THR A 59 12.37 2.07 -4.15
C THR A 59 13.17 1.23 -5.14
N ASP A 60 12.83 -0.04 -5.18
CA ASP A 60 13.42 -0.99 -6.10
C ASP A 60 12.36 -2.01 -6.50
N GLU A 61 11.56 -1.64 -7.51
CA GLU A 61 10.41 -2.42 -7.92
C GLU A 61 9.43 -2.62 -6.75
N GLY A 62 8.41 -3.43 -6.96
CA GLY A 62 7.48 -3.72 -5.88
C GLY A 62 8.07 -4.72 -4.90
N PHE A 63 8.68 -5.76 -5.45
CA PHE A 63 9.29 -6.82 -4.65
C PHE A 63 10.40 -6.27 -3.78
N VAL A 64 10.46 -6.74 -2.54
CA VAL A 64 11.51 -6.34 -1.62
C VAL A 64 12.67 -7.31 -1.70
N ILE A 65 13.83 -6.81 -2.11
CA ILE A 65 15.02 -7.63 -2.24
C ILE A 65 15.52 -8.05 -0.87
N PRO A 66 15.47 -9.36 -0.56
CA PRO A 66 15.91 -9.89 0.73
C PRO A 66 17.40 -9.66 0.97
N ASP A 67 17.73 -9.16 2.15
CA ASP A 67 19.12 -8.94 2.53
C ASP A 67 19.78 -10.26 2.91
N GLU A 68 21.06 -10.37 2.63
CA GLU A 68 21.81 -11.58 2.94
C GLU A 68 23.11 -11.24 3.63
N GLY A 69 23.33 -11.80 4.80
CA GLY A 69 24.54 -11.54 5.55
C GLY A 69 25.66 -12.48 5.17
N GLY A 70 26.43 -12.10 4.17
CA GLY A 70 27.52 -12.94 3.71
C GLY A 70 28.05 -12.47 2.38
N ASP B 1 -16.77 5.05 -34.10
CA ASP B 1 -16.14 5.94 -33.10
C ASP B 1 -16.75 5.75 -31.71
N GLU B 2 -17.95 5.18 -31.67
CA GLU B 2 -18.66 4.98 -30.41
C GLU B 2 -17.85 4.08 -29.47
N ALA B 3 -17.55 2.88 -29.92
CA ALA B 3 -16.76 1.96 -29.11
C ALA B 3 -15.33 2.47 -28.99
N ALA B 4 -14.89 3.22 -29.99
CA ALA B 4 -13.54 3.77 -30.01
C ALA B 4 -13.30 4.67 -28.79
N GLU B 5 -14.32 5.41 -28.40
CA GLU B 5 -14.25 6.24 -27.19
C GLU B 5 -13.97 5.36 -25.98
N LEU B 6 -14.63 4.20 -25.94
CA LEU B 6 -14.46 3.27 -24.84
C LEU B 6 -13.14 2.51 -24.93
N MET B 7 -12.60 2.37 -26.14
CA MET B 7 -11.30 1.75 -26.34
C MET B 7 -10.24 2.55 -25.58
N GLN B 8 -10.39 3.87 -25.64
CA GLN B 8 -9.52 4.77 -24.90
C GLN B 8 -9.76 4.62 -23.39
N GLN B 9 -11.02 4.46 -23.03
CA GLN B 9 -11.42 4.35 -21.63
C GLN B 9 -10.78 3.12 -20.97
N VAL B 10 -10.89 1.96 -21.61
CA VAL B 10 -10.34 0.74 -21.03
C VAL B 10 -8.82 0.85 -20.88
N LYS B 11 -8.18 1.59 -21.78
CA LYS B 11 -6.73 1.76 -21.71
C LYS B 11 -6.34 2.58 -20.49
N VAL B 12 -6.89 3.78 -20.37
CA VAL B 12 -6.56 4.66 -19.25
C VAL B 12 -6.96 4.02 -17.93
N LEU B 13 -7.99 3.19 -17.97
CA LEU B 13 -8.46 2.45 -16.81
C LEU B 13 -7.50 1.32 -16.46
N LYS B 14 -7.19 0.47 -17.45
CA LYS B 14 -6.35 -0.69 -17.22
C LYS B 14 -4.94 -0.27 -16.81
N LEU B 15 -4.47 0.85 -17.36
CA LEU B 15 -3.14 1.35 -17.06
C LEU B 15 -3.06 1.83 -15.61
N THR B 16 -4.13 2.43 -15.14
CA THR B 16 -4.22 2.82 -13.74
C THR B 16 -4.25 1.56 -12.87
N VAL B 17 -4.92 0.53 -13.39
CA VAL B 17 -4.92 -0.77 -12.73
C VAL B 17 -3.51 -1.33 -12.67
N GLU B 18 -2.81 -1.31 -13.81
CA GLU B 18 -1.42 -1.76 -13.88
C GLU B 18 -0.57 -1.11 -12.79
N ASP B 19 -0.61 0.21 -12.74
CA ASP B 19 0.15 0.96 -11.74
C ASP B 19 -0.30 0.61 -10.33
N LEU B 20 -1.60 0.69 -10.08
CA LEU B 20 -2.14 0.46 -8.74
C LEU B 20 -1.91 -0.97 -8.26
N GLU B 21 -1.90 -1.93 -9.18
CA GLU B 21 -1.61 -3.32 -8.82
C GLU B 21 -0.19 -3.44 -8.30
N LYS B 22 0.78 -2.93 -9.07
CA LYS B 22 2.17 -3.03 -8.68
C LYS B 22 2.45 -2.15 -7.47
N GLU B 23 1.70 -1.05 -7.34
CA GLU B 23 1.84 -0.17 -6.19
C GLU B 23 1.29 -0.81 -4.92
N ARG B 24 0.17 -1.52 -5.03
CA ARG B 24 -0.39 -2.23 -3.89
C ARG B 24 0.63 -3.25 -3.38
N ASP B 25 1.16 -4.07 -4.30
CA ASP B 25 2.15 -5.08 -3.95
C ASP B 25 3.48 -4.46 -3.55
N PHE B 26 3.78 -3.30 -4.12
CA PHE B 26 5.00 -2.55 -3.83
C PHE B 26 5.13 -2.35 -2.34
N TYR B 27 4.09 -1.76 -1.75
CA TYR B 27 4.08 -1.50 -0.33
C TYR B 27 3.65 -2.75 0.43
N PHE B 28 2.88 -3.61 -0.22
CA PHE B 28 2.37 -4.82 0.43
C PHE B 28 3.52 -5.69 0.94
N GLY B 29 4.48 -5.94 0.06
CA GLY B 29 5.66 -6.68 0.46
C GLY B 29 6.41 -5.98 1.57
N LYS B 30 6.33 -4.65 1.56
CA LYS B 30 6.97 -3.83 2.57
C LYS B 30 6.43 -4.12 3.97
N LEU B 31 5.10 -4.20 4.12
CA LEU B 31 4.48 -4.39 5.45
C LEU B 31 4.96 -5.69 6.08
N ARG B 32 5.26 -6.67 5.26
CA ARG B 32 5.75 -7.94 5.75
C ARG B 32 7.11 -7.80 6.41
N ASN B 33 7.96 -6.93 5.87
CA ASN B 33 9.28 -6.73 6.46
C ASN B 33 9.17 -6.04 7.81
N ILE B 34 8.28 -5.04 7.90
CA ILE B 34 8.05 -4.36 9.16
C ILE B 34 7.47 -5.35 10.18
N GLU B 35 6.59 -6.23 9.71
CA GLU B 35 6.02 -7.28 10.57
C GLU B 35 7.09 -8.28 10.98
N LEU B 36 8.00 -8.60 10.06
CA LEU B 36 9.12 -9.49 10.36
C LEU B 36 9.99 -8.89 11.46
N ILE B 37 10.24 -7.59 11.38
CA ILE B 37 10.98 -6.88 12.42
C ILE B 37 10.26 -7.02 13.76
N CYS B 38 8.93 -7.00 13.70
CA CYS B 38 8.09 -7.18 14.87
C CYS B 38 8.30 -8.58 15.44
N GLN B 39 8.19 -9.59 14.58
CA GLN B 39 8.32 -10.97 15.01
C GLN B 39 9.64 -11.22 15.75
N GLU B 40 10.68 -10.53 15.34
CA GLU B 40 12.00 -10.72 15.92
C GLU B 40 12.15 -9.99 17.26
N ASN B 41 11.54 -8.81 17.38
CA ASN B 41 11.73 -7.99 18.56
C ASN B 41 10.61 -8.17 19.58
N GLU B 42 9.40 -8.46 19.10
CA GLU B 42 8.25 -8.60 19.98
C GLU B 42 8.42 -9.73 20.97
N GLY B 43 8.27 -9.41 22.25
CA GLY B 43 8.39 -10.40 23.30
C GLY B 43 9.84 -10.63 23.69
N GLU B 44 10.76 -10.13 22.87
CA GLU B 44 12.18 -10.38 23.09
C GLU B 44 12.90 -9.13 23.55
N ASN B 45 12.74 -8.03 22.80
CA ASN B 45 13.52 -6.83 23.10
C ASN B 45 12.65 -5.57 23.08
N ASP B 46 12.08 -5.24 21.93
CA ASP B 46 11.39 -3.97 21.77
C ASP B 46 9.89 -4.17 21.55
N PRO B 47 9.06 -3.42 22.31
CA PRO B 47 7.60 -3.42 22.16
C PRO B 47 7.10 -2.41 21.13
N VAL B 48 8.00 -1.55 20.65
CA VAL B 48 7.64 -0.54 19.65
C VAL B 48 7.00 -1.19 18.44
N LEU B 49 7.46 -2.38 18.09
CA LEU B 49 6.97 -3.06 16.90
C LEU B 49 5.51 -3.45 17.05
N GLN B 50 5.11 -3.79 18.28
CA GLN B 50 3.74 -4.16 18.58
C GLN B 50 2.76 -3.10 18.07
N ARG B 51 3.01 -1.84 18.39
CA ARG B 51 2.10 -0.77 17.99
C ARG B 51 2.19 -0.51 16.48
N ILE B 52 3.26 -1.01 15.85
CA ILE B 52 3.37 -0.91 14.39
C ILE B 52 2.66 -2.10 13.75
N VAL B 53 2.52 -3.19 14.50
CA VAL B 53 1.73 -4.34 14.05
C VAL B 53 0.26 -3.96 13.98
N ASP B 54 -0.18 -3.16 14.95
CA ASP B 54 -1.53 -2.62 14.96
C ASP B 54 -1.82 -1.89 13.67
N ILE B 55 -0.78 -1.24 13.12
CA ILE B 55 -0.87 -0.58 11.83
C ILE B 55 -1.29 -1.56 10.73
N LEU B 56 -0.50 -2.62 10.58
CA LEU B 56 -0.66 -3.57 9.49
C LEU B 56 -1.97 -4.35 9.61
N TYR B 57 -2.63 -4.23 10.75
CA TYR B 57 -3.84 -4.97 11.00
C TYR B 57 -4.94 -4.03 11.47
N ALA B 58 -4.77 -2.75 11.20
CA ALA B 58 -5.80 -1.77 11.50
C ALA B 58 -6.75 -1.67 10.33
N THR B 59 -7.98 -2.11 10.54
CA THR B 59 -8.95 -2.12 9.47
C THR B 59 -10.15 -1.26 9.81
N ASP B 60 -10.01 0.03 9.52
CA ASP B 60 -11.07 1.01 9.70
C ASP B 60 -10.98 2.04 8.61
N GLU B 61 -11.56 1.71 7.45
CA GLU B 61 -11.44 2.53 6.25
C GLU B 61 -9.97 2.69 5.85
N GLY B 62 -9.72 3.53 4.86
CA GLY B 62 -8.35 3.80 4.46
C GLY B 62 -7.67 4.75 5.42
N PHE B 63 -8.40 5.81 5.78
CA PHE B 63 -7.89 6.83 6.68
C PHE B 63 -7.57 6.24 8.06
N VAL B 64 -6.45 6.66 8.63
CA VAL B 64 -6.06 6.21 9.95
C VAL B 64 -6.58 7.17 11.00
N ILE B 65 -7.45 6.67 11.87
CA ILE B 65 -8.04 7.48 12.93
C ILE B 65 -6.99 7.84 13.97
N PRO B 66 -6.66 9.14 14.07
CA PRO B 66 -5.64 9.62 15.02
C PRO B 66 -6.04 9.37 16.47
N ASP B 67 -5.12 8.82 17.24
CA ASP B 67 -5.35 8.57 18.65
C ASP B 67 -5.23 9.86 19.44
N GLU B 68 -6.02 9.97 20.51
CA GLU B 68 -6.01 11.15 21.35
C GLU B 68 -5.93 10.76 22.81
N GLY B 69 -4.93 11.28 23.51
CA GLY B 69 -4.76 10.98 24.91
C GLY B 69 -5.54 11.92 25.80
N GLY B 70 -6.79 11.57 26.08
CA GLY B 70 -7.63 12.40 26.90
C GLY B 70 -9.07 11.97 26.83
N ASP A 1 -23.78 -5.43 -28.23
CA ASP A 1 -23.16 -4.43 -29.13
C ASP A 1 -21.69 -4.27 -28.80
N GLU A 2 -20.92 -3.77 -29.75
CA GLU A 2 -19.48 -3.62 -29.57
C GLU A 2 -19.18 -2.77 -28.34
N ALA A 3 -19.67 -1.52 -28.35
CA ALA A 3 -19.43 -0.61 -27.25
C ALA A 3 -20.07 -1.09 -25.97
N ALA A 4 -21.23 -1.73 -26.09
CA ALA A 4 -21.95 -2.22 -24.93
C ALA A 4 -21.10 -3.16 -24.09
N GLU A 5 -20.31 -3.99 -24.77
CA GLU A 5 -19.37 -4.88 -24.08
C GLU A 5 -18.33 -4.06 -23.33
N LEU A 6 -17.86 -2.99 -23.94
CA LEU A 6 -16.87 -2.12 -23.32
C LEU A 6 -17.49 -1.31 -22.18
N MET A 7 -18.79 -1.02 -22.28
CA MET A 7 -19.50 -0.33 -21.21
C MET A 7 -19.44 -1.16 -19.93
N GLN A 8 -19.59 -2.47 -20.11
CA GLN A 8 -19.49 -3.41 -19.02
C GLN A 8 -18.04 -3.51 -18.54
N GLN A 9 -17.11 -3.42 -19.49
CA GLN A 9 -15.70 -3.54 -19.20
C GLN A 9 -15.22 -2.37 -18.36
N VAL A 10 -15.50 -1.13 -18.79
CA VAL A 10 -15.07 0.05 -18.03
C VAL A 10 -15.63 0.01 -16.62
N LYS A 11 -16.80 -0.61 -16.46
CA LYS A 11 -17.44 -0.71 -15.17
C LYS A 11 -16.58 -1.51 -14.21
N VAL A 12 -16.31 -2.77 -14.56
CA VAL A 12 -15.51 -3.64 -13.69
C VAL A 12 -14.08 -3.13 -13.59
N LEU A 13 -13.64 -2.46 -14.64
CA LEU A 13 -12.28 -1.95 -14.74
C LEU A 13 -12.08 -0.77 -13.80
N LYS A 14 -13.03 0.17 -13.80
CA LYS A 14 -12.91 1.38 -12.99
C LYS A 14 -13.22 1.10 -11.53
N LEU A 15 -14.07 0.11 -11.28
CA LEU A 15 -14.39 -0.28 -9.91
C LEU A 15 -13.19 -0.91 -9.25
N THR A 16 -12.37 -1.58 -10.06
CA THR A 16 -11.10 -2.08 -9.59
C THR A 16 -10.15 -0.92 -9.34
N VAL A 17 -10.22 0.10 -10.20
CA VAL A 17 -9.47 1.33 -10.00
C VAL A 17 -9.83 1.98 -8.67
N GLU A 18 -11.12 2.20 -8.46
CA GLU A 18 -11.61 2.82 -7.23
C GLU A 18 -11.21 2.01 -6.01
N ASP A 19 -11.30 0.68 -6.13
CA ASP A 19 -10.90 -0.21 -5.06
C ASP A 19 -9.40 -0.08 -4.79
N LEU A 20 -8.62 -0.14 -5.85
CA LEU A 20 -7.17 -0.04 -5.76
C LEU A 20 -6.72 1.33 -5.27
N GLU A 21 -7.40 2.37 -5.72
CA GLU A 21 -7.11 3.73 -5.30
C GLU A 21 -7.25 3.87 -3.79
N LYS A 22 -8.35 3.38 -3.24
CA LYS A 22 -8.55 3.46 -1.80
C LYS A 22 -7.58 2.54 -1.09
N GLU A 23 -7.21 1.41 -1.71
CA GLU A 23 -6.25 0.49 -1.11
C GLU A 23 -4.87 1.12 -1.02
N ARG A 24 -4.45 1.80 -2.09
CA ARG A 24 -3.14 2.45 -2.11
C ARG A 24 -3.07 3.48 -0.98
N ASP A 25 -4.10 4.32 -0.90
CA ASP A 25 -4.18 5.38 0.11
C ASP A 25 -4.40 4.79 1.50
N PHE A 26 -5.18 3.72 1.57
CA PHE A 26 -5.47 3.01 2.81
C PHE A 26 -4.18 2.68 3.54
N TYR A 27 -3.33 1.92 2.87
CA TYR A 27 -2.05 1.55 3.45
C TYR A 27 -1.11 2.74 3.48
N PHE A 28 -1.26 3.66 2.52
CA PHE A 28 -0.38 4.82 2.41
C PHE A 28 -0.38 5.63 3.71
N GLY A 29 -1.57 5.88 4.23
CA GLY A 29 -1.69 6.59 5.48
C GLY A 29 -1.05 5.81 6.62
N LYS A 30 -1.03 4.49 6.48
CA LYS A 30 -0.47 3.63 7.51
C LYS A 30 1.05 3.77 7.59
N LEU A 31 1.74 3.89 6.44
CA LEU A 31 3.21 4.02 6.47
C LEU A 31 3.62 5.28 7.20
N ARG A 32 2.75 6.27 7.16
CA ARG A 32 2.99 7.52 7.88
C ARG A 32 2.99 7.28 9.38
N ASN A 33 2.14 6.38 9.83
CA ASN A 33 2.07 6.06 11.26
C ASN A 33 3.37 5.38 11.71
N ILE A 34 3.83 4.41 10.91
CA ILE A 34 5.09 3.73 11.20
C ILE A 34 6.26 4.72 11.13
N GLU A 35 6.17 5.68 10.21
CA GLU A 35 7.13 6.77 10.10
C GLU A 35 7.08 7.65 11.35
N LEU A 36 5.88 7.91 11.84
CA LEU A 36 5.69 8.76 13.00
C LEU A 36 6.29 8.12 14.26
N ILE A 37 6.26 6.79 14.33
CA ILE A 37 6.91 6.08 15.42
C ILE A 37 8.42 6.27 15.32
N CYS A 38 8.88 6.43 14.10
CA CYS A 38 10.28 6.75 13.85
C CYS A 38 10.58 8.18 14.28
N GLN A 39 9.68 9.09 13.90
CA GLN A 39 9.84 10.51 14.23
C GLN A 39 10.04 10.73 15.73
N GLU A 40 9.39 9.91 16.55
CA GLU A 40 9.45 10.08 17.99
C GLU A 40 10.62 9.30 18.62
N ASN A 41 11.08 8.24 17.96
CA ASN A 41 12.11 7.39 18.56
C ASN A 41 13.48 7.60 17.92
N GLU A 42 13.49 7.93 16.63
CA GLU A 42 14.73 8.09 15.88
C GLU A 42 15.61 9.17 16.48
N GLY A 43 16.85 8.81 16.76
CA GLY A 43 17.80 9.74 17.30
C GLY A 43 17.69 9.87 18.80
N GLU A 44 16.58 9.39 19.36
CA GLU A 44 16.35 9.53 20.79
C GLU A 44 16.83 8.29 21.53
N ASN A 45 16.27 7.13 21.21
CA ASN A 45 16.71 5.88 21.83
C ASN A 45 16.74 4.72 20.85
N ASP A 46 15.56 4.38 20.32
CA ASP A 46 15.38 3.14 19.57
C ASP A 46 15.80 3.28 18.11
N PRO A 47 16.81 2.50 17.69
CA PRO A 47 17.30 2.48 16.31
C PRO A 47 16.48 1.59 15.39
N VAL A 48 15.62 0.76 15.98
CA VAL A 48 14.78 -0.16 15.21
C VAL A 48 13.96 0.60 14.17
N LEU A 49 13.56 1.82 14.49
CA LEU A 49 12.71 2.60 13.60
C LEU A 49 13.44 2.95 12.31
N GLN A 50 14.75 3.19 12.41
CA GLN A 50 15.55 3.54 11.24
C GLN A 50 15.47 2.47 10.16
N ARG A 51 15.56 1.21 10.54
CA ARG A 51 15.51 0.12 9.56
C ARG A 51 14.10 -0.06 9.00
N ILE A 52 13.11 0.50 9.68
CA ILE A 52 11.74 0.48 9.16
C ILE A 52 11.53 1.68 8.24
N VAL A 53 12.25 2.77 8.52
CA VAL A 53 12.27 3.93 7.62
C VAL A 53 12.83 3.52 6.27
N ASP A 54 13.87 2.70 6.32
CA ASP A 54 14.49 2.15 5.11
C ASP A 54 13.43 1.46 4.25
N ILE A 55 12.47 0.82 4.92
CA ILE A 55 11.33 0.21 4.25
C ILE A 55 10.53 1.23 3.44
N LEU A 56 10.10 2.29 4.13
CA LEU A 56 9.23 3.30 3.53
C LEU A 56 9.92 4.07 2.42
N TYR A 57 11.23 3.91 2.28
CA TYR A 57 11.97 4.59 1.24
C TYR A 57 12.67 3.58 0.33
N ALA A 58 12.34 2.31 0.50
CA ALA A 58 12.89 1.27 -0.34
C ALA A 58 12.01 1.10 -1.58
N THR A 59 12.57 1.38 -2.74
CA THR A 59 11.82 1.29 -3.96
C THR A 59 12.20 0.04 -4.74
N ASP A 60 11.50 -1.06 -4.45
CA ASP A 60 11.77 -2.34 -5.06
C ASP A 60 11.46 -2.33 -6.55
N GLU A 61 12.48 -2.12 -7.36
CA GLU A 61 12.33 -2.12 -8.81
C GLU A 61 13.68 -2.36 -9.47
N GLY A 62 14.64 -1.55 -9.07
CA GLY A 62 15.98 -1.67 -9.62
C GLY A 62 16.74 -2.82 -8.98
N PHE A 63 16.86 -2.77 -7.67
CA PHE A 63 17.54 -3.83 -6.92
C PHE A 63 16.56 -4.93 -6.55
N VAL A 64 16.72 -6.08 -7.18
CA VAL A 64 15.91 -7.24 -6.87
C VAL A 64 16.50 -7.99 -5.68
N ILE A 65 15.69 -8.17 -4.65
CA ILE A 65 16.15 -8.83 -3.43
C ILE A 65 16.40 -10.32 -3.68
N PRO A 66 17.63 -10.78 -3.46
CA PRO A 66 18.00 -12.19 -3.67
C PRO A 66 17.50 -13.08 -2.54
N ASP A 67 17.58 -14.38 -2.75
CA ASP A 67 17.17 -15.33 -1.73
C ASP A 67 18.33 -16.24 -1.36
N GLU A 68 18.91 -16.01 -0.19
CA GLU A 68 20.02 -16.80 0.28
C GLU A 68 19.54 -18.15 0.79
N GLY A 69 19.79 -19.18 0.00
CA GLY A 69 19.39 -20.52 0.39
C GLY A 69 20.31 -21.09 1.45
N GLY A 70 19.81 -21.17 2.68
CA GLY A 70 20.60 -21.68 3.77
C GLY A 70 20.93 -20.59 4.76
N ASP B 1 -15.81 6.72 -33.15
CA ASP B 1 -16.90 5.74 -32.98
C ASP B 1 -17.22 5.56 -31.51
N GLU B 2 -18.41 5.07 -31.21
CA GLU B 2 -18.84 4.89 -29.83
C GLU B 2 -17.86 4.00 -29.08
N ALA B 3 -17.71 2.77 -29.57
CA ALA B 3 -16.84 1.80 -28.92
C ALA B 3 -15.38 2.26 -28.96
N ALA B 4 -15.01 2.92 -30.05
CA ALA B 4 -13.64 3.38 -30.23
C ALA B 4 -13.20 4.29 -29.07
N GLU B 5 -14.12 5.11 -28.60
CA GLU B 5 -13.86 5.97 -27.44
C GLU B 5 -13.62 5.12 -26.20
N LEU B 6 -14.41 4.05 -26.06
CA LEU B 6 -14.26 3.15 -24.93
C LEU B 6 -12.99 2.30 -25.04
N MET B 7 -12.55 2.05 -26.28
CA MET B 7 -11.30 1.32 -26.51
C MET B 7 -10.14 2.11 -25.91
N GLN B 8 -10.21 3.43 -26.08
CA GLN B 8 -9.23 4.34 -25.50
C GLN B 8 -9.39 4.39 -23.99
N GLN B 9 -10.65 4.33 -23.54
CA GLN B 9 -10.96 4.40 -22.12
C GLN B 9 -10.42 3.19 -21.37
N VAL B 10 -10.72 1.99 -21.85
CA VAL B 10 -10.23 0.78 -21.17
C VAL B 10 -8.71 0.78 -21.10
N LYS B 11 -8.09 1.40 -22.08
CA LYS B 11 -6.65 1.47 -22.14
C LYS B 11 -6.10 2.23 -20.94
N VAL B 12 -6.49 3.49 -20.80
CA VAL B 12 -6.01 4.32 -19.69
C VAL B 12 -6.52 3.79 -18.35
N LEU B 13 -7.68 3.14 -18.41
CA LEU B 13 -8.34 2.62 -17.22
C LEU B 13 -7.60 1.40 -16.68
N LYS B 14 -7.23 0.48 -17.57
CA LYS B 14 -6.57 -0.75 -17.18
C LYS B 14 -5.10 -0.51 -16.84
N LEU B 15 -4.50 0.47 -17.49
CA LEU B 15 -3.11 0.81 -17.21
C LEU B 15 -2.99 1.41 -15.82
N THR B 16 -4.04 2.09 -15.40
CA THR B 16 -4.13 2.56 -14.03
C THR B 16 -4.31 1.37 -13.09
N VAL B 17 -5.10 0.39 -13.54
CA VAL B 17 -5.26 -0.86 -12.80
C VAL B 17 -3.91 -1.55 -12.61
N GLU B 18 -3.20 -1.76 -13.71
CA GLU B 18 -1.89 -2.42 -13.66
C GLU B 18 -0.93 -1.64 -12.77
N ASP B 19 -0.96 -0.32 -12.87
CA ASP B 19 -0.13 0.53 -12.03
C ASP B 19 -0.51 0.37 -10.56
N LEU B 20 -1.80 0.45 -10.28
CA LEU B 20 -2.31 0.33 -8.92
C LEU B 20 -2.08 -1.07 -8.35
N GLU B 21 -2.24 -2.08 -9.20
CA GLU B 21 -2.00 -3.46 -8.79
C GLU B 21 -0.57 -3.64 -8.29
N LYS B 22 0.38 -3.16 -9.06
CA LYS B 22 1.77 -3.28 -8.66
C LYS B 22 2.05 -2.40 -7.45
N GLU B 23 1.36 -1.26 -7.34
CA GLU B 23 1.53 -0.37 -6.19
C GLU B 23 1.04 -1.03 -4.91
N ARG B 24 -0.13 -1.67 -4.98
CA ARG B 24 -0.70 -2.35 -3.82
C ARG B 24 0.28 -3.41 -3.33
N ASP B 25 0.75 -4.23 -4.26
CA ASP B 25 1.68 -5.33 -3.94
C ASP B 25 3.06 -4.79 -3.56
N PHE B 26 3.45 -3.70 -4.21
CA PHE B 26 4.73 -3.03 -3.95
C PHE B 26 4.86 -2.75 -2.46
N TYR B 27 3.92 -1.98 -1.93
CA TYR B 27 3.94 -1.65 -0.52
C TYR B 27 3.54 -2.86 0.32
N PHE B 28 2.71 -3.74 -0.25
CA PHE B 28 2.22 -4.92 0.49
C PHE B 28 3.38 -5.75 0.99
N GLY B 29 4.34 -6.01 0.11
CA GLY B 29 5.52 -6.76 0.51
C GLY B 29 6.32 -6.03 1.57
N LYS B 30 6.21 -4.71 1.57
CA LYS B 30 6.93 -3.89 2.53
C LYS B 30 6.38 -4.05 3.94
N LEU B 31 5.04 -4.15 4.10
CA LEU B 31 4.46 -4.29 5.44
C LEU B 31 4.93 -5.59 6.08
N ARG B 32 5.23 -6.57 5.25
CA ARG B 32 5.74 -7.84 5.73
C ARG B 32 7.12 -7.65 6.34
N ASN B 33 7.92 -6.76 5.78
CA ASN B 33 9.25 -6.49 6.31
C ASN B 33 9.13 -5.83 7.70
N ILE B 34 8.25 -4.85 7.82
CA ILE B 34 8.00 -4.19 9.11
C ILE B 34 7.44 -5.21 10.11
N GLU B 35 6.61 -6.12 9.62
CA GLU B 35 6.10 -7.23 10.44
C GLU B 35 7.23 -8.16 10.87
N LEU B 36 8.16 -8.41 9.96
CA LEU B 36 9.28 -9.30 10.26
C LEU B 36 10.19 -8.71 11.33
N ILE B 37 10.30 -7.38 11.37
CA ILE B 37 11.05 -6.71 12.43
C ILE B 37 10.33 -6.92 13.77
N CYS B 38 9.02 -7.06 13.68
CA CYS B 38 8.21 -7.38 14.84
C CYS B 38 8.43 -8.84 15.24
N GLN B 39 8.44 -9.72 14.25
CA GLN B 39 8.64 -11.15 14.49
C GLN B 39 9.93 -11.42 15.28
N GLU B 40 10.96 -10.62 15.05
CA GLU B 40 12.24 -10.83 15.70
C GLU B 40 12.35 -10.10 17.04
N ASN B 41 11.59 -9.03 17.22
CA ASN B 41 11.74 -8.21 18.43
C ASN B 41 10.58 -8.41 19.41
N GLU B 42 9.40 -8.70 18.88
CA GLU B 42 8.21 -8.86 19.70
C GLU B 42 8.35 -9.97 20.71
N GLY B 43 8.10 -9.63 21.97
CA GLY B 43 8.18 -10.60 23.03
C GLY B 43 9.60 -10.78 23.54
N GLU B 44 10.57 -10.31 22.78
CA GLU B 44 11.97 -10.48 23.14
C GLU B 44 12.47 -9.27 23.93
N ASN B 45 12.42 -8.09 23.32
CA ASN B 45 12.85 -6.89 24.01
C ASN B 45 11.98 -5.69 23.65
N ASP B 46 11.99 -5.31 22.38
CA ASP B 46 11.41 -4.05 21.94
C ASP B 46 9.91 -4.15 21.72
N PRO B 47 9.13 -3.36 22.49
CA PRO B 47 7.67 -3.32 22.37
C PRO B 47 7.19 -2.37 21.27
N VAL B 48 8.11 -1.55 20.74
CA VAL B 48 7.76 -0.59 19.69
C VAL B 48 7.14 -1.30 18.49
N LEU B 49 7.56 -2.53 18.24
CA LEU B 49 7.09 -3.26 17.07
C LEU B 49 5.60 -3.59 17.20
N GLN B 50 5.14 -3.84 18.42
CA GLN B 50 3.74 -4.17 18.66
C GLN B 50 2.81 -3.06 18.17
N ARG B 51 3.16 -1.81 18.45
CA ARG B 51 2.31 -0.69 18.03
C ARG B 51 2.38 -0.48 16.51
N ILE B 52 3.39 -1.04 15.87
CA ILE B 52 3.48 -0.98 14.42
C ILE B 52 2.71 -2.15 13.81
N VAL B 53 2.64 -3.26 14.55
CA VAL B 53 1.78 -4.38 14.18
C VAL B 53 0.33 -3.94 14.14
N ASP B 54 -0.04 -3.14 15.13
CA ASP B 54 -1.37 -2.55 15.21
C ASP B 54 -1.70 -1.82 13.91
N ILE B 55 -0.68 -1.18 13.33
CA ILE B 55 -0.82 -0.53 12.03
C ILE B 55 -1.24 -1.52 10.94
N LEU B 56 -0.48 -2.60 10.82
CA LEU B 56 -0.67 -3.57 9.74
C LEU B 56 -2.00 -4.32 9.89
N TYR B 57 -2.65 -4.16 11.03
CA TYR B 57 -3.92 -4.82 11.26
C TYR B 57 -5.02 -3.80 11.55
N ALA B 58 -4.69 -2.53 11.35
CA ALA B 58 -5.67 -1.47 11.54
C ALA B 58 -6.41 -1.24 10.24
N THR B 59 -7.71 -1.50 10.26
CA THR B 59 -8.52 -1.35 9.07
C THR B 59 -9.35 -0.08 9.13
N ASP B 60 -8.77 1.01 8.65
CA ASP B 60 -9.41 2.32 8.68
C ASP B 60 -10.64 2.36 7.78
N GLU B 61 -11.80 2.16 8.37
CA GLU B 61 -13.06 2.22 7.64
C GLU B 61 -14.21 2.45 8.61
N GLY B 62 -14.27 1.61 9.62
CA GLY B 62 -15.31 1.73 10.63
C GLY B 62 -15.00 2.86 11.60
N PHE B 63 -13.86 2.76 12.26
CA PHE B 63 -13.45 3.78 13.21
C PHE B 63 -12.68 4.89 12.51
N VAL B 64 -13.29 6.05 12.42
CA VAL B 64 -12.65 7.21 11.84
C VAL B 64 -11.79 7.90 12.89
N ILE B 65 -10.51 8.08 12.59
CA ILE B 65 -9.57 8.69 13.52
C ILE B 65 -9.86 10.17 13.68
N PRO B 66 -10.16 10.61 14.92
CA PRO B 66 -10.46 12.01 15.20
C PRO B 66 -9.21 12.88 15.23
N ASP B 67 -9.39 14.18 15.26
CA ASP B 67 -8.28 15.11 15.33
C ASP B 67 -8.40 15.99 16.57
N GLU B 68 -7.58 15.70 17.56
CA GLU B 68 -7.58 16.45 18.80
C GLU B 68 -6.89 17.80 18.61
N GLY B 69 -7.69 18.85 18.53
CA GLY B 69 -7.14 20.19 18.37
C GLY B 69 -6.54 20.70 19.66
N GLY B 70 -5.21 20.75 19.70
CA GLY B 70 -4.53 21.20 20.89
C GLY B 70 -3.78 20.08 21.56
N ASP A 1 -23.56 -4.04 -30.45
CA ASP A 1 -23.08 -4.80 -29.27
C ASP A 1 -21.58 -4.64 -29.07
N GLU A 2 -20.93 -3.90 -29.97
CA GLU A 2 -19.50 -3.67 -29.88
C GLU A 2 -19.15 -2.88 -28.62
N ALA A 3 -19.70 -1.69 -28.50
CA ALA A 3 -19.42 -0.84 -27.35
C ALA A 3 -20.05 -1.42 -26.09
N ALA A 4 -21.14 -2.18 -26.25
CA ALA A 4 -21.84 -2.76 -25.12
C ALA A 4 -20.90 -3.60 -24.25
N GLU A 5 -20.03 -4.37 -24.89
CA GLU A 5 -19.04 -5.16 -24.17
C GLU A 5 -18.09 -4.25 -23.40
N LEU A 6 -17.69 -3.17 -24.05
CA LEU A 6 -16.77 -2.21 -23.44
C LEU A 6 -17.43 -1.45 -22.29
N MET A 7 -18.75 -1.32 -22.33
CA MET A 7 -19.49 -0.68 -21.25
C MET A 7 -19.32 -1.49 -19.97
N GLN A 8 -19.49 -2.80 -20.08
CA GLN A 8 -19.28 -3.70 -18.96
C GLN A 8 -17.80 -3.74 -18.59
N GLN A 9 -16.96 -3.60 -19.60
CA GLN A 9 -15.51 -3.64 -19.41
C GLN A 9 -15.05 -2.49 -18.52
N VAL A 10 -15.43 -1.25 -18.86
CA VAL A 10 -15.02 -0.11 -18.03
C VAL A 10 -15.54 -0.26 -16.62
N LYS A 11 -16.71 -0.89 -16.49
CA LYS A 11 -17.30 -1.16 -15.19
C LYS A 11 -16.40 -2.05 -14.36
N VAL A 12 -16.14 -3.26 -14.84
CA VAL A 12 -15.34 -4.23 -14.10
C VAL A 12 -13.89 -3.74 -13.94
N LEU A 13 -13.46 -2.92 -14.88
CA LEU A 13 -12.11 -2.39 -14.89
C LEU A 13 -11.97 -1.28 -13.85
N LYS A 14 -12.99 -0.44 -13.74
CA LYS A 14 -12.98 0.66 -12.79
C LYS A 14 -13.24 0.15 -11.38
N LEU A 15 -13.90 -1.00 -11.28
CA LEU A 15 -14.19 -1.60 -9.99
C LEU A 15 -12.92 -2.13 -9.35
N THR A 16 -11.92 -2.43 -10.18
CA THR A 16 -10.60 -2.75 -9.68
C THR A 16 -9.90 -1.46 -9.24
N VAL A 17 -10.15 -0.39 -9.99
CA VAL A 17 -9.62 0.92 -9.68
C VAL A 17 -10.12 1.43 -8.33
N GLU A 18 -11.45 1.41 -8.14
CA GLU A 18 -12.05 1.93 -6.91
C GLU A 18 -11.49 1.23 -5.68
N ASP A 19 -11.23 -0.06 -5.79
CA ASP A 19 -10.65 -0.82 -4.70
C ASP A 19 -9.18 -0.47 -4.52
N LEU A 20 -8.43 -0.51 -5.61
CA LEU A 20 -6.99 -0.28 -5.56
C LEU A 20 -6.65 1.14 -5.12
N GLU A 21 -7.49 2.11 -5.47
CA GLU A 21 -7.29 3.48 -5.03
C GLU A 21 -7.32 3.57 -3.51
N LYS A 22 -8.40 3.09 -2.91
CA LYS A 22 -8.54 3.13 -1.47
C LYS A 22 -7.52 2.21 -0.81
N GLU A 23 -7.14 1.14 -1.49
CA GLU A 23 -6.10 0.23 -1.00
C GLU A 23 -4.77 0.98 -0.83
N ARG A 24 -4.31 1.61 -1.90
CA ARG A 24 -3.03 2.33 -1.87
C ARG A 24 -3.06 3.41 -0.79
N ASP A 25 -4.14 4.20 -0.77
CA ASP A 25 -4.29 5.29 0.19
C ASP A 25 -4.42 4.76 1.62
N PHE A 26 -5.16 3.67 1.78
CA PHE A 26 -5.38 3.05 3.09
C PHE A 26 -4.05 2.79 3.76
N TYR A 27 -3.19 2.03 3.08
CA TYR A 27 -1.90 1.70 3.63
C TYR A 27 -0.98 2.89 3.60
N PHE A 28 -1.16 3.78 2.63
CA PHE A 28 -0.29 4.96 2.49
C PHE A 28 -0.32 5.80 3.75
N GLY A 29 -1.51 6.03 4.28
CA GLY A 29 -1.64 6.75 5.53
C GLY A 29 -1.06 5.96 6.68
N LYS A 30 -1.01 4.64 6.52
CA LYS A 30 -0.46 3.76 7.55
C LYS A 30 1.06 3.85 7.61
N LEU A 31 1.73 3.98 6.45
CA LEU A 31 3.19 4.11 6.46
C LEU A 31 3.59 5.39 7.18
N ARG A 32 2.71 6.37 7.15
CA ARG A 32 2.95 7.62 7.86
C ARG A 32 2.80 7.42 9.36
N ASN A 33 1.99 6.45 9.76
CA ASN A 33 1.84 6.14 11.17
C ASN A 33 3.11 5.48 11.70
N ILE A 34 3.70 4.57 10.91
CA ILE A 34 4.98 3.95 11.26
C ILE A 34 6.10 5.00 11.19
N GLU A 35 5.99 5.90 10.21
CA GLU A 35 6.89 7.06 10.10
C GLU A 35 6.88 7.89 11.37
N LEU A 36 5.69 8.11 11.91
CA LEU A 36 5.54 8.91 13.12
C LEU A 36 6.17 8.23 14.34
N ILE A 37 6.19 6.89 14.33
CA ILE A 37 6.87 6.13 15.39
C ILE A 37 8.37 6.29 15.24
N CYS A 38 8.81 6.48 14.00
CA CYS A 38 10.21 6.71 13.71
C CYS A 38 10.64 8.07 14.25
N GLN A 39 9.86 9.09 13.92
CA GLN A 39 10.17 10.46 14.33
C GLN A 39 10.32 10.60 15.83
N GLU A 40 9.60 9.79 16.60
CA GLU A 40 9.61 9.91 18.04
C GLU A 40 10.73 9.09 18.69
N ASN A 41 11.25 8.09 17.97
CA ASN A 41 12.24 7.19 18.57
C ASN A 41 13.63 7.33 17.95
N GLU A 42 13.69 7.69 16.66
CA GLU A 42 14.95 7.77 15.94
C GLU A 42 15.92 8.75 16.58
N GLY A 43 17.12 8.28 16.87
CA GLY A 43 18.15 9.14 17.40
C GLY A 43 17.99 9.43 18.88
N GLU A 44 16.99 8.82 19.49
CA GLU A 44 16.72 9.05 20.89
C GLU A 44 16.81 7.76 21.69
N ASN A 45 16.10 6.73 21.25
CA ASN A 45 16.08 5.47 21.99
C ASN A 45 16.29 4.26 21.08
N ASP A 46 15.38 4.09 20.13
CA ASP A 46 15.32 2.84 19.36
C ASP A 46 15.79 3.02 17.92
N PRO A 47 16.85 2.30 17.54
CA PRO A 47 17.35 2.27 16.17
C PRO A 47 16.49 1.43 15.25
N VAL A 48 15.59 0.63 15.84
CA VAL A 48 14.71 -0.23 15.06
C VAL A 48 13.91 0.57 14.05
N LEU A 49 13.50 1.78 14.43
CA LEU A 49 12.68 2.61 13.55
C LEU A 49 13.46 3.00 12.29
N GLN A 50 14.78 3.12 12.42
CA GLN A 50 15.63 3.49 11.30
C GLN A 50 15.49 2.49 10.16
N ARG A 51 15.58 1.20 10.47
CA ARG A 51 15.50 0.16 9.45
C ARG A 51 14.08 0.02 8.88
N ILE A 52 13.10 0.56 9.58
CA ILE A 52 11.72 0.55 9.07
C ILE A 52 11.49 1.76 8.17
N VAL A 53 12.28 2.81 8.38
CA VAL A 53 12.29 3.96 7.48
C VAL A 53 12.83 3.53 6.13
N ASP A 54 13.83 2.65 6.15
CA ASP A 54 14.38 2.06 4.94
C ASP A 54 13.27 1.38 4.14
N ILE A 55 12.29 0.85 4.85
CA ILE A 55 11.10 0.27 4.24
C ILE A 55 10.31 1.33 3.48
N LEU A 56 9.94 2.39 4.17
CA LEU A 56 9.09 3.43 3.61
C LEU A 56 9.80 4.21 2.52
N TYR A 57 11.10 4.00 2.38
CA TYR A 57 11.85 4.69 1.34
C TYR A 57 12.56 3.67 0.45
N ALA A 58 12.13 2.43 0.51
CA ALA A 58 12.66 1.41 -0.37
C ALA A 58 12.05 1.57 -1.76
N THR A 59 12.90 1.84 -2.74
CA THR A 59 12.42 2.05 -4.09
C THR A 59 12.94 0.97 -5.03
N ASP A 60 12.17 -0.09 -5.15
CA ASP A 60 12.50 -1.19 -6.03
C ASP A 60 11.81 -1.00 -7.38
N GLU A 61 12.58 -0.56 -8.36
CA GLU A 61 12.05 -0.25 -9.68
C GLU A 61 11.79 -1.51 -10.49
N GLY A 62 11.31 -1.34 -11.72
CA GLY A 62 11.03 -2.47 -12.58
C GLY A 62 12.23 -3.39 -12.72
N PHE A 63 13.38 -2.81 -13.02
CA PHE A 63 14.62 -3.57 -13.07
C PHE A 63 15.18 -3.71 -11.67
N VAL A 64 15.14 -4.93 -11.15
CA VAL A 64 15.68 -5.21 -9.83
C VAL A 64 17.20 -5.19 -9.87
N ILE A 65 17.81 -4.39 -9.00
CA ILE A 65 19.25 -4.28 -8.93
C ILE A 65 19.85 -5.60 -8.46
N PRO A 66 20.68 -6.22 -9.30
CA PRO A 66 21.31 -7.50 -8.97
C PRO A 66 22.28 -7.37 -7.81
N ASP A 67 22.48 -8.47 -7.09
CA ASP A 67 23.36 -8.49 -5.92
C ASP A 67 24.82 -8.55 -6.33
N GLU A 68 25.25 -7.52 -7.06
CA GLU A 68 26.63 -7.42 -7.51
C GLU A 68 27.14 -6.00 -7.29
N GLY A 69 28.42 -5.87 -7.00
CA GLY A 69 29.00 -4.56 -6.79
C GLY A 69 29.13 -4.22 -5.32
N GLY A 70 28.96 -5.23 -4.47
CA GLY A 70 29.10 -5.02 -3.05
C GLY A 70 30.06 -6.02 -2.43
N ASP B 1 -17.96 5.42 -33.90
CA ASP B 1 -17.06 6.13 -32.96
C ASP B 1 -17.50 5.93 -31.51
N GLU B 2 -18.60 5.21 -31.31
CA GLU B 2 -19.12 4.96 -29.97
C GLU B 2 -18.13 4.14 -29.16
N ALA B 3 -17.82 2.95 -29.65
CA ALA B 3 -16.91 2.05 -28.95
C ALA B 3 -15.48 2.60 -28.98
N ALA B 4 -15.17 3.37 -30.01
CA ALA B 4 -13.83 3.93 -30.18
C ALA B 4 -13.40 4.73 -28.94
N GLU B 5 -14.33 5.50 -28.39
CA GLU B 5 -14.06 6.25 -27.17
C GLU B 5 -13.77 5.30 -26.02
N LEU B 6 -14.56 4.23 -25.94
CA LEU B 6 -14.40 3.24 -24.89
C LEU B 6 -13.10 2.45 -25.03
N MET B 7 -12.60 2.35 -26.26
CA MET B 7 -11.32 1.68 -26.51
C MET B 7 -10.21 2.44 -25.80
N GLN B 8 -10.22 3.76 -25.96
CA GLN B 8 -9.26 4.63 -25.29
C GLN B 8 -9.53 4.62 -23.79
N GLN B 9 -10.80 4.50 -23.44
CA GLN B 9 -11.22 4.51 -22.04
C GLN B 9 -10.62 3.33 -21.29
N VAL B 10 -10.81 2.11 -21.80
CA VAL B 10 -10.26 0.93 -21.13
C VAL B 10 -8.74 1.04 -21.01
N LYS B 11 -8.13 1.68 -22.00
CA LYS B 11 -6.69 1.91 -22.00
C LYS B 11 -6.28 2.78 -20.81
N VAL B 12 -6.80 3.99 -20.75
CA VAL B 12 -6.43 4.92 -19.68
C VAL B 12 -6.90 4.41 -18.31
N LEU B 13 -7.96 3.61 -18.33
CA LEU B 13 -8.54 3.06 -17.11
C LEU B 13 -7.67 1.92 -16.58
N LYS B 14 -7.17 1.09 -17.51
CA LYS B 14 -6.33 -0.05 -17.14
C LYS B 14 -4.93 0.42 -16.78
N LEU B 15 -4.54 1.57 -17.30
CA LEU B 15 -3.24 2.13 -17.01
C LEU B 15 -3.16 2.63 -15.58
N THR B 16 -4.32 2.93 -15.01
CA THR B 16 -4.40 3.22 -13.59
C THR B 16 -4.32 1.91 -12.81
N VAL B 17 -4.93 0.87 -13.38
CA VAL B 17 -4.89 -0.47 -12.80
C VAL B 17 -3.46 -0.99 -12.72
N GLU B 18 -2.74 -0.97 -13.83
CA GLU B 18 -1.39 -1.53 -13.90
C GLU B 18 -0.48 -0.89 -12.87
N ASP B 19 -0.67 0.42 -12.64
CA ASP B 19 0.11 1.13 -11.63
C ASP B 19 -0.34 0.75 -10.24
N LEU B 20 -1.63 0.82 -10.00
CA LEU B 20 -2.19 0.56 -8.68
C LEU B 20 -1.96 -0.88 -8.22
N GLU B 21 -1.96 -1.82 -9.16
CA GLU B 21 -1.67 -3.22 -8.83
C GLU B 21 -0.28 -3.36 -8.24
N LYS B 22 0.72 -2.86 -8.96
CA LYS B 22 2.09 -2.96 -8.50
C LYS B 22 2.30 -2.08 -7.27
N GLU B 23 1.54 -0.99 -7.18
CA GLU B 23 1.59 -0.12 -6.00
C GLU B 23 1.18 -0.89 -4.74
N ARG B 24 0.00 -1.49 -4.78
CA ARG B 24 -0.53 -2.24 -3.62
C ARG B 24 0.45 -3.35 -3.24
N ASP B 25 0.89 -4.11 -4.24
CA ASP B 25 1.80 -5.24 -4.01
C ASP B 25 3.17 -4.76 -3.53
N PHE B 26 3.65 -3.66 -4.11
CA PHE B 26 4.94 -3.09 -3.75
C PHE B 26 5.02 -2.86 -2.25
N TYR B 27 4.06 -2.10 -1.74
CA TYR B 27 4.04 -1.80 -0.31
C TYR B 27 3.61 -3.01 0.49
N PHE B 28 2.77 -3.87 -0.10
CA PHE B 28 2.26 -5.05 0.59
C PHE B 28 3.40 -5.94 1.07
N GLY B 29 4.36 -6.16 0.18
CA GLY B 29 5.54 -6.91 0.56
C GLY B 29 6.37 -6.17 1.59
N LYS B 30 6.23 -4.85 1.60
CA LYS B 30 6.97 -4.02 2.55
C LYS B 30 6.39 -4.14 3.96
N LEU B 31 5.06 -4.23 4.10
CA LEU B 31 4.45 -4.39 5.42
C LEU B 31 4.92 -5.70 6.04
N ARG B 32 5.24 -6.66 5.20
CA ARG B 32 5.75 -7.93 5.67
C ARG B 32 7.18 -7.78 6.17
N ASN B 33 7.91 -6.82 5.62
CA ASN B 33 9.27 -6.55 6.07
C ASN B 33 9.23 -5.94 7.47
N ILE B 34 8.30 -5.01 7.69
CA ILE B 34 8.11 -4.43 9.02
C ILE B 34 7.56 -5.49 9.98
N GLU B 35 6.68 -6.35 9.46
CA GLU B 35 6.17 -7.51 10.21
C GLU B 35 7.33 -8.39 10.70
N LEU B 36 8.30 -8.61 9.83
CA LEU B 36 9.44 -9.45 10.16
C LEU B 36 10.31 -8.81 11.26
N ILE B 37 10.33 -7.48 11.31
CA ILE B 37 11.04 -6.77 12.38
C ILE B 37 10.27 -6.94 13.69
N CYS B 38 8.96 -7.09 13.57
CA CYS B 38 8.12 -7.34 14.72
C CYS B 38 8.39 -8.72 15.29
N GLN B 39 8.39 -9.72 14.42
CA GLN B 39 8.60 -11.11 14.83
C GLN B 39 9.91 -11.31 15.59
N GLU B 40 10.92 -10.50 15.26
CA GLU B 40 12.23 -10.67 15.87
C GLU B 40 12.38 -9.89 17.18
N ASN B 41 11.53 -8.88 17.39
CA ASN B 41 11.69 -8.02 18.56
C ASN B 41 10.55 -8.15 19.56
N GLU B 42 9.35 -8.47 19.08
CA GLU B 42 8.16 -8.54 19.93
C GLU B 42 8.33 -9.57 21.04
N GLY B 43 8.11 -9.12 22.28
CA GLY B 43 8.15 -10.02 23.42
C GLY B 43 9.55 -10.35 23.86
N GLU B 44 10.54 -9.75 23.21
CA GLU B 44 11.93 -10.02 23.54
C GLU B 44 12.65 -8.76 23.99
N ASN B 45 12.56 -7.71 23.19
CA ASN B 45 13.27 -6.47 23.51
C ASN B 45 12.39 -5.24 23.35
N ASP B 46 11.89 -5.02 22.14
CA ASP B 46 11.25 -3.75 21.81
C ASP B 46 9.74 -3.87 21.64
N PRO B 47 8.98 -3.16 22.47
CA PRO B 47 7.52 -3.10 22.37
C PRO B 47 7.06 -2.20 21.22
N VAL B 48 7.98 -1.42 20.68
CA VAL B 48 7.67 -0.52 19.57
C VAL B 48 7.05 -1.28 18.41
N LEU B 49 7.53 -2.49 18.15
CA LEU B 49 7.05 -3.27 17.03
C LEU B 49 5.58 -3.63 17.21
N GLN B 50 5.15 -3.78 18.46
CA GLN B 50 3.77 -4.12 18.76
C GLN B 50 2.80 -3.08 18.19
N ARG B 51 3.09 -1.81 18.44
CA ARG B 51 2.20 -0.74 17.98
C ARG B 51 2.28 -0.55 16.46
N ILE B 52 3.31 -1.10 15.83
CA ILE B 52 3.41 -1.04 14.37
C ILE B 52 2.65 -2.22 13.76
N VAL B 53 2.49 -3.29 14.53
CA VAL B 53 1.65 -4.41 14.13
C VAL B 53 0.20 -3.96 14.09
N ASP B 54 -0.15 -3.09 15.03
CA ASP B 54 -1.48 -2.45 15.04
C ASP B 54 -1.74 -1.74 13.72
N ILE B 55 -0.67 -1.22 13.14
CA ILE B 55 -0.73 -0.59 11.82
C ILE B 55 -1.12 -1.61 10.76
N LEU B 56 -0.36 -2.70 10.68
CA LEU B 56 -0.54 -3.70 9.64
C LEU B 56 -1.85 -4.46 9.82
N TYR B 57 -2.52 -4.26 10.94
CA TYR B 57 -3.79 -4.93 11.20
C TYR B 57 -4.87 -3.90 11.50
N ALA B 58 -4.60 -2.65 11.16
CA ALA B 58 -5.59 -1.61 11.31
C ALA B 58 -6.61 -1.71 10.19
N THR B 59 -7.85 -1.96 10.54
CA THR B 59 -8.90 -2.13 9.55
C THR B 59 -9.94 -1.02 9.66
N ASP B 60 -9.70 0.07 8.95
CA ASP B 60 -10.62 1.19 8.91
C ASP B 60 -11.57 1.04 7.73
N GLU B 61 -12.80 0.63 8.01
CA GLU B 61 -13.78 0.37 6.97
C GLU B 61 -14.37 1.67 6.45
N GLY B 62 -15.30 1.55 5.49
CA GLY B 62 -15.95 2.71 4.92
C GLY B 62 -16.55 3.62 5.98
N PHE B 63 -17.31 3.03 6.89
CA PHE B 63 -17.85 3.77 8.01
C PHE B 63 -16.80 3.85 9.11
N VAL B 64 -16.28 5.05 9.32
CA VAL B 64 -15.29 5.28 10.37
C VAL B 64 -15.96 5.23 11.73
N ILE B 65 -15.43 4.40 12.61
CA ILE B 65 -15.98 4.26 13.96
C ILE B 65 -15.75 5.56 14.74
N PRO B 66 -16.85 6.20 15.18
CA PRO B 66 -16.78 7.46 15.91
C PRO B 66 -16.12 7.28 17.28
N ASP B 67 -15.52 8.34 17.78
CA ASP B 67 -14.81 8.30 19.06
C ASP B 67 -15.79 8.35 20.22
N GLU B 68 -16.65 7.36 20.28
CA GLU B 68 -17.64 7.25 21.36
C GLU B 68 -17.69 5.80 21.86
N GLY B 69 -17.94 5.66 23.15
CA GLY B 69 -18.02 4.32 23.73
C GLY B 69 -16.74 3.94 24.44
N GLY B 70 -15.88 4.91 24.67
CA GLY B 70 -14.64 4.66 25.37
C GLY B 70 -14.46 5.62 26.53
N ASP A 1 -24.74 -3.16 -29.09
CA ASP A 1 -24.07 -4.47 -28.92
C ASP A 1 -22.56 -4.29 -28.75
N GLU A 2 -21.90 -3.78 -29.80
CA GLU A 2 -20.45 -3.62 -29.81
C GLU A 2 -19.97 -2.77 -28.64
N ALA A 3 -20.33 -1.50 -28.65
CA ALA A 3 -19.90 -0.59 -27.59
C ALA A 3 -20.54 -0.96 -26.27
N ALA A 4 -21.71 -1.56 -26.32
CA ALA A 4 -22.44 -1.95 -25.13
C ALA A 4 -21.60 -2.86 -24.23
N GLU A 5 -20.89 -3.80 -24.84
CA GLU A 5 -20.00 -4.69 -24.10
C GLU A 5 -18.87 -3.89 -23.47
N LEU A 6 -18.41 -2.87 -24.18
CA LEU A 6 -17.35 -2.01 -23.67
C LEU A 6 -17.87 -1.09 -22.57
N MET A 7 -19.15 -0.77 -22.60
CA MET A 7 -19.78 0.05 -21.56
C MET A 7 -19.66 -0.65 -20.22
N GLN A 8 -19.88 -1.96 -20.25
CA GLN A 8 -19.75 -2.77 -19.05
C GLN A 8 -18.28 -3.03 -18.75
N GLN A 9 -17.47 -3.09 -19.80
CA GLN A 9 -16.04 -3.31 -19.65
C GLN A 9 -15.40 -2.19 -18.85
N VAL A 10 -15.76 -0.94 -19.14
CA VAL A 10 -15.22 0.18 -18.37
C VAL A 10 -15.73 0.12 -16.94
N LYS A 11 -16.95 -0.38 -16.76
CA LYS A 11 -17.55 -0.45 -15.44
C LYS A 11 -16.74 -1.36 -14.52
N VAL A 12 -16.58 -2.61 -14.92
CA VAL A 12 -15.85 -3.60 -14.12
C VAL A 12 -14.38 -3.18 -13.97
N LEU A 13 -13.90 -2.39 -14.91
CA LEU A 13 -12.52 -1.97 -14.96
C LEU A 13 -12.29 -0.80 -14.00
N LYS A 14 -13.17 0.19 -14.05
CA LYS A 14 -13.04 1.40 -13.22
C LYS A 14 -13.31 1.09 -11.76
N LEU A 15 -14.15 0.09 -11.51
CA LEU A 15 -14.47 -0.30 -10.15
C LEU A 15 -13.25 -0.93 -9.49
N THR A 16 -12.46 -1.64 -10.28
CA THR A 16 -11.19 -2.16 -9.80
C THR A 16 -10.26 -1.00 -9.49
N VAL A 17 -10.29 0.01 -10.36
CA VAL A 17 -9.55 1.24 -10.12
C VAL A 17 -9.94 1.85 -8.78
N GLU A 18 -11.24 2.05 -8.59
CA GLU A 18 -11.76 2.64 -7.37
C GLU A 18 -11.31 1.86 -6.14
N ASP A 19 -11.40 0.54 -6.20
CA ASP A 19 -10.97 -0.30 -5.10
C ASP A 19 -9.47 -0.19 -4.88
N LEU A 20 -8.72 -0.23 -5.95
CA LEU A 20 -7.26 -0.13 -5.88
C LEU A 20 -6.82 1.24 -5.40
N GLU A 21 -7.57 2.28 -5.77
CA GLU A 21 -7.29 3.63 -5.31
C GLU A 21 -7.37 3.71 -3.79
N LYS A 22 -8.42 3.14 -3.23
CA LYS A 22 -8.60 3.15 -1.78
C LYS A 22 -7.60 2.21 -1.12
N GLU A 23 -7.22 1.15 -1.83
CA GLU A 23 -6.23 0.20 -1.34
C GLU A 23 -4.88 0.88 -1.14
N ARG A 24 -4.41 1.61 -2.16
CA ARG A 24 -3.14 2.30 -2.09
C ARG A 24 -3.14 3.29 -0.93
N ASP A 25 -4.18 4.12 -0.87
CA ASP A 25 -4.31 5.15 0.17
C ASP A 25 -4.49 4.53 1.55
N PHE A 26 -5.22 3.43 1.61
CA PHE A 26 -5.49 2.71 2.85
C PHE A 26 -4.19 2.46 3.62
N TYR A 27 -3.30 1.72 2.99
CA TYR A 27 -2.02 1.41 3.61
C TYR A 27 -1.10 2.62 3.59
N PHE A 28 -1.32 3.53 2.62
CA PHE A 28 -0.48 4.71 2.46
C PHE A 28 -0.44 5.54 3.73
N GLY A 29 -1.62 5.80 4.29
CA GLY A 29 -1.70 6.52 5.54
C GLY A 29 -1.04 5.77 6.67
N LYS A 30 -1.02 4.45 6.54
CA LYS A 30 -0.40 3.59 7.54
C LYS A 30 1.12 3.76 7.61
N LEU A 31 1.80 3.90 6.44
CA LEU A 31 3.25 4.07 6.45
C LEU A 31 3.63 5.35 7.18
N ARG A 32 2.75 6.34 7.11
CA ARG A 32 2.95 7.59 7.82
C ARG A 32 2.89 7.35 9.32
N ASN A 33 2.03 6.46 9.75
CA ASN A 33 1.89 6.17 11.18
C ASN A 33 3.17 5.49 11.70
N ILE A 34 3.74 4.59 10.91
CA ILE A 34 5.01 3.95 11.27
C ILE A 34 6.15 4.97 11.23
N GLU A 35 6.09 5.89 10.27
CA GLU A 35 7.02 7.02 10.19
C GLU A 35 6.95 7.86 11.47
N LEU A 36 5.73 8.10 11.95
CA LEU A 36 5.52 8.89 13.15
C LEU A 36 6.14 8.23 14.38
N ILE A 37 6.25 6.90 14.37
CA ILE A 37 6.93 6.18 15.45
C ILE A 37 8.44 6.38 15.32
N CYS A 38 8.88 6.57 14.09
CA CYS A 38 10.28 6.83 13.81
C CYS A 38 10.65 8.22 14.29
N GLN A 39 9.80 9.19 13.98
CA GLN A 39 10.07 10.59 14.32
C GLN A 39 10.21 10.80 15.83
N GLU A 40 9.57 9.95 16.62
CA GLU A 40 9.62 10.09 18.08
C GLU A 40 10.77 9.29 18.71
N ASN A 41 11.29 8.30 17.99
CA ASN A 41 12.32 7.43 18.56
C ASN A 41 13.69 7.60 17.91
N GLU A 42 13.68 7.93 16.61
CA GLU A 42 14.91 7.99 15.82
C GLU A 42 15.98 8.88 16.45
N GLY A 43 17.15 8.29 16.63
CA GLY A 43 18.29 9.03 17.12
C GLY A 43 18.35 9.09 18.63
N GLU A 44 17.19 9.06 19.26
CA GLU A 44 17.11 9.25 20.70
C GLU A 44 17.14 7.93 21.46
N ASN A 45 16.30 6.98 21.08
CA ASN A 45 16.18 5.75 21.86
C ASN A 45 16.24 4.50 21.01
N ASP A 46 15.27 4.34 20.11
CA ASP A 46 15.10 3.07 19.41
C ASP A 46 15.65 3.13 17.99
N PRO A 47 16.69 2.33 17.71
CA PRO A 47 17.30 2.25 16.38
C PRO A 47 16.49 1.38 15.41
N VAL A 48 15.56 0.62 15.96
CA VAL A 48 14.71 -0.25 15.16
C VAL A 48 13.93 0.56 14.13
N LEU A 49 13.58 1.79 14.46
CA LEU A 49 12.78 2.62 13.58
C LEU A 49 13.55 2.98 12.32
N GLN A 50 14.87 3.08 12.44
CA GLN A 50 15.73 3.37 11.30
C GLN A 50 15.50 2.36 10.18
N ARG A 51 15.61 1.08 10.53
CA ARG A 51 15.48 0.01 9.53
C ARG A 51 14.05 -0.08 8.98
N ILE A 52 13.09 0.52 9.65
CA ILE A 52 11.72 0.54 9.14
C ILE A 52 11.50 1.76 8.26
N VAL A 53 12.25 2.83 8.53
CA VAL A 53 12.25 4.00 7.64
C VAL A 53 12.82 3.60 6.29
N ASP A 54 13.83 2.73 6.33
CA ASP A 54 14.43 2.19 5.12
C ASP A 54 13.37 1.48 4.28
N ILE A 55 12.44 0.83 4.97
CA ILE A 55 11.29 0.18 4.34
C ILE A 55 10.47 1.17 3.53
N LEU A 56 10.05 2.25 4.18
CA LEU A 56 9.17 3.23 3.58
C LEU A 56 9.82 3.95 2.41
N TYR A 57 11.12 3.76 2.24
CA TYR A 57 11.84 4.38 1.14
C TYR A 57 12.53 3.32 0.30
N ALA A 58 12.14 2.07 0.48
CA ALA A 58 12.69 0.98 -0.30
C ALA A 58 11.95 0.89 -1.63
N THR A 59 12.67 1.14 -2.71
CA THR A 59 12.06 1.18 -4.01
C THR A 59 12.53 0.03 -4.89
N ASP A 60 11.67 -0.97 -5.04
CA ASP A 60 11.97 -2.12 -5.90
C ASP A 60 11.71 -1.77 -7.35
N GLU A 61 12.78 -1.53 -8.09
CA GLU A 61 12.69 -1.15 -9.49
C GLU A 61 13.67 -1.95 -10.31
N GLY A 62 13.48 -1.93 -11.63
CA GLY A 62 14.35 -2.65 -12.53
C GLY A 62 15.57 -1.83 -12.92
N PHE A 63 15.81 -0.77 -12.17
CA PHE A 63 16.96 0.09 -12.41
C PHE A 63 17.96 -0.07 -11.27
N VAL A 64 19.18 -0.45 -11.62
CA VAL A 64 20.24 -0.60 -10.64
C VAL A 64 21.06 0.68 -10.57
N ILE A 65 21.24 1.18 -9.35
CA ILE A 65 22.00 2.41 -9.13
C ILE A 65 23.43 2.24 -9.64
N PRO A 66 23.84 3.06 -10.61
CA PRO A 66 25.16 2.97 -11.24
C PRO A 66 26.29 3.39 -10.31
N ASP A 67 27.52 3.13 -10.73
CA ASP A 67 28.71 3.44 -9.94
C ASP A 67 28.64 2.73 -8.60
N GLU A 68 28.58 1.40 -8.66
CA GLU A 68 28.48 0.59 -7.45
C GLU A 68 29.84 0.55 -6.77
N GLY A 69 30.00 1.36 -5.74
CA GLY A 69 31.24 1.41 -5.02
C GLY A 69 31.95 2.73 -5.20
N GLY A 70 33.07 2.70 -5.91
CA GLY A 70 33.82 3.91 -6.17
C GLY A 70 35.24 3.60 -6.59
N ASP B 1 -16.24 4.51 -34.47
CA ASP B 1 -16.32 5.80 -33.74
C ASP B 1 -16.80 5.60 -32.30
N GLU B 2 -18.03 5.12 -32.15
CA GLU B 2 -18.64 4.95 -30.84
C GLU B 2 -17.80 4.05 -29.94
N ALA B 3 -17.69 2.78 -30.31
CA ALA B 3 -16.94 1.83 -29.51
C ALA B 3 -15.46 2.14 -29.52
N ALA B 4 -15.00 2.78 -30.61
CA ALA B 4 -13.60 3.14 -30.76
C ALA B 4 -13.11 3.99 -29.61
N GLU B 5 -13.94 4.95 -29.19
CA GLU B 5 -13.60 5.79 -28.05
C GLU B 5 -13.51 4.96 -26.78
N LEU B 6 -14.37 3.97 -26.67
CA LEU B 6 -14.37 3.07 -25.53
C LEU B 6 -13.18 2.12 -25.57
N MET B 7 -12.70 1.81 -26.77
CA MET B 7 -11.51 0.97 -26.92
C MET B 7 -10.32 1.63 -26.25
N GLN B 8 -10.21 2.93 -26.43
CA GLN B 8 -9.15 3.70 -25.79
C GLN B 8 -9.48 3.92 -24.32
N GLN B 9 -10.77 4.01 -24.02
CA GLN B 9 -11.21 4.22 -22.65
C GLN B 9 -10.78 3.06 -21.77
N VAL B 10 -10.93 1.83 -22.25
CA VAL B 10 -10.48 0.67 -21.48
C VAL B 10 -8.97 0.68 -21.34
N LYS B 11 -8.29 1.19 -22.36
CA LYS B 11 -6.83 1.22 -22.38
C LYS B 11 -6.31 2.08 -21.24
N VAL B 12 -6.71 3.35 -21.22
CA VAL B 12 -6.24 4.29 -20.20
C VAL B 12 -6.71 3.85 -18.81
N LEU B 13 -7.80 3.10 -18.78
CA LEU B 13 -8.42 2.65 -17.54
C LEU B 13 -7.67 1.45 -16.97
N LYS B 14 -7.38 0.47 -17.82
CA LYS B 14 -6.72 -0.76 -17.39
C LYS B 14 -5.27 -0.50 -17.03
N LEU B 15 -4.67 0.49 -17.67
CA LEU B 15 -3.29 0.84 -17.39
C LEU B 15 -3.17 1.43 -16.00
N THR B 16 -4.19 2.16 -15.58
CA THR B 16 -4.27 2.65 -14.21
C THR B 16 -4.40 1.46 -13.27
N VAL B 17 -5.21 0.48 -13.67
CA VAL B 17 -5.33 -0.76 -12.93
C VAL B 17 -3.97 -1.42 -12.76
N GLU B 18 -3.26 -1.61 -13.88
CA GLU B 18 -1.94 -2.24 -13.86
C GLU B 18 -0.99 -1.50 -12.92
N ASP B 19 -0.98 -0.18 -13.00
CA ASP B 19 -0.11 0.62 -12.14
C ASP B 19 -0.54 0.48 -10.68
N LEU B 20 -1.83 0.54 -10.43
CA LEU B 20 -2.36 0.43 -9.08
C LEU B 20 -2.16 -0.98 -8.51
N GLU B 21 -2.20 -1.99 -9.37
CA GLU B 21 -1.94 -3.36 -8.96
C GLU B 21 -0.53 -3.49 -8.41
N LYS B 22 0.44 -2.92 -9.13
CA LYS B 22 1.82 -2.99 -8.70
C LYS B 22 2.03 -2.09 -7.49
N GLU B 23 1.26 -1.01 -7.42
CA GLU B 23 1.32 -0.09 -6.27
C GLU B 23 0.94 -0.79 -4.98
N ARG B 24 -0.20 -1.48 -4.99
CA ARG B 24 -0.68 -2.19 -3.81
C ARG B 24 0.35 -3.23 -3.37
N ASP B 25 0.81 -4.04 -4.32
CA ASP B 25 1.78 -5.11 -4.04
C ASP B 25 3.14 -4.54 -3.62
N PHE B 26 3.51 -3.42 -4.23
CA PHE B 26 4.78 -2.75 -3.95
C PHE B 26 4.94 -2.55 -2.45
N TYR B 27 4.02 -1.80 -1.86
CA TYR B 27 4.07 -1.53 -0.44
C TYR B 27 3.64 -2.75 0.35
N PHE B 28 2.84 -3.62 -0.26
CA PHE B 28 2.30 -4.80 0.42
C PHE B 28 3.42 -5.67 0.94
N GLY B 29 4.41 -5.94 0.08
CA GLY B 29 5.56 -6.71 0.51
C GLY B 29 6.34 -6.00 1.60
N LYS B 30 6.25 -4.68 1.61
CA LYS B 30 6.94 -3.87 2.61
C LYS B 30 6.36 -4.06 4.01
N LEU B 31 5.02 -4.16 4.14
CA LEU B 31 4.42 -4.35 5.47
C LEU B 31 4.89 -5.67 6.07
N ARG B 32 5.17 -6.63 5.21
CA ARG B 32 5.70 -7.91 5.66
C ARG B 32 7.09 -7.73 6.23
N ASN B 33 7.87 -6.84 5.64
CA ASN B 33 9.23 -6.60 6.12
C ASN B 33 9.21 -5.96 7.51
N ILE B 34 8.27 -5.03 7.73
CA ILE B 34 8.09 -4.42 9.05
C ILE B 34 7.56 -5.46 10.05
N GLU B 35 6.69 -6.35 9.56
CA GLU B 35 6.20 -7.49 10.35
C GLU B 35 7.36 -8.37 10.79
N LEU B 36 8.29 -8.61 9.88
CA LEU B 36 9.46 -9.44 10.15
C LEU B 36 10.35 -8.83 11.24
N ILE B 37 10.31 -7.51 11.37
CA ILE B 37 11.04 -6.83 12.45
C ILE B 37 10.30 -7.05 13.77
N CYS B 38 8.99 -7.19 13.66
CA CYS B 38 8.16 -7.46 14.82
C CYS B 38 8.40 -8.88 15.32
N GLN B 39 8.44 -9.83 14.39
CA GLN B 39 8.60 -11.23 14.74
C GLN B 39 9.91 -11.51 15.48
N GLU B 40 10.92 -10.67 15.25
CA GLU B 40 12.22 -10.86 15.88
C GLU B 40 12.35 -10.10 17.20
N ASN B 41 11.50 -9.10 17.42
CA ASN B 41 11.63 -8.26 18.61
C ASN B 41 10.46 -8.43 19.58
N GLU B 42 9.27 -8.71 19.04
CA GLU B 42 8.04 -8.76 19.83
C GLU B 42 8.16 -9.67 21.04
N GLY B 43 7.85 -9.11 22.21
CA GLY B 43 7.81 -9.89 23.42
C GLY B 43 9.16 -9.99 24.10
N GLU B 44 10.22 -9.97 23.30
CA GLU B 44 11.55 -10.21 23.82
C GLU B 44 12.27 -8.92 24.19
N ASN B 45 12.30 -7.96 23.29
CA ASN B 45 13.10 -6.76 23.54
C ASN B 45 12.32 -5.47 23.27
N ASP B 46 11.92 -5.27 22.02
CA ASP B 46 11.38 -3.98 21.60
C ASP B 46 9.86 -3.99 21.53
N PRO B 47 9.19 -3.19 22.38
CA PRO B 47 7.74 -3.07 22.39
C PRO B 47 7.21 -2.16 21.29
N VAL B 48 8.12 -1.40 20.68
CA VAL B 48 7.75 -0.49 19.60
C VAL B 48 7.12 -1.25 18.44
N LEU B 49 7.55 -2.49 18.23
CA LEU B 49 7.04 -3.28 17.11
C LEU B 49 5.55 -3.59 17.29
N GLN B 50 5.12 -3.73 18.55
CA GLN B 50 3.72 -3.99 18.84
C GLN B 50 2.83 -2.92 18.20
N ARG B 51 3.13 -1.66 18.47
CA ARG B 51 2.31 -0.56 17.98
C ARG B 51 2.40 -0.43 16.46
N ILE B 52 3.40 -1.04 15.83
CA ILE B 52 3.49 -1.02 14.37
C ILE B 52 2.74 -2.22 13.79
N VAL B 53 2.65 -3.30 14.54
CA VAL B 53 1.80 -4.43 14.17
C VAL B 53 0.35 -3.99 14.13
N ASP B 54 0.00 -3.14 15.08
CA ASP B 54 -1.34 -2.56 15.15
C ASP B 54 -1.64 -1.82 13.86
N ILE B 55 -0.62 -1.17 13.31
CA ILE B 55 -0.71 -0.48 12.03
C ILE B 55 -1.14 -1.43 10.91
N LEU B 56 -0.40 -2.54 10.78
CA LEU B 56 -0.60 -3.48 9.70
C LEU B 56 -1.96 -4.17 9.78
N TYR B 57 -2.65 -3.98 10.91
CA TYR B 57 -3.96 -4.57 11.10
C TYR B 57 -4.98 -3.49 11.42
N ALA B 58 -4.62 -2.24 11.17
CA ALA B 58 -5.53 -1.13 11.36
C ALA B 58 -6.43 -0.98 10.16
N THR B 59 -7.71 -1.21 10.35
CA THR B 59 -8.65 -1.19 9.26
C THR B 59 -9.61 -0.02 9.36
N ASP B 60 -9.38 1.00 8.54
CA ASP B 60 -10.25 2.17 8.49
C ASP B 60 -11.47 1.88 7.66
N GLU B 61 -12.59 1.66 8.32
CA GLU B 61 -13.83 1.33 7.65
C GLU B 61 -14.98 2.15 8.22
N GLY B 62 -16.09 2.18 7.50
CA GLY B 62 -17.25 2.92 7.96
C GLY B 62 -18.12 2.10 8.89
N PHE B 63 -17.58 1.00 9.39
CA PHE B 63 -18.29 0.14 10.31
C PHE B 63 -17.66 0.25 11.69
N VAL B 64 -18.47 0.62 12.67
CA VAL B 64 -18.00 0.72 14.05
C VAL B 64 -18.31 -0.57 14.79
N ILE B 65 -17.30 -1.12 15.44
CA ILE B 65 -17.45 -2.36 16.19
C ILE B 65 -18.48 -2.19 17.30
N PRO B 66 -19.56 -2.98 17.24
CA PRO B 66 -20.67 -2.87 18.19
C PRO B 66 -20.30 -3.35 19.59
N ASP B 67 -21.19 -3.09 20.54
CA ASP B 67 -20.97 -3.44 21.95
C ASP B 67 -19.69 -2.78 22.45
N GLU B 68 -19.69 -1.46 22.41
CA GLU B 68 -18.53 -0.68 22.83
C GLU B 68 -18.46 -0.67 24.35
N GLY B 69 -17.61 -1.53 24.90
CA GLY B 69 -17.46 -1.62 26.34
C GLY B 69 -17.96 -2.94 26.87
N GLY B 70 -19.08 -2.90 27.59
CA GLY B 70 -19.65 -4.11 28.13
C GLY B 70 -20.61 -3.81 29.26
N ASP A 1 -23.51 -5.81 -28.37
CA ASP A 1 -23.08 -4.68 -29.21
C ASP A 1 -21.61 -4.38 -28.97
N GLU A 2 -20.96 -3.76 -29.94
CA GLU A 2 -19.53 -3.49 -29.87
C GLU A 2 -19.15 -2.73 -28.59
N ALA A 3 -19.71 -1.54 -28.43
CA ALA A 3 -19.40 -0.73 -27.27
C ALA A 3 -19.99 -1.32 -26.01
N ALA A 4 -21.12 -2.01 -26.14
CA ALA A 4 -21.79 -2.61 -25.00
C ALA A 4 -20.86 -3.58 -24.27
N GLU A 5 -20.06 -4.31 -25.03
CA GLU A 5 -19.08 -5.22 -24.44
C GLU A 5 -18.03 -4.45 -23.66
N LEU A 6 -17.69 -3.25 -24.15
CA LEU A 6 -16.75 -2.39 -23.45
C LEU A 6 -17.40 -1.72 -22.24
N MET A 7 -18.72 -1.53 -22.30
CA MET A 7 -19.46 -1.00 -21.16
C MET A 7 -19.32 -1.92 -19.97
N GLN A 8 -19.36 -3.22 -20.23
CA GLN A 8 -19.14 -4.23 -19.22
C GLN A 8 -17.67 -4.21 -18.78
N GLN A 9 -16.80 -3.98 -19.74
CA GLN A 9 -15.36 -4.01 -19.52
C GLN A 9 -14.91 -2.88 -18.60
N VAL A 10 -15.42 -1.67 -18.81
CA VAL A 10 -15.03 -0.54 -17.96
C VAL A 10 -15.48 -0.76 -16.52
N LYS A 11 -16.60 -1.46 -16.33
CA LYS A 11 -17.11 -1.71 -14.99
C LYS A 11 -16.14 -2.58 -14.20
N VAL A 12 -15.78 -3.74 -14.76
CA VAL A 12 -14.85 -4.64 -14.07
C VAL A 12 -13.47 -3.99 -13.92
N LEU A 13 -13.18 -3.08 -14.83
CA LEU A 13 -11.90 -2.38 -14.85
C LEU A 13 -11.89 -1.30 -13.76
N LYS A 14 -13.00 -0.56 -13.65
CA LYS A 14 -13.11 0.55 -12.70
C LYS A 14 -13.25 0.03 -11.28
N LEU A 15 -13.91 -1.11 -11.11
CA LEU A 15 -14.10 -1.69 -9.80
C LEU A 15 -12.77 -2.12 -9.21
N THR A 16 -11.89 -2.62 -10.07
CA THR A 16 -10.53 -2.92 -9.66
C THR A 16 -9.82 -1.62 -9.27
N VAL A 17 -10.04 -0.56 -10.06
CA VAL A 17 -9.52 0.76 -9.76
C VAL A 17 -10.00 1.23 -8.38
N GLU A 18 -11.32 1.19 -8.18
CA GLU A 18 -11.92 1.70 -6.96
C GLU A 18 -11.38 1.02 -5.71
N ASP A 19 -11.21 -0.30 -5.77
CA ASP A 19 -10.66 -1.04 -4.65
C ASP A 19 -9.18 -0.73 -4.47
N LEU A 20 -8.46 -0.68 -5.57
CA LEU A 20 -7.02 -0.39 -5.54
C LEU A 20 -6.76 1.03 -5.04
N GLU A 21 -7.60 1.99 -5.44
CA GLU A 21 -7.49 3.35 -4.95
C GLU A 21 -7.65 3.38 -3.43
N LYS A 22 -8.56 2.55 -2.92
CA LYS A 22 -8.76 2.43 -1.50
C LYS A 22 -7.52 1.83 -0.85
N GLU A 23 -7.14 0.65 -1.30
CA GLU A 23 -5.98 -0.06 -0.75
C GLU A 23 -4.71 0.79 -0.80
N ARG A 24 -4.44 1.41 -1.94
CA ARG A 24 -3.24 2.23 -2.11
C ARG A 24 -3.19 3.33 -1.04
N ASP A 25 -4.30 4.02 -0.82
CA ASP A 25 -4.35 5.12 0.14
C ASP A 25 -4.46 4.61 1.57
N PHE A 26 -5.24 3.55 1.74
CA PHE A 26 -5.48 2.94 3.04
C PHE A 26 -4.16 2.60 3.71
N TYR A 27 -3.33 1.84 3.00
CA TYR A 27 -2.04 1.47 3.52
C TYR A 27 -1.08 2.65 3.50
N PHE A 28 -1.31 3.58 2.58
CA PHE A 28 -0.43 4.75 2.44
C PHE A 28 -0.40 5.56 3.73
N GLY A 29 -1.58 5.79 4.30
CA GLY A 29 -1.67 6.49 5.56
C GLY A 29 -1.03 5.69 6.67
N LYS A 30 -0.98 4.37 6.49
CA LYS A 30 -0.38 3.49 7.47
C LYS A 30 1.14 3.66 7.53
N LEU A 31 1.81 3.81 6.37
CA LEU A 31 3.27 3.98 6.37
C LEU A 31 3.65 5.24 7.13
N ARG A 32 2.80 6.25 7.02
CA ARG A 32 3.02 7.49 7.74
C ARG A 32 2.92 7.25 9.24
N ASN A 33 2.03 6.36 9.65
CA ASN A 33 1.88 6.04 11.07
C ASN A 33 3.16 5.38 11.60
N ILE A 34 3.74 4.47 10.80
CA ILE A 34 4.99 3.82 11.19
C ILE A 34 6.15 4.82 11.16
N GLU A 35 6.11 5.76 10.21
CA GLU A 35 7.11 6.81 10.12
C GLU A 35 7.00 7.75 11.32
N LEU A 36 5.79 7.98 11.78
CA LEU A 36 5.54 8.81 12.95
C LEU A 36 6.18 8.20 14.20
N ILE A 37 6.20 6.87 14.28
CA ILE A 37 6.86 6.16 15.37
C ILE A 37 8.36 6.36 15.25
N CYS A 38 8.82 6.40 14.00
CA CYS A 38 10.22 6.66 13.71
C CYS A 38 10.61 8.04 14.24
N GLN A 39 9.86 9.05 13.83
CA GLN A 39 10.13 10.44 14.25
C GLN A 39 10.23 10.54 15.78
N GLU A 40 9.46 9.72 16.48
CA GLU A 40 9.47 9.70 17.94
C GLU A 40 10.81 9.19 18.48
N ASN A 41 11.27 8.05 17.96
CA ASN A 41 12.36 7.32 18.60
C ASN A 41 13.69 7.48 17.85
N GLU A 42 13.63 7.92 16.61
CA GLU A 42 14.83 8.07 15.77
C GLU A 42 15.84 9.01 16.41
N GLY A 43 17.02 8.48 16.70
CA GLY A 43 18.09 9.28 17.23
C GLY A 43 17.96 9.54 18.72
N GLU A 44 16.97 8.96 19.36
CA GLU A 44 16.75 9.18 20.77
C GLU A 44 16.93 7.90 21.57
N ASN A 45 16.18 6.86 21.21
CA ASN A 45 16.24 5.61 21.97
C ASN A 45 16.34 4.40 21.06
N ASP A 46 15.32 4.20 20.25
CA ASP A 46 15.16 2.95 19.50
C ASP A 46 15.68 3.09 18.07
N PRO A 47 16.71 2.30 17.72
CA PRO A 47 17.27 2.29 16.37
C PRO A 47 16.47 1.41 15.41
N VAL A 48 15.58 0.60 15.98
CA VAL A 48 14.73 -0.28 15.18
C VAL A 48 13.94 0.50 14.14
N LEU A 49 13.53 1.73 14.49
CA LEU A 49 12.74 2.55 13.59
C LEU A 49 13.53 2.91 12.34
N GLN A 50 14.86 2.96 12.47
CA GLN A 50 15.73 3.31 11.36
C GLN A 50 15.56 2.31 10.22
N ARG A 51 15.62 1.02 10.55
CA ARG A 51 15.50 -0.02 9.53
C ARG A 51 14.09 -0.12 8.97
N ILE A 52 13.12 0.49 9.64
CA ILE A 52 11.75 0.51 9.14
C ILE A 52 11.54 1.74 8.25
N VAL A 53 12.30 2.80 8.52
CA VAL A 53 12.33 3.96 7.63
C VAL A 53 12.88 3.55 6.27
N ASP A 54 13.89 2.69 6.31
CA ASP A 54 14.46 2.11 5.11
C ASP A 54 13.37 1.47 4.25
N ILE A 55 12.42 0.83 4.93
CA ILE A 55 11.26 0.25 4.28
C ILE A 55 10.46 1.30 3.50
N LEU A 56 10.04 2.35 4.20
CA LEU A 56 9.16 3.35 3.63
C LEU A 56 9.84 4.13 2.52
N TYR A 57 11.14 3.96 2.37
CA TYR A 57 11.88 4.67 1.35
C TYR A 57 12.62 3.69 0.46
N ALA A 58 12.21 2.43 0.48
CA ALA A 58 12.75 1.45 -0.43
C ALA A 58 12.06 1.61 -1.78
N THR A 59 12.81 2.03 -2.78
CA THR A 59 12.21 2.34 -4.06
C THR A 59 12.93 1.63 -5.21
N ASP A 60 12.22 0.74 -5.87
CA ASP A 60 12.75 0.09 -7.06
C ASP A 60 12.78 1.09 -8.22
N GLU A 61 13.90 1.79 -8.32
CA GLU A 61 14.08 2.85 -9.32
C GLU A 61 13.03 3.94 -9.17
N GLY A 62 12.77 4.32 -7.92
CA GLY A 62 11.81 5.37 -7.66
C GLY A 62 12.47 6.67 -7.29
N PHE A 63 13.78 6.73 -7.53
CA PHE A 63 14.55 7.93 -7.28
C PHE A 63 14.12 9.06 -8.21
N VAL A 64 13.88 10.23 -7.66
CA VAL A 64 13.52 11.38 -8.45
C VAL A 64 14.77 12.09 -8.94
N ILE A 65 15.02 12.00 -10.24
CA ILE A 65 16.17 12.64 -10.85
C ILE A 65 15.98 14.15 -10.89
N PRO A 66 16.86 14.90 -10.22
CA PRO A 66 16.80 16.37 -10.24
C PRO A 66 17.07 16.91 -11.63
N ASP A 67 16.10 17.60 -12.19
CA ASP A 67 16.23 18.18 -13.51
C ASP A 67 16.12 19.69 -13.42
N GLU A 68 17.24 20.37 -13.61
CA GLU A 68 17.28 21.82 -13.52
C GLU A 68 16.48 22.44 -14.65
N GLY A 69 15.40 23.12 -14.28
CA GLY A 69 14.55 23.75 -15.25
C GLY A 69 13.53 24.64 -14.59
N GLY A 70 12.85 25.45 -15.39
CA GLY A 70 11.88 26.38 -14.84
C GLY A 70 10.79 26.69 -15.85
N ASP B 1 -16.05 7.09 -32.95
CA ASP B 1 -17.03 5.98 -32.93
C ASP B 1 -17.41 5.64 -31.51
N GLU B 2 -18.58 5.04 -31.33
CA GLU B 2 -19.11 4.76 -30.01
C GLU B 2 -18.13 3.96 -29.17
N ALA B 3 -17.77 2.76 -29.64
CA ALA B 3 -16.86 1.90 -28.90
C ALA B 3 -15.45 2.46 -28.91
N ALA B 4 -15.10 3.18 -29.96
CA ALA B 4 -13.76 3.76 -30.08
C ALA B 4 -13.46 4.68 -28.91
N GLU B 5 -14.46 5.43 -28.47
CA GLU B 5 -14.31 6.30 -27.32
C GLU B 5 -14.05 5.48 -26.06
N LEU B 6 -14.67 4.30 -25.98
CA LEU B 6 -14.44 3.40 -24.86
C LEU B 6 -13.08 2.71 -24.98
N MET B 7 -12.60 2.54 -26.21
CA MET B 7 -11.26 1.97 -26.44
C MET B 7 -10.22 2.86 -25.78
N GLN B 8 -10.41 4.16 -25.90
CA GLN B 8 -9.55 5.14 -25.25
C GLN B 8 -9.75 5.08 -23.73
N GLN B 9 -11.00 4.86 -23.34
CA GLN B 9 -11.38 4.87 -21.94
C GLN B 9 -10.76 3.70 -21.18
N VAL B 10 -10.76 2.51 -21.76
CA VAL B 10 -10.18 1.35 -21.10
C VAL B 10 -8.68 1.52 -20.91
N LYS B 11 -8.03 2.24 -21.83
CA LYS B 11 -6.60 2.45 -21.73
C LYS B 11 -6.25 3.28 -20.51
N VAL B 12 -6.88 4.45 -20.37
CA VAL B 12 -6.61 5.31 -19.22
C VAL B 12 -7.06 4.64 -17.92
N LEU B 13 -8.03 3.74 -18.05
CA LEU B 13 -8.58 3.02 -16.91
C LEU B 13 -7.63 1.91 -16.49
N LYS B 14 -7.09 1.19 -17.47
CA LYS B 14 -6.20 0.06 -17.21
C LYS B 14 -4.83 0.53 -16.74
N LEU B 15 -4.40 1.67 -17.24
CA LEU B 15 -3.10 2.22 -16.86
C LEU B 15 -3.10 2.60 -15.40
N THR B 16 -4.23 3.11 -14.93
CA THR B 16 -4.41 3.37 -13.51
C THR B 16 -4.39 2.06 -12.74
N VAL B 17 -5.04 1.04 -13.29
CA VAL B 17 -5.00 -0.31 -12.73
C VAL B 17 -3.57 -0.82 -12.62
N GLU B 18 -2.83 -0.76 -13.73
CA GLU B 18 -1.49 -1.31 -13.81
C GLU B 18 -0.56 -0.66 -12.79
N ASP B 19 -0.65 0.65 -12.61
CA ASP B 19 0.15 1.35 -11.62
C ASP B 19 -0.29 1.00 -10.21
N LEU B 20 -1.60 0.98 -10.01
CA LEU B 20 -2.17 0.66 -8.70
C LEU B 20 -1.86 -0.78 -8.29
N GLU B 21 -1.89 -1.70 -9.25
CA GLU B 21 -1.52 -3.09 -8.99
C GLU B 21 -0.08 -3.16 -8.51
N LYS B 22 0.78 -2.34 -9.11
CA LYS B 22 2.17 -2.26 -8.70
C LYS B 22 2.26 -1.70 -7.29
N GLU B 23 1.72 -0.51 -7.08
CA GLU B 23 1.76 0.17 -5.78
C GLU B 23 1.17 -0.71 -4.67
N ARG B 24 0.01 -1.30 -4.92
CA ARG B 24 -0.66 -2.13 -3.93
C ARG B 24 0.26 -3.25 -3.46
N ASP B 25 0.90 -3.94 -4.40
CA ASP B 25 1.78 -5.07 -4.08
C ASP B 25 3.14 -4.60 -3.58
N PHE B 26 3.64 -3.54 -4.19
CA PHE B 26 4.94 -2.98 -3.85
C PHE B 26 5.01 -2.66 -2.37
N TYR B 27 4.04 -1.90 -1.88
CA TYR B 27 3.99 -1.56 -0.47
C TYR B 27 3.55 -2.77 0.35
N PHE B 28 2.79 -3.67 -0.26
CA PHE B 28 2.27 -4.84 0.45
C PHE B 28 3.42 -5.69 0.98
N GLY B 29 4.41 -5.93 0.13
CA GLY B 29 5.59 -6.66 0.55
C GLY B 29 6.35 -5.91 1.62
N LYS B 30 6.19 -4.59 1.62
CA LYS B 30 6.86 -3.74 2.60
C LYS B 30 6.29 -3.93 4.01
N LEU B 31 4.95 -4.05 4.13
CA LEU B 31 4.34 -4.25 5.46
C LEU B 31 4.85 -5.54 6.07
N ARG B 32 5.08 -6.54 5.23
CA ARG B 32 5.62 -7.81 5.69
C ARG B 32 7.04 -7.63 6.23
N ASN B 33 7.79 -6.73 5.61
CA ASN B 33 9.15 -6.44 6.06
C ASN B 33 9.12 -5.82 7.46
N ILE B 34 8.19 -4.90 7.69
CA ILE B 34 8.04 -4.28 9.00
C ILE B 34 7.52 -5.30 10.02
N GLU B 35 6.64 -6.20 9.57
CA GLU B 35 6.12 -7.27 10.42
C GLU B 35 7.23 -8.25 10.78
N LEU B 36 8.15 -8.47 9.85
CA LEU B 36 9.29 -9.34 10.09
C LEU B 36 10.18 -8.78 11.21
N ILE B 37 10.28 -7.45 11.29
CA ILE B 37 11.02 -6.79 12.36
C ILE B 37 10.28 -7.01 13.68
N CYS B 38 8.96 -7.02 13.58
CA CYS B 38 8.12 -7.29 14.73
C CYS B 38 8.40 -8.69 15.26
N GLN B 39 8.32 -9.68 14.39
CA GLN B 39 8.56 -11.08 14.76
C GLN B 39 9.90 -11.24 15.48
N GLU B 40 10.88 -10.42 15.09
CA GLU B 40 12.20 -10.45 15.71
C GLU B 40 12.16 -9.98 17.15
N ASN B 41 11.53 -8.83 17.40
CA ASN B 41 11.67 -8.15 18.67
C ASN B 41 10.44 -8.30 19.57
N GLU B 42 9.31 -8.70 18.99
CA GLU B 42 8.06 -8.84 19.74
C GLU B 42 8.20 -9.81 20.90
N GLY B 43 7.99 -9.30 22.10
CA GLY B 43 8.02 -10.14 23.28
C GLY B 43 9.41 -10.46 23.77
N GLU B 44 10.42 -9.87 23.13
CA GLU B 44 11.79 -10.14 23.51
C GLU B 44 12.48 -8.88 24.04
N ASN B 45 12.48 -7.82 23.25
CA ASN B 45 13.18 -6.60 23.65
C ASN B 45 12.34 -5.37 23.39
N ASP B 46 12.03 -5.12 22.12
CA ASP B 46 11.43 -3.85 21.71
C ASP B 46 9.92 -3.94 21.60
N PRO B 47 9.19 -3.17 22.41
CA PRO B 47 7.73 -3.12 22.37
C PRO B 47 7.22 -2.19 21.28
N VAL B 48 8.12 -1.39 20.70
CA VAL B 48 7.76 -0.47 19.64
C VAL B 48 7.12 -1.20 18.47
N LEU B 49 7.58 -2.43 18.21
CA LEU B 49 7.06 -3.21 17.10
C LEU B 49 5.58 -3.54 17.29
N GLN B 50 5.16 -3.62 18.54
CA GLN B 50 3.78 -3.94 18.88
C GLN B 50 2.83 -2.90 18.28
N ARG B 51 3.12 -1.63 18.50
CA ARG B 51 2.27 -0.56 18.02
C ARG B 51 2.36 -0.41 16.49
N ILE B 52 3.37 -1.03 15.88
CA ILE B 52 3.46 -1.02 14.42
C ILE B 52 2.71 -2.22 13.83
N VAL B 53 2.62 -3.29 14.61
CA VAL B 53 1.77 -4.43 14.23
C VAL B 53 0.32 -3.98 14.19
N ASP B 54 -0.04 -3.14 15.15
CA ASP B 54 -1.36 -2.52 15.19
C ASP B 54 -1.68 -1.84 13.86
N ILE B 55 -0.66 -1.21 13.29
CA ILE B 55 -0.76 -0.58 11.98
C ILE B 55 -1.15 -1.58 10.90
N LEU B 56 -0.38 -2.66 10.78
CA LEU B 56 -0.56 -3.64 9.72
C LEU B 56 -1.87 -4.39 9.85
N TYR B 57 -2.53 -4.23 10.99
CA TYR B 57 -3.78 -4.92 11.22
C TYR B 57 -4.89 -3.92 11.56
N ALA B 58 -4.66 -2.66 11.21
CA ALA B 58 -5.69 -1.66 11.36
C ALA B 58 -6.64 -1.75 10.19
N THR B 59 -7.86 -2.17 10.44
CA THR B 59 -8.80 -2.43 9.36
C THR B 59 -10.12 -1.69 9.57
N ASP B 60 -10.42 -0.76 8.68
CA ASP B 60 -11.71 -0.08 8.68
C ASP B 60 -12.78 -1.05 8.21
N GLU B 61 -13.36 -1.76 9.17
CA GLU B 61 -14.38 -2.78 8.89
C GLU B 61 -13.82 -3.86 7.97
N GLY B 62 -12.60 -4.29 8.23
CA GLY B 62 -11.98 -5.32 7.43
C GLY B 62 -11.95 -6.64 8.15
N PHE B 63 -12.71 -6.72 9.24
CA PHE B 63 -12.83 -7.95 10.02
C PHE B 63 -13.52 -9.03 9.20
N VAL B 64 -12.95 -10.22 9.19
CA VAL B 64 -13.55 -11.34 8.49
C VAL B 64 -14.52 -12.05 9.41
N ILE B 65 -15.81 -11.92 9.11
CA ILE B 65 -16.85 -12.55 9.89
C ILE B 65 -16.85 -14.06 9.65
N PRO B 66 -16.62 -14.85 10.72
CA PRO B 66 -16.65 -16.31 10.62
C PRO B 66 -18.03 -16.82 10.27
N ASP B 67 -18.15 -17.46 9.13
CA ASP B 67 -19.42 -18.01 8.70
C ASP B 67 -19.34 -19.52 8.59
N GLU B 68 -19.98 -20.21 9.52
CA GLU B 68 -19.95 -21.66 9.55
C GLU B 68 -20.67 -22.23 8.34
N GLY B 69 -19.90 -22.90 7.49
CA GLY B 69 -20.46 -23.49 6.29
C GLY B 69 -19.45 -24.39 5.61
N GLY B 70 -19.91 -25.16 4.65
CA GLY B 70 -19.04 -26.09 3.95
C GLY B 70 -19.52 -26.34 2.55
N ASP A 1 -23.72 -5.48 -30.49
CA ASP A 1 -23.41 -5.09 -29.09
C ASP A 1 -21.94 -4.75 -28.95
N GLU A 2 -21.38 -4.09 -29.97
CA GLU A 2 -19.96 -3.78 -30.01
C GLU A 2 -19.53 -2.92 -28.83
N ALA A 3 -20.07 -1.71 -28.75
CA ALA A 3 -19.73 -0.82 -27.66
C ALA A 3 -20.29 -1.32 -26.35
N ALA A 4 -21.41 -2.04 -26.43
CA ALA A 4 -22.08 -2.57 -25.25
C ALA A 4 -21.14 -3.46 -24.44
N GLU A 5 -20.35 -4.27 -25.12
CA GLU A 5 -19.36 -5.11 -24.47
C GLU A 5 -18.37 -4.24 -23.71
N LEU A 6 -17.98 -3.14 -24.32
CA LEU A 6 -17.05 -2.20 -23.70
C LEU A 6 -17.71 -1.44 -22.54
N MET A 7 -19.03 -1.24 -22.63
CA MET A 7 -19.77 -0.60 -21.55
C MET A 7 -19.67 -1.43 -20.28
N GLN A 8 -19.82 -2.74 -20.44
CA GLN A 8 -19.67 -3.68 -19.34
C GLN A 8 -18.21 -3.73 -18.90
N GLN A 9 -17.31 -3.64 -19.87
CA GLN A 9 -15.89 -3.75 -19.61
C GLN A 9 -15.37 -2.59 -18.77
N VAL A 10 -15.77 -1.36 -19.10
CA VAL A 10 -15.30 -0.20 -18.33
C VAL A 10 -15.75 -0.29 -16.88
N LYS A 11 -16.92 -0.88 -16.65
CA LYS A 11 -17.43 -1.03 -15.31
C LYS A 11 -16.53 -1.94 -14.48
N VAL A 12 -16.32 -3.16 -14.95
CA VAL A 12 -15.50 -4.13 -14.22
C VAL A 12 -14.04 -3.65 -14.14
N LEU A 13 -13.65 -2.83 -15.12
CA LEU A 13 -12.30 -2.31 -15.19
C LEU A 13 -12.12 -1.18 -14.18
N LYS A 14 -13.13 -0.32 -14.05
CA LYS A 14 -13.07 0.82 -13.16
C LYS A 14 -13.26 0.40 -11.71
N LEU A 15 -13.99 -0.68 -11.50
CA LEU A 15 -14.26 -1.17 -10.17
C LEU A 15 -12.96 -1.63 -9.51
N THR A 16 -12.09 -2.22 -10.30
CA THR A 16 -10.76 -2.57 -9.82
C THR A 16 -9.99 -1.30 -9.49
N VAL A 17 -10.15 -0.28 -10.34
CA VAL A 17 -9.56 1.03 -10.08
C VAL A 17 -10.03 1.59 -8.74
N GLU A 18 -11.34 1.73 -8.60
CA GLU A 18 -11.93 2.34 -7.42
C GLU A 18 -11.48 1.66 -6.13
N ASP A 19 -11.40 0.33 -6.16
CA ASP A 19 -10.91 -0.41 -5.01
C ASP A 19 -9.42 -0.19 -4.81
N LEU A 20 -8.66 -0.34 -5.88
CA LEU A 20 -7.21 -0.21 -5.82
C LEU A 20 -6.78 1.20 -5.42
N GLU A 21 -7.58 2.20 -5.77
CA GLU A 21 -7.32 3.58 -5.37
C GLU A 21 -7.23 3.68 -3.86
N LYS A 22 -8.28 3.22 -3.19
CA LYS A 22 -8.32 3.28 -1.74
C LYS A 22 -7.36 2.29 -1.12
N GLU A 23 -7.10 1.18 -1.83
CA GLU A 23 -6.10 0.21 -1.38
C GLU A 23 -4.74 0.89 -1.18
N ARG A 24 -4.35 1.69 -2.15
CA ARG A 24 -3.07 2.38 -2.09
C ARG A 24 -3.04 3.38 -0.93
N ASP A 25 -4.04 4.26 -0.85
CA ASP A 25 -4.02 5.34 0.14
C ASP A 25 -4.31 4.83 1.55
N PHE A 26 -5.07 3.74 1.65
CA PHE A 26 -5.39 3.14 2.94
C PHE A 26 -4.11 2.70 3.65
N TYR A 27 -3.27 1.95 2.96
CA TYR A 27 -2.01 1.54 3.53
C TYR A 27 -1.02 2.69 3.50
N PHE A 28 -1.20 3.61 2.55
CA PHE A 28 -0.31 4.76 2.40
C PHE A 28 -0.30 5.59 3.68
N GLY A 29 -1.50 5.84 4.22
CA GLY A 29 -1.61 6.56 5.48
C GLY A 29 -0.97 5.78 6.61
N LYS A 30 -0.91 4.46 6.45
CA LYS A 30 -0.29 3.60 7.45
C LYS A 30 1.22 3.80 7.52
N LEU A 31 1.90 3.89 6.36
CA LEU A 31 3.37 4.05 6.36
C LEU A 31 3.77 5.33 7.10
N ARG A 32 2.92 6.34 7.00
CA ARG A 32 3.15 7.59 7.73
C ARG A 32 3.06 7.35 9.22
N ASN A 33 2.11 6.52 9.63
CA ASN A 33 1.93 6.23 11.05
C ASN A 33 3.14 5.47 11.60
N ILE A 34 3.71 4.57 10.81
CA ILE A 34 4.94 3.87 11.20
C ILE A 34 6.11 4.87 11.20
N GLU A 35 6.07 5.81 10.27
CA GLU A 35 7.09 6.86 10.18
C GLU A 35 7.00 7.79 11.39
N LEU A 36 5.79 8.02 11.86
CA LEU A 36 5.56 8.85 13.04
C LEU A 36 6.18 8.22 14.28
N ILE A 37 6.19 6.87 14.34
CA ILE A 37 6.85 6.16 15.43
C ILE A 37 8.36 6.38 15.34
N CYS A 38 8.83 6.50 14.11
CA CYS A 38 10.24 6.79 13.85
C CYS A 38 10.57 8.19 14.35
N GLN A 39 9.68 9.14 14.08
CA GLN A 39 9.87 10.53 14.50
C GLN A 39 9.87 10.64 16.03
N GLU A 40 9.43 9.58 16.70
CA GLU A 40 9.42 9.53 18.16
C GLU A 40 10.74 8.99 18.71
N ASN A 41 11.30 8.00 18.02
CA ASN A 41 12.41 7.23 18.59
C ASN A 41 13.74 7.42 17.87
N GLU A 42 13.72 7.90 16.63
CA GLU A 42 14.93 8.01 15.81
C GLU A 42 16.02 8.83 16.49
N GLY A 43 17.17 8.19 16.70
CA GLY A 43 18.32 8.88 17.27
C GLY A 43 18.10 9.31 18.71
N GLU A 44 17.03 8.82 19.31
CA GLU A 44 16.69 9.20 20.66
C GLU A 44 16.63 7.98 21.58
N ASN A 45 15.88 6.97 21.16
CA ASN A 45 15.71 5.79 22.00
C ASN A 45 15.94 4.49 21.22
N ASP A 46 15.11 4.25 20.22
CA ASP A 46 15.09 2.97 19.55
C ASP A 46 15.57 3.07 18.10
N PRO A 47 16.69 2.39 17.78
CA PRO A 47 17.25 2.38 16.42
C PRO A 47 16.44 1.51 15.46
N VAL A 48 15.57 0.68 16.01
CA VAL A 48 14.74 -0.21 15.21
C VAL A 48 13.93 0.58 14.18
N LEU A 49 13.52 1.79 14.54
CA LEU A 49 12.71 2.62 13.65
C LEU A 49 13.51 3.00 12.41
N GLN A 50 14.83 3.09 12.56
CA GLN A 50 15.70 3.46 11.45
C GLN A 50 15.58 2.45 10.31
N ARG A 51 15.65 1.17 10.64
CA ARG A 51 15.59 0.13 9.61
C ARG A 51 14.18 0.03 8.99
N ILE A 52 13.18 0.57 9.69
CA ILE A 52 11.83 0.57 9.14
C ILE A 52 11.61 1.77 8.23
N VAL A 53 12.40 2.83 8.46
CA VAL A 53 12.37 4.00 7.59
C VAL A 53 12.85 3.62 6.19
N ASP A 54 13.87 2.78 6.15
CA ASP A 54 14.38 2.25 4.88
C ASP A 54 13.25 1.61 4.10
N ILE A 55 12.38 0.90 4.81
CA ILE A 55 11.21 0.27 4.22
C ILE A 55 10.35 1.27 3.45
N LEU A 56 10.01 2.37 4.12
CA LEU A 56 9.07 3.35 3.57
C LEU A 56 9.67 4.09 2.38
N TYR A 57 10.96 3.93 2.16
CA TYR A 57 11.63 4.62 1.07
C TYR A 57 12.39 3.62 0.23
N ALA A 58 12.03 2.35 0.33
CA ALA A 58 12.66 1.31 -0.45
C ALA A 58 11.96 1.17 -1.78
N THR A 59 12.67 1.50 -2.85
CA THR A 59 12.12 1.45 -4.18
C THR A 59 12.86 0.44 -5.04
N ASP A 60 12.34 -0.77 -5.07
CA ASP A 60 13.00 -1.85 -5.79
C ASP A 60 11.96 -2.74 -6.46
N GLU A 61 12.05 -2.86 -7.77
CA GLU A 61 11.15 -3.71 -8.53
C GLU A 61 11.84 -5.03 -8.87
N GLY A 62 12.79 -5.42 -8.03
CA GLY A 62 13.49 -6.68 -8.22
C GLY A 62 12.80 -7.80 -7.49
N PHE A 63 11.75 -7.45 -6.78
CA PHE A 63 10.93 -8.42 -6.07
C PHE A 63 10.30 -9.39 -7.06
N VAL A 64 10.36 -10.67 -6.75
CA VAL A 64 9.80 -11.70 -7.63
C VAL A 64 8.28 -11.65 -7.61
N ILE A 65 7.71 -11.04 -8.63
CA ILE A 65 6.27 -10.96 -8.77
C ILE A 65 5.73 -12.26 -9.37
N PRO A 66 4.83 -12.96 -8.67
CA PRO A 66 4.22 -14.18 -9.17
C PRO A 66 3.50 -13.93 -10.49
N ASP A 67 3.93 -14.64 -11.54
CA ASP A 67 3.36 -14.47 -12.87
C ASP A 67 1.98 -15.12 -12.93
N GLU A 68 0.95 -14.31 -12.76
CA GLU A 68 -0.42 -14.78 -12.82
C GLU A 68 -1.13 -14.14 -14.00
N GLY A 69 -2.10 -14.86 -14.56
CA GLY A 69 -2.85 -14.34 -15.68
C GLY A 69 -3.20 -15.42 -16.68
N GLY A 70 -3.63 -15.00 -17.87
CA GLY A 70 -4.00 -15.96 -18.89
C GLY A 70 -4.56 -15.26 -20.11
N ASP B 1 -17.87 6.85 -34.03
CA ASP B 1 -16.74 6.40 -33.19
C ASP B 1 -17.22 6.04 -31.80
N GLU B 2 -18.40 5.40 -31.74
CA GLU B 2 -19.04 5.08 -30.47
C GLU B 2 -18.16 4.17 -29.62
N ALA B 3 -17.88 2.97 -30.10
CA ALA B 3 -17.06 2.03 -29.37
C ALA B 3 -15.61 2.50 -29.33
N ALA B 4 -15.21 3.23 -30.36
CA ALA B 4 -13.85 3.74 -30.47
C ALA B 4 -13.48 4.59 -29.26
N GLU B 5 -14.41 5.41 -28.80
CA GLU B 5 -14.20 6.21 -27.59
C GLU B 5 -13.94 5.30 -26.40
N LEU B 6 -14.68 4.20 -26.33
CA LEU B 6 -14.51 3.24 -25.26
C LEU B 6 -13.21 2.45 -25.40
N MET B 7 -12.75 2.28 -26.65
CA MET B 7 -11.47 1.60 -26.90
C MET B 7 -10.34 2.39 -26.26
N GLN B 8 -10.40 3.72 -26.42
CA GLN B 8 -9.44 4.61 -25.82
C GLN B 8 -9.63 4.63 -24.31
N GLN B 9 -10.89 4.55 -23.88
CA GLN B 9 -11.23 4.64 -22.48
C GLN B 9 -10.71 3.43 -21.69
N VAL B 10 -10.88 2.22 -22.22
CA VAL B 10 -10.40 1.03 -21.52
C VAL B 10 -8.89 1.08 -21.32
N LYS B 11 -8.19 1.68 -22.27
CA LYS B 11 -6.75 1.79 -22.18
C LYS B 11 -6.34 2.67 -21.00
N VAL B 12 -6.83 3.90 -20.97
CA VAL B 12 -6.47 4.82 -19.89
C VAL B 12 -7.02 4.33 -18.55
N LEU B 13 -8.09 3.54 -18.61
CA LEU B 13 -8.72 2.99 -17.42
C LEU B 13 -7.90 1.82 -16.87
N LYS B 14 -7.39 0.98 -17.77
CA LYS B 14 -6.63 -0.20 -17.38
C LYS B 14 -5.23 0.18 -16.95
N LEU B 15 -4.70 1.26 -17.50
CA LEU B 15 -3.36 1.72 -17.18
C LEU B 15 -3.28 2.13 -15.72
N THR B 16 -4.36 2.74 -15.23
CA THR B 16 -4.46 3.05 -13.82
C THR B 16 -4.50 1.76 -13.01
N VAL B 17 -5.23 0.77 -13.52
CA VAL B 17 -5.28 -0.56 -12.92
C VAL B 17 -3.88 -1.15 -12.81
N GLU B 18 -3.21 -1.28 -13.95
CA GLU B 18 -1.91 -1.92 -14.02
C GLU B 18 -0.90 -1.29 -13.06
N ASP B 19 -0.94 0.04 -12.96
CA ASP B 19 -0.06 0.72 -12.03
C ASP B 19 -0.50 0.48 -10.59
N LEU B 20 -1.79 0.66 -10.33
CA LEU B 20 -2.34 0.50 -8.99
C LEU B 20 -2.18 -0.94 -8.47
N GLU B 21 -2.20 -1.90 -9.39
CA GLU B 21 -1.98 -3.30 -9.01
C GLU B 21 -0.64 -3.46 -8.32
N LYS B 22 0.42 -3.01 -8.98
CA LYS B 22 1.76 -3.11 -8.42
C LYS B 22 1.94 -2.14 -7.26
N GLU B 23 1.22 -1.02 -7.28
CA GLU B 23 1.24 -0.09 -6.17
C GLU B 23 0.85 -0.79 -4.87
N ARG B 24 -0.23 -1.57 -4.93
CA ARG B 24 -0.71 -2.29 -3.76
C ARG B 24 0.31 -3.31 -3.28
N ASP B 25 0.78 -4.18 -4.19
CA ASP B 25 1.64 -5.29 -3.79
C ASP B 25 3.06 -4.83 -3.46
N PHE B 26 3.49 -3.73 -4.08
CA PHE B 26 4.82 -3.17 -3.82
C PHE B 26 4.95 -2.77 -2.36
N TYR B 27 3.98 -2.01 -1.86
CA TYR B 27 4.00 -1.64 -0.45
C TYR B 27 3.53 -2.81 0.40
N PHE B 28 2.72 -3.68 -0.18
CA PHE B 28 2.20 -4.84 0.54
C PHE B 28 3.34 -5.73 1.04
N GLY B 29 4.31 -5.97 0.18
CA GLY B 29 5.49 -6.72 0.58
C GLY B 29 6.27 -5.99 1.65
N LYS B 30 6.13 -4.67 1.67
CA LYS B 30 6.81 -3.86 2.67
C LYS B 30 6.24 -4.09 4.07
N LEU B 31 4.91 -4.14 4.21
CA LEU B 31 4.29 -4.33 5.54
C LEU B 31 4.78 -5.63 6.17
N ARG B 32 5.00 -6.64 5.33
CA ARG B 32 5.54 -7.90 5.79
C ARG B 32 6.95 -7.72 6.33
N ASN B 33 7.74 -6.89 5.67
CA ASN B 33 9.11 -6.64 6.10
C ASN B 33 9.13 -5.93 7.45
N ILE B 34 8.19 -5.00 7.66
CA ILE B 34 8.06 -4.34 8.97
C ILE B 34 7.56 -5.35 10.00
N GLU B 35 6.70 -6.26 9.56
CA GLU B 35 6.18 -7.32 10.42
C GLU B 35 7.29 -8.29 10.82
N LEU B 36 8.22 -8.52 9.89
CA LEU B 36 9.37 -9.38 10.15
C LEU B 36 10.26 -8.79 11.24
N ILE B 37 10.34 -7.46 11.31
CA ILE B 37 11.08 -6.79 12.38
C ILE B 37 10.37 -7.03 13.70
N CYS B 38 9.05 -7.11 13.63
CA CYS B 38 8.23 -7.42 14.79
C CYS B 38 8.52 -8.85 15.27
N GLN B 39 8.61 -9.78 14.32
CA GLN B 39 8.88 -11.17 14.63
C GLN B 39 10.27 -11.34 15.25
N GLU B 40 11.08 -10.30 15.15
CA GLU B 40 12.42 -10.30 15.75
C GLU B 40 12.39 -9.78 17.18
N ASN B 41 11.54 -8.79 17.46
CA ASN B 41 11.64 -8.05 18.72
C ASN B 41 10.42 -8.23 19.63
N GLU B 42 9.29 -8.69 19.08
CA GLU B 42 8.04 -8.79 19.85
C GLU B 42 8.20 -9.64 21.10
N GLY B 43 7.93 -9.03 22.26
CA GLY B 43 7.96 -9.75 23.52
C GLY B 43 9.35 -10.23 23.89
N GLU B 44 10.35 -9.74 23.18
CA GLU B 44 11.72 -10.16 23.43
C GLU B 44 12.61 -8.97 23.77
N ASN B 45 12.54 -7.93 22.94
CA ASN B 45 13.41 -6.77 23.16
C ASN B 45 12.64 -5.47 23.09
N ASP B 46 12.08 -5.17 21.92
CA ASP B 46 11.51 -3.86 21.68
C ASP B 46 10.00 -3.93 21.51
N PRO B 47 9.25 -3.26 22.41
CA PRO B 47 7.78 -3.22 22.37
C PRO B 47 7.26 -2.29 21.27
N VAL B 48 8.14 -1.47 20.72
CA VAL B 48 7.77 -0.54 19.66
C VAL B 48 7.15 -1.28 18.48
N LEU B 49 7.63 -2.50 18.21
CA LEU B 49 7.12 -3.28 17.09
C LEU B 49 5.65 -3.64 17.29
N GLN B 50 5.24 -3.75 18.55
CA GLN B 50 3.86 -4.11 18.88
C GLN B 50 2.89 -3.06 18.34
N ARG B 51 3.20 -1.78 18.57
CA ARG B 51 2.32 -0.71 18.12
C ARG B 51 2.33 -0.56 16.59
N ILE B 52 3.36 -1.11 15.94
CA ILE B 52 3.43 -1.07 14.48
C ILE B 52 2.67 -2.24 13.88
N VAL B 53 2.52 -3.32 14.66
CA VAL B 53 1.71 -4.46 14.25
C VAL B 53 0.25 -4.04 14.11
N ASP B 54 -0.20 -3.21 15.05
CA ASP B 54 -1.54 -2.65 15.01
C ASP B 54 -1.79 -1.96 13.67
N ILE B 55 -0.76 -1.27 13.20
CA ILE B 55 -0.80 -0.60 11.90
C ILE B 55 -1.16 -1.56 10.77
N LEU B 56 -0.45 -2.68 10.71
CA LEU B 56 -0.58 -3.63 9.61
C LEU B 56 -1.92 -4.34 9.64
N TYR B 57 -2.66 -4.19 10.73
CA TYR B 57 -3.94 -4.85 10.87
C TYR B 57 -5.00 -3.84 11.24
N ALA B 58 -4.72 -2.56 10.99
CA ALA B 58 -5.66 -1.51 11.29
C ALA B 58 -6.59 -1.30 10.10
N THR B 59 -7.86 -1.62 10.29
CA THR B 59 -8.84 -1.52 9.24
C THR B 59 -9.90 -0.49 9.60
N ASP B 60 -9.70 0.73 9.15
CA ASP B 60 -10.60 1.83 9.47
C ASP B 60 -10.76 2.75 8.27
N GLU B 61 -11.99 2.91 7.82
CA GLU B 61 -12.28 3.81 6.71
C GLU B 61 -12.84 5.12 7.23
N GLY B 62 -12.46 5.47 8.47
CA GLY B 62 -12.90 6.72 9.05
C GLY B 62 -11.92 7.83 8.76
N PHE B 63 -10.84 7.47 8.08
CA PHE B 63 -9.84 8.44 7.66
C PHE B 63 -10.45 9.44 6.70
N VAL B 64 -10.18 10.72 6.93
CA VAL B 64 -10.72 11.78 6.08
C VAL B 64 -10.07 11.75 4.70
N ILE B 65 -10.79 11.19 3.74
CA ILE B 65 -10.32 11.14 2.37
C ILE B 65 -10.62 12.46 1.67
N PRO B 66 -9.58 13.14 1.16
CA PRO B 66 -9.76 14.40 0.43
C PRO B 66 -10.68 14.21 -0.78
N ASP B 67 -11.79 14.94 -0.80
CA ASP B 67 -12.77 14.82 -1.87
C ASP B 67 -12.24 15.49 -3.13
N GLU B 68 -11.67 14.69 -4.02
CA GLU B 68 -11.17 15.19 -5.28
C GLU B 68 -11.96 14.60 -6.44
N GLY B 69 -12.06 15.35 -7.52
CA GLY B 69 -12.78 14.88 -8.68
C GLY B 69 -13.52 15.99 -9.38
N GLY B 70 -14.43 15.64 -10.28
CA GLY B 70 -15.18 16.62 -11.00
C GLY B 70 -16.08 15.99 -12.04
N ASP A 1 -23.13 -4.25 -29.84
CA ASP A 1 -22.19 -5.34 -29.46
C ASP A 1 -20.80 -4.79 -29.18
N GLU A 2 -20.26 -4.00 -30.11
CA GLU A 2 -18.89 -3.52 -30.02
C GLU A 2 -18.63 -2.74 -28.73
N ALA A 3 -19.38 -1.67 -28.52
CA ALA A 3 -19.20 -0.87 -27.32
C ALA A 3 -19.76 -1.59 -26.11
N ALA A 4 -20.74 -2.45 -26.34
CA ALA A 4 -21.41 -3.17 -25.27
C ALA A 4 -20.43 -4.02 -24.46
N GLU A 5 -19.51 -4.69 -25.15
CA GLU A 5 -18.50 -5.50 -24.48
C GLU A 5 -17.53 -4.59 -23.71
N LEU A 6 -17.31 -3.38 -24.24
CA LEU A 6 -16.46 -2.41 -23.57
C LEU A 6 -17.17 -1.79 -22.36
N MET A 7 -18.50 -1.76 -22.41
CA MET A 7 -19.29 -1.29 -21.26
C MET A 7 -19.05 -2.20 -20.07
N GLN A 8 -18.94 -3.48 -20.35
CA GLN A 8 -18.61 -4.47 -19.33
C GLN A 8 -17.15 -4.31 -18.92
N GLN A 9 -16.30 -4.03 -19.90
CA GLN A 9 -14.87 -3.91 -19.68
C GLN A 9 -14.56 -2.80 -18.69
N VAL A 10 -15.16 -1.63 -18.87
CA VAL A 10 -14.90 -0.51 -17.96
C VAL A 10 -15.38 -0.83 -16.55
N LYS A 11 -16.42 -1.66 -16.45
CA LYS A 11 -16.93 -2.03 -15.14
C LYS A 11 -15.97 -2.97 -14.43
N VAL A 12 -15.57 -4.05 -15.09
CA VAL A 12 -14.65 -5.01 -14.50
C VAL A 12 -13.28 -4.38 -14.27
N LEU A 13 -12.97 -3.36 -15.07
CA LEU A 13 -11.69 -2.67 -14.99
C LEU A 13 -11.73 -1.65 -13.83
N LYS A 14 -12.87 -0.99 -13.66
CA LYS A 14 -13.02 0.01 -12.61
C LYS A 14 -13.10 -0.65 -11.25
N LEU A 15 -13.61 -1.87 -11.21
CA LEU A 15 -13.73 -2.60 -9.96
C LEU A 15 -12.35 -2.93 -9.41
N THR A 16 -11.42 -3.23 -10.31
CA THR A 16 -10.03 -3.38 -9.91
C THR A 16 -9.50 -2.05 -9.41
N VAL A 17 -9.84 -0.98 -10.13
CA VAL A 17 -9.49 0.38 -9.72
C VAL A 17 -9.97 0.66 -8.30
N GLU A 18 -11.25 0.45 -8.06
CA GLU A 18 -11.87 0.77 -6.77
C GLU A 18 -11.22 0.00 -5.61
N ASP A 19 -10.95 -1.29 -5.81
CA ASP A 19 -10.34 -2.11 -4.76
C ASP A 19 -8.88 -1.74 -4.56
N LEU A 20 -8.25 -1.24 -5.60
CA LEU A 20 -6.88 -0.79 -5.51
C LEU A 20 -6.80 0.61 -4.91
N GLU A 21 -7.74 1.46 -5.32
CA GLU A 21 -7.85 2.82 -4.79
C GLU A 21 -8.00 2.81 -3.28
N LYS A 22 -8.82 1.88 -2.78
CA LYS A 22 -9.04 1.79 -1.35
C LYS A 22 -7.75 1.37 -0.65
N GLU A 23 -7.05 0.38 -1.20
CA GLU A 23 -5.87 -0.17 -0.54
C GLU A 23 -4.67 0.75 -0.64
N ARG A 24 -4.42 1.30 -1.84
CA ARG A 24 -3.24 2.12 -2.09
C ARG A 24 -3.12 3.22 -1.02
N ASP A 25 -4.21 3.95 -0.82
CA ASP A 25 -4.21 5.07 0.13
C ASP A 25 -4.47 4.60 1.56
N PHE A 26 -5.13 3.45 1.71
CA PHE A 26 -5.41 2.89 3.03
C PHE A 26 -4.10 2.59 3.74
N TYR A 27 -3.28 1.76 3.12
CA TYR A 27 -1.99 1.41 3.69
C TYR A 27 -1.05 2.61 3.64
N PHE A 28 -1.29 3.50 2.67
CA PHE A 28 -0.42 4.67 2.47
C PHE A 28 -0.38 5.53 3.73
N GLY A 29 -1.55 5.84 4.27
CA GLY A 29 -1.63 6.60 5.50
C GLY A 29 -1.00 5.85 6.65
N LYS A 30 -0.95 4.52 6.53
CA LYS A 30 -0.36 3.68 7.55
C LYS A 30 1.16 3.83 7.60
N LEU A 31 1.84 3.92 6.44
CA LEU A 31 3.30 4.07 6.42
C LEU A 31 3.71 5.34 7.14
N ARG A 32 2.85 6.34 7.08
CA ARG A 32 3.09 7.59 7.77
C ARG A 32 3.08 7.39 9.27
N ASN A 33 2.20 6.53 9.76
CA ASN A 33 2.11 6.29 11.20
C ASN A 33 3.36 5.57 11.70
N ILE A 34 3.85 4.61 10.92
CA ILE A 34 5.09 3.92 11.26
C ILE A 34 6.26 4.91 11.22
N GLU A 35 6.23 5.80 10.24
CA GLU A 35 7.24 6.86 10.12
C GLU A 35 7.14 7.81 11.31
N LEU A 36 5.92 8.06 11.76
CA LEU A 36 5.69 8.89 12.94
C LEU A 36 6.28 8.26 14.20
N ILE A 37 6.18 6.93 14.30
CA ILE A 37 6.82 6.20 15.40
C ILE A 37 8.33 6.34 15.30
N CYS A 38 8.82 6.40 14.08
CA CYS A 38 10.22 6.65 13.82
C CYS A 38 10.62 8.02 14.33
N GLN A 39 9.79 9.02 14.06
CA GLN A 39 10.04 10.38 14.51
C GLN A 39 10.08 10.44 16.03
N GLU A 40 9.35 9.54 16.67
CA GLU A 40 9.34 9.45 18.13
C GLU A 40 10.66 8.93 18.67
N ASN A 41 11.07 7.76 18.19
CA ASN A 41 12.15 7.02 18.83
C ASN A 41 13.50 7.23 18.17
N GLU A 42 13.53 7.63 16.90
CA GLU A 42 14.79 7.79 16.19
C GLU A 42 15.62 8.91 16.81
N GLY A 43 16.84 8.57 17.20
CA GLY A 43 17.73 9.53 17.82
C GLY A 43 17.51 9.63 19.32
N GLU A 44 16.34 9.17 19.77
CA GLU A 44 15.96 9.31 21.15
C GLU A 44 16.16 8.01 21.93
N ASN A 45 15.60 6.92 21.42
CA ASN A 45 15.62 5.66 22.16
C ASN A 45 16.03 4.48 21.29
N ASP A 46 15.22 4.17 20.29
CA ASP A 46 15.38 2.94 19.53
C ASP A 46 15.79 3.19 18.09
N PRO A 47 16.81 2.46 17.61
CA PRO A 47 17.26 2.52 16.22
C PRO A 47 16.43 1.63 15.28
N VAL A 48 15.61 0.77 15.88
CA VAL A 48 14.80 -0.17 15.10
C VAL A 48 13.96 0.54 14.06
N LEU A 49 13.48 1.74 14.37
CA LEU A 49 12.59 2.45 13.47
C LEU A 49 13.33 2.87 12.19
N GLN A 50 14.61 3.20 12.32
CA GLN A 50 15.42 3.59 11.17
C GLN A 50 15.40 2.53 10.07
N ARG A 51 15.54 1.27 10.45
CA ARG A 51 15.54 0.19 9.46
C ARG A 51 14.13 -0.03 8.91
N ILE A 52 13.12 0.48 9.59
CA ILE A 52 11.76 0.41 9.10
C ILE A 52 11.47 1.63 8.21
N VAL A 53 12.22 2.70 8.44
CA VAL A 53 12.19 3.87 7.55
C VAL A 53 12.75 3.49 6.19
N ASP A 54 13.78 2.64 6.22
CA ASP A 54 14.35 2.07 5.01
C ASP A 54 13.28 1.39 4.17
N ILE A 55 12.34 0.76 4.86
CA ILE A 55 11.17 0.16 4.22
C ILE A 55 10.38 1.18 3.41
N LEU A 56 9.96 2.25 4.07
CA LEU A 56 9.06 3.22 3.49
C LEU A 56 9.71 3.98 2.34
N TYR A 57 11.01 3.83 2.21
CA TYR A 57 11.75 4.51 1.16
C TYR A 57 12.57 3.51 0.36
N ALA A 58 12.18 2.26 0.43
CA ALA A 58 12.84 1.23 -0.36
C ALA A 58 12.30 1.28 -1.77
N THR A 59 13.16 1.61 -2.72
CA THR A 59 12.76 1.79 -4.10
C THR A 59 13.69 1.06 -5.04
N ASP A 60 13.24 -0.07 -5.56
CA ASP A 60 14.04 -0.84 -6.48
C ASP A 60 13.91 -0.29 -7.89
N GLU A 61 14.96 0.36 -8.35
CA GLU A 61 15.03 0.82 -9.73
C GLU A 61 16.14 0.08 -10.45
N GLY A 62 16.52 -1.06 -9.87
CA GLY A 62 17.55 -1.88 -10.46
C GLY A 62 16.99 -2.83 -11.50
N PHE A 63 15.67 -2.91 -11.53
CA PHE A 63 14.96 -3.68 -12.54
C PHE A 63 15.24 -3.12 -13.93
N VAL A 64 16.00 -3.86 -14.72
CA VAL A 64 16.37 -3.41 -16.05
C VAL A 64 15.36 -3.91 -17.07
N ILE A 65 14.74 -2.97 -17.77
CA ILE A 65 13.82 -3.32 -18.85
C ILE A 65 14.62 -3.61 -20.10
N PRO A 66 14.55 -4.85 -20.61
CA PRO A 66 15.33 -5.27 -21.78
C PRO A 66 14.92 -4.52 -23.05
N ASP A 67 15.88 -3.81 -23.62
CA ASP A 67 15.65 -3.09 -24.86
C ASP A 67 16.20 -3.88 -26.04
N GLU A 68 15.34 -4.64 -26.69
CA GLU A 68 15.74 -5.49 -27.80
C GLU A 68 16.16 -4.65 -29.00
N GLY A 69 17.43 -4.76 -29.36
CA GLY A 69 17.95 -4.00 -30.48
C GLY A 69 19.46 -3.83 -30.41
N GLY A 70 19.97 -3.73 -29.19
CA GLY A 70 21.39 -3.57 -29.01
C GLY A 70 21.75 -3.56 -27.54
N ASP B 1 -17.55 5.60 -33.28
CA ASP B 1 -17.56 6.66 -32.24
C ASP B 1 -17.89 6.08 -30.86
N GLU B 2 -18.98 5.33 -30.78
CA GLU B 2 -19.49 4.82 -29.51
C GLU B 2 -18.44 4.00 -28.78
N ALA B 3 -17.97 2.93 -29.39
CA ALA B 3 -16.98 2.08 -28.75
C ALA B 3 -15.62 2.77 -28.74
N ALA B 4 -15.40 3.64 -29.72
CA ALA B 4 -14.13 4.33 -29.86
C ALA B 4 -13.77 5.14 -28.62
N GLU B 5 -14.76 5.82 -28.05
CA GLU B 5 -14.53 6.58 -26.83
C GLU B 5 -14.25 5.64 -25.66
N LEU B 6 -14.85 4.46 -25.70
CA LEU B 6 -14.62 3.44 -24.67
C LEU B 6 -13.26 2.80 -24.84
N MET B 7 -12.75 2.77 -26.07
CA MET B 7 -11.40 2.27 -26.34
C MET B 7 -10.39 3.13 -25.60
N GLN B 8 -10.64 4.44 -25.58
CA GLN B 8 -9.84 5.37 -24.84
C GLN B 8 -10.06 5.18 -23.35
N GLN B 9 -11.31 4.93 -22.99
CA GLN B 9 -11.70 4.78 -21.60
C GLN B 9 -10.96 3.63 -20.93
N VAL B 10 -10.91 2.47 -21.58
CA VAL B 10 -10.22 1.32 -20.99
C VAL B 10 -8.73 1.60 -20.85
N LYS B 11 -8.18 2.43 -21.73
CA LYS B 11 -6.77 2.77 -21.65
C LYS B 11 -6.49 3.67 -20.45
N VAL B 12 -7.23 4.76 -20.34
CA VAL B 12 -7.04 5.69 -19.24
C VAL B 12 -7.42 5.04 -17.90
N LEU B 13 -8.30 4.05 -17.98
CA LEU B 13 -8.77 3.33 -16.80
C LEU B 13 -7.73 2.27 -16.38
N LYS B 14 -7.13 1.62 -17.36
CA LYS B 14 -6.13 0.58 -17.10
C LYS B 14 -4.83 1.20 -16.59
N LEU B 15 -4.56 2.42 -17.00
CA LEU B 15 -3.36 3.11 -16.59
C LEU B 15 -3.41 3.40 -15.10
N THR B 16 -4.60 3.72 -14.61
CA THR B 16 -4.81 3.85 -13.18
C THR B 16 -4.61 2.48 -12.52
N VAL B 17 -5.15 1.44 -13.16
CA VAL B 17 -4.96 0.07 -12.70
C VAL B 17 -3.49 -0.26 -12.56
N GLU B 18 -2.72 -0.04 -13.63
CA GLU B 18 -1.31 -0.39 -13.67
C GLU B 18 -0.50 0.32 -12.58
N ASP B 19 -0.75 1.61 -12.39
CA ASP B 19 -0.02 2.38 -11.39
C ASP B 19 -0.45 2.00 -9.98
N LEU B 20 -1.68 1.53 -9.84
CA LEU B 20 -2.18 1.06 -8.56
C LEU B 20 -1.70 -0.37 -8.28
N GLU B 21 -1.70 -1.20 -9.32
CA GLU B 21 -1.22 -2.57 -9.25
C GLU B 21 0.22 -2.62 -8.77
N LYS B 22 1.03 -1.70 -9.28
CA LYS B 22 2.43 -1.65 -8.90
C LYS B 22 2.56 -1.28 -7.42
N GLU B 23 1.80 -0.27 -6.98
CA GLU B 23 1.93 0.24 -5.62
C GLU B 23 1.31 -0.69 -4.58
N ARG B 24 0.10 -1.19 -4.86
CA ARG B 24 -0.63 -2.02 -3.91
C ARG B 24 0.25 -3.15 -3.40
N ASP B 25 0.87 -3.88 -4.33
CA ASP B 25 1.70 -5.03 -3.97
C ASP B 25 3.12 -4.61 -3.61
N PHE B 26 3.56 -3.47 -4.12
CA PHE B 26 4.90 -2.95 -3.82
C PHE B 26 5.02 -2.69 -2.32
N TYR B 27 4.13 -1.85 -1.80
CA TYR B 27 4.15 -1.53 -0.38
C TYR B 27 3.67 -2.74 0.42
N PHE B 28 2.86 -3.60 -0.21
CA PHE B 28 2.29 -4.76 0.46
C PHE B 28 3.40 -5.67 1.00
N GLY B 29 4.36 -5.99 0.14
CA GLY B 29 5.48 -6.79 0.56
C GLY B 29 6.30 -6.09 1.63
N LYS B 30 6.20 -4.77 1.65
CA LYS B 30 6.91 -3.96 2.63
C LYS B 30 6.33 -4.14 4.03
N LEU B 31 4.99 -4.19 4.17
CA LEU B 31 4.38 -4.35 5.49
C LEU B 31 4.82 -5.65 6.14
N ARG B 32 5.08 -6.65 5.30
CA ARG B 32 5.58 -7.92 5.77
C ARG B 32 6.97 -7.78 6.38
N ASN B 33 7.79 -6.93 5.80
CA ASN B 33 9.15 -6.73 6.31
C ASN B 33 9.11 -6.05 7.67
N ILE B 34 8.22 -5.06 7.82
CA ILE B 34 8.05 -4.40 9.10
C ILE B 34 7.49 -5.39 10.13
N GLU B 35 6.59 -6.26 9.69
CA GLU B 35 6.04 -7.32 10.53
C GLU B 35 7.13 -8.32 10.91
N LEU B 36 8.05 -8.57 9.97
CA LEU B 36 9.18 -9.44 10.21
C LEU B 36 10.11 -8.86 11.29
N ILE B 37 10.29 -7.54 11.28
CA ILE B 37 11.04 -6.85 12.33
C ILE B 37 10.32 -7.01 13.66
N CYS B 38 9.00 -7.04 13.60
CA CYS B 38 8.19 -7.27 14.78
C CYS B 38 8.45 -8.68 15.32
N GLN B 39 8.52 -9.65 14.40
CA GLN B 39 8.78 -11.03 14.79
C GLN B 39 10.16 -11.15 15.46
N GLU B 40 11.06 -10.27 15.07
CA GLU B 40 12.39 -10.23 15.66
C GLU B 40 12.37 -9.74 17.11
N ASN B 41 11.79 -8.57 17.30
CA ASN B 41 11.95 -7.86 18.57
C ASN B 41 10.79 -8.06 19.53
N GLU B 42 9.61 -8.41 19.02
CA GLU B 42 8.44 -8.57 19.88
C GLU B 42 8.63 -9.72 20.86
N GLY B 43 8.50 -9.40 22.15
CA GLY B 43 8.67 -10.39 23.19
C GLY B 43 10.11 -10.55 23.59
N GLU B 44 11.01 -10.09 22.74
CA GLU B 44 12.44 -10.28 22.95
C GLU B 44 13.09 -9.01 23.49
N ASN B 45 12.90 -7.89 22.79
CA ASN B 45 13.59 -6.66 23.14
C ASN B 45 12.66 -5.46 23.19
N ASP B 46 12.10 -5.10 22.04
CA ASP B 46 11.38 -3.84 21.91
C ASP B 46 9.89 -4.05 21.69
N PRO B 47 9.06 -3.30 22.43
CA PRO B 47 7.60 -3.32 22.27
C PRO B 47 7.11 -2.38 21.18
N VAL B 48 8.02 -1.55 20.67
CA VAL B 48 7.68 -0.57 19.64
C VAL B 48 7.04 -1.23 18.43
N LEU B 49 7.49 -2.43 18.10
CA LEU B 49 7.01 -3.10 16.90
C LEU B 49 5.54 -3.48 17.03
N GLN B 50 5.11 -3.83 18.24
CA GLN B 50 3.72 -4.18 18.51
C GLN B 50 2.76 -3.08 18.05
N ARG B 51 3.08 -1.83 18.37
CA ARG B 51 2.22 -0.73 17.99
C ARG B 51 2.29 -0.46 16.49
N ILE B 52 3.33 -0.99 15.84
CA ILE B 52 3.44 -0.89 14.38
C ILE B 52 2.72 -2.08 13.73
N VAL B 53 2.57 -3.17 14.48
CA VAL B 53 1.74 -4.30 14.06
C VAL B 53 0.29 -3.87 14.02
N ASP B 54 -0.08 -3.04 14.99
CA ASP B 54 -1.41 -2.42 15.04
C ASP B 54 -1.71 -1.72 13.73
N ILE B 55 -0.68 -1.09 13.16
CA ILE B 55 -0.77 -0.45 11.86
C ILE B 55 -1.20 -1.43 10.78
N LEU B 56 -0.46 -2.52 10.64
CA LEU B 56 -0.64 -3.47 9.55
C LEU B 56 -1.98 -4.19 9.65
N TYR B 57 -2.64 -4.04 10.79
CA TYR B 57 -3.91 -4.70 11.02
C TYR B 57 -4.95 -3.68 11.46
N ALA B 58 -4.70 -2.41 11.17
CA ALA B 58 -5.65 -1.38 11.47
C ALA B 58 -6.72 -1.36 10.40
N THR B 59 -7.94 -1.67 10.79
CA THR B 59 -9.04 -1.79 9.84
C THR B 59 -10.26 -1.04 10.33
N ASP B 60 -10.51 0.11 9.73
CA ASP B 60 -11.67 0.91 10.10
C ASP B 60 -12.90 0.41 9.38
N GLU B 61 -13.78 -0.23 10.14
CA GLU B 61 -15.07 -0.65 9.63
C GLU B 61 -16.16 0.11 10.37
N GLY B 62 -15.77 1.22 10.97
CA GLY B 62 -16.70 2.06 11.70
C GLY B 62 -17.39 3.05 10.78
N PHE B 63 -16.87 3.13 9.56
CA PHE B 63 -17.48 3.96 8.53
C PHE B 63 -18.87 3.44 8.20
N VAL B 64 -19.88 4.21 8.58
CA VAL B 64 -21.25 3.81 8.36
C VAL B 64 -21.76 4.35 7.04
N ILE B 65 -22.17 3.45 6.15
CA ILE B 65 -22.76 3.84 4.89
C ILE B 65 -24.23 4.17 5.11
N PRO B 66 -24.62 5.43 4.86
CA PRO B 66 -26.00 5.88 5.10
C PRO B 66 -27.01 5.19 4.19
N ASP B 67 -27.95 4.49 4.81
CA ASP B 67 -29.00 3.81 4.07
C ASP B 67 -30.28 4.65 4.12
N GLU B 68 -30.50 5.43 3.08
CA GLU B 68 -31.64 6.32 3.00
C GLU B 68 -32.94 5.53 2.88
N GLY B 69 -33.79 5.63 3.89
CA GLY B 69 -35.04 4.91 3.88
C GLY B 69 -35.59 4.71 5.28
N GLY B 70 -34.70 4.57 6.25
CA GLY B 70 -35.12 4.38 7.62
C GLY B 70 -33.93 4.31 8.55
N ASP A 1 -23.05 -2.72 -30.71
CA ASP A 1 -22.53 -4.08 -30.39
C ASP A 1 -21.18 -4.00 -29.68
N GLU A 2 -20.19 -3.47 -30.38
CA GLU A 2 -18.82 -3.45 -29.89
C GLU A 2 -18.72 -2.74 -28.55
N ALA A 3 -19.36 -1.58 -28.44
CA ALA A 3 -19.26 -0.75 -27.25
C ALA A 3 -19.88 -1.44 -26.04
N ALA A 4 -20.93 -2.22 -26.26
CA ALA A 4 -21.63 -2.88 -25.18
C ALA A 4 -20.70 -3.77 -24.37
N GLU A 5 -19.81 -4.48 -25.07
CA GLU A 5 -18.83 -5.33 -24.41
C GLU A 5 -17.83 -4.50 -23.63
N LEU A 6 -17.53 -3.31 -24.15
CA LEU A 6 -16.62 -2.39 -23.49
C LEU A 6 -17.30 -1.73 -22.29
N MET A 7 -18.62 -1.59 -22.33
CA MET A 7 -19.38 -1.06 -21.20
C MET A 7 -19.19 -1.95 -19.99
N GLN A 8 -19.20 -3.26 -20.23
CA GLN A 8 -18.95 -4.22 -19.17
C GLN A 8 -17.48 -4.17 -18.75
N GLN A 9 -16.62 -3.92 -19.73
CA GLN A 9 -15.19 -3.89 -19.49
C GLN A 9 -14.81 -2.76 -18.54
N VAL A 10 -15.32 -1.56 -18.79
CA VAL A 10 -14.96 -0.42 -17.94
C VAL A 10 -15.41 -0.65 -16.51
N LYS A 11 -16.50 -1.38 -16.32
CA LYS A 11 -17.00 -1.65 -14.99
C LYS A 11 -16.03 -2.54 -14.22
N VAL A 12 -15.71 -3.71 -14.78
CA VAL A 12 -14.81 -4.64 -14.12
C VAL A 12 -13.41 -4.04 -13.98
N LEU A 13 -13.08 -3.12 -14.89
CA LEU A 13 -11.79 -2.47 -14.91
C LEU A 13 -11.74 -1.39 -13.82
N LYS A 14 -12.83 -0.62 -13.70
CA LYS A 14 -12.89 0.48 -12.74
C LYS A 14 -13.08 -0.03 -11.32
N LEU A 15 -13.78 -1.15 -11.16
CA LEU A 15 -14.00 -1.72 -9.85
C LEU A 15 -12.69 -2.20 -9.27
N THR A 16 -11.79 -2.65 -10.15
CA THR A 16 -10.44 -2.98 -9.75
C THR A 16 -9.71 -1.69 -9.34
N VAL A 17 -9.94 -0.64 -10.12
CA VAL A 17 -9.41 0.69 -9.79
C VAL A 17 -9.86 1.12 -8.40
N GLU A 18 -11.17 1.11 -8.18
CA GLU A 18 -11.76 1.60 -6.94
C GLU A 18 -11.22 0.84 -5.72
N ASP A 19 -11.14 -0.48 -5.85
CA ASP A 19 -10.57 -1.31 -4.77
C ASP A 19 -9.11 -0.96 -4.54
N LEU A 20 -8.37 -0.84 -5.63
CA LEU A 20 -6.96 -0.52 -5.55
C LEU A 20 -6.72 0.89 -5.03
N GLU A 21 -7.58 1.83 -5.41
CA GLU A 21 -7.49 3.21 -4.94
C GLU A 21 -7.55 3.27 -3.43
N LYS A 22 -8.55 2.61 -2.86
CA LYS A 22 -8.72 2.64 -1.42
C LYS A 22 -7.58 1.90 -0.74
N GLU A 23 -7.13 0.79 -1.33
CA GLU A 23 -6.03 0.02 -0.75
C GLU A 23 -4.72 0.80 -0.78
N ARG A 24 -4.41 1.41 -1.93
CA ARG A 24 -3.18 2.18 -2.10
C ARG A 24 -3.07 3.23 -1.00
N ASP A 25 -4.14 3.97 -0.78
CA ASP A 25 -4.14 5.08 0.19
C ASP A 25 -4.41 4.60 1.61
N PHE A 26 -5.13 3.48 1.75
CA PHE A 26 -5.41 2.90 3.05
C PHE A 26 -4.10 2.57 3.75
N TYR A 27 -3.25 1.81 3.07
CA TYR A 27 -1.96 1.45 3.61
C TYR A 27 -1.02 2.64 3.55
N PHE A 28 -1.25 3.54 2.60
CA PHE A 28 -0.38 4.71 2.42
C PHE A 28 -0.36 5.55 3.69
N GLY A 29 -1.54 5.82 4.22
CA GLY A 29 -1.63 6.55 5.47
C GLY A 29 -1.03 5.77 6.63
N LYS A 30 -0.96 4.46 6.45
CA LYS A 30 -0.38 3.59 7.46
C LYS A 30 1.13 3.76 7.55
N LEU A 31 1.82 3.89 6.40
CA LEU A 31 3.27 4.06 6.42
C LEU A 31 3.66 5.33 7.15
N ARG A 32 2.76 6.31 7.11
CA ARG A 32 2.98 7.55 7.82
C ARG A 32 2.95 7.32 9.32
N ASN A 33 2.11 6.41 9.80
CA ASN A 33 2.04 6.12 11.22
C ASN A 33 3.32 5.45 11.69
N ILE A 34 3.82 4.50 10.90
CA ILE A 34 5.07 3.83 11.22
C ILE A 34 6.23 4.83 11.16
N GLU A 35 6.14 5.78 10.22
CA GLU A 35 7.12 6.86 10.12
C GLU A 35 7.00 7.80 11.32
N LEU A 36 5.79 8.01 11.79
CA LEU A 36 5.54 8.82 12.97
C LEU A 36 6.20 8.20 14.20
N ILE A 37 6.17 6.88 14.28
CA ILE A 37 6.85 6.16 15.35
C ILE A 37 8.36 6.36 15.24
N CYS A 38 8.81 6.49 13.99
CA CYS A 38 10.20 6.78 13.71
C CYS A 38 10.54 8.17 14.24
N GLN A 39 9.71 9.16 13.91
CA GLN A 39 9.92 10.53 14.38
C GLN A 39 10.09 10.58 15.90
N GLU A 40 9.36 9.71 16.58
CA GLU A 40 9.43 9.61 18.04
C GLU A 40 10.76 9.06 18.52
N ASN A 41 11.15 7.90 17.99
CA ASN A 41 12.27 7.15 18.55
C ASN A 41 13.58 7.36 17.82
N GLU A 42 13.53 7.85 16.58
CA GLU A 42 14.74 8.05 15.78
C GLU A 42 15.69 9.04 16.44
N GLY A 43 16.88 8.56 16.77
CA GLY A 43 17.88 9.39 17.38
C GLY A 43 17.55 9.75 18.82
N GLU A 44 16.52 9.12 19.37
CA GLU A 44 16.08 9.40 20.71
C GLU A 44 16.15 8.16 21.59
N ASN A 45 15.54 7.06 21.13
CA ASN A 45 15.49 5.86 21.96
C ASN A 45 15.87 4.60 21.19
N ASP A 46 15.07 4.27 20.19
CA ASP A 46 15.17 2.97 19.53
C ASP A 46 15.66 3.10 18.08
N PRO A 47 16.70 2.33 17.73
CA PRO A 47 17.26 2.31 16.37
C PRO A 47 16.44 1.47 15.41
N VAL A 48 15.54 0.65 15.94
CA VAL A 48 14.70 -0.21 15.11
C VAL A 48 13.94 0.58 14.07
N LEU A 49 13.49 1.78 14.43
CA LEU A 49 12.70 2.61 13.53
C LEU A 49 13.51 2.96 12.28
N GLN A 50 14.82 3.10 12.44
CA GLN A 50 15.72 3.41 11.33
C GLN A 50 15.60 2.37 10.21
N ARG A 51 15.64 1.09 10.57
CA ARG A 51 15.56 0.03 9.56
C ARG A 51 14.15 -0.08 8.98
N ILE A 52 13.16 0.48 9.65
CA ILE A 52 11.81 0.48 9.13
C ILE A 52 11.58 1.68 8.21
N VAL A 53 12.32 2.76 8.46
CA VAL A 53 12.32 3.91 7.55
C VAL A 53 12.87 3.49 6.20
N ASP A 54 13.87 2.62 6.23
CA ASP A 54 14.45 2.05 5.03
C ASP A 54 13.36 1.44 4.16
N ILE A 55 12.40 0.80 4.81
CA ILE A 55 11.24 0.23 4.14
C ILE A 55 10.47 1.29 3.37
N LEU A 56 10.02 2.32 4.08
CA LEU A 56 9.13 3.33 3.53
C LEU A 56 9.79 4.14 2.43
N TYR A 57 11.09 3.98 2.28
CA TYR A 57 11.82 4.74 1.28
C TYR A 57 12.67 3.80 0.44
N ALA A 58 12.30 2.53 0.43
CA ALA A 58 12.95 1.56 -0.44
C ALA A 58 12.30 1.62 -1.80
N THR A 59 13.07 2.02 -2.81
CA THR A 59 12.52 2.21 -4.14
C THR A 59 13.14 1.25 -5.13
N ASP A 60 12.50 0.10 -5.29
CA ASP A 60 12.97 -0.90 -6.23
C ASP A 60 11.81 -1.40 -7.09
N GLU A 61 11.70 -0.83 -8.28
CA GLU A 61 10.71 -1.29 -9.24
C GLU A 61 11.38 -2.27 -10.21
N GLY A 62 12.59 -2.67 -9.84
CA GLY A 62 13.34 -3.62 -10.64
C GLY A 62 12.80 -5.02 -10.49
N PHE A 63 12.71 -5.49 -9.25
CA PHE A 63 12.17 -6.81 -8.99
C PHE A 63 10.67 -6.70 -8.68
N VAL A 64 9.86 -7.09 -9.64
CA VAL A 64 8.41 -7.05 -9.50
C VAL A 64 7.81 -8.33 -10.06
N ILE A 65 6.90 -8.94 -9.31
CA ILE A 65 6.22 -10.14 -9.77
C ILE A 65 4.77 -9.81 -10.12
N PRO A 66 4.50 -9.50 -11.40
CA PRO A 66 3.16 -9.18 -11.87
C PRO A 66 2.28 -10.41 -11.99
N ASP A 67 1.11 -10.35 -11.38
CA ASP A 67 0.16 -11.46 -11.47
C ASP A 67 -0.68 -11.32 -12.74
N GLU A 68 -0.28 -12.03 -13.78
CA GLU A 68 -0.92 -11.93 -15.08
C GLU A 68 -0.90 -13.29 -15.78
N GLY A 69 -1.88 -13.53 -16.62
CA GLY A 69 -1.93 -14.78 -17.37
C GLY A 69 -2.43 -15.93 -16.53
N GLY A 70 -3.31 -15.64 -15.58
CA GLY A 70 -3.88 -16.68 -14.75
C GLY A 70 -5.39 -16.56 -14.67
N ASP B 1 -18.41 4.11 -33.59
CA ASP B 1 -18.30 5.44 -32.96
C ASP B 1 -18.21 5.33 -31.44
N GLU B 2 -19.27 4.81 -30.83
CA GLU B 2 -19.39 4.76 -29.38
C GLU B 2 -18.22 4.00 -28.76
N ALA B 3 -17.90 2.84 -29.33
CA ALA B 3 -16.88 1.97 -28.77
C ALA B 3 -15.50 2.62 -28.82
N ALA B 4 -15.25 3.41 -29.85
CA ALA B 4 -13.95 4.05 -30.04
C ALA B 4 -13.57 4.90 -28.82
N GLU B 5 -14.56 5.62 -28.29
CA GLU B 5 -14.33 6.44 -27.10
C GLU B 5 -14.07 5.55 -25.88
N LEU B 6 -14.69 4.38 -25.86
CA LEU B 6 -14.49 3.43 -24.78
C LEU B 6 -13.13 2.73 -24.91
N MET B 7 -12.64 2.63 -26.14
CA MET B 7 -11.31 2.05 -26.39
C MET B 7 -10.26 2.90 -25.69
N GLN B 8 -10.43 4.21 -25.76
CA GLN B 8 -9.55 5.14 -25.08
C GLN B 8 -9.77 5.05 -23.58
N GLN B 9 -11.02 4.83 -23.20
CA GLN B 9 -11.40 4.78 -21.80
C GLN B 9 -10.72 3.60 -21.08
N VAL B 10 -10.76 2.42 -21.68
CA VAL B 10 -10.18 1.24 -21.04
C VAL B 10 -8.68 1.42 -20.85
N LYS B 11 -8.04 2.15 -21.75
CA LYS B 11 -6.61 2.39 -21.65
C LYS B 11 -6.28 3.24 -20.43
N VAL B 12 -6.89 4.41 -20.34
CA VAL B 12 -6.63 5.32 -19.22
C VAL B 12 -7.11 4.69 -17.91
N LEU B 13 -8.09 3.81 -18.00
CA LEU B 13 -8.65 3.14 -16.85
C LEU B 13 -7.71 2.02 -16.39
N LYS B 14 -7.17 1.26 -17.35
CA LYS B 14 -6.31 0.13 -17.04
C LYS B 14 -4.93 0.59 -16.61
N LEU B 15 -4.47 1.71 -17.16
CA LEU B 15 -3.16 2.23 -16.81
C LEU B 15 -3.16 2.68 -15.36
N THR B 16 -4.32 3.15 -14.90
CA THR B 16 -4.50 3.44 -13.49
C THR B 16 -4.47 2.14 -12.69
N VAL B 17 -5.10 1.11 -13.24
CA VAL B 17 -5.06 -0.23 -12.66
C VAL B 17 -3.63 -0.71 -12.51
N GLU B 18 -2.89 -0.70 -13.61
CA GLU B 18 -1.53 -1.22 -13.65
C GLU B 18 -0.61 -0.51 -12.64
N ASP B 19 -0.72 0.82 -12.59
CA ASP B 19 0.04 1.60 -11.60
C ASP B 19 -0.36 1.22 -10.19
N LEU B 20 -1.65 1.13 -9.96
CA LEU B 20 -2.18 0.79 -8.65
C LEU B 20 -1.84 -0.64 -8.25
N GLU B 21 -1.86 -1.55 -9.23
CA GLU B 21 -1.51 -2.95 -8.98
C GLU B 21 -0.11 -3.06 -8.41
N LYS B 22 0.84 -2.42 -9.08
CA LYS B 22 2.22 -2.49 -8.65
C LYS B 22 2.40 -1.80 -7.30
N GLU B 23 1.71 -0.66 -7.10
CA GLU B 23 1.80 0.07 -5.85
C GLU B 23 1.21 -0.73 -4.69
N ARG B 24 0.02 -1.29 -4.89
CA ARG B 24 -0.67 -2.07 -3.86
C ARG B 24 0.26 -3.18 -3.33
N ASP B 25 0.89 -3.91 -4.25
CA ASP B 25 1.72 -5.04 -3.87
C ASP B 25 3.15 -4.62 -3.53
N PHE B 26 3.61 -3.50 -4.09
CA PHE B 26 4.93 -2.95 -3.79
C PHE B 26 5.03 -2.67 -2.31
N TYR B 27 4.09 -1.90 -1.80
CA TYR B 27 4.05 -1.58 -0.39
C TYR B 27 3.57 -2.77 0.42
N PHE B 28 2.78 -3.64 -0.21
CA PHE B 28 2.23 -4.81 0.48
C PHE B 28 3.35 -5.70 1.00
N GLY B 29 4.32 -5.97 0.14
CA GLY B 29 5.48 -6.75 0.55
C GLY B 29 6.29 -6.01 1.60
N LYS B 30 6.15 -4.70 1.63
CA LYS B 30 6.86 -3.87 2.58
C LYS B 30 6.30 -4.06 3.99
N LEU B 31 4.97 -4.16 4.14
CA LEU B 31 4.38 -4.34 5.47
C LEU B 31 4.86 -5.65 6.09
N ARG B 32 5.16 -6.61 5.23
CA ARG B 32 5.68 -7.89 5.68
C ARG B 32 7.07 -7.71 6.29
N ASN B 33 7.87 -6.79 5.74
CA ASN B 33 9.21 -6.57 6.26
C ASN B 33 9.13 -5.93 7.64
N ILE B 34 8.23 -4.96 7.79
CA ILE B 34 8.03 -4.32 9.09
C ILE B 34 7.46 -5.33 10.09
N GLU B 35 6.62 -6.24 9.61
CA GLU B 35 6.09 -7.32 10.43
C GLU B 35 7.21 -8.31 10.79
N LEU B 36 8.13 -8.51 9.86
CA LEU B 36 9.29 -9.37 10.10
C LEU B 36 10.16 -8.80 11.22
N ILE B 37 10.27 -7.48 11.28
CA ILE B 37 11.00 -6.82 12.34
C ILE B 37 10.26 -7.03 13.67
N CYS B 38 8.94 -7.11 13.56
CA CYS B 38 8.11 -7.42 14.71
C CYS B 38 8.40 -8.83 15.21
N GLN B 39 8.42 -9.79 14.29
CA GLN B 39 8.72 -11.18 14.63
C GLN B 39 10.03 -11.28 15.41
N GLU B 40 10.98 -10.43 15.05
CA GLU B 40 12.28 -10.39 15.70
C GLU B 40 12.18 -9.87 17.14
N ASN B 41 11.57 -8.71 17.30
CA ASN B 41 11.65 -7.98 18.58
C ASN B 41 10.42 -8.18 19.46
N GLU B 42 9.31 -8.63 18.90
CA GLU B 42 8.09 -8.82 19.67
C GLU B 42 8.26 -9.84 20.78
N GLY B 43 8.09 -9.38 22.00
CA GLY B 43 8.21 -10.25 23.16
C GLY B 43 9.64 -10.66 23.43
N GLU B 44 10.58 -10.02 22.73
CA GLU B 44 11.98 -10.36 22.88
C GLU B 44 12.79 -9.15 23.32
N ASN B 45 12.65 -8.03 22.63
CA ASN B 45 13.47 -6.86 22.94
C ASN B 45 12.64 -5.58 22.99
N ASP B 46 12.07 -5.20 21.87
CA ASP B 46 11.46 -3.88 21.73
C ASP B 46 9.95 -3.96 21.57
N PRO B 47 9.22 -3.19 22.40
CA PRO B 47 7.75 -3.13 22.36
C PRO B 47 7.23 -2.24 21.23
N VAL B 48 8.11 -1.44 20.64
CA VAL B 48 7.73 -0.53 19.57
C VAL B 48 7.07 -1.27 18.42
N LEU B 49 7.55 -2.48 18.14
CA LEU B 49 7.02 -3.26 17.03
C LEU B 49 5.55 -3.58 17.24
N GLN B 50 5.15 -3.74 18.50
CA GLN B 50 3.75 -4.02 18.84
C GLN B 50 2.82 -2.94 18.31
N ARG B 51 3.16 -1.67 18.52
CA ARG B 51 2.31 -0.58 18.07
C ARG B 51 2.36 -0.43 16.55
N ILE B 52 3.37 -1.00 15.91
CA ILE B 52 3.46 -0.96 14.45
C ILE B 52 2.68 -2.13 13.84
N VAL B 53 2.56 -3.23 14.59
CA VAL B 53 1.70 -4.35 14.19
C VAL B 53 0.25 -3.88 14.14
N ASP B 54 -0.09 -3.02 15.10
CA ASP B 54 -1.42 -2.41 15.15
C ASP B 54 -1.75 -1.76 13.80
N ILE B 55 -0.74 -1.12 13.22
CA ILE B 55 -0.85 -0.52 11.89
C ILE B 55 -1.28 -1.54 10.85
N LEU B 56 -0.47 -2.60 10.71
CA LEU B 56 -0.63 -3.57 9.64
C LEU B 56 -1.93 -4.36 9.77
N TYR B 57 -2.60 -4.20 10.90
CA TYR B 57 -3.83 -4.92 11.14
C TYR B 57 -4.92 -3.97 11.59
N ALA B 58 -4.75 -2.70 11.28
CA ALA B 58 -5.76 -1.70 11.54
C ALA B 58 -6.76 -1.69 10.39
N THR B 59 -7.99 -2.08 10.66
CA THR B 59 -8.98 -2.21 9.61
C THR B 59 -10.11 -1.22 9.78
N ASP B 60 -9.96 -0.06 9.18
CA ASP B 60 -10.99 0.97 9.24
C ASP B 60 -11.28 1.51 7.85
N GLU B 61 -12.33 0.99 7.23
CA GLU B 61 -12.79 1.50 5.95
C GLU B 61 -13.91 2.50 6.19
N GLY B 62 -14.06 2.88 7.45
CA GLY B 62 -15.07 3.84 7.83
C GLY B 62 -14.67 5.24 7.44
N PHE B 63 -13.49 5.67 7.88
CA PHE B 63 -12.99 6.98 7.52
C PHE B 63 -12.10 6.90 6.30
N VAL B 64 -12.63 7.32 5.17
CA VAL B 64 -11.91 7.29 3.91
C VAL B 64 -12.13 8.59 3.16
N ILE B 65 -11.06 9.18 2.65
CA ILE B 65 -11.16 10.41 1.87
C ILE B 65 -10.90 10.11 0.40
N PRO B 66 -11.96 9.85 -0.38
CA PRO B 66 -11.85 9.56 -1.80
C PRO B 66 -11.56 10.81 -2.62
N ASP B 67 -10.53 10.74 -3.45
CA ASP B 67 -10.18 11.86 -4.32
C ASP B 67 -11.00 11.77 -5.60
N GLU B 68 -12.09 12.52 -5.65
CA GLU B 68 -13.01 12.48 -6.77
C GLU B 68 -13.62 13.85 -7.00
N GLY B 69 -13.98 14.15 -8.24
CA GLY B 69 -14.59 15.42 -8.56
C GLY B 69 -13.59 16.55 -8.65
N GLY B 70 -12.38 16.23 -9.06
CA GLY B 70 -11.36 17.25 -9.21
C GLY B 70 -10.66 17.14 -10.55
N ASP A 1 -24.10 -3.37 -29.74
CA ASP A 1 -23.65 -4.24 -28.62
C ASP A 1 -22.15 -4.11 -28.40
N GLU A 2 -21.43 -3.61 -29.40
CA GLU A 2 -19.97 -3.50 -29.34
C GLU A 2 -19.53 -2.66 -28.15
N ALA A 3 -19.91 -1.38 -28.16
CA ALA A 3 -19.53 -0.48 -27.09
C ALA A 3 -20.23 -0.83 -25.80
N ALA A 4 -21.43 -1.40 -25.91
CA ALA A 4 -22.23 -1.75 -24.74
C ALA A 4 -21.45 -2.66 -23.80
N GLU A 5 -20.74 -3.63 -24.37
CA GLU A 5 -19.91 -4.53 -23.58
C GLU A 5 -18.78 -3.77 -22.90
N LEU A 6 -18.22 -2.79 -23.63
CA LEU A 6 -17.13 -1.98 -23.09
C LEU A 6 -17.63 -1.03 -22.00
N MET A 7 -18.91 -0.68 -22.06
CA MET A 7 -19.52 0.17 -21.03
C MET A 7 -19.47 -0.55 -19.68
N GLN A 8 -19.71 -1.85 -19.71
CA GLN A 8 -19.66 -2.66 -18.52
C GLN A 8 -18.22 -3.07 -18.23
N GLN A 9 -17.37 -2.99 -19.25
CA GLN A 9 -15.96 -3.30 -19.09
C GLN A 9 -15.26 -2.21 -18.29
N VAL A 10 -15.53 -0.95 -18.61
CA VAL A 10 -14.98 0.15 -17.83
C VAL A 10 -15.54 0.11 -16.41
N LYS A 11 -16.73 -0.46 -16.29
CA LYS A 11 -17.40 -0.60 -15.00
C LYS A 11 -16.53 -1.43 -14.06
N VAL A 12 -16.35 -2.69 -14.42
CA VAL A 12 -15.58 -3.62 -13.60
C VAL A 12 -14.13 -3.18 -13.45
N LEU A 13 -13.65 -2.48 -14.46
CA LEU A 13 -12.26 -2.03 -14.49
C LEU A 13 -12.06 -0.84 -13.55
N LYS A 14 -13.02 0.08 -13.54
CA LYS A 14 -12.96 1.24 -12.66
C LYS A 14 -13.18 0.82 -11.21
N LEU A 15 -13.99 -0.22 -11.02
CA LEU A 15 -14.27 -0.73 -9.70
C LEU A 15 -13.02 -1.32 -9.09
N THR A 16 -12.17 -1.89 -9.94
CA THR A 16 -10.87 -2.36 -9.49
C THR A 16 -9.99 -1.16 -9.12
N VAL A 17 -10.09 -0.11 -9.93
CA VAL A 17 -9.40 1.15 -9.65
C VAL A 17 -9.83 1.70 -8.29
N GLU A 18 -11.14 1.77 -8.07
CA GLU A 18 -11.68 2.27 -6.80
C GLU A 18 -11.17 1.46 -5.62
N ASP A 19 -11.14 0.14 -5.75
CA ASP A 19 -10.61 -0.72 -4.70
C ASP A 19 -9.14 -0.45 -4.48
N LEU A 20 -8.38 -0.47 -5.56
CA LEU A 20 -6.94 -0.26 -5.49
C LEU A 20 -6.60 1.15 -4.97
N GLU A 21 -7.41 2.13 -5.34
CA GLU A 21 -7.22 3.50 -4.87
C GLU A 21 -7.39 3.59 -3.36
N LYS A 22 -8.45 2.96 -2.84
CA LYS A 22 -8.68 2.98 -1.40
C LYS A 22 -7.63 2.13 -0.69
N GLU A 23 -7.15 1.08 -1.36
CA GLU A 23 -6.09 0.25 -0.80
C GLU A 23 -4.78 1.02 -0.69
N ARG A 24 -4.34 1.61 -1.80
CA ARG A 24 -3.09 2.36 -1.83
C ARG A 24 -3.09 3.46 -0.77
N ASP A 25 -4.18 4.20 -0.68
CA ASP A 25 -4.28 5.32 0.26
C ASP A 25 -4.46 4.84 1.70
N PHE A 26 -5.19 3.75 1.86
CA PHE A 26 -5.44 3.18 3.18
C PHE A 26 -4.12 2.81 3.86
N TYR A 27 -3.31 2.04 3.16
CA TYR A 27 -2.02 1.66 3.68
C TYR A 27 -1.09 2.86 3.71
N PHE A 28 -1.27 3.79 2.77
CA PHE A 28 -0.41 4.98 2.69
C PHE A 28 -0.48 5.78 3.99
N GLY A 29 -1.69 5.99 4.48
CA GLY A 29 -1.88 6.67 5.75
C GLY A 29 -1.27 5.87 6.89
N LYS A 30 -1.10 4.57 6.67
CA LYS A 30 -0.51 3.69 7.67
C LYS A 30 1.01 3.82 7.70
N LEU A 31 1.66 3.94 6.54
CA LEU A 31 3.13 4.12 6.53
C LEU A 31 3.50 5.41 7.23
N ARG A 32 2.58 6.37 7.19
CA ARG A 32 2.76 7.62 7.91
C ARG A 32 2.82 7.37 9.41
N ASN A 33 1.97 6.48 9.92
CA ASN A 33 1.95 6.20 11.35
C ASN A 33 3.26 5.53 11.79
N ILE A 34 3.73 4.57 11.00
CA ILE A 34 5.02 3.92 11.28
C ILE A 34 6.16 4.93 11.15
N GLU A 35 6.04 5.83 10.18
CA GLU A 35 7.01 6.91 10.01
C GLU A 35 7.00 7.84 11.22
N LEU A 36 5.81 8.07 11.77
CA LEU A 36 5.65 8.88 12.97
C LEU A 36 6.33 8.22 14.17
N ILE A 37 6.24 6.89 14.26
CA ILE A 37 6.92 6.14 15.31
C ILE A 37 8.42 6.30 15.16
N CYS A 38 8.85 6.46 13.93
CA CYS A 38 10.25 6.70 13.63
C CYS A 38 10.66 8.08 14.10
N GLN A 39 9.89 9.09 13.72
CA GLN A 39 10.21 10.48 14.04
C GLN A 39 10.38 10.71 15.54
N GLU A 40 9.69 9.91 16.35
CA GLU A 40 9.75 10.08 17.80
C GLU A 40 10.87 9.24 18.42
N ASN A 41 11.38 8.26 17.70
CA ASN A 41 12.38 7.36 18.26
C ASN A 41 13.76 7.49 17.60
N GLU A 42 13.78 7.95 16.34
CA GLU A 42 15.03 8.05 15.56
C GLU A 42 16.11 8.82 16.30
N GLY A 43 17.20 8.12 16.62
CA GLY A 43 18.35 8.75 17.24
C GLY A 43 18.13 9.08 18.71
N GLU A 44 16.92 8.86 19.19
CA GLU A 44 16.57 9.19 20.56
C GLU A 44 16.65 7.96 21.45
N ASN A 45 15.97 6.90 21.07
CA ASN A 45 15.94 5.71 21.90
C ASN A 45 16.18 4.41 21.11
N ASP A 46 15.27 4.10 20.20
CA ASP A 46 15.32 2.82 19.50
C ASP A 46 15.68 2.98 18.03
N PRO A 47 16.78 2.36 17.60
CA PRO A 47 17.24 2.40 16.20
C PRO A 47 16.39 1.53 15.27
N VAL A 48 15.55 0.67 15.87
CA VAL A 48 14.69 -0.22 15.08
C VAL A 48 13.88 0.56 14.06
N LEU A 49 13.47 1.76 14.40
CA LEU A 49 12.66 2.58 13.51
C LEU A 49 13.44 2.95 12.25
N GLN A 50 14.76 3.04 12.38
CA GLN A 50 15.60 3.41 11.25
C GLN A 50 15.51 2.37 10.13
N ARG A 51 15.56 1.09 10.49
CA ARG A 51 15.48 0.02 9.49
C ARG A 51 14.07 -0.08 8.91
N ILE A 52 13.09 0.52 9.58
CA ILE A 52 11.73 0.55 9.05
C ILE A 52 11.52 1.78 8.17
N VAL A 53 12.27 2.85 8.46
CA VAL A 53 12.30 4.02 7.58
C VAL A 53 12.83 3.62 6.21
N ASP A 54 13.84 2.75 6.24
CA ASP A 54 14.39 2.17 5.03
C ASP A 54 13.27 1.56 4.19
N ILE A 55 12.36 0.86 4.85
CA ILE A 55 11.18 0.29 4.21
C ILE A 55 10.37 1.34 3.45
N LEU A 56 9.93 2.36 4.17
CA LEU A 56 8.99 3.34 3.64
C LEU A 56 9.59 4.17 2.51
N TYR A 57 10.90 4.10 2.33
CA TYR A 57 11.56 4.89 1.31
C TYR A 57 12.47 4.02 0.47
N ALA A 58 12.20 2.72 0.48
CA ALA A 58 12.94 1.80 -0.36
C ALA A 58 12.24 1.65 -1.69
N THR A 59 12.92 2.07 -2.76
CA THR A 59 12.36 1.98 -4.09
C THR A 59 13.00 0.84 -4.86
N ASP A 60 12.42 -0.34 -4.73
CA ASP A 60 12.93 -1.52 -5.42
C ASP A 60 12.47 -1.51 -6.87
N GLU A 61 13.28 -0.88 -7.72
CA GLU A 61 13.00 -0.84 -9.14
C GLU A 61 14.04 -1.64 -9.90
N GLY A 62 15.21 -1.70 -9.31
CA GLY A 62 16.28 -2.51 -9.87
C GLY A 62 16.28 -3.89 -9.27
N PHE A 63 16.01 -3.96 -7.97
CA PHE A 63 15.88 -5.22 -7.28
C PHE A 63 14.41 -5.66 -7.32
N VAL A 64 14.13 -6.68 -8.11
CA VAL A 64 12.76 -7.14 -8.28
C VAL A 64 12.62 -8.56 -7.72
N ILE A 65 11.73 -8.71 -6.75
CA ILE A 65 11.43 -10.02 -6.20
C ILE A 65 10.37 -10.71 -7.04
N PRO A 66 10.73 -11.82 -7.72
CA PRO A 66 9.78 -12.55 -8.56
C PRO A 66 8.62 -13.13 -7.76
N ASP A 67 7.42 -12.67 -8.07
CA ASP A 67 6.21 -13.17 -7.43
C ASP A 67 5.49 -14.13 -8.36
N GLU A 68 6.27 -14.77 -9.22
CA GLU A 68 5.73 -15.66 -10.23
C GLU A 68 5.16 -16.92 -9.59
N GLY A 69 3.86 -16.95 -9.40
CA GLY A 69 3.20 -18.09 -8.81
C GLY A 69 2.69 -19.05 -9.86
N GLY A 70 3.62 -19.62 -10.62
CA GLY A 70 3.25 -20.53 -11.68
C GLY A 70 4.38 -20.70 -12.68
N ASP B 1 -17.10 4.72 -34.12
CA ASP B 1 -16.24 5.53 -33.22
C ASP B 1 -16.66 5.37 -31.77
N GLU B 2 -17.88 4.88 -31.54
CA GLU B 2 -18.43 4.76 -30.20
C GLU B 2 -17.54 3.88 -29.33
N ALA B 3 -17.43 2.62 -29.72
CA ALA B 3 -16.63 1.66 -28.96
C ALA B 3 -15.16 1.98 -29.05
N ALA B 4 -14.75 2.57 -30.17
CA ALA B 4 -13.34 2.91 -30.41
C ALA B 4 -12.78 3.78 -29.29
N GLU B 5 -13.58 4.74 -28.84
CA GLU B 5 -13.18 5.60 -27.74
C GLU B 5 -13.05 4.80 -26.45
N LEU B 6 -13.95 3.84 -26.27
CA LEU B 6 -13.94 3.00 -25.08
C LEU B 6 -12.76 2.02 -25.11
N MET B 7 -12.29 1.69 -26.31
CA MET B 7 -11.12 0.82 -26.46
C MET B 7 -9.90 1.48 -25.86
N GLN B 8 -9.81 2.79 -26.05
CA GLN B 8 -8.71 3.57 -25.48
C GLN B 8 -9.05 3.94 -24.04
N GLN B 9 -10.32 3.88 -23.69
CA GLN B 9 -10.75 4.17 -22.34
C GLN B 9 -10.33 3.05 -21.39
N VAL B 10 -10.54 1.79 -21.81
CA VAL B 10 -10.08 0.66 -21.02
C VAL B 10 -8.56 0.66 -20.94
N LYS B 11 -7.94 1.25 -21.96
CA LYS B 11 -6.49 1.36 -22.03
C LYS B 11 -5.97 2.14 -20.83
N VAL B 12 -6.35 3.42 -20.77
CA VAL B 12 -5.89 4.30 -19.71
C VAL B 12 -6.37 3.82 -18.34
N LEU B 13 -7.51 3.15 -18.34
CA LEU B 13 -8.12 2.68 -17.10
C LEU B 13 -7.36 1.46 -16.57
N LYS B 14 -6.98 0.56 -17.46
CA LYS B 14 -6.22 -0.64 -17.07
C LYS B 14 -4.81 -0.25 -16.68
N LEU B 15 -4.28 0.79 -17.30
CA LEU B 15 -2.94 1.27 -17.00
C LEU B 15 -2.90 1.81 -15.58
N THR B 16 -4.01 2.39 -15.15
CA THR B 16 -4.14 2.83 -13.77
C THR B 16 -4.18 1.61 -12.85
N VAL B 17 -4.90 0.57 -13.31
CA VAL B 17 -4.94 -0.70 -12.60
C VAL B 17 -3.55 -1.28 -12.44
N GLU B 18 -2.81 -1.34 -13.54
CA GLU B 18 -1.44 -1.87 -13.54
C GLU B 18 -0.55 -1.11 -12.56
N ASP B 19 -0.67 0.22 -12.55
CA ASP B 19 0.10 1.04 -11.62
C ASP B 19 -0.31 0.73 -10.19
N LEU B 20 -1.61 0.77 -9.94
CA LEU B 20 -2.15 0.52 -8.61
C LEU B 20 -1.85 -0.90 -8.12
N GLU B 21 -1.87 -1.85 -9.04
CA GLU B 21 -1.54 -3.24 -8.71
C GLU B 21 -0.10 -3.37 -8.26
N LYS B 22 0.82 -2.74 -8.98
CA LYS B 22 2.22 -2.81 -8.60
C LYS B 22 2.46 -2.00 -7.33
N GLU B 23 1.68 -0.94 -7.14
CA GLU B 23 1.76 -0.14 -5.92
C GLU B 23 1.31 -0.94 -4.70
N ARG B 24 0.10 -1.49 -4.77
CA ARG B 24 -0.46 -2.27 -3.67
C ARG B 24 0.48 -3.40 -3.25
N ASP B 25 1.00 -4.12 -4.24
CA ASP B 25 1.86 -5.27 -3.97
C ASP B 25 3.26 -4.83 -3.54
N PHE B 26 3.74 -3.73 -4.10
CA PHE B 26 5.06 -3.21 -3.77
C PHE B 26 5.14 -2.89 -2.28
N TYR B 27 4.18 -2.10 -1.80
CA TYR B 27 4.14 -1.76 -0.39
C TYR B 27 3.75 -2.98 0.43
N PHE B 28 2.95 -3.87 -0.14
CA PHE B 28 2.50 -5.07 0.57
C PHE B 28 3.69 -5.92 1.01
N GLY B 29 4.63 -6.12 0.09
CA GLY B 29 5.84 -6.83 0.43
C GLY B 29 6.65 -6.09 1.48
N LYS B 30 6.41 -4.79 1.59
CA LYS B 30 7.10 -3.95 2.55
C LYS B 30 6.51 -4.10 3.95
N LEU B 31 5.17 -4.19 4.06
CA LEU B 31 4.56 -4.39 5.39
C LEU B 31 5.01 -5.71 5.97
N ARG B 32 5.34 -6.66 5.09
CA ARG B 32 5.89 -7.93 5.52
C ARG B 32 7.24 -7.73 6.21
N ASN B 33 8.07 -6.86 5.67
CA ASN B 33 9.39 -6.62 6.24
C ASN B 33 9.26 -5.99 7.63
N ILE B 34 8.37 -5.01 7.76
CA ILE B 34 8.11 -4.39 9.06
C ILE B 34 7.49 -5.41 10.02
N GLU B 35 6.64 -6.28 9.49
CA GLU B 35 6.06 -7.36 10.27
C GLU B 35 7.15 -8.34 10.73
N LEU B 36 8.13 -8.56 9.87
CA LEU B 36 9.27 -9.41 10.20
C LEU B 36 10.10 -8.80 11.33
N ILE B 37 10.24 -7.47 11.32
CA ILE B 37 10.95 -6.77 12.40
C ILE B 37 10.19 -6.95 13.70
N CYS B 38 8.87 -7.07 13.58
CA CYS B 38 8.03 -7.33 14.72
C CYS B 38 8.25 -8.72 15.25
N GLN B 39 8.21 -9.71 14.36
CA GLN B 39 8.34 -11.11 14.75
C GLN B 39 9.63 -11.40 15.51
N GLU B 40 10.67 -10.62 15.25
CA GLU B 40 11.96 -10.83 15.89
C GLU B 40 12.09 -10.04 17.19
N ASN B 41 11.23 -9.03 17.39
CA ASN B 41 11.35 -8.18 18.56
C ASN B 41 10.17 -8.30 19.53
N GLU B 42 9.02 -8.73 19.03
CA GLU B 42 7.79 -8.82 19.83
C GLU B 42 7.99 -9.63 21.11
N GLY B 43 7.86 -8.96 22.24
CA GLY B 43 7.94 -9.63 23.53
C GLY B 43 9.35 -10.00 23.92
N GLU B 44 10.30 -9.77 23.02
CA GLU B 44 11.68 -10.14 23.26
C GLU B 44 12.49 -8.95 23.75
N ASN B 45 12.45 -7.86 22.99
CA ASN B 45 13.24 -6.69 23.35
C ASN B 45 12.44 -5.39 23.26
N ASP B 46 12.01 -5.02 22.08
CA ASP B 46 11.37 -3.72 21.88
C ASP B 46 9.89 -3.84 21.59
N PRO B 47 9.05 -3.23 22.44
CA PRO B 47 7.59 -3.23 22.27
C PRO B 47 7.11 -2.32 21.15
N VAL B 48 8.02 -1.47 20.65
CA VAL B 48 7.68 -0.53 19.57
C VAL B 48 7.06 -1.26 18.39
N LEU B 49 7.52 -2.47 18.12
CA LEU B 49 7.01 -3.25 16.99
C LEU B 49 5.55 -3.59 17.17
N GLN B 50 5.11 -3.70 18.42
CA GLN B 50 3.73 -4.05 18.72
C GLN B 50 2.76 -2.98 18.20
N ARG B 51 3.11 -1.71 18.42
CA ARG B 51 2.26 -0.61 17.98
C ARG B 51 2.31 -0.46 16.45
N ILE B 52 3.30 -1.07 15.82
CA ILE B 52 3.39 -1.05 14.36
C ILE B 52 2.64 -2.26 13.78
N VAL B 53 2.57 -3.35 14.54
CA VAL B 53 1.73 -4.49 14.17
C VAL B 53 0.28 -4.05 14.11
N ASP B 54 -0.10 -3.21 15.06
CA ASP B 54 -1.41 -2.58 15.08
C ASP B 54 -1.71 -1.93 13.74
N ILE B 55 -0.70 -1.25 13.20
CA ILE B 55 -0.79 -0.63 11.88
C ILE B 55 -1.18 -1.63 10.79
N LEU B 56 -0.36 -2.68 10.67
CA LEU B 56 -0.47 -3.64 9.56
C LEU B 56 -1.77 -4.43 9.62
N TYR B 57 -2.47 -4.37 10.74
CA TYR B 57 -3.69 -5.15 10.90
C TYR B 57 -4.81 -4.26 11.41
N ALA B 58 -4.68 -2.97 11.20
CA ALA B 58 -5.71 -2.02 11.56
C ALA B 58 -6.64 -1.82 10.38
N THR B 59 -7.89 -2.22 10.54
CA THR B 59 -8.87 -2.08 9.49
C THR B 59 -9.82 -0.92 9.79
N ASP B 60 -9.43 0.26 9.36
CA ASP B 60 -10.24 1.46 9.56
C ASP B 60 -11.38 1.51 8.56
N GLU B 61 -12.49 0.88 8.91
CA GLU B 61 -13.67 0.90 8.06
C GLU B 61 -14.77 1.70 8.73
N GLY B 62 -14.73 1.72 10.05
CA GLY B 62 -15.65 2.53 10.82
C GLY B 62 -15.08 3.89 11.10
N PHE B 63 -13.78 3.92 11.39
CA PHE B 63 -13.07 5.17 11.58
C PHE B 63 -12.49 5.63 10.25
N VAL B 64 -13.08 6.68 9.70
CA VAL B 64 -12.65 7.17 8.40
C VAL B 64 -12.06 8.56 8.53
N ILE B 65 -10.81 8.71 8.13
CA ILE B 65 -10.15 10.01 8.12
C ILE B 65 -10.46 10.74 6.82
N PRO B 66 -11.20 11.86 6.90
CA PRO B 66 -11.57 12.64 5.72
C PRO B 66 -10.34 13.20 5.00
N ASP B 67 -10.15 12.77 3.77
CA ASP B 67 -9.04 13.27 2.95
C ASP B 67 -9.58 14.28 1.95
N GLU B 68 -10.67 14.93 2.31
CA GLU B 68 -11.35 15.87 1.43
C GLU B 68 -10.50 17.12 1.21
N GLY B 69 -9.79 17.15 0.10
CA GLY B 69 -8.95 18.29 -0.22
C GLY B 69 -9.68 19.29 -1.09
N GLY B 70 -10.74 19.87 -0.54
CA GLY B 70 -11.54 20.82 -1.28
C GLY B 70 -12.90 20.99 -0.66
N ASP A 1 -24.30 -3.47 -30.16
CA ASP A 1 -23.85 -4.31 -29.01
C ASP A 1 -22.34 -4.18 -28.81
N GLU A 2 -21.63 -3.68 -29.82
CA GLU A 2 -20.18 -3.56 -29.77
C GLU A 2 -19.73 -2.71 -28.59
N ALA A 3 -20.15 -1.45 -28.56
CA ALA A 3 -19.78 -0.55 -27.49
C ALA A 3 -20.49 -0.94 -26.20
N ALA A 4 -21.67 -1.52 -26.32
CA ALA A 4 -22.47 -1.92 -25.17
C ALA A 4 -21.68 -2.84 -24.25
N GLU A 5 -20.91 -3.76 -24.85
CA GLU A 5 -20.04 -4.65 -24.09
C GLU A 5 -18.96 -3.84 -23.38
N LEU A 6 -18.39 -2.89 -24.10
CA LEU A 6 -17.32 -2.05 -23.55
C LEU A 6 -17.84 -1.15 -22.43
N MET A 7 -19.15 -0.85 -22.46
CA MET A 7 -19.78 -0.07 -21.40
C MET A 7 -19.67 -0.84 -20.08
N GLN A 8 -19.83 -2.16 -20.16
CA GLN A 8 -19.68 -3.01 -19.00
C GLN A 8 -18.21 -3.24 -18.70
N GLN A 9 -17.40 -3.26 -19.76
CA GLN A 9 -15.97 -3.44 -19.63
C GLN A 9 -15.34 -2.34 -18.77
N VAL A 10 -15.75 -1.09 -18.98
CA VAL A 10 -15.21 -0.01 -18.18
C VAL A 10 -15.68 -0.12 -16.73
N LYS A 11 -16.87 -0.66 -16.51
CA LYS A 11 -17.38 -0.84 -15.16
C LYS A 11 -16.55 -1.86 -14.41
N VAL A 12 -16.40 -3.05 -14.99
CA VAL A 12 -15.64 -4.12 -14.34
C VAL A 12 -14.17 -3.73 -14.18
N LEU A 13 -13.70 -2.85 -15.06
CA LEU A 13 -12.32 -2.39 -15.02
C LEU A 13 -12.16 -1.30 -13.97
N LYS A 14 -13.17 -0.44 -13.84
CA LYS A 14 -13.13 0.66 -12.87
C LYS A 14 -13.34 0.12 -11.46
N LEU A 15 -13.98 -1.04 -11.36
CA LEU A 15 -14.19 -1.67 -10.08
C LEU A 15 -12.87 -2.16 -9.51
N THR A 16 -11.97 -2.56 -10.41
CA THR A 16 -10.60 -2.85 -10.01
C THR A 16 -9.92 -1.57 -9.56
N VAL A 17 -10.20 -0.49 -10.28
CA VAL A 17 -9.69 0.83 -9.93
C VAL A 17 -10.13 1.21 -8.51
N GLU A 18 -11.43 1.14 -8.24
CA GLU A 18 -11.96 1.48 -6.93
C GLU A 18 -11.42 0.53 -5.85
N ASP A 19 -11.19 -0.71 -6.24
CA ASP A 19 -10.65 -1.72 -5.32
C ASP A 19 -9.23 -1.35 -4.93
N LEU A 20 -8.47 -0.91 -5.91
CA LEU A 20 -7.06 -0.57 -5.73
C LEU A 20 -6.89 0.82 -5.13
N GLU A 21 -7.67 1.78 -5.61
CA GLU A 21 -7.58 3.17 -5.15
C GLU A 21 -7.65 3.27 -3.64
N LYS A 22 -8.64 2.60 -3.04
CA LYS A 22 -8.79 2.63 -1.60
C LYS A 22 -7.60 1.98 -0.91
N GLU A 23 -7.14 0.84 -1.42
CA GLU A 23 -6.02 0.14 -0.80
C GLU A 23 -4.72 0.95 -0.89
N ARG A 24 -4.50 1.59 -2.03
CA ARG A 24 -3.29 2.38 -2.24
C ARG A 24 -3.21 3.48 -1.18
N ASP A 25 -4.35 4.07 -0.82
CA ASP A 25 -4.39 5.14 0.18
C ASP A 25 -4.50 4.56 1.59
N PHE A 26 -5.28 3.49 1.71
CA PHE A 26 -5.51 2.80 2.98
C PHE A 26 -4.20 2.47 3.66
N TYR A 27 -3.34 1.77 2.95
CA TYR A 27 -2.05 1.39 3.48
C TYR A 27 -1.09 2.57 3.45
N PHE A 28 -1.34 3.51 2.55
CA PHE A 28 -0.46 4.67 2.39
C PHE A 28 -0.39 5.48 3.67
N GLY A 29 -1.55 5.74 4.24
CA GLY A 29 -1.60 6.45 5.51
C GLY A 29 -0.96 5.64 6.62
N LYS A 30 -0.92 4.32 6.43
CA LYS A 30 -0.30 3.45 7.41
C LYS A 30 1.22 3.66 7.48
N LEU A 31 1.90 3.79 6.34
CA LEU A 31 3.36 3.99 6.35
C LEU A 31 3.70 5.27 7.10
N ARG A 32 2.81 6.25 7.00
CA ARG A 32 2.96 7.49 7.74
C ARG A 32 2.90 7.23 9.23
N ASN A 33 1.99 6.36 9.66
CA ASN A 33 1.84 6.05 11.06
C ASN A 33 3.10 5.35 11.60
N ILE A 34 3.68 4.47 10.79
CA ILE A 34 4.94 3.82 11.16
C ILE A 34 6.09 4.84 11.16
N GLU A 35 6.02 5.77 10.20
CA GLU A 35 7.00 6.85 10.09
C GLU A 35 6.91 7.79 11.29
N LEU A 36 5.70 7.95 11.82
CA LEU A 36 5.47 8.77 12.99
C LEU A 36 6.14 8.15 14.23
N ILE A 37 6.13 6.82 14.31
CA ILE A 37 6.81 6.11 15.38
C ILE A 37 8.32 6.28 15.21
N CYS A 38 8.74 6.44 13.96
CA CYS A 38 10.14 6.69 13.67
C CYS A 38 10.55 8.04 14.21
N GLN A 39 9.83 9.08 13.81
CA GLN A 39 10.18 10.46 14.16
C GLN A 39 10.33 10.66 15.66
N GLU A 40 9.59 9.89 16.47
CA GLU A 40 9.61 10.07 17.91
C GLU A 40 10.75 9.29 18.57
N ASN A 41 11.26 8.26 17.90
CA ASN A 41 12.30 7.42 18.49
C ASN A 41 13.65 7.58 17.79
N GLU A 42 13.62 8.04 16.54
CA GLU A 42 14.82 8.18 15.72
C GLU A 42 15.86 9.08 16.38
N GLY A 43 17.02 8.49 16.64
CA GLY A 43 18.12 9.24 17.22
C GLY A 43 17.87 9.61 18.67
N GLU A 44 16.81 9.08 19.25
CA GLU A 44 16.47 9.40 20.63
C GLU A 44 16.45 8.17 21.52
N ASN A 45 15.72 7.13 21.11
CA ASN A 45 15.58 5.96 21.96
C ASN A 45 15.80 4.66 21.19
N ASP A 46 15.01 4.43 20.16
CA ASP A 46 15.01 3.14 19.47
C ASP A 46 15.60 3.22 18.07
N PRO A 47 16.62 2.40 17.79
CA PRO A 47 17.25 2.32 16.47
C PRO A 47 16.46 1.46 15.49
N VAL A 48 15.52 0.68 16.02
CA VAL A 48 14.70 -0.20 15.20
C VAL A 48 13.92 0.59 14.15
N LEU A 49 13.50 1.80 14.51
CA LEU A 49 12.71 2.62 13.61
C LEU A 49 13.52 2.97 12.36
N GLN A 50 14.83 3.13 12.53
CA GLN A 50 15.73 3.45 11.44
C GLN A 50 15.63 2.41 10.33
N ARG A 51 15.64 1.14 10.69
CA ARG A 51 15.57 0.07 9.69
C ARG A 51 14.17 -0.07 9.10
N ILE A 52 13.17 0.52 9.75
CA ILE A 52 11.81 0.49 9.21
C ILE A 52 11.61 1.69 8.29
N VAL A 53 12.34 2.78 8.56
CA VAL A 53 12.35 3.93 7.64
C VAL A 53 12.97 3.50 6.31
N ASP A 54 13.96 2.62 6.41
CA ASP A 54 14.58 2.01 5.24
C ASP A 54 13.52 1.38 4.35
N ILE A 55 12.51 0.78 4.99
CA ILE A 55 11.38 0.18 4.30
C ILE A 55 10.62 1.23 3.48
N LEU A 56 10.18 2.29 4.14
CA LEU A 56 9.35 3.30 3.52
C LEU A 56 10.08 4.03 2.40
N TYR A 57 11.40 3.90 2.37
CA TYR A 57 12.20 4.52 1.32
C TYR A 57 12.91 3.46 0.49
N ALA A 58 12.44 2.22 0.60
CA ALA A 58 12.98 1.15 -0.22
C ALA A 58 12.23 1.12 -1.54
N THR A 59 12.94 1.40 -2.61
CA THR A 59 12.32 1.48 -3.91
C THR A 59 12.77 0.34 -4.83
N ASP A 60 11.88 -0.61 -5.02
CA ASP A 60 12.14 -1.72 -5.93
C ASP A 60 12.24 -1.21 -7.36
N GLU A 61 13.45 -1.13 -7.87
CA GLU A 61 13.70 -0.61 -9.21
C GLU A 61 14.89 -1.34 -9.83
N GLY A 62 15.08 -1.19 -11.13
CA GLY A 62 16.21 -1.84 -11.78
C GLY A 62 17.52 -1.44 -11.15
N PHE A 63 17.74 -0.14 -11.03
CA PHE A 63 18.90 0.39 -10.36
C PHE A 63 18.68 0.37 -8.85
N VAL A 64 19.65 -0.14 -8.11
CA VAL A 64 19.56 -0.21 -6.67
C VAL A 64 19.92 1.15 -6.07
N ILE A 65 18.93 1.79 -5.46
CA ILE A 65 19.11 3.08 -4.83
C ILE A 65 19.90 2.94 -3.54
N PRO A 66 21.07 3.58 -3.46
CA PRO A 66 21.91 3.52 -2.26
C PRO A 66 21.37 4.40 -1.13
N ASP A 67 21.39 3.86 0.08
CA ASP A 67 20.93 4.60 1.26
C ASP A 67 22.04 5.50 1.76
N GLU A 68 21.66 6.52 2.53
CA GLU A 68 22.64 7.45 3.07
C GLU A 68 22.43 7.61 4.57
N GLY A 69 23.53 7.79 5.30
CA GLY A 69 23.45 7.92 6.74
C GLY A 69 24.64 8.67 7.29
N GLY A 70 25.10 9.67 6.57
CA GLY A 70 26.24 10.45 6.99
C GLY A 70 26.17 11.86 6.46
N ASP B 1 -17.41 4.85 -34.46
CA ASP B 1 -16.54 5.63 -33.56
C ASP B 1 -16.97 5.47 -32.10
N GLU B 2 -18.19 5.00 -31.88
CA GLU B 2 -18.75 4.86 -30.55
C GLU B 2 -17.87 3.97 -29.67
N ALA B 3 -17.71 2.72 -30.09
CA ALA B 3 -16.91 1.77 -29.34
C ALA B 3 -15.43 2.12 -29.43
N ALA B 4 -15.04 2.72 -30.55
CA ALA B 4 -13.66 3.09 -30.78
C ALA B 4 -13.12 3.97 -29.66
N GLU B 5 -13.96 4.90 -29.19
CA GLU B 5 -13.60 5.74 -28.06
C GLU B 5 -13.42 4.90 -26.80
N LEU B 6 -14.34 3.96 -26.60
CA LEU B 6 -14.29 3.09 -25.44
C LEU B 6 -13.08 2.16 -25.48
N MET B 7 -12.59 1.88 -26.67
CA MET B 7 -11.37 1.08 -26.83
C MET B 7 -10.20 1.81 -26.18
N GLN B 8 -10.18 3.12 -26.33
CA GLN B 8 -9.15 3.94 -25.69
C GLN B 8 -9.48 4.12 -24.22
N GLN B 9 -10.77 4.17 -23.92
CA GLN B 9 -11.24 4.33 -22.54
C GLN B 9 -10.75 3.19 -21.66
N VAL B 10 -10.81 1.96 -22.15
CA VAL B 10 -10.32 0.83 -21.36
C VAL B 10 -8.81 0.90 -21.17
N LYS B 11 -8.11 1.45 -22.16
CA LYS B 11 -6.66 1.59 -22.07
C LYS B 11 -6.29 2.59 -20.98
N VAL B 12 -6.84 3.78 -21.05
CA VAL B 12 -6.53 4.82 -20.06
C VAL B 12 -7.01 4.40 -18.66
N LEU B 13 -8.03 3.55 -18.62
CA LEU B 13 -8.57 3.07 -17.36
C LEU B 13 -7.71 1.93 -16.81
N LYS B 14 -7.20 1.09 -17.70
CA LYS B 14 -6.36 -0.03 -17.30
C LYS B 14 -4.97 0.45 -16.89
N LEU B 15 -4.58 1.61 -17.41
CA LEU B 15 -3.31 2.20 -17.06
C LEU B 15 -3.34 2.65 -15.61
N THR B 16 -4.51 3.07 -15.14
CA THR B 16 -4.71 3.34 -13.73
C THR B 16 -4.61 2.03 -12.96
N VAL B 17 -5.18 0.97 -13.54
CA VAL B 17 -5.09 -0.36 -12.96
C VAL B 17 -3.64 -0.79 -12.79
N GLU B 18 -2.85 -0.71 -13.86
CA GLU B 18 -1.45 -1.08 -13.82
C GLU B 18 -0.66 -0.17 -12.86
N ASP B 19 -1.07 1.08 -12.77
CA ASP B 19 -0.45 2.04 -11.88
C ASP B 19 -0.68 1.64 -10.43
N LEU B 20 -1.90 1.22 -10.16
CA LEU B 20 -2.32 0.85 -8.82
C LEU B 20 -1.87 -0.56 -8.43
N GLU B 21 -2.02 -1.49 -9.37
CA GLU B 21 -1.67 -2.89 -9.14
C GLU B 21 -0.26 -3.05 -8.58
N LYS B 22 0.69 -2.38 -9.22
CA LYS B 22 2.08 -2.46 -8.77
C LYS B 22 2.24 -1.85 -7.39
N GLU B 23 1.61 -0.71 -7.15
CA GLU B 23 1.72 -0.04 -5.84
C GLU B 23 1.09 -0.86 -4.73
N ARG B 24 -0.06 -1.47 -5.00
CA ARG B 24 -0.76 -2.28 -4.01
C ARG B 24 0.13 -3.41 -3.53
N ASP B 25 0.92 -3.99 -4.44
CA ASP B 25 1.82 -5.09 -4.09
C ASP B 25 3.17 -4.56 -3.60
N PHE B 26 3.62 -3.48 -4.23
CA PHE B 26 4.90 -2.83 -3.92
C PHE B 26 4.99 -2.54 -2.42
N TYR B 27 4.00 -1.83 -1.92
CA TYR B 27 3.97 -1.49 -0.50
C TYR B 27 3.51 -2.68 0.32
N PHE B 28 2.77 -3.60 -0.30
CA PHE B 28 2.23 -4.76 0.40
C PHE B 28 3.35 -5.61 0.98
N GLY B 29 4.34 -5.88 0.15
CA GLY B 29 5.50 -6.62 0.59
C GLY B 29 6.27 -5.86 1.66
N LYS B 30 6.11 -4.54 1.67
CA LYS B 30 6.77 -3.71 2.65
C LYS B 30 6.21 -3.95 4.05
N LEU B 31 4.88 -4.05 4.20
CA LEU B 31 4.29 -4.27 5.53
C LEU B 31 4.80 -5.58 6.12
N ARG B 32 5.05 -6.54 5.24
CA ARG B 32 5.63 -7.81 5.64
C ARG B 32 7.02 -7.59 6.22
N ASN B 33 7.80 -6.74 5.57
CA ASN B 33 9.16 -6.46 6.02
C ASN B 33 9.14 -5.80 7.41
N ILE B 34 8.18 -4.90 7.64
CA ILE B 34 8.03 -4.28 8.96
C ILE B 34 7.53 -5.33 9.97
N GLU B 35 6.66 -6.22 9.49
CA GLU B 35 6.13 -7.30 10.32
C GLU B 35 7.23 -8.29 10.69
N LEU B 36 8.20 -8.44 9.81
CA LEU B 36 9.36 -9.30 10.05
C LEU B 36 10.21 -8.74 11.19
N ILE B 37 10.33 -7.41 11.24
CA ILE B 37 11.04 -6.75 12.33
C ILE B 37 10.27 -6.94 13.63
N CYS B 38 8.96 -7.05 13.50
CA CYS B 38 8.10 -7.31 14.64
C CYS B 38 8.39 -8.69 15.20
N GLN B 39 8.29 -9.71 14.35
CA GLN B 39 8.44 -11.10 14.78
C GLN B 39 9.75 -11.35 15.53
N GLU B 40 10.79 -10.61 15.20
CA GLU B 40 12.10 -10.83 15.81
C GLU B 40 12.26 -10.08 17.15
N ASN B 41 11.45 -9.04 17.36
CA ASN B 41 11.59 -8.24 18.58
C ASN B 41 10.38 -8.40 19.51
N GLU B 42 9.25 -8.82 18.96
CA GLU B 42 8.01 -8.95 19.71
C GLU B 42 8.16 -9.88 20.91
N GLY B 43 7.93 -9.32 22.09
CA GLY B 43 8.00 -10.10 23.31
C GLY B 43 9.41 -10.52 23.66
N GLU B 44 10.39 -9.99 22.96
CA GLU B 44 11.77 -10.36 23.20
C GLU B 44 12.62 -9.16 23.57
N ASN B 45 12.57 -8.09 22.77
CA ASN B 45 13.44 -6.95 23.03
C ASN B 45 12.68 -5.63 22.94
N ASP B 46 12.07 -5.35 21.81
CA ASP B 46 11.48 -4.03 21.56
C ASP B 46 9.96 -4.08 21.52
N PRO B 47 9.30 -3.26 22.36
CA PRO B 47 7.84 -3.15 22.39
C PRO B 47 7.30 -2.25 21.29
N VAL B 48 8.19 -1.46 20.68
CA VAL B 48 7.80 -0.55 19.61
C VAL B 48 7.15 -1.29 18.45
N LEU B 49 7.61 -2.51 18.18
CA LEU B 49 7.09 -3.28 17.07
C LEU B 49 5.61 -3.61 17.29
N GLN B 50 5.24 -3.78 18.54
CA GLN B 50 3.85 -4.08 18.91
C GLN B 50 2.90 -3.00 18.38
N ARG B 51 3.26 -1.75 18.58
CA ARG B 51 2.40 -0.64 18.15
C ARG B 51 2.45 -0.46 16.63
N ILE B 52 3.43 -1.06 15.96
CA ILE B 52 3.51 -1.00 14.50
C ILE B 52 2.72 -2.16 13.91
N VAL B 53 2.64 -3.27 14.65
CA VAL B 53 1.77 -4.38 14.27
C VAL B 53 0.32 -3.91 14.28
N ASP B 54 0.01 -3.06 15.25
CA ASP B 54 -1.28 -2.40 15.36
C ASP B 54 -1.64 -1.72 14.04
N ILE B 55 -0.63 -1.14 13.41
CA ILE B 55 -0.78 -0.51 12.10
C ILE B 55 -1.24 -1.51 11.04
N LEU B 56 -0.49 -2.59 10.89
CA LEU B 56 -0.73 -3.57 9.85
C LEU B 56 -2.07 -4.26 10.03
N TYR B 57 -2.64 -4.15 11.22
CA TYR B 57 -3.94 -4.74 11.51
C TYR B 57 -4.96 -3.67 11.84
N ALA B 58 -4.65 -2.43 11.49
CA ALA B 58 -5.58 -1.34 11.68
C ALA B 58 -6.48 -1.24 10.46
N THR B 59 -7.75 -1.52 10.65
CA THR B 59 -8.69 -1.54 9.55
C THR B 59 -9.67 -0.37 9.63
N ASP B 60 -9.46 0.60 8.75
CA ASP B 60 -10.36 1.74 8.64
C ASP B 60 -11.72 1.27 8.13
N GLU B 61 -12.69 1.20 9.03
CA GLU B 61 -14.02 0.71 8.69
C GLU B 61 -15.05 1.45 9.54
N GLY B 62 -16.32 1.35 9.17
CA GLY B 62 -17.37 1.99 9.96
C GLY B 62 -17.35 1.56 11.41
N PHE B 63 -17.36 0.25 11.61
CA PHE B 63 -17.24 -0.31 12.93
C PHE B 63 -15.77 -0.34 13.35
N VAL B 64 -15.49 0.13 14.55
CA VAL B 64 -14.13 0.14 15.06
C VAL B 64 -13.76 -1.23 15.60
N ILE B 65 -12.81 -1.88 14.92
CA ILE B 65 -12.36 -3.20 15.32
C ILE B 65 -11.50 -3.10 16.58
N PRO B 66 -11.91 -3.77 17.67
CA PRO B 66 -11.17 -3.77 18.92
C PRO B 66 -9.94 -4.68 18.86
N ASP B 67 -8.83 -4.18 19.39
CA ASP B 67 -7.60 -4.95 19.43
C ASP B 67 -7.61 -5.88 20.62
N GLU B 68 -6.79 -6.92 20.58
CA GLU B 68 -6.72 -7.89 21.66
C GLU B 68 -5.27 -8.09 22.09
N GLY B 69 -5.06 -8.31 23.39
CA GLY B 69 -3.73 -8.50 23.89
C GLY B 69 -3.72 -9.28 25.19
N GLY B 70 -4.60 -10.26 25.27
CA GLY B 70 -4.70 -11.06 26.47
C GLY B 70 -5.19 -12.46 26.16
N ASP A 1 -23.60 -3.60 -29.31
CA ASP A 1 -22.80 -4.85 -29.32
C ASP A 1 -21.33 -4.56 -29.01
N GLU A 2 -20.64 -3.90 -29.95
CA GLU A 2 -19.21 -3.66 -29.83
C GLU A 2 -18.86 -2.86 -28.58
N ALA A 3 -19.49 -1.70 -28.41
CA ALA A 3 -19.22 -0.87 -27.25
C ALA A 3 -19.71 -1.54 -25.99
N ALA A 4 -20.77 -2.33 -26.12
CA ALA A 4 -21.36 -3.04 -24.98
C ALA A 4 -20.32 -3.94 -24.32
N GLU A 5 -19.45 -4.53 -25.13
CA GLU A 5 -18.35 -5.34 -24.63
C GLU A 5 -17.45 -4.51 -23.73
N LEU A 6 -17.17 -3.28 -24.16
CA LEU A 6 -16.33 -2.38 -23.39
C LEU A 6 -17.07 -1.80 -22.18
N MET A 7 -18.40 -1.70 -22.29
CA MET A 7 -19.22 -1.22 -21.18
C MET A 7 -19.04 -2.13 -19.98
N GLN A 8 -19.03 -3.42 -20.24
CA GLN A 8 -18.80 -4.41 -19.20
C GLN A 8 -17.36 -4.34 -18.71
N GLN A 9 -16.46 -4.06 -19.64
CA GLN A 9 -15.04 -3.98 -19.34
C GLN A 9 -14.74 -2.83 -18.37
N VAL A 10 -15.22 -1.62 -18.69
CA VAL A 10 -14.94 -0.47 -17.84
C VAL A 10 -15.44 -0.67 -16.43
N LYS A 11 -16.54 -1.39 -16.28
CA LYS A 11 -17.11 -1.63 -14.96
C LYS A 11 -16.18 -2.48 -14.11
N VAL A 12 -15.77 -3.63 -14.63
CA VAL A 12 -14.87 -4.51 -13.89
C VAL A 12 -13.50 -3.85 -13.73
N LEU A 13 -13.16 -3.00 -14.68
CA LEU A 13 -11.88 -2.31 -14.69
C LEU A 13 -11.88 -1.19 -13.65
N LYS A 14 -12.94 -0.40 -13.61
CA LYS A 14 -13.04 0.71 -12.68
C LYS A 14 -13.24 0.22 -11.25
N LEU A 15 -13.88 -0.94 -11.11
CA LEU A 15 -14.10 -1.50 -9.79
C LEU A 15 -12.80 -2.04 -9.21
N THR A 16 -11.92 -2.48 -10.09
CA THR A 16 -10.57 -2.82 -9.68
C THR A 16 -9.85 -1.55 -9.27
N VAL A 17 -10.12 -0.47 -10.00
CA VAL A 17 -9.57 0.84 -9.69
C VAL A 17 -10.00 1.32 -8.30
N GLU A 18 -11.30 1.28 -8.02
CA GLU A 18 -11.80 1.82 -6.75
C GLU A 18 -11.21 1.06 -5.58
N ASP A 19 -11.11 -0.26 -5.69
CA ASP A 19 -10.56 -1.08 -4.62
C ASP A 19 -9.07 -0.85 -4.48
N LEU A 20 -8.39 -0.69 -5.60
CA LEU A 20 -6.96 -0.41 -5.59
C LEU A 20 -6.68 1.00 -5.05
N GLU A 21 -7.51 1.95 -5.42
CA GLU A 21 -7.39 3.32 -4.94
C GLU A 21 -7.59 3.39 -3.44
N LYS A 22 -8.64 2.72 -2.95
CA LYS A 22 -8.90 2.72 -1.52
C LYS A 22 -7.79 1.99 -0.77
N GLU A 23 -7.25 0.92 -1.38
CA GLU A 23 -6.16 0.17 -0.78
C GLU A 23 -4.88 1.01 -0.72
N ARG A 24 -4.50 1.60 -1.87
CA ARG A 24 -3.28 2.40 -1.93
C ARG A 24 -3.30 3.51 -0.88
N ASP A 25 -4.44 4.19 -0.77
CA ASP A 25 -4.59 5.27 0.19
C ASP A 25 -4.69 4.72 1.63
N PHE A 26 -5.38 3.60 1.77
CA PHE A 26 -5.56 2.94 3.07
C PHE A 26 -4.20 2.68 3.70
N TYR A 27 -3.36 1.95 2.98
CA TYR A 27 -2.05 1.60 3.48
C TYR A 27 -1.12 2.81 3.49
N PHE A 28 -1.35 3.76 2.59
CA PHE A 28 -0.48 4.93 2.48
C PHE A 28 -0.48 5.72 3.77
N GLY A 29 -1.66 5.89 4.35
CA GLY A 29 -1.76 6.56 5.64
C GLY A 29 -1.06 5.77 6.72
N LYS A 30 -0.99 4.46 6.52
CA LYS A 30 -0.35 3.57 7.48
C LYS A 30 1.17 3.77 7.53
N LEU A 31 1.83 3.88 6.36
CA LEU A 31 3.29 4.05 6.36
C LEU A 31 3.67 5.33 7.08
N ARG A 32 2.81 6.33 6.97
CA ARG A 32 3.02 7.58 7.68
C ARG A 32 2.96 7.36 9.19
N ASN A 33 2.09 6.47 9.63
CA ASN A 33 1.96 6.19 11.06
C ASN A 33 3.23 5.51 11.58
N ILE A 34 3.75 4.56 10.81
CA ILE A 34 5.00 3.89 11.18
C ILE A 34 6.16 4.89 11.13
N GLU A 35 6.09 5.81 10.17
CA GLU A 35 7.09 6.88 10.06
C GLU A 35 7.00 7.80 11.27
N LEU A 36 5.79 8.03 11.76
CA LEU A 36 5.58 8.88 12.92
C LEU A 36 6.19 8.28 14.19
N ILE A 37 6.23 6.94 14.24
CA ILE A 37 6.88 6.25 15.36
C ILE A 37 8.38 6.49 15.29
N CYS A 38 8.89 6.60 14.07
CA CYS A 38 10.28 6.91 13.84
C CYS A 38 10.59 8.30 14.36
N GLN A 39 9.71 9.24 14.06
CA GLN A 39 9.87 10.63 14.51
C GLN A 39 9.92 10.72 16.03
N GLU A 40 9.43 9.68 16.70
CA GLU A 40 9.44 9.62 18.15
C GLU A 40 10.75 9.06 18.69
N ASN A 41 11.30 8.07 17.99
CA ASN A 41 12.39 7.28 18.56
C ASN A 41 13.74 7.49 17.87
N GLU A 42 13.75 8.03 16.65
CA GLU A 42 14.98 8.23 15.89
C GLU A 42 16.02 9.01 16.70
N GLY A 43 17.11 8.34 17.03
CA GLY A 43 18.20 8.99 17.75
C GLY A 43 17.85 9.31 19.19
N GLU A 44 16.67 8.89 19.63
CA GLU A 44 16.21 9.20 20.96
C GLU A 44 16.19 7.95 21.83
N ASN A 45 15.51 6.91 21.38
CA ASN A 45 15.35 5.70 22.19
C ASN A 45 15.65 4.45 21.38
N ASP A 46 14.84 4.20 20.36
CA ASP A 46 14.88 2.94 19.64
C ASP A 46 15.38 3.12 18.22
N PRO A 47 16.49 2.46 17.87
CA PRO A 47 17.09 2.53 16.53
C PRO A 47 16.34 1.65 15.51
N VAL A 48 15.49 0.76 16.02
CA VAL A 48 14.71 -0.14 15.17
C VAL A 48 13.91 0.63 14.12
N LEU A 49 13.48 1.84 14.48
CA LEU A 49 12.68 2.66 13.58
C LEU A 49 13.46 3.02 12.33
N GLN A 50 14.79 3.12 12.45
CA GLN A 50 15.63 3.47 11.33
C GLN A 50 15.55 2.43 10.22
N ARG A 51 15.58 1.16 10.60
CA ARG A 51 15.51 0.08 9.61
C ARG A 51 14.10 -0.05 9.02
N ILE A 52 13.12 0.56 9.67
CA ILE A 52 11.75 0.56 9.13
C ILE A 52 11.56 1.77 8.22
N VAL A 53 12.33 2.82 8.45
CA VAL A 53 12.37 3.96 7.53
C VAL A 53 12.94 3.52 6.20
N ASP A 54 13.94 2.65 6.27
CA ASP A 54 14.52 2.02 5.08
C ASP A 54 13.44 1.33 4.27
N ILE A 55 12.46 0.76 4.97
CA ILE A 55 11.30 0.15 4.34
C ILE A 55 10.50 1.17 3.53
N LEU A 56 10.08 2.24 4.18
CA LEU A 56 9.22 3.24 3.56
C LEU A 56 9.92 3.97 2.43
N TYR A 57 11.22 3.78 2.31
CA TYR A 57 11.98 4.42 1.26
C TYR A 57 12.72 3.40 0.43
N ALA A 58 12.33 2.14 0.55
CA ALA A 58 12.92 1.09 -0.26
C ALA A 58 12.35 1.18 -1.66
N THR A 59 13.21 1.48 -2.61
CA THR A 59 12.77 1.71 -3.97
C THR A 59 13.61 0.91 -4.95
N ASP A 60 13.04 -0.17 -5.45
CA ASP A 60 13.68 -0.99 -6.45
C ASP A 60 13.07 -0.71 -7.81
N GLU A 61 13.81 -0.02 -8.66
CA GLU A 61 13.32 0.33 -9.98
C GLU A 61 13.41 -0.87 -10.91
N GLY A 62 12.27 -1.24 -11.50
CA GLY A 62 12.25 -2.32 -12.46
C GLY A 62 12.68 -1.84 -13.84
N PHE A 63 12.67 -0.53 -14.00
CA PHE A 63 13.14 0.11 -15.22
C PHE A 63 14.62 -0.20 -15.45
N VAL A 64 14.95 -0.66 -16.65
CA VAL A 64 16.33 -0.95 -17.00
C VAL A 64 17.10 0.35 -17.22
N ILE A 65 18.11 0.57 -16.40
CA ILE A 65 18.93 1.77 -16.47
C ILE A 65 19.71 1.81 -17.78
N PRO A 66 19.52 2.88 -18.58
CA PRO A 66 20.26 3.05 -19.84
C PRO A 66 21.77 3.08 -19.61
N ASP A 67 22.46 2.12 -20.21
CA ASP A 67 23.90 2.00 -20.05
C ASP A 67 24.57 1.80 -21.39
N GLU A 68 25.42 2.73 -21.77
CA GLU A 68 26.13 2.64 -23.04
C GLU A 68 27.50 1.99 -22.83
N GLY A 69 27.95 1.24 -23.82
CA GLY A 69 29.23 0.58 -23.73
C GLY A 69 29.56 -0.22 -24.97
N GLY A 70 30.82 -0.58 -25.12
CA GLY A 70 31.24 -1.36 -26.27
C GLY A 70 32.72 -1.19 -26.53
N ASP B 1 -16.94 4.90 -33.49
CA ASP B 1 -17.25 6.13 -32.73
C ASP B 1 -17.58 5.82 -31.27
N GLU B 2 -18.73 5.17 -31.05
CA GLU B 2 -19.22 4.90 -29.70
C GLU B 2 -18.24 4.07 -28.89
N ALA B 3 -17.85 2.91 -29.43
CA ALA B 3 -16.93 2.03 -28.73
C ALA B 3 -15.56 2.67 -28.64
N ALA B 4 -15.22 3.48 -29.64
CA ALA B 4 -13.94 4.16 -29.68
C ALA B 4 -13.72 5.02 -28.45
N GLU B 5 -14.81 5.62 -27.97
CA GLU B 5 -14.79 6.41 -26.74
C GLU B 5 -14.35 5.53 -25.57
N LEU B 6 -14.89 4.31 -25.52
CA LEU B 6 -14.56 3.37 -24.46
C LEU B 6 -13.17 2.77 -24.66
N MET B 7 -12.72 2.68 -25.92
CA MET B 7 -11.38 2.18 -26.23
C MET B 7 -10.33 3.05 -25.55
N GLN B 8 -10.55 4.35 -25.61
CA GLN B 8 -9.67 5.30 -24.95
C GLN B 8 -9.82 5.18 -23.43
N GLN B 9 -11.05 4.92 -23.00
CA GLN B 9 -11.36 4.81 -21.58
C GLN B 9 -10.64 3.63 -20.95
N VAL B 10 -10.74 2.45 -21.55
CA VAL B 10 -10.13 1.26 -20.97
C VAL B 10 -8.62 1.43 -20.85
N LYS B 11 -8.02 2.15 -21.77
CA LYS B 11 -6.57 2.36 -21.74
C LYS B 11 -6.16 3.16 -20.51
N VAL B 12 -6.78 4.33 -20.33
CA VAL B 12 -6.45 5.17 -19.18
C VAL B 12 -6.89 4.49 -17.88
N LEU B 13 -7.92 3.65 -17.99
CA LEU B 13 -8.47 2.94 -16.85
C LEU B 13 -7.55 1.81 -16.43
N LYS B 14 -7.09 1.03 -17.42
CA LYS B 14 -6.22 -0.12 -17.16
C LYS B 14 -4.83 0.34 -16.73
N LEU B 15 -4.41 1.48 -17.23
CA LEU B 15 -3.10 2.02 -16.87
C LEU B 15 -3.10 2.51 -15.44
N THR B 16 -4.25 2.97 -14.99
CA THR B 16 -4.42 3.28 -13.58
C THR B 16 -4.38 1.98 -12.78
N VAL B 17 -4.96 0.93 -13.36
CA VAL B 17 -4.93 -0.39 -12.77
C VAL B 17 -3.51 -0.91 -12.60
N GLU B 18 -2.71 -0.87 -13.67
CA GLU B 18 -1.37 -1.44 -13.62
C GLU B 18 -0.52 -0.73 -12.57
N ASP B 19 -0.63 0.60 -12.50
CA ASP B 19 0.14 1.36 -11.54
C ASP B 19 -0.35 1.10 -10.13
N LEU B 20 -1.65 0.97 -9.97
CA LEU B 20 -2.24 0.67 -8.68
C LEU B 20 -1.91 -0.75 -8.22
N GLU B 21 -1.92 -1.68 -9.17
CA GLU B 21 -1.57 -3.07 -8.90
C GLU B 21 -0.11 -3.19 -8.46
N LYS B 22 0.78 -2.52 -9.20
CA LYS B 22 2.19 -2.55 -8.86
C LYS B 22 2.43 -1.87 -7.51
N GLU B 23 1.69 -0.79 -7.25
CA GLU B 23 1.79 -0.07 -5.97
C GLU B 23 1.30 -0.93 -4.82
N ARG B 24 0.10 -1.48 -4.95
CA ARG B 24 -0.50 -2.31 -3.89
C ARG B 24 0.44 -3.44 -3.51
N ASP B 25 0.99 -4.12 -4.52
CA ASP B 25 1.92 -5.23 -4.28
C ASP B 25 3.27 -4.73 -3.77
N PHE B 26 3.71 -3.60 -4.31
CA PHE B 26 4.98 -2.98 -3.93
C PHE B 26 5.01 -2.75 -2.42
N TYR B 27 4.02 -2.02 -1.93
CA TYR B 27 3.96 -1.71 -0.52
C TYR B 27 3.56 -2.93 0.29
N PHE B 28 2.80 -3.84 -0.31
CA PHE B 28 2.31 -5.02 0.40
C PHE B 28 3.48 -5.86 0.92
N GLY B 29 4.47 -6.03 0.07
CA GLY B 29 5.68 -6.73 0.49
C GLY B 29 6.40 -5.99 1.58
N LYS B 30 6.21 -4.67 1.62
CA LYS B 30 6.85 -3.83 2.61
C LYS B 30 6.26 -4.05 4.01
N LEU B 31 4.93 -4.13 4.14
CA LEU B 31 4.31 -4.33 5.46
C LEU B 31 4.78 -5.63 6.07
N ARG B 32 5.02 -6.61 5.21
CA ARG B 32 5.55 -7.90 5.66
C ARG B 32 6.95 -7.73 6.23
N ASN B 33 7.74 -6.84 5.65
CA ASN B 33 9.10 -6.60 6.12
C ASN B 33 9.07 -5.95 7.50
N ILE B 34 8.17 -4.98 7.70
CA ILE B 34 8.01 -4.34 9.01
C ILE B 34 7.46 -5.36 10.01
N GLU B 35 6.60 -6.25 9.54
CA GLU B 35 6.07 -7.33 10.36
C GLU B 35 7.18 -8.30 10.76
N LEU B 36 8.11 -8.52 9.85
CA LEU B 36 9.24 -9.41 10.10
C LEU B 36 10.15 -8.85 11.19
N ILE B 37 10.23 -7.52 11.29
CA ILE B 37 10.99 -6.87 12.37
C ILE B 37 10.30 -7.14 13.70
N CYS B 38 8.98 -7.21 13.65
CA CYS B 38 8.19 -7.54 14.82
C CYS B 38 8.50 -8.95 15.28
N GLN B 39 8.57 -9.86 14.33
CA GLN B 39 8.87 -11.27 14.63
C GLN B 39 10.25 -11.41 15.30
N GLU B 40 11.07 -10.39 15.14
CA GLU B 40 12.40 -10.37 15.76
C GLU B 40 12.36 -9.85 17.19
N ASN B 41 11.52 -8.84 17.44
CA ASN B 41 11.61 -8.09 18.68
C ASN B 41 10.42 -8.30 19.62
N GLU B 42 9.30 -8.80 19.10
CA GLU B 42 8.09 -8.99 19.92
C GLU B 42 8.38 -9.81 21.17
N GLY B 43 8.25 -9.18 22.33
CA GLY B 43 8.45 -9.86 23.60
C GLY B 43 9.89 -10.23 23.86
N GLU B 44 10.78 -9.80 22.98
CA GLU B 44 12.19 -10.14 23.08
C GLU B 44 13.01 -8.92 23.47
N ASN B 45 12.90 -7.86 22.69
CA ASN B 45 13.74 -6.69 22.91
C ASN B 45 12.92 -5.40 22.88
N ASP B 46 12.32 -5.11 21.73
CA ASP B 46 11.68 -3.83 21.51
C ASP B 46 10.17 -3.97 21.38
N PRO B 47 9.41 -3.32 22.27
CA PRO B 47 7.95 -3.34 22.25
C PRO B 47 7.36 -2.43 21.18
N VAL B 48 8.18 -1.54 20.64
CA VAL B 48 7.74 -0.60 19.60
C VAL B 48 7.11 -1.33 18.43
N LEU B 49 7.58 -2.54 18.14
CA LEU B 49 7.07 -3.31 17.02
C LEU B 49 5.59 -3.65 17.21
N GLN B 50 5.17 -3.77 18.47
CA GLN B 50 3.78 -4.10 18.77
C GLN B 50 2.84 -3.01 18.26
N ARG B 51 3.19 -1.75 18.48
CA ARG B 51 2.34 -0.65 18.04
C ARG B 51 2.40 -0.47 16.52
N ILE B 52 3.38 -1.09 15.87
CA ILE B 52 3.45 -1.05 14.41
C ILE B 52 2.66 -2.23 13.81
N VAL B 53 2.53 -3.30 14.59
CA VAL B 53 1.66 -4.42 14.21
C VAL B 53 0.21 -3.94 14.20
N ASP B 54 -0.11 -3.08 15.17
CA ASP B 54 -1.41 -2.42 15.23
C ASP B 54 -1.69 -1.69 13.92
N ILE B 55 -0.64 -1.13 13.33
CA ILE B 55 -0.73 -0.48 12.03
C ILE B 55 -1.16 -1.45 10.94
N LEU B 56 -0.42 -2.55 10.81
CA LEU B 56 -0.64 -3.52 9.74
C LEU B 56 -1.99 -4.22 9.89
N TYR B 57 -2.63 -4.03 11.03
CA TYR B 57 -3.92 -4.66 11.27
C TYR B 57 -4.95 -3.62 11.64
N ALA B 58 -4.66 -2.36 11.35
CA ALA B 58 -5.60 -1.29 11.59
C ALA B 58 -6.65 -1.31 10.50
N THR B 59 -7.87 -1.62 10.88
CA THR B 59 -8.94 -1.79 9.92
C THR B 59 -10.15 -0.97 10.31
N ASP B 60 -10.35 0.13 9.61
CA ASP B 60 -11.51 0.97 9.80
C ASP B 60 -12.50 0.75 8.68
N GLU B 61 -13.60 0.08 8.99
CA GLU B 61 -14.61 -0.22 7.99
C GLU B 61 -15.46 1.01 7.72
N GLY B 62 -15.52 1.41 6.45
CA GLY B 62 -16.36 2.53 6.06
C GLY B 62 -17.80 2.09 5.88
N PHE B 63 -17.98 0.78 5.77
CA PHE B 63 -19.31 0.18 5.67
C PHE B 63 -20.11 0.48 6.94
N VAL B 64 -21.33 0.95 6.75
CA VAL B 64 -22.21 1.24 7.88
C VAL B 64 -22.75 -0.06 8.45
N ILE B 65 -22.44 -0.31 9.72
CA ILE B 65 -22.86 -1.53 10.38
C ILE B 65 -24.38 -1.54 10.57
N PRO B 66 -25.06 -2.57 10.04
CA PRO B 66 -26.51 -2.72 10.19
C PRO B 66 -26.92 -2.77 11.65
N ASP B 67 -27.73 -1.81 12.07
CA ASP B 67 -28.16 -1.72 13.45
C ASP B 67 -29.66 -1.47 13.52
N GLU B 68 -30.38 -2.41 14.11
CA GLU B 68 -31.83 -2.29 14.24
C GLU B 68 -32.18 -1.66 15.59
N GLY B 69 -33.25 -0.89 15.61
CA GLY B 69 -33.69 -0.25 16.83
C GLY B 69 -34.93 0.58 16.65
N GLY B 70 -35.58 0.93 17.74
CA GLY B 70 -36.77 1.73 17.67
C GLY B 70 -37.63 1.57 18.92
N ASP A 1 -23.83 -6.11 -28.02
CA ASP A 1 -23.39 -5.01 -28.92
C ASP A 1 -21.94 -4.66 -28.67
N GLU A 2 -21.28 -4.05 -29.66
CA GLU A 2 -19.86 -3.78 -29.61
C GLU A 2 -19.49 -2.96 -28.37
N ALA A 3 -19.95 -1.71 -28.32
CA ALA A 3 -19.61 -0.83 -27.23
C ALA A 3 -20.23 -1.30 -25.91
N ALA A 4 -21.35 -1.99 -26.01
CA ALA A 4 -22.05 -2.49 -24.84
C ALA A 4 -21.14 -3.38 -23.98
N GLU A 5 -20.34 -4.21 -24.65
CA GLU A 5 -19.37 -5.05 -23.96
C GLU A 5 -18.32 -4.18 -23.26
N LEU A 6 -17.92 -3.11 -23.94
CA LEU A 6 -16.93 -2.19 -23.41
C LEU A 6 -17.51 -1.39 -22.24
N MET A 7 -18.83 -1.21 -22.24
CA MET A 7 -19.51 -0.54 -21.13
C MET A 7 -19.33 -1.36 -19.85
N GLN A 8 -19.39 -2.67 -19.99
CA GLN A 8 -19.18 -3.57 -18.87
C GLN A 8 -17.69 -3.67 -18.56
N GLN A 9 -16.88 -3.52 -19.60
CA GLN A 9 -15.44 -3.61 -19.47
C GLN A 9 -14.90 -2.44 -18.65
N VAL A 10 -15.36 -1.22 -18.93
CA VAL A 10 -14.94 -0.07 -18.15
C VAL A 10 -15.38 -0.22 -16.70
N LYS A 11 -16.51 -0.87 -16.49
CA LYS A 11 -17.05 -1.05 -15.15
C LYS A 11 -16.07 -1.86 -14.30
N VAL A 12 -15.75 -3.06 -14.75
CA VAL A 12 -14.86 -3.95 -14.00
C VAL A 12 -13.47 -3.34 -13.85
N LEU A 13 -13.08 -2.54 -14.83
CA LEU A 13 -11.79 -1.86 -14.81
C LEU A 13 -11.78 -0.75 -13.76
N LYS A 14 -12.78 0.13 -13.81
CA LYS A 14 -12.85 1.26 -12.90
C LYS A 14 -13.15 0.81 -11.47
N LEU A 15 -13.87 -0.28 -11.34
CA LEU A 15 -14.22 -0.80 -10.02
C LEU A 15 -13.01 -1.43 -9.36
N THR A 16 -12.09 -1.94 -10.16
CA THR A 16 -10.81 -2.38 -9.65
C THR A 16 -9.98 -1.15 -9.28
N VAL A 17 -10.16 -0.07 -10.05
CA VAL A 17 -9.51 1.20 -9.77
C VAL A 17 -9.95 1.76 -8.42
N GLU A 18 -11.26 1.88 -8.22
CA GLU A 18 -11.79 2.47 -6.99
C GLU A 18 -11.33 1.66 -5.77
N ASP A 19 -11.24 0.35 -5.94
CA ASP A 19 -10.76 -0.52 -4.88
C ASP A 19 -9.28 -0.29 -4.64
N LEU A 20 -8.50 -0.40 -5.70
CA LEU A 20 -7.05 -0.25 -5.63
C LEU A 20 -6.65 1.14 -5.13
N GLU A 21 -7.43 2.15 -5.48
CA GLU A 21 -7.17 3.50 -4.99
C GLU A 21 -7.29 3.57 -3.48
N LYS A 22 -8.34 2.99 -2.94
CA LYS A 22 -8.52 2.98 -1.50
C LYS A 22 -7.55 2.00 -0.85
N GLU A 23 -7.14 0.98 -1.60
CA GLU A 23 -6.09 0.05 -1.16
C GLU A 23 -4.79 0.82 -0.92
N ARG A 24 -4.34 1.50 -1.97
CA ARG A 24 -3.09 2.27 -1.91
C ARG A 24 -3.14 3.29 -0.78
N ASP A 25 -4.25 4.01 -0.68
CA ASP A 25 -4.40 5.06 0.32
C ASP A 25 -4.53 4.49 1.73
N PHE A 26 -5.27 3.40 1.87
CA PHE A 26 -5.49 2.73 3.16
C PHE A 26 -4.15 2.43 3.82
N TYR A 27 -3.23 1.87 3.04
CA TYR A 27 -1.93 1.53 3.55
C TYR A 27 -0.97 2.70 3.48
N PHE A 28 -1.24 3.65 2.59
CA PHE A 28 -0.37 4.83 2.45
C PHE A 28 -0.36 5.63 3.74
N GLY A 29 -1.54 5.79 4.32
CA GLY A 29 -1.65 6.45 5.61
C GLY A 29 -0.95 5.64 6.68
N LYS A 30 -0.90 4.32 6.49
CA LYS A 30 -0.24 3.43 7.43
C LYS A 30 1.26 3.70 7.49
N LEU A 31 1.94 3.79 6.34
CA LEU A 31 3.40 3.99 6.33
C LEU A 31 3.77 5.25 7.09
N ARG A 32 2.92 6.26 6.99
CA ARG A 32 3.11 7.49 7.73
C ARG A 32 3.01 7.24 9.22
N ASN A 33 2.06 6.40 9.61
CA ASN A 33 1.89 6.05 11.02
C ASN A 33 3.15 5.35 11.55
N ILE A 34 3.72 4.45 10.75
CA ILE A 34 4.95 3.77 11.14
C ILE A 34 6.12 4.77 11.17
N GLU A 35 6.09 5.73 10.25
CA GLU A 35 7.12 6.76 10.18
C GLU A 35 7.03 7.71 11.37
N LEU A 36 5.82 7.93 11.85
CA LEU A 36 5.60 8.77 13.03
C LEU A 36 6.24 8.14 14.27
N ILE A 37 6.25 6.81 14.33
CA ILE A 37 6.92 6.09 15.41
C ILE A 37 8.43 6.27 15.28
N CYS A 38 8.86 6.50 14.05
CA CYS A 38 10.26 6.73 13.77
C CYS A 38 10.66 8.14 14.22
N GLN A 39 9.80 9.10 13.93
CA GLN A 39 10.06 10.50 14.29
C GLN A 39 10.33 10.66 15.79
N GLU A 40 9.64 9.89 16.60
CA GLU A 40 9.75 10.01 18.05
C GLU A 40 10.91 9.18 18.61
N ASN A 41 11.38 8.18 17.86
CA ASN A 41 12.37 7.25 18.41
C ASN A 41 13.74 7.38 17.76
N GLU A 42 13.79 7.69 16.47
CA GLU A 42 15.06 7.74 15.74
C GLU A 42 16.06 8.71 16.36
N GLY A 43 17.24 8.21 16.66
CA GLY A 43 18.30 9.05 17.18
C GLY A 43 18.17 9.30 18.67
N GLU A 44 17.00 9.04 19.21
CA GLU A 44 16.73 9.33 20.60
C GLU A 44 16.88 8.08 21.46
N ASN A 45 16.15 7.04 21.10
CA ASN A 45 16.14 5.82 21.91
C ASN A 45 16.24 4.54 21.08
N ASP A 46 15.28 4.32 20.18
CA ASP A 46 15.19 3.05 19.47
C ASP A 46 15.66 3.17 18.02
N PRO A 47 16.73 2.44 17.67
CA PRO A 47 17.27 2.43 16.31
C PRO A 47 16.45 1.55 15.36
N VAL A 48 15.59 0.72 15.94
CA VAL A 48 14.74 -0.17 15.16
C VAL A 48 13.93 0.59 14.13
N LEU A 49 13.53 1.81 14.47
CA LEU A 49 12.69 2.61 13.58
C LEU A 49 13.45 3.00 12.32
N GLN A 50 14.77 3.10 12.43
CA GLN A 50 15.61 3.47 11.28
C GLN A 50 15.44 2.43 10.16
N ARG A 51 15.60 1.16 10.50
CA ARG A 51 15.51 0.10 9.50
C ARG A 51 14.09 -0.01 8.92
N ILE A 52 13.10 0.53 9.63
CA ILE A 52 11.74 0.52 9.12
C ILE A 52 11.51 1.74 8.20
N VAL A 53 12.27 2.80 8.44
CA VAL A 53 12.25 3.97 7.57
C VAL A 53 12.81 3.61 6.20
N ASP A 54 13.88 2.81 6.20
CA ASP A 54 14.46 2.34 4.96
C ASP A 54 13.43 1.57 4.16
N ILE A 55 12.49 0.93 4.85
CA ILE A 55 11.36 0.28 4.20
C ILE A 55 10.55 1.28 3.40
N LEU A 56 10.14 2.36 4.06
CA LEU A 56 9.26 3.36 3.46
C LEU A 56 9.95 4.11 2.33
N TYR A 57 11.25 3.92 2.20
CA TYR A 57 12.02 4.59 1.16
C TYR A 57 12.79 3.58 0.34
N ALA A 58 12.41 2.31 0.44
CA ALA A 58 13.05 1.26 -0.34
C ALA A 58 12.36 1.16 -1.69
N THR A 59 13.09 1.46 -2.74
CA THR A 59 12.52 1.48 -4.07
C THR A 59 13.31 0.58 -5.00
N ASP A 60 12.68 -0.51 -5.45
CA ASP A 60 13.30 -1.42 -6.38
C ASP A 60 13.31 -0.82 -7.77
N GLU A 61 14.36 -0.08 -8.07
CA GLU A 61 14.48 0.63 -9.33
C GLU A 61 14.92 -0.33 -10.42
N GLY A 62 13.96 -0.80 -11.22
CA GLY A 62 14.26 -1.71 -12.30
C GLY A 62 15.09 -1.05 -13.37
N PHE A 63 14.51 -0.05 -14.03
CA PHE A 63 15.26 0.77 -14.96
C PHE A 63 16.05 1.81 -14.17
N VAL A 64 17.35 1.66 -14.14
CA VAL A 64 18.21 2.57 -13.40
C VAL A 64 18.21 3.94 -14.05
N ILE A 65 17.78 4.94 -13.29
CA ILE A 65 17.71 6.31 -13.81
C ILE A 65 19.10 6.93 -13.88
N PRO A 66 19.56 7.24 -15.10
CA PRO A 66 20.89 7.82 -15.30
C PRO A 66 20.96 9.30 -14.94
N ASP A 67 21.80 9.63 -13.99
CA ASP A 67 22.02 11.02 -13.59
C ASP A 67 23.30 11.55 -14.22
N GLU A 68 23.26 12.81 -14.63
CA GLU A 68 24.41 13.44 -15.25
C GLU A 68 24.79 14.71 -14.49
N GLY A 69 25.76 15.44 -15.02
CA GLY A 69 26.16 16.69 -14.39
C GLY A 69 25.06 17.74 -14.44
N GLY A 70 24.53 17.95 -15.63
CA GLY A 70 23.47 18.93 -15.79
C GLY A 70 23.64 19.72 -17.06
N ASP B 1 -15.59 7.37 -33.11
CA ASP B 1 -16.61 6.30 -33.11
C ASP B 1 -16.99 5.92 -31.69
N GLU B 2 -18.18 5.34 -31.53
CA GLU B 2 -18.72 5.04 -30.21
C GLU B 2 -17.77 4.19 -29.38
N ALA B 3 -17.56 2.94 -29.83
CA ALA B 3 -16.73 2.01 -29.08
C ALA B 3 -15.28 2.45 -29.09
N ALA B 4 -14.88 3.16 -30.14
CA ALA B 4 -13.51 3.63 -30.27
C ALA B 4 -13.09 4.48 -29.08
N GLU B 5 -14.00 5.31 -28.60
CA GLU B 5 -13.74 6.11 -27.40
C GLU B 5 -13.57 5.21 -26.18
N LEU B 6 -14.38 4.16 -26.13
CA LEU B 6 -14.32 3.21 -25.04
C LEU B 6 -13.04 2.37 -25.11
N MET B 7 -12.50 2.22 -26.31
CA MET B 7 -11.23 1.52 -26.49
C MET B 7 -10.11 2.28 -25.78
N GLN B 8 -10.18 3.60 -25.86
CA GLN B 8 -9.23 4.46 -25.18
C GLN B 8 -9.55 4.52 -23.70
N GLN B 9 -10.84 4.40 -23.38
CA GLN B 9 -11.31 4.46 -22.01
C GLN B 9 -10.82 3.26 -21.22
N VAL B 10 -10.91 2.06 -21.79
CA VAL B 10 -10.40 0.87 -21.12
C VAL B 10 -8.90 0.98 -20.91
N LYS B 11 -8.22 1.64 -21.85
CA LYS B 11 -6.78 1.79 -21.78
C LYS B 11 -6.39 2.55 -20.51
N VAL B 12 -6.91 3.76 -20.36
CA VAL B 12 -6.55 4.61 -19.23
C VAL B 12 -7.01 3.98 -17.92
N LEU B 13 -8.08 3.20 -17.99
CA LEU B 13 -8.61 2.51 -16.83
C LEU B 13 -7.68 1.36 -16.42
N LYS B 14 -7.35 0.50 -17.37
CA LYS B 14 -6.52 -0.66 -17.09
C LYS B 14 -5.08 -0.26 -16.76
N LEU B 15 -4.63 0.85 -17.34
CA LEU B 15 -3.27 1.31 -17.10
C LEU B 15 -3.16 1.90 -15.70
N THR B 16 -4.25 2.43 -15.19
CA THR B 16 -4.30 2.84 -13.80
C THR B 16 -4.33 1.58 -12.93
N VAL B 17 -4.99 0.54 -13.43
CA VAL B 17 -5.04 -0.75 -12.75
C VAL B 17 -3.64 -1.35 -12.62
N GLU B 18 -2.92 -1.46 -13.74
CA GLU B 18 -1.60 -2.09 -13.72
C GLU B 18 -0.65 -1.33 -12.79
N ASP B 19 -0.82 -0.01 -12.73
CA ASP B 19 -0.03 0.81 -11.85
C ASP B 19 -0.42 0.56 -10.40
N LEU B 20 -1.71 0.70 -10.12
CA LEU B 20 -2.24 0.52 -8.77
C LEU B 20 -1.98 -0.89 -8.24
N GLU B 21 -2.00 -1.88 -9.12
CA GLU B 21 -1.71 -3.26 -8.73
C GLU B 21 -0.28 -3.37 -8.21
N LYS B 22 0.67 -2.78 -8.93
CA LYS B 22 2.05 -2.84 -8.50
C LYS B 22 2.26 -1.88 -7.32
N GLU B 23 1.44 -0.84 -7.23
CA GLU B 23 1.44 0.05 -6.08
C GLU B 23 1.09 -0.74 -4.81
N ARG B 24 -0.08 -1.39 -4.84
CA ARG B 24 -0.55 -2.17 -3.71
C ARG B 24 0.47 -3.24 -3.31
N ASP B 25 1.01 -3.94 -4.31
CA ASP B 25 1.95 -5.02 -4.05
C ASP B 25 3.31 -4.50 -3.57
N PHE B 26 3.77 -3.41 -4.18
CA PHE B 26 5.04 -2.79 -3.82
C PHE B 26 5.10 -2.52 -2.32
N TYR B 27 4.03 -1.96 -1.80
CA TYR B 27 3.97 -1.64 -0.39
C TYR B 27 3.49 -2.83 0.42
N PHE B 28 2.76 -3.75 -0.21
CA PHE B 28 2.24 -4.92 0.50
C PHE B 28 3.40 -5.78 1.01
N GLY B 29 4.41 -5.94 0.16
CA GLY B 29 5.61 -6.64 0.59
C GLY B 29 6.32 -5.87 1.69
N LYS B 30 6.15 -4.55 1.69
CA LYS B 30 6.76 -3.70 2.69
C LYS B 30 6.20 -3.99 4.08
N LEU B 31 4.86 -4.05 4.23
CA LEU B 31 4.25 -4.27 5.55
C LEU B 31 4.76 -5.56 6.17
N ARG B 32 4.99 -6.55 5.32
CA ARG B 32 5.55 -7.82 5.77
C ARG B 32 6.96 -7.61 6.30
N ASN B 33 7.73 -6.77 5.61
CA ASN B 33 9.09 -6.47 6.04
C ASN B 33 9.07 -5.82 7.43
N ILE B 34 8.14 -4.89 7.64
CA ILE B 34 8.00 -4.23 8.95
C ILE B 34 7.52 -5.25 10.00
N GLU B 35 6.67 -6.18 9.57
CA GLU B 35 6.16 -7.22 10.45
C GLU B 35 7.25 -8.21 10.83
N LEU B 36 8.19 -8.42 9.92
CA LEU B 36 9.32 -9.31 10.18
C LEU B 36 10.21 -8.73 11.29
N ILE B 37 10.29 -7.41 11.35
CA ILE B 37 11.02 -6.73 12.43
C ILE B 37 10.27 -6.92 13.74
N CYS B 38 8.97 -7.12 13.63
CA CYS B 38 8.13 -7.36 14.78
C CYS B 38 8.33 -8.79 15.29
N GLN B 39 8.42 -9.73 14.37
CA GLN B 39 8.60 -11.14 14.71
C GLN B 39 9.84 -11.36 15.57
N GLU B 40 10.89 -10.60 15.30
CA GLU B 40 12.16 -10.77 15.98
C GLU B 40 12.21 -9.98 17.30
N ASN B 41 11.37 -8.96 17.45
CA ASN B 41 11.48 -8.07 18.60
C ASN B 41 10.32 -8.19 19.58
N GLU B 42 9.12 -8.46 19.08
CA GLU B 42 7.92 -8.50 19.94
C GLU B 42 8.06 -9.50 21.07
N GLY B 43 7.86 -9.03 22.30
CA GLY B 43 7.88 -9.91 23.45
C GLY B 43 9.28 -10.21 23.94
N GLU B 44 10.25 -9.95 23.09
CA GLU B 44 11.64 -10.28 23.41
C GLU B 44 12.38 -9.07 23.93
N ASN B 45 12.37 -7.99 23.16
CA ASN B 45 13.15 -6.81 23.53
C ASN B 45 12.39 -5.50 23.28
N ASP B 46 11.98 -5.25 22.05
CA ASP B 46 11.39 -3.95 21.71
C ASP B 46 9.88 -4.02 21.55
N PRO B 47 9.13 -3.30 22.40
CA PRO B 47 7.67 -3.25 22.32
C PRO B 47 7.17 -2.31 21.22
N VAL B 48 8.08 -1.50 20.69
CA VAL B 48 7.74 -0.57 19.62
C VAL B 48 7.11 -1.29 18.43
N LEU B 49 7.55 -2.51 18.17
CA LEU B 49 7.06 -3.27 17.04
C LEU B 49 5.59 -3.62 17.20
N GLN B 50 5.15 -3.75 18.44
CA GLN B 50 3.76 -4.08 18.72
C GLN B 50 2.83 -3.02 18.13
N ARG B 51 3.10 -1.76 18.46
CA ARG B 51 2.26 -0.66 17.99
C ARG B 51 2.32 -0.50 16.47
N ILE B 52 3.35 -1.06 15.84
CA ILE B 52 3.45 -1.01 14.38
C ILE B 52 2.68 -2.19 13.77
N VAL B 53 2.56 -3.27 14.53
CA VAL B 53 1.74 -4.41 14.13
C VAL B 53 0.28 -4.02 14.09
N ASP B 54 -0.14 -3.24 15.08
CA ASP B 54 -1.51 -2.71 15.12
C ASP B 54 -1.80 -1.91 13.87
N ILE B 55 -0.76 -1.29 13.31
CA ILE B 55 -0.87 -0.60 12.03
C ILE B 55 -1.29 -1.56 10.93
N LEU B 56 -0.56 -2.65 10.80
CA LEU B 56 -0.76 -3.62 9.72
C LEU B 56 -2.10 -4.34 9.87
N TYR B 57 -2.75 -4.16 11.01
CA TYR B 57 -4.02 -4.81 11.25
C TYR B 57 -5.07 -3.78 11.67
N ALA B 58 -4.79 -2.51 11.39
CA ALA B 58 -5.72 -1.44 11.67
C ALA B 58 -6.67 -1.28 10.50
N THR B 59 -7.93 -1.56 10.72
CA THR B 59 -8.92 -1.53 9.66
C THR B 59 -10.07 -0.60 10.02
N ASP B 60 -10.18 0.50 9.29
CA ASP B 60 -11.27 1.45 9.50
C ASP B 60 -12.55 0.90 8.92
N GLU B 61 -13.27 0.14 9.73
CA GLU B 61 -14.49 -0.52 9.30
C GLU B 61 -15.65 0.48 9.29
N GLY B 62 -15.96 0.97 8.09
CA GLY B 62 -17.05 1.92 7.94
C GLY B 62 -18.39 1.28 8.25
N PHE B 63 -18.77 0.32 7.42
CA PHE B 63 -19.94 -0.49 7.70
C PHE B 63 -19.57 -1.56 8.71
N VAL B 64 -20.09 -1.42 9.92
CA VAL B 64 -19.79 -2.37 10.98
C VAL B 64 -20.42 -3.72 10.67
N ILE B 65 -19.57 -4.74 10.57
CA ILE B 65 -20.04 -6.09 10.25
C ILE B 65 -20.70 -6.71 11.48
N PRO B 66 -22.00 -7.01 11.40
CA PRO B 66 -22.76 -7.59 12.50
C PRO B 66 -22.49 -9.08 12.67
N ASP B 67 -21.98 -9.46 13.83
CA ASP B 67 -21.73 -10.85 14.14
C ASP B 67 -22.85 -11.39 15.04
N GLU B 68 -23.25 -12.63 14.81
CA GLU B 68 -24.30 -13.26 15.59
C GLU B 68 -23.80 -14.55 16.21
N GLY B 69 -24.69 -15.29 16.85
CA GLY B 69 -24.32 -16.56 17.44
C GLY B 69 -23.94 -17.58 16.39
N GLY B 70 -24.81 -17.76 15.41
CA GLY B 70 -24.54 -18.71 14.35
C GLY B 70 -25.79 -19.47 13.96
#